data_8Q7H
#
_entry.id   8Q7H
#
_cell.length_a   1.00
_cell.length_b   1.00
_cell.length_c   1.00
_cell.angle_alpha   90.00
_cell.angle_beta   90.00
_cell.angle_gamma   90.00
#
_symmetry.space_group_name_H-M   'P 1'
#
loop_
_entity.id
_entity.type
_entity.pdbx_description
1 polymer Cullin-9
2 polymer 'E3 ubiquitin-protein ligase RBX1'
3 polymer NEDD8
4 polymer Unknown
5 non-polymer 'ZINC ION'
#
loop_
_entity_poly.entity_id
_entity_poly.type
_entity_poly.pdbx_seq_one_letter_code
_entity_poly.pdbx_strand_id
1 'polypeptide(L)'
;GPMVGERHAGDLMVPLGPRLQAYPEELIRQRPGHDGHPEYLIRWSVLKCGEVGKVGVEEGKAEHILMWLSAPEVYANCPG
LLGERALSKGLQHEPAGVSGSFPRDPGGLDEVAMGEMEADVQALVRRAARQLAESGTPSLTAAVLHTIHVLSAYASIGPL
TGVFRETGALDLLMHMLCNPEPQIRRSAGKMLQALAAHDAGSRAHVLLSLSQQDGIEQHMDFDSRYTLLELFAETTSSEE
HCMAFEGIHLPQIPGKLLFSLVKRYLCVTSLLDQLNSSPELGAGDQSSPCATREKSRGQRELEFSMAVGNLISELVRSMG
WARNLSEQGMSPPRPTRSIFQPYISGPSLLLPTIVTTPRRQGWVFRQRSEFSSRSGYGEYVQQTLQPGMRVRMLDDYEEI
SAGDEGEFRQSNNGIPPVQVFWQSTGRTYWVHWHMLEILGPEEATEDKASAAVEKGAGATVLGTAFPSWDWNPMDGLYPL
PYLQPEPQKNERVGYLTQAEWWELLFFIKKLDLCEQQPIFQNLWKNLDETLGEKALGEISVSVEMAESLLQVLSSRFEGS
TLNDLLNSQIYTKYGLLSNEPSSSSTSRNHSCTPDPEEESKSEASFSEEETESLKAKAEAPKTEAEPTKTRTETPMAQSD
SQLFNQLLVTEGMTLPTEMKEAASEMARALRGPGPRSSLDQHVAAVVATVQISSLDTNLQLSGLSALSQAVEEVTERDHP
LVRPDRSLREKLVKMLVELLTNQVGEKMVVVQALRLLYLLMTKHEWRPLFAREGGIYAVLVCMQEYKTSVLVQQAGLAAL
KMLAVASSSEIPTFVTGRDSIHSLFDAQMTREIFASIDSATRPGSESLLLTVPAAVILMLNTEGCSSAARNGLLLLNLLL
CNHHTLGDQIITQELRDTLFRHSGIAPRTEPMPTTRTILMMLLNRYSEPPGSPERAALETPIIQGQDGSPELLIRSLVGG
PSAELLLDLERVLCREGSPGGAVRPLLKRLQQETQPFLLLLRTLDAPGPNKTLLLSVLRVITRLLDFPEAMVLPWHEVLE
PCLNCLSGPSSDSEIVQELTCFLHRLASMHKDYAVVLCCLGAKEILSKVLDKHSAQLLLGCELRDLVTECEKYAQLYSNL
TSSILAGCIQMVLGQIEDHRRTHQPINIPFFDVFLRHLCQGSSVEVKEDKCWEKVEVSSNPHRASKLTDHNPKTYWESNG
STGSHYITLHMHRGVLVRQLTLLVASEDSSYMPARVVVFGGDSTSCIGTELNTVNVMPSASRVILLENLNRFWPIIQIRI
KRCQQGGIDTRVRGVEVLGPKPTFWPLFREQLCRRTCLFYTIRAQAWSRDIAEDHRRLLQLCPRLNRVLRHEQNFADRFL
PDDEAAQALGKTCWEALVSPLVQNITSPDAEGVSALGWLLDQYLEQRETSRNPLSRAASFASRVRRLCHLLVHVEPPPGP
SPEPSTRPFSKNSKGRDRSPAPSPVLPSSSLRNITQCWLSVVQEQVSRFLAAAWRAPDFVPRYCKLYEHLQRAGSELFGP
RAAFMLALRSGFSGALLQQSFLTAAHMSEQFARYIDQQIQGGLIGGAPGVEMLGQLQRHLEPIMVLSGLELATTFEHFYQ
HYMADRLLSFGSSWLEGAVLEQIGLCFPNRLPQLMLQSLSTSEELQRQFHLFQLQRLDKLFLEQEDEEEKRLEEEEEEEE
EEEAEKELFIEDPSPAISILVLSPRCWPVSPLCYLYHPRKCLPTEFCDALDRFSSFYSQSQNHPVLDMGPHRRLQWTWLG
RAELQFGKQILHVSTVQMWLLLKFNQTEEVSVETLLKDSDLSPELLLQALVPLTSGNGPLTLHEGQDFPHGGVLRLHEPG
PQRSGEALWLIPPQAYLNVEKDEGRTLEQKRNLLSCLLVRILKAHGEKGLHIDQLVCLVLEAWQKGPNPPGTLGHTVAGG
VACTSTDVLSCILHLLGQGYVKRRDDRPQILMYAAPEPMGPCRGQADVPFCGSQSETSKPSPEAVATLASLQLPAGRTMS
PQEVEGLMKQTVRQVQETLNLEPDVAQHLLAHSHWGAEQLLQSYSEDPEPLLLAAGLCVHQAQAVPVRPDHCPVCVSPLG
CDDDLPSLCCMHYCCKSCWNEYLTTRIEQNLVLNCTCPIADCPAQPTGAFIRAIVSSPEVISKYEKALLRGYVESCSNLT
WCTNPQGCDRILCRQGLGCGTTCSKCGWASCFNCSFPEAHYPASCGHMSQWVDDGGYYDGMSVEAQSKHLAKLISKRCPS
CQAPIEKNEGCLHMTCAKCNHGFCWRCLKSWKPNHKDYYNCSAMVSKAARQEKRFQDYNERCTFHHQAREFAVNLRNRVS
AIHEVPPPRSFTFLNDACQGLEQARKVLAYACVYSFYSQDAEYMDVVEQQTENLELHTNALQILLEETLLRCRDLASSLR
LLRADCLSTGMELLRRIQERLLAILQHSAQDFRVGLQSPSVEAWEAKGPNMPGSQPQASSGPEAEEEEEDDEDDVPEWQQ
DEFDEELDNDSFSYDESENLDQETFFFGDEEEDEDEAYD
;
A,B
2 'polypeptide(L)'
;MAAAMDVDTPSGTNSGAGKKRFEVKKWNAVALWAWDIVVDNCAICRNHIMDLCIECQANQASATSEECTVAWGVCNHAFH
FHCISRWLKTRQVCPLDNREWEFQKYGH
;
C,D
3 'polypeptide(L)'
;MLIKVKTLTGKEIEIDIEPTDKVERIKERVEEKEGIPPQQQRLIYSGKQMNDEKTAADYKILGGSVLHLVLALRGGGGLR
Q
;
N
4 'polypeptide(L)'
;(UNK)(UNK)(UNK)(UNK)(UNK)(UNK)(UNK)(UNK)(UNK)(UNK)(UNK)(UNK)(UNK)(UNK)(UNK)(UNK)
(UNK)(UNK)(UNK)(UNK)(UNK)(UNK)(UNK)(UNK)(UNK)(UNK)(UNK)(UNK)(UNK)(UNK)(UNK)(UNK)
(UNK)(UNK)(UNK)(UNK)(UNK)(UNK)(UNK)(UNK)(UNK)(UNK)(UNK)(UNK)(UNK)(UNK)(UNK)(UNK)
(UNK)(UNK)(UNK)(UNK)(UNK)(UNK)(UNK)(UNK)(UNK)(UNK)(UNK)(UNK)(UNK)(UNK)(UNK)(UNK)
(UNK)(UNK)(UNK)(UNK)(UNK)(UNK)(UNK)(UNK)(UNK)(UNK)(UNK)(UNK)(UNK)(UNK)(UNK)(UNK)
(UNK)(UNK)(UNK)(UNK)(UNK)(UNK)(UNK)(UNK)(UNK)(UNK)(UNK)(UNK)(UNK)(UNK)(UNK)(UNK)
(UNK)(UNK)(UNK)(UNK)(UNK)(UNK)(UNK)(UNK)(UNK)(UNK)(UNK)(UNK)(UNK)(UNK)(UNK)(UNK)
(UNK)(UNK)(UNK)(UNK)(UNK)(UNK)(UNK)(UNK)(UNK)(UNK)(UNK)(UNK)(UNK)(UNK)(UNK)(UNK)
(UNK)(UNK)(UNK)(UNK)(UNK)(UNK)(UNK)(UNK)(UNK)(UNK)(UNK)(UNK)(UNK)(UNK)(UNK)(UNK)
(UNK)(UNK)(UNK)(UNK)(UNK)(UNK)(UNK)
;
E
#
loop_
_chem_comp.id
_chem_comp.type
_chem_comp.name
_chem_comp.formula
ZN non-polymer 'ZINC ION' 'Zn 2'
#
# COMPACT_ATOMS: atom_id res chain seq x y z
N LEU A 12 23.06 44.48 17.34
CA LEU A 12 22.04 43.64 17.93
C LEU A 12 20.68 44.31 17.88
N MET A 13 19.74 43.68 17.16
CA MET A 13 18.38 44.21 16.99
C MET A 13 17.42 43.03 17.03
N VAL A 14 16.87 42.76 18.21
CA VAL A 14 15.95 41.63 18.36
C VAL A 14 14.70 41.88 17.54
N PRO A 15 14.25 40.93 16.74
CA PRO A 15 13.05 41.16 15.91
C PRO A 15 11.83 41.45 16.78
N LEU A 16 11.25 42.62 16.57
CA LEU A 16 10.05 43.01 17.30
C LEU A 16 8.80 42.53 16.55
N ARG A 19 9.08 41.64 12.05
CA ARG A 19 9.51 42.47 10.94
C ARG A 19 10.47 43.56 11.39
N LEU A 20 10.02 44.40 12.31
CA LEU A 20 10.83 45.51 12.78
C LEU A 20 11.97 45.03 13.67
N GLN A 21 13.04 45.82 13.69
CA GLN A 21 14.17 45.52 14.57
C GLN A 21 14.68 46.83 15.18
N ALA A 22 15.06 46.78 16.45
CA ALA A 22 15.36 47.98 17.22
C ALA A 22 16.86 48.08 17.52
N TYR A 23 17.41 49.28 17.34
CA TYR A 23 18.81 49.55 17.62
C TYR A 23 18.94 50.66 18.67
N PRO A 24 19.89 50.54 19.59
CA PRO A 24 20.02 51.55 20.64
C PRO A 24 20.51 52.89 20.11
N GLU A 25 20.17 53.96 20.83
CA GLU A 25 20.58 55.30 20.46
C GLU A 25 21.52 55.95 21.46
N GLU A 26 21.14 56.06 22.73
CA GLU A 26 21.87 56.92 23.66
C GLU A 26 21.46 56.58 25.09
N LEU A 27 22.08 57.29 26.04
CA LEU A 27 21.83 57.16 27.47
C LEU A 27 21.34 58.50 27.99
N ILE A 28 20.02 58.74 27.94
CA ILE A 28 19.50 60.09 28.08
C ILE A 28 19.12 60.42 29.52
N ARG A 29 19.54 59.59 30.47
CA ARG A 29 19.41 59.92 31.89
C ARG A 29 20.04 58.81 32.72
N GLN A 30 20.11 59.05 34.03
CA GLN A 30 20.52 58.03 34.99
C GLN A 30 19.77 58.28 36.29
N ARG A 31 19.05 57.27 36.77
CA ARG A 31 18.26 57.41 38.00
C ARG A 31 18.66 56.40 39.06
N HIS A 34 13.27 51.55 42.89
CA HIS A 34 12.80 50.28 43.42
C HIS A 34 13.88 49.59 44.21
N ASP A 35 14.71 48.78 43.54
CA ASP A 35 15.80 48.11 44.22
C ASP A 35 16.80 49.10 44.80
N GLY A 36 16.91 50.29 44.19
CA GLY A 36 17.79 51.33 44.69
C GLY A 36 19.10 51.38 43.95
N HIS A 37 19.06 51.23 42.63
CA HIS A 37 20.28 51.01 41.86
C HIS A 37 20.21 51.72 40.51
N PRO A 38 21.32 51.82 39.78
CA PRO A 38 21.32 52.61 38.54
C PRO A 38 20.24 52.18 37.57
N GLU A 39 19.47 53.16 37.10
CA GLU A 39 18.45 52.95 36.09
C GLU A 39 18.70 53.95 34.98
N TYR A 40 18.89 53.46 33.76
CA TYR A 40 19.26 54.31 32.64
C TYR A 40 18.16 54.30 31.59
N LEU A 41 17.70 55.48 31.21
CA LEU A 41 16.76 55.60 30.10
C LEU A 41 17.55 55.53 28.80
N ILE A 42 17.22 54.55 27.97
CA ILE A 42 17.91 54.30 26.71
C ILE A 42 16.90 54.40 25.58
N ARG A 43 17.23 55.18 24.57
CA ARG A 43 16.37 55.26 23.40
C ARG A 43 16.56 54.02 22.54
N TRP A 44 15.58 53.77 21.67
CA TRP A 44 15.63 52.61 20.78
C TRP A 44 14.96 53.01 19.47
N SER A 45 15.75 53.10 18.40
CA SER A 45 15.25 53.44 17.09
C SER A 45 14.79 52.17 16.37
N VAL A 46 13.57 52.18 15.91
CA VAL A 46 13.00 51.05 15.19
C VAL A 46 13.39 51.18 13.72
N LEU A 47 13.55 50.04 13.06
CA LEU A 47 13.75 49.98 11.63
C LEU A 47 12.78 48.95 11.06
N LYS A 48 11.98 49.37 10.09
CA LYS A 48 11.04 48.47 9.44
C LYS A 48 11.79 47.47 8.57
N CYS A 49 11.20 46.28 8.45
CA CYS A 49 11.80 45.22 7.64
C CYS A 49 11.87 45.63 6.17
N GLU A 63 10.70 56.45 14.34
CA GLU A 63 10.26 56.73 15.70
C GLU A 63 11.00 55.84 16.71
N HIS A 64 11.70 56.46 17.64
CA HIS A 64 12.42 55.74 18.67
C HIS A 64 11.72 55.92 20.00
N ILE A 65 11.78 54.88 20.84
CA ILE A 65 11.06 54.86 22.10
C ILE A 65 12.05 54.55 23.21
N LEU A 66 11.76 55.05 24.40
CA LEU A 66 12.70 54.96 25.51
C LEU A 66 12.29 53.83 26.44
N MET A 67 13.28 53.11 26.95
CA MET A 67 13.05 52.07 27.94
C MET A 67 14.05 52.24 29.08
N TRP A 68 13.62 51.87 30.28
CA TRP A 68 14.45 52.01 31.47
C TRP A 68 15.16 50.69 31.72
N LEU A 69 16.45 50.64 31.46
CA LEU A 69 17.25 49.43 31.60
C LEU A 69 18.13 49.51 32.83
N SER A 70 18.65 48.35 33.23
CA SER A 70 19.55 48.21 34.36
C SER A 70 20.96 47.88 33.88
N ALA A 71 21.90 47.90 34.82
CA ALA A 71 23.30 47.72 34.44
C ALA A 71 23.59 46.33 33.91
N PRO A 72 23.27 45.24 34.61
CA PRO A 72 23.45 43.93 33.98
C PRO A 72 22.56 43.76 32.76
N GLU A 73 21.40 44.42 32.76
CA GLU A 73 20.57 44.42 31.55
C GLU A 73 21.31 45.10 30.40
N VAL A 74 22.08 46.14 30.70
CA VAL A 74 22.91 46.76 29.67
C VAL A 74 23.99 45.78 29.22
N TYR A 75 24.61 45.10 30.17
CA TYR A 75 25.63 44.10 29.83
C TYR A 75 25.06 43.04 28.90
N ALA A 76 23.80 42.67 29.10
CA ALA A 76 23.21 41.59 28.32
C ALA A 76 22.70 42.06 26.97
N ASN A 77 22.11 43.25 26.91
CA ASN A 77 21.49 43.74 25.68
C ASN A 77 22.45 44.57 24.84
N CYS A 78 23.09 45.56 25.43
CA CYS A 78 23.97 46.47 24.70
C CYS A 78 25.06 46.96 25.63
N PRO A 79 26.18 46.24 25.71
CA PRO A 79 27.25 46.66 26.62
C PRO A 79 27.99 47.89 26.13
N GLY A 80 28.12 48.07 24.82
CA GLY A 80 28.96 49.14 24.29
C GLY A 80 28.52 50.53 24.73
N LEU A 81 27.21 50.74 24.90
CA LEU A 81 26.72 52.06 25.29
C LEU A 81 27.19 52.45 26.68
N LEU A 82 27.53 51.48 27.53
CA LEU A 82 27.97 51.76 28.89
C LEU A 82 29.35 52.38 28.91
N ASP A 110 37.00 65.73 33.97
CA ASP A 110 37.23 67.11 33.57
C ASP A 110 36.08 68.02 33.98
N GLU A 111 35.28 67.56 34.95
CA GLU A 111 34.14 68.33 35.41
C GLU A 111 34.54 69.59 36.15
N VAL A 112 35.83 69.81 36.39
CA VAL A 112 36.28 71.04 37.03
C VAL A 112 35.86 72.24 36.20
N ALA A 113 36.07 72.18 34.88
CA ALA A 113 35.64 73.26 34.02
C ALA A 113 34.13 73.41 34.02
N MET A 114 33.40 72.31 34.14
CA MET A 114 31.95 72.38 34.19
C MET A 114 31.49 73.15 35.42
N GLY A 115 32.01 72.78 36.60
CA GLY A 115 31.64 73.49 37.81
C GLY A 115 32.11 74.93 37.78
N GLU A 116 33.27 75.18 37.18
CA GLU A 116 33.76 76.54 37.05
C GLU A 116 32.81 77.38 36.21
N MET A 117 32.34 76.83 35.10
CA MET A 117 31.38 77.55 34.28
C MET A 117 30.06 77.72 35.00
N GLU A 118 29.69 76.77 35.86
CA GLU A 118 28.49 76.92 36.66
C GLU A 118 28.60 78.11 37.61
N ALA A 119 29.72 78.20 38.32
CA ALA A 119 29.92 79.34 39.22
C ALA A 119 30.01 80.64 38.42
N ASP A 120 30.67 80.60 37.26
CA ASP A 120 30.76 81.79 36.43
C ASP A 120 29.39 82.23 35.97
N VAL A 121 28.53 81.26 35.63
CA VAL A 121 27.17 81.58 35.25
C VAL A 121 26.41 82.13 36.45
N GLN A 122 26.74 81.68 37.66
CA GLN A 122 26.11 82.26 38.83
C GLN A 122 26.47 83.73 38.96
N ALA A 123 27.74 84.06 38.77
CA ALA A 123 28.15 85.47 38.79
C ALA A 123 27.49 86.24 37.66
N LEU A 124 27.37 85.60 36.49
CA LEU A 124 26.73 86.25 35.35
C LEU A 124 25.27 86.53 35.62
N VAL A 125 24.59 85.60 36.29
CA VAL A 125 23.19 85.80 36.64
C VAL A 125 23.07 86.91 37.69
N ARG A 126 24.03 86.99 38.60
CA ARG A 126 24.05 88.10 39.55
C ARG A 126 24.15 89.43 38.81
N ARG A 127 25.09 89.52 37.86
CA ARG A 127 25.24 90.74 37.08
C ARG A 127 23.99 91.01 36.24
N ALA A 128 23.38 89.94 35.72
CA ALA A 128 22.19 90.10 34.89
C ALA A 128 21.02 90.61 35.71
N ALA A 129 20.85 90.11 36.93
CA ALA A 129 19.82 90.64 37.82
C ALA A 129 20.14 92.06 38.22
N ARG A 130 21.43 92.40 38.35
CA ARG A 130 21.81 93.78 38.59
C ARG A 130 21.36 94.67 37.44
N GLN A 131 21.55 94.21 36.22
CA GLN A 131 21.09 94.96 35.05
C GLN A 131 19.57 95.00 35.00
N LEU A 132 18.91 93.92 35.41
CA LEU A 132 17.45 93.87 35.41
C LEU A 132 16.86 94.89 36.37
N ALA A 133 17.48 95.02 37.55
CA ALA A 133 17.11 96.11 38.45
C ALA A 133 17.45 97.46 37.86
N GLU A 134 18.42 97.51 36.95
CA GLU A 134 18.81 98.73 36.25
C GLU A 134 18.18 98.83 34.86
N SER A 135 17.18 98.00 34.57
CA SER A 135 16.58 97.95 33.24
C SER A 135 15.63 99.13 33.02
N GLY A 136 16.21 100.32 33.09
CA GLY A 136 15.49 101.55 32.83
C GLY A 136 16.14 102.34 31.72
N THR A 137 17.31 101.86 31.29
CA THR A 137 18.05 102.43 30.18
C THR A 137 18.33 101.36 29.14
N PRO A 138 18.12 101.66 27.85
CA PRO A 138 18.24 100.61 26.83
C PRO A 138 19.65 100.09 26.64
N SER A 139 20.67 100.84 27.07
CA SER A 139 22.04 100.33 26.97
C SER A 139 22.24 99.15 27.91
N LEU A 140 21.86 99.31 29.17
CA LEU A 140 21.92 98.19 30.11
C LEU A 140 20.95 97.09 29.69
N THR A 141 19.84 97.44 29.06
CA THR A 141 18.93 96.41 28.56
C THR A 141 19.59 95.58 27.47
N ALA A 142 20.31 96.22 26.56
CA ALA A 142 21.02 95.48 25.53
C ALA A 142 22.12 94.61 26.15
N ALA A 143 22.82 95.17 27.14
CA ALA A 143 23.83 94.39 27.84
C ALA A 143 23.21 93.17 28.52
N VAL A 144 22.01 93.35 29.07
CA VAL A 144 21.31 92.24 29.72
C VAL A 144 20.91 91.20 28.68
N LEU A 145 20.51 91.66 27.49
CA LEU A 145 20.22 90.71 26.43
C LEU A 145 21.45 89.90 26.04
N HIS A 146 22.60 90.58 25.95
CA HIS A 146 23.83 89.86 25.66
C HIS A 146 24.16 88.87 26.77
N THR A 147 23.94 89.28 28.02
CA THR A 147 24.17 88.39 29.14
C THR A 147 23.25 87.19 29.07
N ILE A 148 22.01 87.41 28.63
CA ILE A 148 21.06 86.30 28.54
C ILE A 148 21.47 85.35 27.42
N HIS A 149 22.01 85.89 26.34
CA HIS A 149 22.55 85.04 25.29
C HIS A 149 23.68 84.19 25.85
N VAL A 150 24.55 84.81 26.64
CA VAL A 150 25.64 84.07 27.26
C VAL A 150 25.09 83.01 28.21
N LEU A 151 24.02 83.34 28.92
CA LEU A 151 23.41 82.39 29.83
C LEU A 151 22.85 81.20 29.07
N SER A 152 22.22 81.45 27.93
CA SER A 152 21.71 80.34 27.12
C SER A 152 22.85 79.47 26.63
N ALA A 153 23.91 80.10 26.11
CA ALA A 153 25.07 79.33 25.65
C ALA A 153 25.62 78.47 26.78
N TYR A 154 25.65 79.01 27.99
CA TYR A 154 26.02 78.19 29.14
C TYR A 154 25.04 77.04 29.33
N ALA A 155 23.76 77.31 29.14
CA ALA A 155 22.74 76.29 29.28
C ALA A 155 22.84 75.23 28.21
N SER A 156 23.58 75.49 27.14
CA SER A 156 23.69 74.53 26.04
C SER A 156 24.37 73.23 26.45
N ILE A 157 24.93 73.15 27.64
CA ILE A 157 25.59 71.92 28.07
C ILE A 157 24.54 70.88 28.44
N GLY A 158 24.91 69.61 28.29
CA GLY A 158 24.06 68.51 28.64
C GLY A 158 24.00 68.13 30.11
N PRO A 159 25.15 67.74 30.70
CA PRO A 159 25.10 67.04 31.99
C PRO A 159 25.05 67.94 33.21
N LEU A 160 25.33 69.23 33.05
CA LEU A 160 25.47 70.13 34.19
C LEU A 160 24.14 70.70 34.67
N THR A 161 23.02 70.07 34.32
CA THR A 161 21.73 70.59 34.76
C THR A 161 21.65 70.61 36.29
N GLY A 162 22.30 69.65 36.94
CA GLY A 162 22.31 69.65 38.39
C GLY A 162 22.90 70.92 38.95
N VAL A 163 24.01 71.38 38.38
CA VAL A 163 24.59 72.64 38.82
C VAL A 163 23.68 73.80 38.41
N PHE A 164 23.12 73.74 37.21
CA PHE A 164 22.31 74.84 36.70
C PHE A 164 21.14 75.13 37.63
N ARG A 165 20.50 74.09 38.14
CA ARG A 165 19.49 74.27 39.17
C ARG A 165 20.11 74.55 40.53
N GLU A 166 21.30 74.00 40.78
CA GLU A 166 21.93 74.15 42.09
C GLU A 166 22.28 75.61 42.37
N THR A 167 22.72 76.33 41.34
CA THR A 167 22.98 77.76 41.51
C THR A 167 21.70 78.56 41.73
N GLY A 168 20.55 77.90 41.79
CA GLY A 168 19.29 78.60 41.96
C GLY A 168 18.95 79.52 40.81
N ALA A 169 19.35 79.16 39.59
CA ALA A 169 19.04 79.99 38.45
C ALA A 169 17.56 80.01 38.13
N LEU A 170 16.80 79.04 38.62
CA LEU A 170 15.41 78.91 38.24
C LEU A 170 14.61 80.15 38.64
N ASP A 171 14.77 80.59 39.89
CA ASP A 171 14.00 81.72 40.36
C ASP A 171 14.39 83.01 39.64
N LEU A 172 15.69 83.18 39.38
CA LEU A 172 16.13 84.33 38.59
C LEU A 172 15.52 84.31 37.20
N LEU A 173 15.53 83.14 36.57
CA LEU A 173 14.93 83.02 35.25
C LEU A 173 13.44 83.32 35.29
N MET A 174 12.77 82.86 36.35
CA MET A 174 11.35 83.13 36.49
C MET A 174 11.09 84.61 36.63
N HIS A 175 11.91 85.30 37.43
CA HIS A 175 11.80 86.74 37.52
C HIS A 175 12.01 87.40 36.17
N MET A 176 12.99 86.90 35.41
CA MET A 176 13.24 87.41 34.07
C MET A 176 12.04 87.22 33.16
N LEU A 177 11.28 86.14 33.35
CA LEU A 177 10.09 85.94 32.56
C LEU A 177 9.01 86.96 32.91
N CYS A 178 9.03 87.46 34.14
CA CYS A 178 8.10 88.49 34.57
C CYS A 178 8.60 89.90 34.25
N ASN A 179 9.73 90.01 33.58
CA ASN A 179 10.24 91.32 33.16
C ASN A 179 9.47 91.81 31.94
N PRO A 180 9.30 93.13 31.82
CA PRO A 180 8.61 93.69 30.66
C PRO A 180 9.46 93.76 29.40
N GLU A 181 10.63 93.11 29.37
CA GLU A 181 11.44 93.11 28.17
C GLU A 181 10.95 92.00 27.24
N PRO A 182 10.19 92.33 26.21
CA PRO A 182 9.55 91.30 25.39
C PRO A 182 10.54 90.46 24.60
N GLN A 183 11.48 91.12 23.94
CA GLN A 183 12.51 90.39 23.20
C GLN A 183 13.34 89.54 24.14
N ILE A 184 13.73 90.10 25.29
CA ILE A 184 14.48 89.34 26.27
C ILE A 184 13.63 88.20 26.80
N ARG A 185 12.32 88.42 26.94
CA ARG A 185 11.44 87.35 27.37
C ARG A 185 11.45 86.20 26.39
N ARG A 186 11.36 86.51 25.09
CA ARG A 186 11.40 85.47 24.08
C ARG A 186 12.74 84.73 24.11
N SER A 187 13.82 85.48 24.24
CA SER A 187 15.13 84.85 24.31
C SER A 187 15.23 83.91 25.50
N ALA A 188 14.73 84.34 26.65
CA ALA A 188 14.78 83.50 27.83
C ALA A 188 13.93 82.25 27.63
N GLY A 189 12.80 82.40 26.95
CA GLY A 189 12.00 81.23 26.64
C GLY A 189 12.74 80.25 25.77
N LYS A 190 13.45 80.75 24.76
CA LYS A 190 14.28 79.87 23.95
C LYS A 190 15.34 79.17 24.79
N MET A 191 15.95 79.91 25.72
CA MET A 191 16.96 79.32 26.59
C MET A 191 16.36 78.22 27.45
N LEU A 192 15.18 78.46 28.01
CA LEU A 192 14.53 77.44 28.82
C LEU A 192 14.21 76.21 27.98
N GLN A 193 13.73 76.43 26.76
CA GLN A 193 13.43 75.31 25.88
C GLN A 193 14.68 74.50 25.60
N ALA A 194 15.79 75.17 25.33
CA ALA A 194 17.06 74.47 25.17
C ALA A 194 17.43 73.71 26.44
N LEU A 195 17.07 74.26 27.59
CA LEU A 195 17.31 73.55 28.85
C LEU A 195 16.45 72.31 28.97
N ALA A 196 15.26 72.34 28.36
CA ALA A 196 14.25 71.32 28.63
C ALA A 196 14.72 69.94 28.24
N ALA A 197 15.44 69.82 27.12
CA ALA A 197 15.84 68.50 26.65
C ALA A 197 16.67 67.77 27.68
N HIS A 198 17.46 68.50 28.47
CA HIS A 198 18.32 67.86 29.46
C HIS A 198 17.49 67.17 30.54
N ASP A 199 16.44 67.84 31.02
CA ASP A 199 15.66 67.29 32.12
C ASP A 199 14.27 67.91 32.09
N ALA A 200 13.31 67.16 32.63
CA ALA A 200 11.93 67.61 32.64
C ALA A 200 11.58 68.34 33.93
N GLY A 201 12.11 67.89 35.06
CA GLY A 201 11.70 68.43 36.34
C GLY A 201 11.94 69.92 36.44
N SER A 202 13.04 70.40 35.84
CA SER A 202 13.30 71.83 35.82
C SER A 202 12.17 72.56 35.12
N ARG A 203 11.75 72.06 33.95
CA ARG A 203 10.65 72.68 33.23
C ARG A 203 9.38 72.67 34.06
N ALA A 204 9.07 71.52 34.66
CA ALA A 204 7.85 71.42 35.42
C ALA A 204 7.82 72.44 36.54
N HIS A 205 8.88 72.48 37.34
CA HIS A 205 8.93 73.43 38.45
C HIS A 205 8.88 74.86 37.94
N VAL A 206 9.54 75.13 36.83
CA VAL A 206 9.60 76.50 36.32
C VAL A 206 8.20 76.96 35.96
N LEU A 207 7.50 76.20 35.13
CA LEU A 207 6.16 76.62 34.73
C LEU A 207 5.21 76.63 35.92
N LEU A 208 5.38 75.67 36.84
CA LEU A 208 4.49 75.59 38.00
C LEU A 208 4.60 76.85 38.85
N SER A 209 5.83 77.25 39.15
CA SER A 209 6.02 78.51 39.85
C SER A 209 5.52 79.68 39.01
N LEU A 210 5.68 79.58 37.69
CA LEU A 210 5.21 80.64 36.81
C LEU A 210 3.69 80.79 36.88
N SER A 211 2.98 79.75 37.28
CA SER A 211 1.53 79.83 37.33
C SER A 211 1.05 80.66 38.51
N GLN A 212 1.72 80.52 39.67
CA GLN A 212 1.23 81.07 40.92
C GLN A 212 1.26 82.59 40.99
N GLN A 213 1.67 83.27 39.92
CA GLN A 213 1.70 84.73 39.92
C GLN A 213 0.31 85.31 40.10
N HIS A 219 -8.97 83.89 36.87
CA HIS A 219 -9.43 84.78 35.81
C HIS A 219 -8.28 85.59 35.25
N MET A 220 -7.11 84.95 35.13
CA MET A 220 -5.94 85.63 34.62
C MET A 220 -6.15 86.09 33.18
N ASP A 221 -5.22 86.91 32.70
CA ASP A 221 -5.32 87.47 31.36
C ASP A 221 -5.32 86.38 30.32
N PHE A 222 -6.18 86.54 29.31
CA PHE A 222 -6.11 85.66 28.15
C PHE A 222 -4.75 85.75 27.49
N ASP A 223 -4.11 86.92 27.57
CA ASP A 223 -2.72 87.01 27.15
C ASP A 223 -1.81 86.22 28.09
N SER A 224 -2.09 86.26 29.39
CA SER A 224 -1.27 85.50 30.34
C SER A 224 -1.43 84.01 30.13
N ARG A 225 -2.68 83.55 30.01
CA ARG A 225 -2.90 82.16 29.67
C ARG A 225 -2.25 81.81 28.35
N TYR A 226 -2.24 82.76 27.41
CA TYR A 226 -1.57 82.52 26.14
C TYR A 226 -0.07 82.34 26.35
N THR A 227 0.50 83.12 27.25
CA THR A 227 1.92 82.97 27.55
C THR A 227 2.21 81.60 28.15
N LEU A 228 1.35 81.17 29.07
CA LEU A 228 1.52 79.84 29.65
C LEU A 228 1.44 78.78 28.57
N LEU A 229 0.48 78.93 27.66
CA LEU A 229 0.31 77.94 26.60
C LEU A 229 1.49 77.94 25.66
N GLU A 230 2.03 79.10 25.35
CA GLU A 230 3.20 79.15 24.47
C GLU A 230 4.39 78.49 25.12
N LEU A 231 4.61 78.75 26.40
CA LEU A 231 5.69 78.08 27.10
C LEU A 231 5.48 76.58 27.10
N PHE A 232 4.24 76.14 27.29
CA PHE A 232 3.98 74.71 27.29
C PHE A 232 4.19 74.10 25.92
N ALA A 233 3.92 74.84 24.85
CA ALA A 233 4.23 74.34 23.53
C ALA A 233 5.74 74.18 23.36
N GLU A 234 6.50 75.19 23.78
CA GLU A 234 7.95 75.08 23.77
C GLU A 234 8.39 73.82 24.51
N THR A 235 7.76 73.53 25.64
CA THR A 235 8.07 72.32 26.38
C THR A 235 7.69 71.07 25.57
N THR A 236 6.48 71.07 25.02
CA THR A 236 5.94 69.94 24.29
C THR A 236 6.70 69.66 23.01
N SER A 237 7.62 70.54 22.63
CA SER A 237 8.55 70.22 21.56
C SER A 237 9.45 69.06 21.98
N SER A 238 9.28 68.59 23.22
CA SER A 238 10.08 67.50 23.74
C SER A 238 9.74 66.19 23.04
N GLU A 239 10.70 65.26 23.09
CA GLU A 239 10.50 63.97 22.46
C GLU A 239 9.40 63.17 23.15
N GLU A 240 9.24 63.36 24.46
CA GLU A 240 8.23 62.60 25.19
C GLU A 240 6.85 62.89 24.64
N HIS A 241 6.56 64.15 24.33
CA HIS A 241 5.32 64.51 23.66
C HIS A 241 5.38 64.29 22.16
N CYS A 242 6.57 64.08 21.60
CA CYS A 242 6.69 63.77 20.17
C CYS A 242 6.14 62.38 19.92
N MET A 243 5.01 62.29 19.23
CA MET A 243 4.37 61.03 18.92
C MET A 243 3.40 61.27 17.77
N ALA A 244 2.77 60.19 17.31
CA ALA A 244 1.89 60.27 16.16
C ALA A 244 0.49 60.66 16.57
N PHE A 245 -0.17 61.42 15.70
CA PHE A 245 -1.58 61.69 15.90
C PHE A 245 -2.39 60.42 15.68
N GLU A 246 -3.59 60.39 16.26
CA GLU A 246 -4.41 59.20 16.15
C GLU A 246 -4.97 59.01 14.75
N GLY A 247 -4.87 59.99 13.87
CA GLY A 247 -5.51 59.90 12.58
C GLY A 247 -7.01 59.75 12.68
N ILE A 248 -7.59 60.15 13.81
CA ILE A 248 -9.01 60.03 14.07
C ILE A 248 -9.48 61.32 14.72
N HIS A 249 -10.80 61.44 14.87
CA HIS A 249 -11.41 62.70 15.31
C HIS A 249 -11.08 62.95 16.76
N LEU A 250 -10.15 63.87 17.01
CA LEU A 250 -9.85 64.32 18.35
C LEU A 250 -10.74 65.52 18.67
N PRO A 251 -11.79 65.34 19.45
CA PRO A 251 -12.73 66.44 19.70
C PRO A 251 -12.05 67.63 20.38
N GLN A 252 -12.49 68.82 20.02
CA GLN A 252 -11.89 70.04 20.53
C GLN A 252 -12.50 70.41 21.88
N ILE A 253 -11.64 70.62 22.87
CA ILE A 253 -12.08 70.97 24.21
C ILE A 253 -12.03 72.49 24.38
N PRO A 254 -12.72 73.04 25.36
CA PRO A 254 -12.63 74.49 25.60
C PRO A 254 -11.28 74.95 26.11
N GLY A 255 -11.14 76.27 26.28
CA GLY A 255 -9.88 76.87 26.70
C GLY A 255 -9.55 76.75 28.17
N LYS A 256 -10.46 77.20 29.05
CA LYS A 256 -10.19 77.07 30.47
C LYS A 256 -10.01 75.62 30.86
N LEU A 257 -10.72 74.72 30.18
CA LEU A 257 -10.46 73.29 30.35
C LEU A 257 -9.02 72.97 29.94
N LEU A 258 -8.53 73.60 28.88
CA LEU A 258 -7.14 73.36 28.48
C LEU A 258 -6.18 73.83 29.56
N PHE A 259 -6.48 74.96 30.19
CA PHE A 259 -5.64 75.43 31.29
C PHE A 259 -5.63 74.41 32.43
N SER A 260 -6.80 73.90 32.80
CA SER A 260 -6.87 72.94 33.88
C SER A 260 -6.06 71.69 33.53
N LEU A 261 -6.21 71.20 32.31
CA LEU A 261 -5.48 70.00 31.90
C LEU A 261 -3.98 70.24 31.90
N VAL A 262 -3.54 71.41 31.44
CA VAL A 262 -2.12 71.69 31.41
C VAL A 262 -1.55 71.70 32.82
N LYS A 263 -2.24 72.39 33.73
CA LYS A 263 -1.76 72.44 35.12
C LYS A 263 -1.70 71.05 35.72
N ARG A 264 -2.74 70.25 35.51
CA ARG A 264 -2.76 68.91 36.06
C ARG A 264 -1.57 68.11 35.55
N TYR A 265 -1.38 68.07 34.23
CA TYR A 265 -0.32 67.24 33.69
C TYR A 265 1.05 67.74 34.12
N LEU A 266 1.21 69.06 34.25
CA LEU A 266 2.49 69.59 34.69
C LEU A 266 2.83 69.07 36.08
N CYS A 267 1.88 69.19 37.01
CA CYS A 267 2.14 68.70 38.36
C CYS A 267 2.41 67.20 38.33
N VAL A 268 1.67 66.48 37.49
CA VAL A 268 1.85 65.03 37.38
C VAL A 268 3.28 64.72 37.00
N THR A 269 3.77 65.31 35.90
CA THR A 269 5.11 65.03 35.43
C THR A 269 6.14 65.40 36.47
N SER A 270 5.95 66.55 37.12
CA SER A 270 6.85 66.97 38.18
C SER A 270 6.98 65.86 39.21
N LEU A 271 5.85 65.44 39.78
CA LEU A 271 5.89 64.45 40.84
C LEU A 271 6.48 63.14 40.35
N LEU A 272 6.12 62.73 39.14
CA LEU A 272 6.56 61.44 38.64
C LEU A 272 8.06 61.39 38.51
N ASP A 273 8.66 62.48 38.03
CA ASP A 273 10.11 62.56 38.06
C ASP A 273 10.61 62.58 39.50
N GLN A 274 9.89 63.29 40.38
CA GLN A 274 10.37 63.51 41.74
C GLN A 274 10.50 62.21 42.52
N LEU A 275 9.75 61.18 42.15
CA LEU A 275 9.77 59.93 42.91
C LEU A 275 11.11 59.23 42.82
N ASN A 276 11.91 59.55 41.81
CA ASN A 276 13.16 58.86 41.56
C ASN A 276 14.14 58.96 42.73
N SER A 296 6.91 60.07 53.18
CA SER A 296 7.47 58.73 53.05
C SER A 296 7.46 58.26 51.61
N ARG A 297 8.23 57.21 51.33
CA ARG A 297 8.18 56.60 50.00
C ARG A 297 6.80 56.05 49.71
N GLY A 298 6.16 55.44 50.72
CA GLY A 298 4.77 55.05 50.58
C GLY A 298 3.85 56.26 50.48
N GLN A 299 4.12 57.30 51.26
CA GLN A 299 3.37 58.53 51.12
C GLN A 299 3.58 59.14 49.74
N ARG A 300 4.82 59.07 49.24
CA ARG A 300 5.09 59.53 47.89
C ARG A 300 4.31 58.71 46.86
N GLU A 301 4.21 57.41 47.10
CA GLU A 301 3.43 56.55 46.19
C GLU A 301 1.97 56.96 46.20
N LEU A 302 1.43 57.23 47.39
CA LEU A 302 0.05 57.67 47.48
C LEU A 302 -0.14 59.00 46.77
N GLU A 303 0.82 59.91 46.91
CA GLU A 303 0.73 61.18 46.23
C GLU A 303 0.75 60.99 44.71
N PHE A 304 1.60 60.10 44.22
CA PHE A 304 1.65 59.80 42.80
C PHE A 304 0.31 59.26 42.34
N SER A 305 -0.28 58.37 43.14
CA SER A 305 -1.60 57.84 42.79
C SER A 305 -2.62 58.97 42.72
N MET A 306 -2.60 59.87 43.69
CA MET A 306 -3.56 60.96 43.71
C MET A 306 -3.43 61.82 42.47
N ALA A 307 -2.20 62.20 42.13
CA ALA A 307 -1.98 63.04 40.96
C ALA A 307 -2.42 62.33 39.69
N VAL A 308 -2.01 61.08 39.53
CA VAL A 308 -2.33 60.36 38.30
C VAL A 308 -3.83 60.20 38.16
N GLY A 309 -4.51 59.90 39.26
CA GLY A 309 -5.95 59.75 39.20
C GLY A 309 -6.66 61.05 38.85
N ASN A 310 -6.23 62.15 39.47
CA ASN A 310 -6.81 63.44 39.11
C ASN A 310 -6.64 63.69 37.62
N LEU A 311 -5.44 63.46 37.11
CA LEU A 311 -5.17 63.73 35.71
C LEU A 311 -6.02 62.85 34.81
N ILE A 312 -6.15 61.56 35.15
CA ILE A 312 -6.87 60.65 34.29
C ILE A 312 -8.35 60.99 34.27
N SER A 313 -8.93 61.27 35.44
CA SER A 313 -10.33 61.65 35.48
C SER A 313 -10.56 62.91 34.68
N GLU A 314 -9.67 63.89 34.83
CA GLU A 314 -9.83 65.15 34.10
C GLU A 314 -9.77 64.92 32.60
N LEU A 315 -8.79 64.13 32.15
CA LEU A 315 -8.66 63.90 30.72
C LEU A 315 -9.88 63.17 30.17
N VAL A 316 -10.36 62.16 30.89
CA VAL A 316 -11.48 61.38 30.39
C VAL A 316 -12.74 62.22 30.36
N ARG A 317 -13.15 62.74 31.52
CA ARG A 317 -14.42 63.46 31.60
C ARG A 317 -14.38 64.74 30.78
N SER A 318 -13.28 65.48 30.86
CA SER A 318 -13.17 66.72 30.10
C SER A 318 -13.21 66.46 28.60
N MET A 319 -12.49 65.44 28.12
CA MET A 319 -12.55 65.12 26.71
C MET A 319 -13.89 64.50 26.32
N GLY A 320 -14.72 64.14 27.30
CA GLY A 320 -16.06 63.71 27.01
C GLY A 320 -16.19 62.34 26.42
N TRP A 321 -15.10 61.57 26.37
CA TRP A 321 -15.19 60.20 25.87
C TRP A 321 -16.09 59.36 26.77
N ALA A 322 -16.21 59.72 28.04
CA ALA A 322 -17.06 59.00 28.96
C ALA A 322 -18.51 59.40 28.76
N ARG A 334 -15.87 36.95 32.37
CA ARG A 334 -15.57 35.84 31.47
C ARG A 334 -14.97 34.67 32.23
N PRO A 335 -15.24 33.45 31.77
CA PRO A 335 -14.60 32.28 32.39
C PRO A 335 -13.10 32.28 32.15
N THR A 336 -12.36 31.92 33.19
CA THR A 336 -10.91 31.97 33.11
C THR A 336 -10.38 30.92 32.15
N ARG A 337 -9.31 31.27 31.45
CA ARG A 337 -8.64 30.36 30.53
C ARG A 337 -7.22 30.84 30.34
N SER A 338 -6.31 29.91 30.12
CA SER A 338 -4.91 30.26 29.98
C SER A 338 -4.70 31.12 28.75
N ILE A 339 -4.18 32.33 28.96
CA ILE A 339 -3.92 33.23 27.85
C ILE A 339 -2.85 32.72 26.92
N PHE A 340 -2.19 31.63 27.28
CA PHE A 340 -0.97 31.20 26.61
C PHE A 340 -1.18 30.09 25.60
N GLN A 341 -2.14 29.20 25.82
CA GLN A 341 -2.39 28.15 24.83
C GLN A 341 -2.97 28.77 23.56
N PRO A 342 -2.63 28.21 22.39
CA PRO A 342 -3.12 28.74 21.12
C PRO A 342 -4.30 27.95 20.57
N LEU A 477 -1.85 14.68 35.08
CA LEU A 477 -1.70 15.98 34.45
C LEU A 477 -1.39 17.02 35.52
N TYR A 478 -0.21 17.62 35.41
CA TYR A 478 0.16 18.68 36.34
C TYR A 478 -0.65 19.93 36.04
N PRO A 479 -1.35 20.51 37.01
CA PRO A 479 -2.19 21.66 36.73
C PRO A 479 -1.36 22.88 36.41
N LEU A 480 -1.95 23.81 35.68
CA LEU A 480 -1.26 25.05 35.35
C LEU A 480 -1.07 25.84 36.63
N PRO A 481 0.15 25.96 37.15
CA PRO A 481 0.32 26.54 38.50
C PRO A 481 -0.10 28.00 38.58
N TYR A 482 0.03 28.76 37.50
CA TYR A 482 -0.35 30.16 37.55
C TYR A 482 -1.85 30.36 37.48
N LEU A 483 -2.56 29.47 36.80
CA LEU A 483 -3.99 29.67 36.58
C LEU A 483 -4.76 29.72 37.89
N GLN A 484 -4.43 28.83 38.82
CA GLN A 484 -5.12 28.79 40.09
C GLN A 484 -4.83 30.06 40.89
N PRO A 485 -5.80 30.54 41.67
CA PRO A 485 -5.57 31.73 42.50
C PRO A 485 -4.72 31.41 43.72
N THR A 497 -11.13 46.27 49.36
CA THR A 497 -10.05 46.04 48.41
C THR A 497 -9.06 47.20 48.43
N GLN A 498 -7.81 46.91 48.09
CA GLN A 498 -6.78 47.95 48.07
C GLN A 498 -7.14 49.03 47.06
N ALA A 499 -7.58 48.63 45.86
CA ALA A 499 -8.06 49.61 44.90
C ALA A 499 -9.31 50.30 45.40
N GLU A 500 -10.21 49.55 46.03
CA GLU A 500 -11.41 50.16 46.58
C GLU A 500 -11.06 51.16 47.67
N TRP A 501 -10.17 50.72 48.53
CA TRP A 501 -9.71 51.60 49.59
C TRP A 501 -9.12 52.88 49.02
N TRP A 502 -8.20 52.76 48.07
CA TRP A 502 -7.59 53.94 47.48
C TRP A 502 -8.66 54.86 46.89
N GLU A 503 -9.67 54.29 46.23
CA GLU A 503 -10.79 55.08 45.74
C GLU A 503 -11.43 55.88 46.87
N LEU A 504 -11.62 55.23 48.02
CA LEU A 504 -12.24 55.91 49.15
C LEU A 504 -11.37 57.05 49.65
N LEU A 505 -10.09 56.76 49.86
CA LEU A 505 -9.14 57.79 50.28
C LEU A 505 -9.16 58.98 49.32
N PHE A 506 -9.34 58.71 48.03
CA PHE A 506 -9.25 59.76 47.03
C PHE A 506 -10.49 60.64 47.08
N PHE A 507 -11.67 60.04 46.88
CA PHE A 507 -12.89 60.80 47.00
C PHE A 507 -12.95 61.54 48.34
N ILE A 508 -12.42 60.95 49.40
CA ILE A 508 -12.34 61.63 50.69
C ILE A 508 -11.52 62.90 50.58
N LYS A 509 -10.25 62.77 50.18
CA LYS A 509 -9.39 63.94 50.11
C LYS A 509 -9.88 64.98 49.12
N LYS A 510 -10.85 64.63 48.26
CA LYS A 510 -11.47 65.67 47.44
C LYS A 510 -12.40 66.56 48.26
N LEU A 511 -12.85 66.09 49.43
CA LEU A 511 -13.59 66.92 50.36
C LEU A 511 -12.67 67.93 51.05
N ASP A 512 -13.29 68.82 51.82
CA ASP A 512 -12.60 69.89 52.52
C ASP A 512 -11.84 69.36 53.74
N LEU A 513 -10.87 70.14 54.19
CA LEU A 513 -9.90 69.67 55.18
C LEU A 513 -10.54 69.45 56.54
N CYS A 514 -11.17 70.49 57.09
CA CYS A 514 -11.84 70.32 58.39
C CYS A 514 -13.02 69.38 58.30
N GLU A 515 -13.56 69.17 57.09
CA GLU A 515 -14.55 68.13 56.86
C GLU A 515 -13.90 66.75 56.74
N GLN A 516 -12.61 66.70 56.43
CA GLN A 516 -11.89 65.43 56.42
C GLN A 516 -11.42 65.05 57.82
N GLN A 517 -11.18 66.03 58.68
CA GLN A 517 -10.72 65.77 60.04
C GLN A 517 -11.59 64.80 60.83
N PRO A 518 -12.92 64.80 60.71
CA PRO A 518 -13.69 63.77 61.44
C PRO A 518 -13.39 62.36 60.97
N ILE A 519 -13.45 62.10 59.67
CA ILE A 519 -13.14 60.77 59.18
C ILE A 519 -11.69 60.41 59.44
N PHE A 520 -10.79 61.40 59.39
CA PHE A 520 -9.39 61.13 59.69
C PHE A 520 -9.22 60.70 61.15
N GLN A 521 -9.92 61.36 62.06
CA GLN A 521 -9.92 60.93 63.47
C GLN A 521 -10.49 59.54 63.60
N ASN A 522 -11.65 59.29 62.99
CA ASN A 522 -12.28 57.97 63.05
C ASN A 522 -11.30 56.88 62.61
N LEU A 523 -10.63 57.10 61.49
CA LEU A 523 -9.60 56.16 61.04
C LEU A 523 -8.48 56.03 62.06
N TRP A 524 -7.98 57.18 62.55
CA TRP A 524 -6.92 57.19 63.55
C TRP A 524 -7.26 56.29 64.73
N LYS A 525 -8.54 56.26 65.11
CA LYS A 525 -8.99 55.32 66.14
C LYS A 525 -9.37 53.96 65.57
N ASN A 526 -9.80 53.92 64.31
CA ASN A 526 -10.21 52.66 63.69
C ASN A 526 -9.02 51.73 63.49
N LEU A 536 -1.29 56.05 56.48
CA LEU A 536 -2.11 54.87 56.65
C LEU A 536 -1.89 53.87 55.52
N GLY A 537 -0.80 53.10 55.63
CA GLY A 537 -0.48 52.16 54.58
C GLY A 537 -1.54 51.08 54.41
N GLU A 538 -2.01 50.51 55.51
CA GLU A 538 -3.00 49.43 55.48
C GLU A 538 -4.17 49.82 56.37
N ILE A 539 -5.32 50.02 55.76
CA ILE A 539 -6.56 50.31 56.49
C ILE A 539 -7.51 49.17 56.18
N SER A 540 -7.54 48.16 57.05
CA SER A 540 -8.49 47.05 56.93
C SER A 540 -9.83 47.44 57.55
N VAL A 541 -10.47 48.45 56.92
CA VAL A 541 -11.72 48.95 57.44
C VAL A 541 -12.84 47.95 57.17
N SER A 542 -13.95 48.14 57.88
CA SER A 542 -15.12 47.31 57.68
C SER A 542 -15.98 47.86 56.55
N VAL A 543 -16.65 46.95 55.85
CA VAL A 543 -17.53 47.35 54.75
C VAL A 543 -18.61 48.30 55.26
N GLU A 544 -19.13 48.04 56.45
CA GLU A 544 -20.16 48.90 57.01
C GLU A 544 -19.65 50.31 57.25
N MET A 545 -18.46 50.45 57.82
CA MET A 545 -17.95 51.78 58.14
C MET A 545 -17.68 52.59 56.88
N ALA A 546 -17.07 51.94 55.88
CA ALA A 546 -16.82 52.61 54.61
C ALA A 546 -18.13 53.01 53.95
N GLU A 547 -19.11 52.11 53.95
CA GLU A 547 -20.40 52.45 53.37
C GLU A 547 -21.05 53.61 54.09
N SER A 548 -20.93 53.65 55.42
CA SER A 548 -21.50 54.73 56.21
C SER A 548 -20.86 56.06 55.85
N LEU A 549 -19.53 56.09 55.80
CA LEU A 549 -18.85 57.33 55.45
C LEU A 549 -19.20 57.77 54.04
N LEU A 550 -19.32 56.81 53.13
CA LEU A 550 -19.66 57.14 51.74
C LEU A 550 -21.07 57.72 51.66
N GLN A 551 -22.02 57.13 52.39
CA GLN A 551 -23.36 57.68 52.40
C GLN A 551 -23.36 59.09 52.98
N VAL A 552 -22.59 59.30 54.05
CA VAL A 552 -22.52 60.62 54.66
C VAL A 552 -22.00 61.64 53.66
N LEU A 553 -20.93 61.29 52.95
CA LEU A 553 -20.38 62.19 51.95
C LEU A 553 -21.30 62.35 50.75
N SER A 554 -22.21 61.40 50.53
CA SER A 554 -23.11 61.48 49.38
C SER A 554 -23.98 62.72 49.41
N SER A 555 -24.13 63.36 50.57
CA SER A 555 -24.83 64.62 50.68
C SER A 555 -23.91 65.83 50.66
N ARG A 556 -22.62 65.63 50.91
CA ARG A 556 -21.71 66.75 51.09
C ARG A 556 -21.00 67.17 49.80
N PHE A 557 -21.15 66.43 48.72
CA PHE A 557 -20.52 66.78 47.45
C PHE A 557 -21.49 67.62 46.62
N GLU A 558 -21.15 67.87 45.35
CA GLU A 558 -22.01 68.71 44.53
C GLU A 558 -21.73 68.47 43.05
N GLY A 559 -22.81 68.50 42.26
CA GLY A 559 -22.69 68.58 40.81
C GLY A 559 -21.98 67.42 40.17
N SER A 560 -21.11 67.73 39.20
CA SER A 560 -20.37 66.69 38.49
C SER A 560 -19.50 65.89 39.44
N THR A 561 -19.00 66.51 40.51
CA THR A 561 -18.30 65.75 41.53
C THR A 561 -19.23 64.72 42.15
N LEU A 562 -20.47 65.10 42.43
CA LEU A 562 -21.43 64.15 42.96
C LEU A 562 -21.65 63.01 41.99
N ASN A 563 -21.86 63.35 40.71
CA ASN A 563 -22.11 62.32 39.70
C ASN A 563 -20.94 61.33 39.63
N ASP A 564 -19.72 61.86 39.54
CA ASP A 564 -18.55 60.99 39.44
C ASP A 564 -18.39 60.14 40.69
N LEU A 565 -18.53 60.74 41.87
CA LEU A 565 -18.45 59.97 43.11
C LEU A 565 -19.55 58.92 43.18
N LEU A 566 -20.62 59.09 42.43
CA LEU A 566 -21.64 58.06 42.31
C LEU A 566 -21.51 57.23 41.04
N ASN A 567 -20.70 57.67 40.07
CA ASN A 567 -20.63 56.99 38.78
C ASN A 567 -19.66 55.82 38.74
N SER A 568 -18.80 55.68 39.74
CA SER A 568 -17.78 54.64 39.70
C SER A 568 -18.39 53.26 39.96
N GLN A 569 -17.69 52.23 39.49
CA GLN A 569 -18.12 50.86 39.75
C GLN A 569 -18.07 50.53 41.23
N ILE A 570 -17.32 51.29 42.02
CA ILE A 570 -17.36 51.12 43.47
C ILE A 570 -18.75 51.37 44.01
N TYR A 571 -19.51 52.26 43.35
CA TYR A 571 -20.89 52.47 43.75
C TYR A 571 -21.71 51.20 43.56
N THR A 572 -21.52 50.53 42.42
CA THR A 572 -22.18 49.24 42.23
C THR A 572 -21.74 48.24 43.28
N LYS A 573 -20.45 48.26 43.63
CA LYS A 573 -19.99 47.44 44.76
C LYS A 573 -20.65 47.90 46.05
N TYR A 574 -20.75 49.20 46.27
CA TYR A 574 -21.38 49.76 47.45
C TYR A 574 -21.63 51.25 47.27
N ARG A 984 -30.66 79.59 39.89
CA ARG A 984 -30.40 78.99 41.19
C ARG A 984 -30.91 77.56 41.25
N PRO A 985 -32.24 77.39 41.34
CA PRO A 985 -32.82 76.05 41.37
C PRO A 985 -32.58 75.30 40.07
N LEU A 986 -32.90 75.95 38.95
CA LEU A 986 -32.61 75.37 37.65
C LEU A 986 -31.10 75.20 37.46
N LEU A 987 -30.32 76.18 37.93
CA LEU A 987 -28.87 76.04 37.89
C LEU A 987 -28.40 74.87 38.75
N LYS A 988 -29.07 74.65 39.88
CA LYS A 988 -28.73 73.49 40.70
C LYS A 988 -29.02 72.20 39.96
N ARG A 989 -30.16 72.13 39.27
CA ARG A 989 -30.48 70.92 38.50
C ARG A 989 -29.47 70.70 37.38
N LEU A 990 -29.07 71.77 36.71
CA LEU A 990 -28.09 71.64 35.64
C LEU A 990 -26.74 71.18 36.17
N GLN A 991 -26.32 71.74 37.33
CA GLN A 991 -25.05 71.33 37.93
C GLN A 991 -25.10 69.85 38.32
N GLN A 992 -26.18 69.43 38.97
CA GLN A 992 -26.35 68.02 39.27
C GLN A 992 -26.44 67.20 37.99
N GLU A 993 -27.14 67.72 36.98
CA GLU A 993 -27.32 66.98 35.73
C GLU A 993 -27.53 67.99 34.61
N THR A 994 -26.48 68.21 33.82
CA THR A 994 -26.63 68.91 32.54
C THR A 994 -27.20 68.00 31.47
N GLN A 995 -27.72 66.84 31.86
CA GLN A 995 -28.41 65.97 30.92
C GLN A 995 -29.56 66.69 30.22
N PRO A 996 -30.16 67.74 30.78
CA PRO A 996 -31.02 68.59 29.95
C PRO A 996 -30.28 69.17 28.76
N PHE A 997 -29.03 69.60 28.95
CA PHE A 997 -28.24 70.06 27.80
C PHE A 997 -27.85 68.90 26.90
N LEU A 998 -27.65 67.71 27.46
CA LEU A 998 -27.41 66.53 26.63
C LEU A 998 -28.60 66.22 25.74
N LEU A 999 -29.80 66.29 26.29
CA LEU A 999 -31.00 66.09 25.49
C LEU A 999 -31.21 67.23 24.50
N LEU A 1000 -30.81 68.45 24.87
CA LEU A 1000 -30.84 69.55 23.91
C LEU A 1000 -29.93 69.25 22.73
N LEU A 1001 -28.74 68.69 23.01
CA LEU A 1001 -27.85 68.27 21.93
C LEU A 1001 -28.49 67.18 21.09
N ARG A 1002 -29.14 66.21 21.73
CA ARG A 1002 -29.80 65.14 20.98
C ARG A 1002 -30.87 65.71 20.07
N THR A 1003 -31.68 66.63 20.58
CA THR A 1003 -32.71 67.25 19.76
C THR A 1003 -32.12 68.07 18.63
N LEU A 1004 -31.04 68.80 18.91
CA LEU A 1004 -30.41 69.61 17.87
C LEU A 1004 -29.87 68.74 16.75
N ASP A 1005 -29.27 67.60 17.10
CA ASP A 1005 -28.90 66.62 16.08
C ASP A 1005 -30.14 66.10 15.36
N ALA A 1006 -31.22 65.88 16.11
CA ALA A 1006 -32.48 65.43 15.53
C ALA A 1006 -33.15 66.59 14.80
N PRO A 1009 -35.19 69.32 18.02
CA PRO A 1009 -35.83 68.19 17.33
C PRO A 1009 -36.42 68.60 15.99
N ASN A 1010 -37.71 68.35 15.80
CA ASN A 1010 -38.38 68.75 14.57
C ASN A 1010 -38.43 70.28 14.49
N LYS A 1011 -38.66 70.77 13.27
CA LYS A 1011 -38.58 72.21 13.00
C LYS A 1011 -39.38 73.02 14.00
N THR A 1012 -40.61 72.60 14.30
CA THR A 1012 -41.41 73.29 15.30
C THR A 1012 -40.89 73.02 16.71
N LEU A 1013 -40.59 71.75 17.01
CA LEU A 1013 -40.05 71.42 18.33
C LEU A 1013 -38.68 72.05 18.53
N LEU A 1014 -37.80 71.96 17.53
CA LEU A 1014 -36.51 72.61 17.62
C LEU A 1014 -36.66 74.13 17.65
N LEU A 1015 -37.71 74.67 17.04
CA LEU A 1015 -37.95 76.11 17.11
C LEU A 1015 -38.32 76.54 18.52
N SER A 1016 -39.20 75.80 19.18
CA SER A 1016 -39.51 76.09 20.57
C SER A 1016 -38.28 75.92 21.46
N VAL A 1017 -37.48 74.89 21.21
CA VAL A 1017 -36.27 74.67 21.98
C VAL A 1017 -35.29 75.83 21.79
N LEU A 1018 -35.16 76.31 20.54
CA LEU A 1018 -34.28 77.43 20.26
C LEU A 1018 -34.79 78.71 20.91
N ARG A 1019 -36.12 78.89 20.94
CA ARG A 1019 -36.69 80.03 21.65
C ARG A 1019 -36.33 79.97 23.13
N VAL A 1020 -36.47 78.79 23.74
CA VAL A 1020 -36.13 78.63 25.16
C VAL A 1020 -34.65 78.91 25.39
N ILE A 1021 -33.79 78.40 24.50
CA ILE A 1021 -32.36 78.58 24.68
C ILE A 1021 -31.98 80.05 24.54
N THR A 1022 -32.53 80.74 23.54
CA THR A 1022 -32.22 82.14 23.34
C THR A 1022 -32.70 82.97 24.54
N ARG A 1023 -33.89 82.65 25.07
CA ARG A 1023 -34.39 83.39 26.21
C ARG A 1023 -33.51 83.15 27.45
N LEU A 1024 -33.17 81.89 27.72
CA LEU A 1024 -32.38 81.55 28.89
C LEU A 1024 -30.92 81.93 28.75
N LEU A 1025 -30.47 82.33 27.55
CA LEU A 1025 -29.11 82.81 27.38
C LEU A 1025 -28.79 83.98 28.31
N ASP A 1026 -29.79 84.62 28.90
CA ASP A 1026 -29.59 85.78 29.77
C ASP A 1026 -28.94 85.42 31.10
N PHE A 1027 -28.55 84.17 31.32
CA PHE A 1027 -27.94 83.81 32.59
C PHE A 1027 -26.50 84.31 32.65
N PRO A 1028 -25.97 84.53 33.85
CA PRO A 1028 -24.55 84.88 33.99
C PRO A 1028 -23.67 83.64 34.11
N GLU A 1029 -24.29 82.50 34.43
CA GLU A 1029 -23.58 81.23 34.52
C GLU A 1029 -24.11 80.22 33.50
N ALA A 1030 -24.68 80.71 32.40
CA ALA A 1030 -25.16 79.81 31.36
C ALA A 1030 -24.02 78.98 30.78
N MET A 1031 -22.79 79.49 30.83
CA MET A 1031 -21.62 78.76 30.41
C MET A 1031 -21.00 77.95 31.54
N VAL A 1032 -21.48 78.09 32.78
CA VAL A 1032 -20.93 77.29 33.87
C VAL A 1032 -21.23 75.82 33.66
N LEU A 1033 -22.31 75.53 32.97
CA LEU A 1033 -22.64 74.17 32.57
C LEU A 1033 -21.77 73.79 31.37
N PRO A 1034 -21.92 72.57 30.86
CA PRO A 1034 -21.22 72.23 29.62
C PRO A 1034 -21.84 72.93 28.43
N TRP A 1035 -21.54 74.23 28.30
CA TRP A 1035 -22.14 75.03 27.25
C TRP A 1035 -21.72 74.58 25.86
N HIS A 1036 -20.59 73.89 25.73
CA HIS A 1036 -20.09 73.42 24.44
C HIS A 1036 -20.73 72.08 24.08
N GLU A 1037 -22.06 72.06 24.12
CA GLU A 1037 -22.77 70.79 24.00
C GLU A 1037 -22.89 70.33 22.55
N VAL A 1038 -23.59 71.10 21.73
CA VAL A 1038 -23.90 70.69 20.37
C VAL A 1038 -23.50 71.78 19.40
N LEU A 1039 -22.57 72.63 19.80
CA LEU A 1039 -22.14 73.71 18.92
C LEU A 1039 -21.69 73.18 17.58
N GLU A 1040 -20.96 72.06 17.58
CA GLU A 1040 -20.55 71.43 16.32
C GLU A 1040 -21.73 70.95 15.51
N PRO A 1041 -22.69 70.21 16.07
CA PRO A 1041 -23.89 69.85 15.28
C PRO A 1041 -24.68 71.06 14.83
N CYS A 1042 -24.70 72.13 15.63
CA CYS A 1042 -25.38 73.36 15.23
C CYS A 1042 -24.71 73.97 14.00
N LEU A 1043 -23.39 74.01 13.98
CA LEU A 1043 -22.68 74.49 12.80
C LEU A 1043 -22.92 73.58 11.61
N ASN A 1044 -23.02 72.27 11.86
CA ASN A 1044 -23.31 71.33 10.78
C ASN A 1044 -24.68 71.61 10.16
N CYS A 1045 -25.69 71.83 11.00
CA CYS A 1045 -27.01 72.11 10.49
C CYS A 1045 -27.08 73.50 9.86
N LEU A 1046 -26.34 74.45 10.42
CA LEU A 1046 -26.32 75.81 9.90
C LEU A 1046 -25.69 75.85 8.51
N SER A 1051 -30.87 74.80 5.27
CA SER A 1051 -31.75 74.46 6.37
C SER A 1051 -33.08 75.18 6.23
N ASP A 1052 -33.99 74.93 7.18
CA ASP A 1052 -35.22 75.69 7.24
C ASP A 1052 -34.91 77.15 7.56
N SER A 1053 -35.80 78.04 7.11
CA SER A 1053 -35.60 79.46 7.39
C SER A 1053 -35.53 79.72 8.89
N GLU A 1054 -36.44 79.08 9.64
CA GLU A 1054 -36.37 79.18 11.10
C GLU A 1054 -35.07 78.61 11.62
N ILE A 1055 -34.62 77.49 11.05
CA ILE A 1055 -33.40 76.84 11.51
C ILE A 1055 -32.19 77.73 11.27
N VAL A 1056 -32.07 78.28 10.06
CA VAL A 1056 -30.93 79.13 9.74
C VAL A 1056 -30.95 80.39 10.59
N GLN A 1057 -32.13 81.00 10.74
CA GLN A 1057 -32.24 82.19 11.58
C GLN A 1057 -31.84 81.89 13.01
N GLU A 1058 -32.26 80.73 13.54
CA GLU A 1058 -31.93 80.38 14.91
C GLU A 1058 -30.45 80.09 15.08
N LEU A 1059 -29.84 79.43 14.09
CA LEU A 1059 -28.39 79.18 14.17
C LEU A 1059 -27.62 80.49 14.17
N THR A 1060 -28.02 81.43 13.31
CA THR A 1060 -27.38 82.74 13.31
C THR A 1060 -27.60 83.45 14.65
N CYS A 1061 -28.80 83.34 15.20
CA CYS A 1061 -29.10 84.00 16.47
C CYS A 1061 -28.25 83.42 17.60
N PHE A 1062 -28.10 82.10 17.64
CA PHE A 1062 -27.28 81.47 18.66
C PHE A 1062 -25.82 81.88 18.49
N LEU A 1063 -25.34 81.96 17.25
CA LEU A 1063 -23.97 82.41 17.03
C LEU A 1063 -23.77 83.84 17.52
N HIS A 1064 -24.71 84.72 17.20
CA HIS A 1064 -24.61 86.11 17.63
C HIS A 1064 -24.68 86.23 19.15
N ARG A 1065 -25.50 85.39 19.80
CA ARG A 1065 -25.53 85.35 21.25
C ARG A 1065 -24.17 84.91 21.80
N LEU A 1066 -23.55 83.92 21.17
CA LEU A 1066 -22.24 83.47 21.61
C LEU A 1066 -21.13 84.44 21.28
N ALA A 1067 -21.38 85.42 20.41
CA ALA A 1067 -20.33 86.34 19.98
C ALA A 1067 -19.70 87.09 21.16
N SER A 1068 -20.38 87.18 22.29
CA SER A 1068 -19.86 87.87 23.45
C SER A 1068 -19.33 86.88 24.49
N HIS A 1070 -17.57 85.22 26.99
CA HIS A 1070 -16.49 84.25 26.82
C HIS A 1070 -15.94 84.31 25.40
N LYS A 1071 -14.99 85.23 25.20
CA LYS A 1071 -14.39 85.40 23.87
C LYS A 1071 -13.71 84.12 23.42
N ASP A 1072 -13.09 83.40 24.34
CA ASP A 1072 -12.45 82.14 24.00
C ASP A 1072 -13.47 81.11 23.53
N TYR A 1073 -14.72 81.21 23.99
CA TYR A 1073 -15.75 80.28 23.53
C TYR A 1073 -16.05 80.52 22.06
N ALA A 1074 -16.20 81.78 21.65
CA ALA A 1074 -16.32 82.06 20.23
C ALA A 1074 -15.04 81.71 19.49
N VAL A 1075 -13.90 81.77 20.16
CA VAL A 1075 -12.66 81.35 19.53
C VAL A 1075 -12.70 79.87 19.22
N VAL A 1076 -13.23 79.08 20.15
CA VAL A 1076 -13.43 77.65 19.90
C VAL A 1076 -14.41 77.48 18.76
N LEU A 1077 -15.43 78.34 18.69
CA LEU A 1077 -16.36 78.29 17.57
C LEU A 1077 -15.64 78.52 16.25
N CYS A 1078 -14.72 79.48 16.22
CA CYS A 1078 -13.94 79.73 15.01
C CYS A 1078 -12.98 78.59 14.72
N CYS A 1079 -12.53 77.90 15.77
CA CYS A 1079 -11.73 76.70 15.57
C CYS A 1079 -12.55 75.61 14.90
N LEU A 1080 -13.83 75.50 15.28
CA LEU A 1080 -14.75 74.67 14.52
C LEU A 1080 -14.75 75.09 13.06
N GLY A 1081 -14.74 76.40 12.81
CA GLY A 1081 -14.46 76.93 11.49
C GLY A 1081 -15.39 76.50 10.38
N ALA A 1082 -16.65 76.91 10.45
CA ALA A 1082 -17.63 76.66 9.41
C ALA A 1082 -17.83 77.89 8.53
N LYS A 1083 -16.75 78.65 8.28
CA LYS A 1083 -16.87 79.91 7.56
C LYS A 1083 -17.43 79.72 6.16
N GLU A 1084 -17.09 78.61 5.51
CA GLU A 1084 -17.64 78.35 4.17
C GLU A 1084 -19.14 78.13 4.23
N ILE A 1085 -19.62 77.35 5.20
CA ILE A 1085 -21.05 77.15 5.36
C ILE A 1085 -21.73 78.47 5.73
N LEU A 1086 -21.04 79.31 6.51
CA LEU A 1086 -21.57 80.61 6.85
C LEU A 1086 -21.73 81.47 5.60
N SER A 1087 -20.74 81.44 4.71
CA SER A 1087 -20.84 82.18 3.47
C SER A 1087 -22.00 81.67 2.62
N LYS A 1088 -22.16 80.35 2.53
CA LYS A 1088 -23.26 79.79 1.75
C LYS A 1088 -24.61 80.19 2.33
N VAL A 1089 -24.74 80.15 3.66
CA VAL A 1089 -26.02 80.50 4.28
C VAL A 1089 -26.29 81.99 4.13
N LEU A 1090 -25.25 82.82 4.20
CA LEU A 1090 -25.42 84.25 3.99
C LEU A 1090 -25.87 84.53 2.56
N ASP A 1091 -25.26 83.84 1.59
CA ASP A 1091 -25.69 84.01 0.20
C ASP A 1091 -27.10 83.49 -0.01
N LYS A 1092 -27.53 82.52 0.81
CA LYS A 1092 -28.89 82.03 0.72
C LYS A 1092 -29.93 83.10 1.06
N HIS A 1093 -29.52 84.15 1.78
CA HIS A 1093 -30.43 85.24 2.11
C HIS A 1093 -29.66 86.53 2.38
N GLY A 1100 -23.52 86.97 13.26
CA GLY A 1100 -23.09 86.56 11.93
C GLY A 1100 -21.98 87.42 11.38
N CYS A 1101 -22.33 88.63 10.94
CA CYS A 1101 -21.32 89.54 10.41
C CYS A 1101 -20.31 89.92 11.47
N GLU A 1102 -20.77 90.21 12.70
CA GLU A 1102 -19.85 90.52 13.78
C GLU A 1102 -18.96 89.33 14.10
N LEU A 1103 -19.54 88.13 14.14
CA LEU A 1103 -18.74 86.93 14.33
C LEU A 1103 -17.82 86.70 13.14
N ARG A 1104 -18.30 86.96 11.93
CA ARG A 1104 -17.46 86.82 10.75
C ARG A 1104 -16.26 87.74 10.83
N ASP A 1105 -16.40 88.89 11.49
CA ASP A 1105 -15.28 89.81 11.65
C ASP A 1105 -14.35 89.35 12.76
N LEU A 1106 -14.89 89.07 13.95
CA LEU A 1106 -14.05 88.78 15.11
C LEU A 1106 -13.52 87.36 15.09
N VAL A 1107 -14.43 86.38 15.08
CA VAL A 1107 -14.02 84.98 15.23
C VAL A 1107 -13.18 84.53 14.03
N THR A 1108 -13.69 84.76 12.83
CA THR A 1108 -12.92 84.44 11.63
C THR A 1108 -11.69 85.33 11.55
N GLU A 1109 -10.64 84.81 10.93
CA GLU A 1109 -9.35 85.48 10.80
C GLU A 1109 -8.65 85.67 12.14
N CYS A 1110 -8.86 84.74 13.07
CA CYS A 1110 -8.05 84.63 14.30
C CYS A 1110 -7.86 83.14 14.55
N GLU A 1111 -6.73 82.61 14.08
CA GLU A 1111 -6.49 81.18 14.11
C GLU A 1111 -5.24 80.79 14.88
N LYS A 1112 -4.46 81.76 15.37
CA LYS A 1112 -3.34 81.42 16.24
C LYS A 1112 -3.81 80.56 17.40
N TYR A 1113 -4.91 80.98 18.04
CA TYR A 1113 -5.58 80.16 19.04
C TYR A 1113 -5.81 78.75 18.52
N ALA A 1114 -6.27 78.63 17.27
CA ALA A 1114 -6.67 77.33 16.75
C ALA A 1114 -5.50 76.37 16.68
N GLN A 1115 -4.41 76.79 16.03
CA GLN A 1115 -3.26 75.90 15.91
C GLN A 1115 -2.69 75.59 17.28
N LEU A 1116 -2.60 76.60 18.15
CA LEU A 1116 -2.08 76.36 19.49
C LEU A 1116 -2.90 75.28 20.19
N TYR A 1117 -4.22 75.41 20.16
CA TYR A 1117 -5.05 74.55 20.98
C TYR A 1117 -5.09 73.14 20.41
N SER A 1118 -5.09 73.02 19.08
CA SER A 1118 -4.99 71.71 18.46
C SER A 1118 -3.71 71.00 18.91
N ASN A 1119 -2.57 71.69 18.78
CA ASN A 1119 -1.32 71.07 19.14
C ASN A 1119 -1.32 70.68 20.61
N LEU A 1120 -1.87 71.55 21.47
CA LEU A 1120 -1.90 71.26 22.90
C LEU A 1120 -2.72 70.02 23.19
N THR A 1121 -3.88 69.87 22.54
CA THR A 1121 -4.73 68.73 22.81
C THR A 1121 -4.06 67.43 22.41
N SER A 1122 -3.47 67.41 21.20
CA SER A 1122 -2.77 66.21 20.79
C SER A 1122 -1.62 65.89 21.75
N SER A 1123 -0.91 66.93 22.18
CA SER A 1123 0.23 66.72 23.07
C SER A 1123 -0.22 66.11 24.39
N ILE A 1124 -1.34 66.60 24.93
CA ILE A 1124 -1.83 66.06 26.20
C ILE A 1124 -2.14 64.59 26.04
N LEU A 1125 -2.83 64.22 24.95
CA LEU A 1125 -3.15 62.82 24.73
C LEU A 1125 -1.89 61.97 24.72
N ALA A 1126 -0.90 62.39 23.93
CA ALA A 1126 0.32 61.59 23.80
C ALA A 1126 1.02 61.44 25.14
N GLY A 1127 1.12 62.53 25.90
CA GLY A 1127 1.83 62.47 27.15
C GLY A 1127 1.16 61.56 28.16
N CYS A 1128 -0.18 61.65 28.25
CA CYS A 1128 -0.89 60.78 29.17
C CYS A 1128 -0.68 59.32 28.79
N ILE A 1129 -0.74 59.00 27.50
CA ILE A 1129 -0.54 57.62 27.09
C ILE A 1129 0.84 57.14 27.49
N GLN A 1130 1.85 57.96 27.25
CA GLN A 1130 3.21 57.55 27.58
C GLN A 1130 3.35 57.29 29.08
N MET A 1131 2.74 58.14 29.90
CA MET A 1131 2.80 57.93 31.34
C MET A 1131 2.18 56.58 31.71
N VAL A 1132 1.04 56.26 31.11
CA VAL A 1132 0.37 55.01 31.45
C VAL A 1132 1.26 53.83 31.12
N LEU A 1133 1.82 53.84 29.92
CA LEU A 1133 2.66 52.71 29.51
C LEU A 1133 3.89 52.58 30.41
N GLY A 1134 4.48 53.72 30.77
CA GLY A 1134 5.64 53.65 31.65
C GLY A 1134 5.30 53.02 32.98
N GLN A 1135 4.16 53.40 33.55
CA GLN A 1135 3.77 52.80 34.82
C GLN A 1135 3.56 51.31 34.67
N ILE A 1136 2.98 50.88 33.54
CA ILE A 1136 2.80 49.45 33.31
C ILE A 1136 4.14 48.74 33.33
N GLU A 1137 5.13 49.29 32.65
CA GLU A 1137 6.46 48.66 32.64
C GLU A 1137 7.07 48.64 34.04
N ASP A 1138 6.91 49.73 34.79
CA ASP A 1138 7.50 49.78 36.11
C ASP A 1138 6.90 48.72 37.02
N HIS A 1139 5.58 48.55 36.95
CA HIS A 1139 4.96 47.53 37.79
C HIS A 1139 5.33 46.13 37.30
N ARG A 1140 5.60 45.97 36.01
CA ARG A 1140 6.18 44.72 35.55
C ARG A 1140 7.49 44.45 36.25
N ARG A 1141 8.31 45.49 36.42
CA ARG A 1141 9.58 45.31 37.11
C ARG A 1141 9.37 44.94 38.57
N THR A 1142 8.52 45.69 39.27
CA THR A 1142 8.40 45.51 40.72
C THR A 1142 7.62 44.28 41.12
N HIS A 1143 6.70 43.82 40.27
CA HIS A 1143 5.78 42.70 40.44
C HIS A 1143 4.62 43.04 41.37
N GLN A 1144 4.58 44.20 41.98
CA GLN A 1144 3.39 44.50 42.77
C GLN A 1144 2.24 44.88 41.83
N PRO A 1145 1.01 44.52 42.17
CA PRO A 1145 -0.11 44.81 41.28
C PRO A 1145 -0.37 46.30 41.16
N ILE A 1146 -0.88 46.70 40.01
CA ILE A 1146 -1.18 48.10 39.74
C ILE A 1146 -2.46 48.47 40.47
N ASN A 1147 -2.42 49.59 41.19
CA ASN A 1147 -3.61 50.09 41.87
C ASN A 1147 -3.53 51.63 41.88
N ILE A 1148 -4.18 52.24 40.90
CA ILE A 1148 -4.25 53.70 40.79
C ILE A 1148 -5.68 54.11 40.53
N PRO A 1149 -6.20 55.15 41.19
CA PRO A 1149 -7.62 55.48 41.06
C PRO A 1149 -8.02 55.77 39.63
N PHE A 1150 -9.19 55.25 39.26
CA PHE A 1150 -9.80 55.45 37.95
C PHE A 1150 -8.96 54.90 36.81
N PHE A 1151 -7.89 54.17 37.11
CA PHE A 1151 -7.00 53.70 36.05
C PHE A 1151 -7.69 52.71 35.13
N ASP A 1152 -8.46 51.80 35.71
CA ASP A 1152 -9.10 50.75 34.92
C ASP A 1152 -10.06 51.33 33.90
N VAL A 1153 -10.80 52.38 34.29
CA VAL A 1153 -11.78 52.96 33.38
C VAL A 1153 -11.10 53.54 32.15
N PHE A 1154 -10.03 54.30 32.36
CA PHE A 1154 -9.31 54.90 31.24
C PHE A 1154 -8.64 53.83 30.40
N LEU A 1155 -8.08 52.81 31.03
CA LEU A 1155 -7.46 51.74 30.27
C LEU A 1155 -8.48 51.03 29.39
N ARG A 1156 -9.69 50.81 29.91
CA ARG A 1156 -10.74 50.20 29.12
C ARG A 1156 -11.14 51.09 27.96
N HIS A 1157 -11.32 52.39 28.23
CA HIS A 1157 -11.72 53.31 27.16
C HIS A 1157 -10.67 53.33 26.06
N LEU A 1158 -9.40 53.29 26.45
CA LEU A 1158 -8.34 53.17 25.44
C LEU A 1158 -8.42 51.83 24.73
N CYS A 1159 -8.88 50.80 25.42
CA CYS A 1159 -9.04 49.50 24.80
C CYS A 1159 -10.29 49.41 23.92
N GLN A 1160 -11.26 50.29 24.13
CA GLN A 1160 -12.48 50.27 23.34
C GLN A 1160 -12.22 50.72 21.91
N PHE A 1304 -9.25 53.49 18.08
CA PHE A 1304 -8.17 53.77 19.01
C PHE A 1304 -7.50 52.49 19.45
N TRP A 1305 -8.12 51.36 19.13
CA TRP A 1305 -7.50 50.06 19.40
C TRP A 1305 -6.19 49.86 18.65
N PRO A 1306 -6.10 50.12 17.34
CA PRO A 1306 -4.88 49.71 16.62
C PRO A 1306 -3.61 50.35 17.13
N LEU A 1307 -3.58 51.67 17.29
CA LEU A 1307 -2.32 52.34 17.64
C LEU A 1307 -1.87 51.95 19.04
N PHE A 1308 -2.79 51.94 20.01
CA PHE A 1308 -2.41 51.52 21.35
C PHE A 1308 -1.94 50.08 21.36
N ARG A 1309 -2.67 49.20 20.69
CA ARG A 1309 -2.29 47.79 20.68
C ARG A 1309 -0.91 47.62 20.09
N GLU A 1310 -0.64 48.30 18.97
CA GLU A 1310 0.66 48.15 18.32
C GLU A 1310 1.78 48.63 19.22
N GLN A 1311 1.61 49.82 19.81
CA GLN A 1311 2.67 50.36 20.65
C GLN A 1311 2.94 49.44 21.82
N LEU A 1312 1.88 49.02 22.51
CA LEU A 1312 2.05 48.18 23.69
C LEU A 1312 2.70 46.85 23.32
N CYS A 1313 2.31 46.27 22.18
CA CYS A 1313 2.87 44.98 21.79
C CYS A 1313 4.37 45.11 21.53
N ARG A 1314 4.78 46.17 20.84
CA ARG A 1314 6.20 46.37 20.61
C ARG A 1314 6.95 46.51 21.93
N ARG A 1315 6.39 47.30 22.86
CA ARG A 1315 7.09 47.51 24.11
C ARG A 1315 7.26 46.21 24.88
N THR A 1316 6.20 45.41 24.93
CA THR A 1316 6.30 44.13 25.62
C THR A 1316 7.35 43.24 24.99
N CYS A 1317 7.37 43.18 23.65
CA CYS A 1317 8.37 42.37 22.97
C CYS A 1317 9.77 42.78 23.38
N LEU A 1318 10.05 44.08 23.32
CA LEU A 1318 11.39 44.55 23.65
C LEU A 1318 11.75 44.22 25.09
N PHE A 1319 10.87 44.54 26.02
CA PHE A 1319 11.20 44.34 27.43
C PHE A 1319 11.47 42.88 27.71
N TYR A 1320 10.57 42.00 27.27
CA TYR A 1320 10.71 40.59 27.59
C TYR A 1320 11.95 40.00 26.93
N THR A 1321 12.30 40.44 25.71
CA THR A 1321 13.46 39.83 25.09
C THR A 1321 14.75 40.29 25.73
N ILE A 1322 14.83 41.55 26.16
CA ILE A 1322 15.99 41.96 26.95
C ILE A 1322 16.09 41.11 28.20
N ARG A 1323 14.97 40.90 28.89
CA ARG A 1323 14.99 40.10 30.11
C ARG A 1323 15.45 38.68 29.82
N ALA A 1324 15.01 38.12 28.69
CA ALA A 1324 15.38 36.75 28.35
C ALA A 1324 16.88 36.64 28.10
N GLN A 1325 17.45 37.59 27.37
CA GLN A 1325 18.89 37.55 27.15
C GLN A 1325 19.64 37.69 28.48
N ALA A 1326 19.13 38.52 29.37
CA ALA A 1326 19.77 38.66 30.68
C ALA A 1326 19.77 37.33 31.42
N TRP A 1327 18.62 36.66 31.45
CA TRP A 1327 18.54 35.39 32.16
C TRP A 1327 19.43 34.34 31.52
N SER A 1328 19.47 34.28 30.19
CA SER A 1328 20.34 33.33 29.52
C SER A 1328 21.80 33.58 29.87
N ARG A 1329 22.20 34.86 29.88
CA ARG A 1329 23.58 35.17 30.23
C ARG A 1329 23.90 34.75 31.64
N ASP A 1330 22.97 34.97 32.56
CA ASP A 1330 23.19 34.53 33.94
C ASP A 1330 23.28 33.02 34.02
N ILE A 1331 22.45 32.31 33.25
CA ILE A 1331 22.39 30.86 33.34
C ILE A 1331 23.66 30.23 32.79
N ALA A 1332 24.21 30.81 31.72
CA ALA A 1332 25.42 30.25 31.13
C ALA A 1332 26.60 30.25 32.10
N GLU A 1333 26.53 31.05 33.17
CA GLU A 1333 27.65 31.14 34.10
C GLU A 1333 27.82 29.84 34.87
N ASP A 1334 26.75 29.33 35.46
CA ASP A 1334 26.80 28.09 36.22
C ASP A 1334 25.62 27.23 35.82
N HIS A 1335 25.90 25.94 35.59
CA HIS A 1335 24.86 25.03 35.11
C HIS A 1335 23.83 24.71 36.17
N ARG A 1336 24.11 25.02 37.44
CA ARG A 1336 23.30 24.52 38.54
C ARG A 1336 22.18 25.47 38.94
N ARG A 1337 21.70 26.29 38.01
CA ARG A 1337 20.69 27.29 38.34
C ARG A 1337 19.36 27.09 37.65
N LEU A 1338 19.20 26.08 36.80
CA LEU A 1338 17.90 25.89 36.15
C LEU A 1338 16.81 25.51 37.15
N LEU A 1339 17.22 24.76 38.17
CA LEU A 1339 16.29 24.38 39.24
C LEU A 1339 15.66 25.60 39.87
N GLN A 1340 16.46 26.64 40.10
CA GLN A 1340 15.91 27.91 40.55
C GLN A 1340 15.30 28.71 39.40
N LEU A 1341 15.64 28.38 38.16
CA LEU A 1341 15.11 29.14 37.04
C LEU A 1341 13.62 28.92 36.86
N CYS A 1342 13.13 27.75 37.24
CA CYS A 1342 11.70 27.48 37.01
C CYS A 1342 10.75 28.47 37.69
N PRO A 1343 10.85 28.75 38.99
CA PRO A 1343 9.86 29.64 39.61
C PRO A 1343 9.86 31.05 39.07
N ARG A 1344 10.99 31.54 38.56
CA ARG A 1344 10.98 32.88 37.96
C ARG A 1344 10.04 32.92 36.77
N LEU A 1345 10.12 31.91 35.90
CA LEU A 1345 9.17 31.80 34.82
C LEU A 1345 7.75 31.71 35.34
N ASN A 1346 7.57 30.95 36.43
CA ASN A 1346 6.24 30.84 37.00
C ASN A 1346 5.69 32.21 37.36
N ARG A 1347 6.48 33.02 38.06
CA ARG A 1347 6.01 34.32 38.51
C ARG A 1347 5.74 35.25 37.33
N VAL A 1348 6.59 35.20 36.30
CA VAL A 1348 6.36 36.06 35.14
C VAL A 1348 5.02 35.72 34.49
N LEU A 1349 4.78 34.44 34.27
CA LEU A 1349 3.50 34.04 33.69
C LEU A 1349 2.35 34.45 34.58
N ARG A 1350 2.54 34.35 35.89
CA ARG A 1350 1.52 34.79 36.83
C ARG A 1350 1.17 36.26 36.62
N HIS A 1351 2.19 37.10 36.51
CA HIS A 1351 1.94 38.53 36.40
C HIS A 1351 1.21 38.85 35.11
N GLU A 1352 1.62 38.25 34.00
CA GLU A 1352 0.93 38.51 32.75
C GLU A 1352 -0.52 38.02 32.81
N GLN A 1353 -0.76 36.86 33.40
CA GLN A 1353 -2.12 36.36 33.49
C GLN A 1353 -2.99 37.29 34.31
N ASN A 1354 -2.45 37.81 35.42
CA ASN A 1354 -3.21 38.77 36.22
C ASN A 1354 -3.54 40.01 35.42
N PHE A 1355 -2.57 40.55 34.68
CA PHE A 1355 -2.83 41.74 33.88
C PHE A 1355 -3.94 41.48 32.88
N ALA A 1356 -3.88 40.33 32.21
CA ALA A 1356 -4.92 40.01 31.23
C ALA A 1356 -6.28 39.89 31.90
N ASP A 1357 -6.33 39.27 33.07
CA ASP A 1357 -7.59 39.06 33.75
C ASP A 1357 -8.18 40.34 34.31
N ARG A 1358 -7.37 41.37 34.52
CA ARG A 1358 -7.92 42.58 35.12
C ARG A 1358 -8.12 43.74 34.14
N PHE A 1359 -7.39 43.79 33.01
CA PHE A 1359 -7.41 45.00 32.21
C PHE A 1359 -7.73 44.83 30.73
N LEU A 1360 -7.99 43.63 30.24
CA LEU A 1360 -8.28 43.43 28.82
C LEU A 1360 -9.58 42.67 28.65
N PRO A 1361 -10.67 43.33 28.24
CA PRO A 1361 -11.97 42.65 28.16
C PRO A 1361 -12.03 41.50 27.15
N ASP A 1362 -11.69 41.76 25.90
CA ASP A 1362 -11.89 40.79 24.84
C ASP A 1362 -10.81 39.71 24.87
N ASP A 1363 -11.18 38.53 24.36
CA ASP A 1363 -10.25 37.41 24.35
C ASP A 1363 -9.12 37.64 23.36
N GLU A 1364 -9.47 37.84 22.09
CA GLU A 1364 -8.47 37.82 21.02
C GLU A 1364 -7.27 38.70 21.34
N ALA A 1365 -7.53 39.86 21.93
CA ALA A 1365 -6.44 40.69 22.42
C ALA A 1365 -5.61 39.96 23.45
N ALA A 1366 -6.26 39.26 24.37
CA ALA A 1366 -5.52 38.55 25.42
C ALA A 1366 -4.64 37.47 24.82
N GLN A 1367 -5.15 36.73 23.85
CA GLN A 1367 -4.32 35.68 23.26
C GLN A 1367 -3.22 36.25 22.39
N ALA A 1368 -3.45 37.40 21.76
CA ALA A 1368 -2.36 38.06 21.05
C ALA A 1368 -1.25 38.45 22.01
N LEU A 1369 -1.62 39.05 23.14
CA LEU A 1369 -0.63 39.42 24.15
C LEU A 1369 0.11 38.20 24.65
N GLY A 1370 -0.62 37.13 24.92
CA GLY A 1370 -0.02 35.88 25.32
C GLY A 1370 1.04 35.49 24.32
N LYS A 1371 0.61 35.20 23.09
CA LYS A 1371 1.53 34.72 22.06
C LYS A 1371 2.78 35.57 22.00
N THR A 1372 2.61 36.89 21.95
CA THR A 1372 3.77 37.78 21.89
C THR A 1372 4.71 37.55 23.07
N CYS A 1373 4.16 37.62 24.29
CA CYS A 1373 4.98 37.46 25.48
C CYS A 1373 5.69 36.11 25.48
N TRP A 1374 4.92 35.03 25.41
CA TRP A 1374 5.49 33.69 25.51
C TRP A 1374 6.57 33.49 24.45
N GLU A 1375 6.28 33.81 23.20
CA GLU A 1375 7.28 33.66 22.16
C GLU A 1375 8.57 34.39 22.55
N ALA A 1376 8.45 35.72 22.74
CA ALA A 1376 9.63 36.54 22.96
C ALA A 1376 10.41 36.10 24.19
N LEU A 1377 9.73 35.54 25.19
CA LEU A 1377 10.41 35.18 26.42
C LEU A 1377 11.06 33.81 26.33
N VAL A 1378 10.25 32.77 26.05
CA VAL A 1378 10.78 31.42 26.15
C VAL A 1378 11.63 31.05 24.95
N SER A 1379 11.22 31.41 23.73
CA SER A 1379 11.91 30.84 22.58
C SER A 1379 13.39 31.23 22.49
N PRO A 1380 13.79 32.49 22.70
CA PRO A 1380 15.24 32.73 22.82
C PRO A 1380 15.88 31.94 23.95
N LEU A 1381 15.18 31.77 25.06
CA LEU A 1381 15.79 31.10 26.21
C LEU A 1381 16.10 29.65 25.90
N VAL A 1382 15.18 28.95 25.24
CA VAL A 1382 15.47 27.56 24.88
C VAL A 1382 16.50 27.51 23.76
N GLN A 1383 16.41 28.42 22.79
CA GLN A 1383 17.41 28.43 21.74
C GLN A 1383 18.80 28.69 22.29
N ASN A 1384 18.90 29.31 23.47
CA ASN A 1384 20.18 29.57 24.07
C ASN A 1384 20.62 28.47 25.03
N ILE A 1385 19.68 27.77 25.67
CA ILE A 1385 20.05 26.74 26.64
C ILE A 1385 20.08 25.34 26.03
N THR A 1386 19.73 25.18 24.75
CA THR A 1386 19.90 23.90 24.09
C THR A 1386 21.02 23.91 23.07
N SER A 1387 21.88 24.92 23.09
CA SER A 1387 22.95 24.91 22.10
C SER A 1387 24.18 24.20 22.66
N PRO A 1388 24.83 23.36 21.85
CA PRO A 1388 25.97 22.57 22.35
C PRO A 1388 27.21 23.43 22.47
N ASP A 1389 27.72 23.53 23.69
CA ASP A 1389 29.00 24.19 23.91
C ASP A 1389 30.11 23.41 23.22
N ALA A 1390 31.20 24.13 22.91
CA ALA A 1390 32.30 23.60 22.10
C ALA A 1390 32.74 22.21 22.56
N GLU A 1391 32.67 21.95 23.86
CA GLU A 1391 33.00 20.62 24.36
C GLU A 1391 32.08 19.55 23.79
N GLY A 1392 30.92 19.95 23.27
CA GLY A 1392 29.93 19.02 22.79
C GLY A 1392 28.79 18.77 23.74
N VAL A 1393 28.46 19.75 24.59
CA VAL A 1393 27.49 19.57 25.66
C VAL A 1393 26.67 20.85 25.78
N SER A 1394 25.40 20.69 26.12
CA SER A 1394 24.50 21.81 26.36
C SER A 1394 24.02 21.74 27.81
N ALA A 1395 23.10 22.63 28.16
CA ALA A 1395 22.69 22.75 29.56
C ALA A 1395 21.55 21.78 29.89
N LEU A 1396 20.43 21.89 29.19
CA LEU A 1396 19.34 20.96 29.44
C LEU A 1396 19.76 19.54 29.16
N GLY A 1397 20.69 19.35 28.23
CA GLY A 1397 21.27 18.04 28.04
C GLY A 1397 21.94 17.54 29.30
N TRP A 1398 22.68 18.41 29.98
CA TRP A 1398 23.33 18.02 31.22
C TRP A 1398 22.31 17.69 32.29
N LEU A 1399 21.24 18.49 32.38
CA LEU A 1399 20.21 18.23 33.38
C LEU A 1399 19.53 16.89 33.15
N LEU A 1400 19.13 16.63 31.91
CA LEU A 1400 18.47 15.37 31.60
C LEU A 1400 19.41 14.19 31.75
N ASP A 1401 20.69 14.38 31.44
CA ASP A 1401 21.65 13.32 31.68
C ASP A 1401 21.76 13.01 33.17
N GLN A 1402 21.71 14.05 34.00
CA GLN A 1402 21.72 13.82 35.44
C GLN A 1402 20.45 13.13 35.90
N TYR A 1403 19.35 13.34 35.19
CA TYR A 1403 18.07 12.79 35.61
C TYR A 1403 18.14 11.27 35.73
N LEU A 1404 18.63 10.60 34.70
CA LEU A 1404 18.66 9.14 34.71
C LEU A 1404 19.64 8.61 35.77
N GLU A 1405 20.81 9.22 35.87
CA GLU A 1405 21.79 8.78 36.85
C GLU A 1405 21.23 8.89 38.26
N GLN A 1406 20.51 9.97 38.55
CA GLN A 1406 19.92 10.10 39.88
C GLN A 1406 18.71 9.19 40.05
N ARG A 1407 17.94 8.99 38.98
CA ARG A 1407 16.79 8.09 39.03
C ARG A 1407 17.20 6.67 39.32
N GLU A 1408 18.45 6.32 39.03
CA GLU A 1408 18.96 5.01 39.43
C GLU A 1408 18.66 4.72 40.89
N THR A 1409 18.78 5.73 41.76
CA THR A 1409 18.51 5.59 43.19
C THR A 1409 17.65 6.74 43.70
N SER A 1410 16.60 7.10 42.96
CA SER A 1410 15.71 8.18 43.35
C SER A 1410 14.36 7.67 43.82
N ARG A 1411 14.35 6.53 44.50
CA ARG A 1411 13.10 5.94 44.94
C ARG A 1411 12.76 6.24 46.40
N ASN A 1412 13.77 6.42 47.25
CA ASN A 1412 13.51 6.74 48.65
C ASN A 1412 12.88 8.12 48.75
N PRO A 1413 11.70 8.25 49.34
CA PRO A 1413 11.05 9.58 49.40
C PRO A 1413 11.85 10.62 50.16
N LEU A 1414 12.65 10.22 51.14
CA LEU A 1414 13.46 11.14 51.92
C LEU A 1414 14.90 11.03 51.42
N SER A 1415 15.20 11.80 50.38
CA SER A 1415 16.53 11.83 49.78
C SER A 1415 16.59 13.02 48.85
N ARG A 1416 17.81 13.54 48.65
CA ARG A 1416 17.96 14.71 47.79
C ARG A 1416 17.53 14.40 46.36
N ALA A 1417 17.77 13.17 45.91
CA ALA A 1417 17.43 12.78 44.55
C ALA A 1417 15.95 12.97 44.27
N ALA A 1418 15.09 12.74 45.27
CA ALA A 1418 13.66 12.89 45.06
C ALA A 1418 13.31 14.33 44.71
N SER A 1419 13.82 15.27 45.49
CA SER A 1419 13.56 16.68 45.21
C SER A 1419 14.15 17.07 43.87
N PHE A 1420 15.35 16.59 43.56
CA PHE A 1420 15.98 16.94 42.29
C PHE A 1420 15.13 16.47 41.12
N ALA A 1421 14.69 15.21 41.16
CA ALA A 1421 13.89 14.67 40.08
C ALA A 1421 12.58 15.40 39.94
N SER A 1422 11.93 15.73 41.07
CA SER A 1422 10.67 16.45 41.00
C SER A 1422 10.86 17.81 40.35
N ARG A 1423 11.93 18.51 40.72
CA ARG A 1423 12.16 19.83 40.15
C ARG A 1423 12.38 19.73 38.65
N VAL A 1424 13.20 18.78 38.20
CA VAL A 1424 13.43 18.64 36.77
C VAL A 1424 12.13 18.32 36.05
N ARG A 1425 11.31 17.45 36.63
CA ARG A 1425 10.03 17.09 36.03
C ARG A 1425 9.15 18.32 35.83
N ARG A 1426 9.03 19.13 36.89
CA ARG A 1426 8.18 20.31 36.78
C ARG A 1426 8.71 21.28 35.73
N LEU A 1427 10.02 21.48 35.71
CA LEU A 1427 10.59 22.39 34.72
C LEU A 1427 10.27 21.93 33.30
N CYS A 1428 10.53 20.65 33.00
CA CYS A 1428 10.32 20.16 31.66
C CYS A 1428 8.85 20.25 31.26
N HIS A 1429 7.95 19.92 32.17
CA HIS A 1429 6.54 19.94 31.81
C HIS A 1429 6.06 21.36 31.57
N LEU A 1430 6.48 22.30 32.41
CA LEU A 1430 6.12 23.69 32.16
C LEU A 1430 6.64 24.16 30.82
N LEU A 1431 7.87 23.77 30.47
CA LEU A 1431 8.43 24.19 29.19
C LEU A 1431 7.62 23.65 28.03
N VAL A 1432 7.18 22.39 28.11
CA VAL A 1432 6.54 21.78 26.95
C VAL A 1432 5.03 21.97 26.91
N HIS A 1433 4.42 22.51 27.97
CA HIS A 1433 2.96 22.56 28.04
C HIS A 1433 2.31 23.48 27.04
N VAL A 1434 3.06 24.16 26.17
CA VAL A 1434 2.43 25.11 25.26
C VAL A 1434 2.03 24.49 23.93
N GLU A 1435 2.65 23.39 23.52
CA GLU A 1435 2.44 22.84 22.21
C GLU A 1435 1.01 22.32 22.05
N PRO A 1436 0.44 22.41 20.84
CA PRO A 1436 -0.92 21.95 20.57
C PRO A 1436 -0.99 20.51 20.07
N PRO A 1467 5.85 23.35 11.71
CA PRO A 1467 5.68 22.57 12.94
C PRO A 1467 5.65 23.45 14.18
N SER A 1468 6.72 23.42 14.97
CA SER A 1468 6.81 24.19 16.20
C SER A 1468 8.12 24.96 16.22
N SER A 1469 8.20 25.92 17.13
CA SER A 1469 9.36 26.80 17.20
C SER A 1469 10.38 26.31 18.22
N SER A 1470 9.93 26.01 19.43
CA SER A 1470 10.81 25.57 20.50
C SER A 1470 10.80 24.07 20.70
N LEU A 1471 9.73 23.38 20.28
CA LEU A 1471 9.67 21.95 20.48
C LEU A 1471 10.77 21.23 19.71
N ARG A 1472 11.19 21.80 18.58
CA ARG A 1472 12.26 21.19 17.80
C ARG A 1472 13.53 21.06 18.63
N ASN A 1473 13.90 22.13 19.33
CA ASN A 1473 15.15 22.12 20.06
C ASN A 1473 15.11 21.16 21.24
N ILE A 1474 14.02 21.15 21.99
CA ILE A 1474 13.93 20.23 23.12
C ILE A 1474 13.92 18.79 22.64
N THR A 1475 13.25 18.52 21.53
CA THR A 1475 13.27 17.17 20.98
C THR A 1475 14.68 16.77 20.57
N GLN A 1476 15.42 17.68 19.93
CA GLN A 1476 16.80 17.35 19.56
C GLN A 1476 17.68 17.14 20.78
N CYS A 1477 17.43 17.87 21.87
CA CYS A 1477 18.18 17.64 23.09
C CYS A 1477 17.91 16.24 23.64
N TRP A 1478 16.65 15.83 23.63
CA TRP A 1478 16.33 14.48 24.06
C TRP A 1478 17.02 13.45 23.17
N LEU A 1479 17.03 13.72 21.87
CA LEU A 1479 17.70 12.81 20.94
C LEU A 1479 19.18 12.68 21.26
N SER A 1480 19.83 13.81 21.51
CA SER A 1480 21.25 13.78 21.80
C SER A 1480 21.53 13.02 23.09
N VAL A 1481 20.72 13.25 24.12
CA VAL A 1481 20.93 12.56 25.39
C VAL A 1481 20.80 11.05 25.20
N VAL A 1482 19.73 10.63 24.52
CA VAL A 1482 19.51 9.20 24.33
C VAL A 1482 20.64 8.60 23.52
N GLN A 1483 21.08 9.29 22.47
CA GLN A 1483 22.15 8.79 21.62
C GLN A 1483 23.42 8.60 22.42
N GLU A 1484 23.78 9.56 23.25
CA GLU A 1484 25.00 9.43 24.05
C GLU A 1484 24.88 8.28 25.03
N GLN A 1485 23.72 8.15 25.69
CA GLN A 1485 23.53 7.07 26.65
C GLN A 1485 23.70 5.71 25.99
N VAL A 1486 23.06 5.52 24.83
CA VAL A 1486 23.12 4.22 24.16
C VAL A 1486 24.52 3.98 23.63
N SER A 1487 25.20 5.01 23.15
CA SER A 1487 26.57 4.83 22.68
C SER A 1487 27.46 4.34 23.81
N ARG A 1488 27.33 4.97 24.98
CA ARG A 1488 28.17 4.58 26.11
C ARG A 1488 27.89 3.13 26.50
N PHE A 1489 26.62 2.80 26.71
CA PHE A 1489 26.29 1.44 27.12
C PHE A 1489 26.76 0.43 26.08
N LEU A 1490 26.53 0.73 24.80
CA LEU A 1490 26.87 -0.21 23.76
C LEU A 1490 28.36 -0.46 23.72
N ALA A 1491 29.17 0.59 23.88
CA ALA A 1491 30.60 0.39 23.95
C ALA A 1491 30.98 -0.43 25.17
N ALA A 1492 30.24 -0.28 26.26
CA ALA A 1492 30.62 -0.96 27.50
C ALA A 1492 30.62 -2.47 27.34
N ALA A 1493 29.46 -3.04 27.03
CA ALA A 1493 29.23 -4.48 27.20
C ALA A 1493 28.72 -5.14 25.93
N TRP A 1494 29.38 -4.85 24.80
CA TRP A 1494 28.93 -5.43 23.55
C TRP A 1494 29.43 -6.85 23.34
N ARG A 1495 30.20 -7.40 24.27
CA ARG A 1495 30.65 -8.79 24.18
C ARG A 1495 30.16 -9.62 25.35
N ALA A 1496 29.23 -9.11 26.14
CA ALA A 1496 28.73 -9.86 27.28
C ALA A 1496 27.87 -11.02 26.81
N PRO A 1497 27.73 -12.06 27.63
CA PRO A 1497 26.78 -13.13 27.31
C PRO A 1497 25.33 -12.76 27.55
N ASP A 1498 25.04 -11.54 27.96
CA ASP A 1498 23.69 -11.09 28.26
C ASP A 1498 23.44 -9.73 27.62
N PHE A 1499 23.85 -9.59 26.35
CA PHE A 1499 23.72 -8.30 25.69
C PHE A 1499 22.26 -7.91 25.48
N VAL A 1500 21.46 -8.83 24.94
CA VAL A 1500 20.13 -8.48 24.47
C VAL A 1500 19.13 -8.18 25.60
N PRO A 1501 19.14 -8.90 26.74
CA PRO A 1501 18.22 -8.49 27.81
C PRO A 1501 18.55 -7.12 28.35
N ARG A 1502 19.84 -6.82 28.50
CA ARG A 1502 20.24 -5.50 28.97
C ARG A 1502 19.84 -4.42 27.98
N TYR A 1503 19.99 -4.70 26.69
CA TYR A 1503 19.58 -3.74 25.66
C TYR A 1503 18.09 -3.46 25.75
N CYS A 1504 17.28 -4.50 25.87
CA CYS A 1504 15.84 -4.30 25.98
C CYS A 1504 15.48 -3.54 27.26
N LYS A 1505 16.13 -3.86 28.38
CA LYS A 1505 15.85 -3.16 29.62
C LYS A 1505 16.21 -1.68 29.52
N LEU A 1506 17.31 -1.37 28.85
CA LEU A 1506 17.69 0.02 28.66
C LEU A 1506 16.65 0.75 27.82
N TYR A 1507 16.13 0.10 26.77
CA TYR A 1507 15.06 0.70 25.99
C TYR A 1507 13.86 1.02 26.88
N GLU A 1508 13.48 0.06 27.71
CA GLU A 1508 12.32 0.25 28.56
C GLU A 1508 12.54 1.42 29.53
N HIS A 1509 13.72 1.48 30.13
CA HIS A 1509 13.99 2.56 31.08
C HIS A 1509 13.96 3.91 30.39
N LEU A 1510 14.55 4.01 29.21
CA LEU A 1510 14.57 5.30 28.51
C LEU A 1510 13.17 5.72 28.13
N GLN A 1511 12.34 4.79 27.67
CA GLN A 1511 10.99 5.17 27.27
C GLN A 1511 10.15 5.60 28.47
N ARG A 1512 10.24 4.87 29.58
CA ARG A 1512 9.50 5.27 30.77
C ARG A 1512 9.97 6.62 31.27
N ALA A 1513 11.28 6.86 31.24
CA ALA A 1513 11.80 8.15 31.67
C ALA A 1513 11.28 9.27 30.78
N GLY A 1514 11.23 9.05 29.47
CA GLY A 1514 10.70 10.07 28.58
C GLY A 1514 9.25 10.37 28.86
N SER A 1515 8.44 9.33 29.08
CA SER A 1515 7.04 9.55 29.41
C SER A 1515 6.90 10.29 30.72
N GLU A 1516 7.82 10.07 31.66
CA GLU A 1516 7.74 10.79 32.93
C GLU A 1516 8.13 12.25 32.76
N LEU A 1517 9.14 12.52 31.94
CA LEU A 1517 9.68 13.86 31.81
C LEU A 1517 8.80 14.76 30.96
N PHE A 1518 8.16 14.22 29.93
CA PHE A 1518 7.44 15.08 29.00
C PHE A 1518 5.97 14.71 28.79
N GLY A 1519 5.47 13.67 29.45
CA GLY A 1519 4.11 13.24 29.23
C GLY A 1519 3.99 12.44 27.95
N PRO A 1520 2.81 11.90 27.70
CA PRO A 1520 2.63 11.09 26.49
C PRO A 1520 2.61 11.93 25.23
N ARG A 1521 3.66 11.82 24.42
CA ARG A 1521 3.72 12.49 23.13
C ARG A 1521 4.44 11.59 22.14
N ALA A 1522 4.07 11.73 20.86
CA ALA A 1522 4.65 10.88 19.84
C ALA A 1522 6.00 11.39 19.34
N ALA A 1523 6.19 12.72 19.31
CA ALA A 1523 7.42 13.27 18.76
C ALA A 1523 8.62 12.82 19.57
N PHE A 1524 8.47 12.71 20.88
CA PHE A 1524 9.58 12.26 21.71
C PHE A 1524 9.88 10.79 21.49
N MET A 1525 8.85 9.99 21.21
CA MET A 1525 9.09 8.60 20.83
C MET A 1525 9.87 8.52 19.53
N LEU A 1526 9.53 9.37 18.56
CA LEU A 1526 10.30 9.41 17.32
C LEU A 1526 11.75 9.79 17.61
N ALA A 1527 11.95 10.76 18.50
CA ALA A 1527 13.31 11.14 18.86
C ALA A 1527 14.06 9.96 19.48
N LEU A 1528 13.38 9.18 20.33
CA LEU A 1528 14.03 8.04 20.96
C LEU A 1528 14.44 7.01 19.92
N ARG A 1529 13.56 6.71 18.98
CA ARG A 1529 13.90 5.73 17.95
C ARG A 1529 15.06 6.22 17.10
N SER A 1530 15.05 7.50 16.72
CA SER A 1530 16.14 8.03 15.93
C SER A 1530 17.44 7.99 16.70
N GLY A 1531 17.39 8.25 18.01
CA GLY A 1531 18.59 8.21 18.81
C GLY A 1531 19.18 6.81 18.87
N PHE A 1532 18.32 5.81 19.07
CA PHE A 1532 18.82 4.44 19.09
C PHE A 1532 19.42 4.06 17.76
N SER A 1533 18.76 4.43 16.66
CA SER A 1533 19.30 4.15 15.35
C SER A 1533 20.67 4.80 15.16
N GLY A 1534 20.77 6.09 15.47
CA GLY A 1534 22.04 6.77 15.30
C GLY A 1534 23.14 6.16 16.15
N ALA A 1535 22.81 5.76 17.37
CA ALA A 1535 23.79 5.10 18.21
C ALA A 1535 24.26 3.80 17.59
N LEU A 1536 23.34 3.05 17.00
CA LEU A 1536 23.72 1.79 16.36
C LEU A 1536 24.65 2.06 15.18
N LEU A 1537 24.38 3.11 14.41
CA LEU A 1537 25.09 3.31 13.16
C LEU A 1537 26.59 3.50 13.41
N GLN A 1538 26.95 4.37 14.33
CA GLN A 1538 28.36 4.76 14.53
C GLN A 1538 29.09 3.64 15.27
N GLN A 1539 29.23 2.51 14.59
CA GLN A 1539 29.94 1.37 15.15
C GLN A 1539 30.68 0.64 14.05
N SER A 1540 31.80 0.01 14.41
CA SER A 1540 32.62 -0.72 13.45
C SER A 1540 31.88 -1.96 12.96
N PHE A 1541 32.33 -2.48 11.82
CA PHE A 1541 31.60 -3.53 11.15
C PHE A 1541 31.50 -4.79 11.99
N LEU A 1542 32.63 -5.23 12.55
CA LEU A 1542 32.62 -6.48 13.30
C LEU A 1542 31.69 -6.40 14.49
N THR A 1543 31.63 -5.23 15.14
CA THR A 1543 30.69 -5.05 16.24
C THR A 1543 29.25 -5.20 15.77
N ALA A 1544 28.92 -4.63 14.61
CA ALA A 1544 27.56 -4.74 14.08
C ALA A 1544 27.23 -6.18 13.73
N ALA A 1545 28.18 -6.91 13.15
CA ALA A 1545 27.94 -8.31 12.83
C ALA A 1545 27.69 -9.12 14.09
N HIS A 1546 28.51 -8.91 15.11
CA HIS A 1546 28.28 -9.62 16.37
C HIS A 1546 26.92 -9.27 16.96
N MET A 1547 26.52 -8.01 16.89
CA MET A 1547 25.23 -7.61 17.43
C MET A 1547 24.08 -8.31 16.72
N SER A 1548 24.14 -8.35 15.39
CA SER A 1548 23.08 -9.02 14.65
C SER A 1548 23.02 -10.50 14.99
N GLU A 1549 24.18 -11.14 15.07
CA GLU A 1549 24.19 -12.55 15.43
C GLU A 1549 23.57 -12.78 16.80
N GLN A 1550 23.88 -11.90 17.74
CA GLN A 1550 23.32 -12.05 19.08
C GLN A 1550 21.81 -11.89 19.08
N PHE A 1551 21.31 -10.91 18.33
CA PHE A 1551 19.86 -10.72 18.26
C PHE A 1551 19.17 -11.98 17.72
N ALA A 1552 19.68 -12.50 16.61
CA ALA A 1552 19.06 -13.68 16.02
C ALA A 1552 19.13 -14.87 16.96
N ARG A 1553 20.27 -15.06 17.62
CA ARG A 1553 20.41 -16.17 18.53
C ARG A 1553 19.42 -16.05 19.68
N TYR A 1554 19.20 -14.83 20.16
CA TYR A 1554 18.25 -14.63 21.25
C TYR A 1554 16.85 -15.02 20.81
N ILE A 1555 16.43 -14.56 19.64
CA ILE A 1555 15.08 -14.89 19.18
C ILE A 1555 14.92 -16.39 19.06
N ASP A 1556 15.93 -17.05 18.47
CA ASP A 1556 15.84 -18.50 18.30
C ASP A 1556 15.79 -19.22 19.63
N GLN A 1557 16.61 -18.80 20.59
CA GLN A 1557 16.64 -19.46 21.88
C GLN A 1557 15.31 -19.32 22.60
N GLN A 1558 14.72 -18.13 22.57
CA GLN A 1558 13.44 -17.92 23.23
C GLN A 1558 12.36 -18.79 22.60
N ILE A 1559 12.29 -18.83 21.27
CA ILE A 1559 11.25 -19.61 20.62
C ILE A 1559 11.44 -21.10 20.92
N GLN A 1560 12.67 -21.58 20.83
CA GLN A 1560 12.90 -23.00 21.07
C GLN A 1560 12.57 -23.37 22.51
N GLY A 1561 12.98 -22.53 23.46
CA GLY A 1561 12.63 -22.80 24.85
C GLY A 1561 11.14 -22.80 25.09
N GLY A 1562 10.43 -21.87 24.46
CA GLY A 1562 8.98 -21.85 24.62
C GLY A 1562 8.33 -23.10 24.06
N LEU A 1563 8.86 -23.62 22.96
CA LEU A 1563 8.26 -24.81 22.36
C LEU A 1563 8.57 -26.07 23.17
N ILE A 1564 9.79 -26.21 23.68
CA ILE A 1564 10.11 -27.41 24.45
C ILE A 1564 9.74 -27.23 25.92
N GLY A 1565 10.02 -26.07 26.50
CA GLY A 1565 9.76 -25.89 27.92
C GLY A 1565 8.28 -25.70 28.17
N GLY A 1566 7.72 -26.54 29.03
CA GLY A 1566 6.30 -26.48 29.30
C GLY A 1566 5.87 -25.50 30.37
N ALA A 1567 6.41 -25.64 31.57
CA ALA A 1567 5.88 -24.86 32.70
C ALA A 1567 6.28 -23.40 32.63
N PRO A 1568 7.56 -23.03 32.46
CA PRO A 1568 7.90 -21.61 32.36
C PRO A 1568 7.92 -21.08 30.92
N GLY A 1569 7.57 -21.91 29.94
CA GLY A 1569 7.58 -21.45 28.57
C GLY A 1569 6.64 -20.29 28.32
N VAL A 1570 5.54 -20.23 29.06
CA VAL A 1570 4.61 -19.12 28.92
C VAL A 1570 5.29 -17.81 29.31
N GLU A 1571 6.10 -17.84 30.37
CA GLU A 1571 6.85 -16.65 30.77
C GLU A 1571 7.83 -16.23 29.68
N MET A 1572 8.54 -17.21 29.09
CA MET A 1572 9.47 -16.90 28.03
C MET A 1572 8.76 -16.25 26.84
N LEU A 1573 7.59 -16.77 26.47
CA LEU A 1573 6.89 -16.24 25.32
C LEU A 1573 6.36 -14.84 25.60
N GLY A 1574 5.82 -14.61 26.79
CA GLY A 1574 5.39 -13.26 27.13
C GLY A 1574 6.54 -12.27 27.11
N GLN A 1575 7.69 -12.67 27.67
CA GLN A 1575 8.85 -11.80 27.63
C GLN A 1575 9.30 -11.55 26.20
N LEU A 1576 9.18 -12.55 25.34
CA LEU A 1576 9.56 -12.37 23.95
C LEU A 1576 8.66 -11.35 23.25
N GLN A 1577 7.35 -11.45 23.47
CA GLN A 1577 6.46 -10.47 22.85
C GLN A 1577 6.72 -9.07 23.38
N ARG A 1578 7.03 -8.96 24.67
CA ARG A 1578 7.39 -7.65 25.20
C ARG A 1578 8.68 -7.13 24.58
N HIS A 1579 9.67 -8.01 24.40
CA HIS A 1579 11.00 -7.59 23.98
C HIS A 1579 11.12 -7.41 22.49
N LEU A 1580 10.13 -7.83 21.71
CA LEU A 1580 10.26 -7.68 20.26
C LEU A 1580 10.34 -6.21 19.84
N GLU A 1581 9.72 -5.31 20.60
CA GLU A 1581 9.62 -3.92 20.17
C GLU A 1581 10.95 -3.24 19.95
N PRO A 1582 11.96 -3.37 20.83
CA PRO A 1582 13.25 -2.72 20.54
C PRO A 1582 13.90 -3.19 19.26
N ILE A 1583 13.77 -4.47 18.90
CA ILE A 1583 14.45 -4.98 17.72
C ILE A 1583 13.95 -4.33 16.45
N MET A 1584 12.75 -3.74 16.47
CA MET A 1584 12.24 -3.09 15.26
C MET A 1584 13.05 -1.88 14.87
N VAL A 1585 13.96 -1.41 15.72
CA VAL A 1585 14.77 -0.26 15.37
C VAL A 1585 15.66 -0.56 14.17
N LEU A 1586 15.94 -1.83 13.90
CA LEU A 1586 16.90 -2.19 12.87
C LEU A 1586 16.37 -1.94 11.47
N SER A 1587 15.07 -1.74 11.31
CA SER A 1587 14.52 -1.45 9.99
C SER A 1587 15.07 -0.12 9.48
N GLY A 1588 15.49 -0.11 8.22
CA GLY A 1588 16.10 1.07 7.66
C GLY A 1588 17.59 1.22 7.92
N LEU A 1589 18.30 0.10 8.08
CA LEU A 1589 19.74 0.12 8.24
C LEU A 1589 20.33 -1.08 7.53
N GLU A 1590 21.63 -1.04 7.28
CA GLU A 1590 22.31 -2.23 6.74
C GLU A 1590 22.28 -3.38 7.73
N LEU A 1591 22.07 -3.09 9.00
CA LEU A 1591 21.91 -4.14 9.98
C LEU A 1591 20.76 -5.06 9.64
N ALA A 1592 19.75 -4.54 8.95
CA ALA A 1592 18.67 -5.40 8.47
C ALA A 1592 19.21 -6.46 7.53
N THR A 1593 20.08 -6.05 6.60
CA THR A 1593 20.64 -7.00 5.65
C THR A 1593 21.49 -8.04 6.36
N THR A 1594 22.32 -7.62 7.31
CA THR A 1594 23.17 -8.59 7.96
C THR A 1594 22.42 -9.46 8.96
N PHE A 1595 21.26 -9.03 9.42
CA PHE A 1595 20.46 -9.75 10.41
C PHE A 1595 19.55 -10.78 9.75
N GLU A 1596 19.06 -10.47 8.56
CA GLU A 1596 18.26 -11.44 7.81
C GLU A 1596 19.02 -12.74 7.58
N HIS A 1597 20.33 -12.64 7.37
CA HIS A 1597 21.13 -13.81 7.06
C HIS A 1597 21.10 -14.82 8.20
N PHE A 1598 21.42 -14.38 9.41
CA PHE A 1598 21.45 -15.29 10.53
C PHE A 1598 20.05 -15.75 10.89
N TYR A 1599 19.05 -14.89 10.73
CA TYR A 1599 17.70 -15.36 10.98
C TYR A 1599 17.34 -16.50 10.04
N GLN A 1600 17.75 -16.38 8.77
CA GLN A 1600 17.55 -17.47 7.82
C GLN A 1600 18.19 -18.75 8.32
N HIS A 1601 19.47 -18.67 8.69
CA HIS A 1601 20.18 -19.88 9.08
C HIS A 1601 19.52 -20.57 10.25
N TYR A 1602 19.10 -19.80 11.25
CA TYR A 1602 18.53 -20.45 12.44
C TYR A 1602 17.11 -20.93 12.20
N MET A 1603 16.32 -20.17 11.44
CA MET A 1603 14.94 -20.58 11.20
C MET A 1603 14.89 -21.84 10.36
N ALA A 1604 15.85 -22.04 9.47
CA ALA A 1604 15.89 -23.29 8.71
C ALA A 1604 15.89 -24.49 9.64
N ASP A 1605 16.80 -24.50 10.60
CA ASP A 1605 16.89 -25.62 11.52
C ASP A 1605 15.65 -25.72 12.38
N ARG A 1606 15.11 -24.58 12.81
CA ARG A 1606 13.90 -24.63 13.64
C ARG A 1606 12.74 -25.27 12.88
N LEU A 1607 12.54 -24.87 11.63
CA LEU A 1607 11.44 -25.41 10.83
C LEU A 1607 11.64 -26.89 10.56
N LEU A 1608 12.87 -27.31 10.27
CA LEU A 1608 13.10 -28.71 9.96
C LEU A 1608 12.91 -29.59 11.19
N SER A 1609 13.49 -29.20 12.32
CA SER A 1609 13.45 -30.05 13.51
C SER A 1609 12.03 -30.16 14.05
N PHE A 1610 11.35 -29.04 14.22
CA PHE A 1610 10.00 -29.05 14.78
C PHE A 1610 8.94 -29.01 13.70
N SER A 1613 6.30 -24.87 12.19
CA SER A 1613 5.47 -24.62 13.36
C SER A 1613 4.53 -23.45 13.10
N TRP A 1614 3.88 -22.98 14.16
CA TRP A 1614 2.87 -21.93 14.05
C TRP A 1614 3.25 -20.63 14.73
N LEU A 1615 4.19 -20.66 15.67
CA LEU A 1615 4.63 -19.43 16.32
C LEU A 1615 5.54 -18.62 15.41
N GLU A 1616 6.17 -19.25 14.43
CA GLU A 1616 7.05 -18.51 13.54
C GLU A 1616 6.28 -17.46 12.76
N GLY A 1617 5.09 -17.81 12.27
CA GLY A 1617 4.27 -16.83 11.60
C GLY A 1617 3.85 -15.69 12.52
N ALA A 1618 3.54 -16.02 13.77
CA ALA A 1618 3.18 -14.98 14.72
C ALA A 1618 4.32 -14.00 14.92
N VAL A 1619 5.54 -14.51 15.06
CA VAL A 1619 6.69 -13.63 15.23
C VAL A 1619 6.91 -12.80 13.99
N LEU A 1620 6.80 -13.42 12.81
CA LEU A 1620 6.99 -12.69 11.57
C LEU A 1620 5.91 -11.64 11.35
N GLU A 1621 4.76 -11.77 12.00
CA GLU A 1621 3.72 -10.77 11.83
C GLU A 1621 4.10 -9.42 12.41
N GLN A 1622 5.04 -9.37 13.35
CA GLN A 1622 5.48 -8.12 13.94
C GLN A 1622 6.94 -7.77 13.66
N ILE A 1623 7.78 -8.76 13.35
CA ILE A 1623 9.14 -8.48 12.92
C ILE A 1623 9.25 -8.47 11.40
N GLY A 1624 8.13 -8.39 10.69
CA GLY A 1624 8.16 -8.55 9.26
C GLY A 1624 8.91 -7.44 8.54
N LEU A 1625 8.71 -6.20 8.95
CA LEU A 1625 9.29 -5.07 8.23
C LEU A 1625 10.81 -5.09 8.26
N CYS A 1626 11.41 -5.75 9.24
CA CYS A 1626 12.86 -5.63 9.43
C CYS A 1626 13.62 -6.28 8.29
N PHE A 1627 13.08 -7.33 7.67
CA PHE A 1627 13.80 -8.08 6.67
C PHE A 1627 13.63 -7.45 5.30
N PRO A 1628 14.71 -6.97 4.67
CA PRO A 1628 14.57 -6.31 3.36
C PRO A 1628 14.11 -7.21 2.23
N ASN A 1629 14.75 -8.36 2.07
CA ASN A 1629 14.47 -9.23 0.95
C ASN A 1629 13.35 -10.22 1.21
N ARG A 1630 12.75 -10.20 2.40
CA ARG A 1630 11.55 -10.95 2.71
C ARG A 1630 11.72 -12.46 2.58
N LEU A 1631 12.95 -12.96 2.62
CA LEU A 1631 13.16 -14.40 2.49
C LEU A 1631 12.45 -15.22 3.56
N PRO A 1632 12.41 -14.82 4.83
CA PRO A 1632 11.71 -15.64 5.83
C PRO A 1632 10.28 -15.97 5.50
N GLN A 1633 9.51 -15.03 4.94
CA GLN A 1633 8.15 -15.37 4.54
C GLN A 1633 8.14 -16.32 3.35
N LEU A 1634 9.12 -16.18 2.47
CA LEU A 1634 9.22 -17.06 1.32
C LEU A 1634 9.39 -18.50 1.74
N MET A 1635 10.09 -18.75 2.85
CA MET A 1635 10.23 -20.12 3.32
C MET A 1635 8.88 -20.75 3.67
N LEU A 1636 8.02 -20.01 4.36
CA LEU A 1636 6.71 -20.55 4.74
C LEU A 1636 5.84 -20.76 3.50
N GLN A 1637 5.89 -19.82 2.57
CA GLN A 1637 5.19 -20.03 1.31
C GLN A 1637 5.66 -21.32 0.65
N SER A 1638 6.95 -21.61 0.72
CA SER A 1638 7.48 -22.84 0.13
C SER A 1638 6.91 -24.06 0.79
N LEU A 1639 6.76 -24.04 2.12
CA LEU A 1639 6.16 -25.19 2.79
C LEU A 1639 4.74 -25.44 2.30
N SER A 1640 3.95 -24.37 2.17
CA SER A 1640 2.59 -24.53 1.66
C SER A 1640 2.59 -25.13 0.25
N THR A 1641 3.49 -24.64 -0.61
CA THR A 1641 3.56 -25.18 -1.96
C THR A 1641 3.88 -26.67 -1.94
N SER A 1642 4.77 -27.09 -1.04
CA SER A 1642 5.10 -28.50 -0.96
C SER A 1642 3.88 -29.34 -0.61
N GLU A 1643 3.06 -28.85 0.31
CA GLU A 1643 1.84 -29.59 0.65
C GLU A 1643 0.92 -29.74 -0.56
N GLU A 1644 0.73 -28.65 -1.30
CA GLU A 1644 -0.09 -28.74 -2.51
C GLU A 1644 0.49 -29.76 -3.50
N LEU A 1645 1.81 -29.78 -3.64
CA LEU A 1645 2.46 -30.72 -4.53
C LEU A 1645 2.18 -32.15 -4.13
N GLN A 1646 2.20 -32.44 -2.83
CA GLN A 1646 1.90 -33.80 -2.38
C GLN A 1646 0.49 -34.20 -2.79
N ARG A 1647 -0.47 -33.29 -2.61
CA ARG A 1647 -1.84 -33.63 -3.01
C ARG A 1647 -1.92 -33.93 -4.51
N GLN A 1648 -1.27 -33.10 -5.32
CA GLN A 1648 -1.24 -33.36 -6.76
C GLN A 1648 -0.64 -34.72 -7.07
N PHE A 1649 0.43 -35.09 -6.37
CA PHE A 1649 1.07 -36.37 -6.61
C PHE A 1649 0.12 -37.53 -6.35
N HIS A 1650 -0.66 -37.44 -5.27
CA HIS A 1650 -1.64 -38.49 -5.00
C HIS A 1650 -2.64 -38.62 -6.15
N LEU A 1651 -3.14 -37.47 -6.63
CA LEU A 1651 -4.10 -37.52 -7.73
C LEU A 1651 -3.47 -38.15 -8.98
N PHE A 1652 -2.21 -37.82 -9.25
CA PHE A 1652 -1.52 -38.40 -10.39
C PHE A 1652 -1.42 -39.91 -10.28
N GLN A 1653 -1.08 -40.41 -9.09
CA GLN A 1653 -1.02 -41.86 -8.91
C GLN A 1653 -2.35 -42.51 -9.23
N LEU A 1654 -3.43 -41.93 -8.73
CA LEU A 1654 -4.74 -42.51 -9.00
C LEU A 1654 -5.03 -42.53 -10.50
N GLN A 1655 -4.70 -41.45 -11.20
CA GLN A 1655 -4.92 -41.41 -12.63
C GLN A 1655 -4.14 -42.49 -13.35
N ARG A 1656 -2.88 -42.70 -12.98
CA ARG A 1656 -2.08 -43.72 -13.64
C ARG A 1656 -2.65 -45.11 -13.42
N LEU A 1657 -3.10 -45.39 -12.19
CA LEU A 1657 -3.73 -46.69 -11.94
C LEU A 1657 -4.96 -46.87 -12.80
N ASP A 1658 -5.74 -45.79 -12.98
CA ASP A 1658 -6.93 -45.88 -13.82
C ASP A 1658 -6.56 -46.20 -15.27
N LYS A 1659 -5.52 -45.55 -15.79
CA LYS A 1659 -5.10 -45.83 -17.17
C LYS A 1659 -4.64 -47.28 -17.30
N LEU A 1660 -3.90 -47.79 -16.32
CA LEU A 1660 -3.46 -49.17 -16.38
C LEU A 1660 -4.64 -50.14 -16.39
N PHE A 1661 -5.63 -49.88 -15.53
CA PHE A 1661 -6.79 -50.77 -15.49
C PHE A 1661 -7.58 -50.69 -16.79
N LEU A 1662 -7.72 -49.51 -17.37
CA LEU A 1662 -8.39 -49.40 -18.67
C LEU A 1662 -7.65 -50.20 -19.73
N GLU A 1663 -6.32 -50.08 -19.78
CA GLU A 1663 -5.56 -50.81 -20.79
C GLU A 1663 -5.71 -52.32 -20.60
N GLN A 1664 -5.65 -52.78 -19.36
CA GLN A 1664 -5.78 -54.21 -19.11
C GLN A 1664 -7.16 -54.72 -19.49
N GLU A 1665 -8.21 -53.99 -19.10
CA GLU A 1665 -9.58 -54.45 -19.32
C GLU A 1665 -10.15 -53.99 -20.65
N ASP A 1666 -9.35 -53.34 -21.49
CA ASP A 1666 -9.84 -52.92 -22.80
C ASP A 1666 -10.19 -54.08 -23.70
N GLU A 1667 -9.76 -55.30 -23.35
CA GLU A 1667 -10.05 -56.48 -24.16
C GLU A 1667 -11.55 -56.75 -24.21
N PRO A 1693 2.07 -51.87 7.61
CA PRO A 1693 3.10 -52.77 7.07
C PRO A 1693 4.09 -52.05 6.16
N SER A 1694 3.78 -50.81 5.80
CA SER A 1694 4.63 -50.01 4.92
C SER A 1694 4.96 -48.69 5.60
N PRO A 1695 6.22 -48.27 5.61
CA PRO A 1695 6.56 -46.97 6.17
C PRO A 1695 5.87 -45.84 5.42
N ALA A 1696 5.44 -44.83 6.15
CA ALA A 1696 4.76 -43.67 5.57
C ALA A 1696 5.79 -42.59 5.26
N ILE A 1697 5.96 -42.28 3.98
CA ILE A 1697 6.98 -41.35 3.53
C ILE A 1697 6.31 -40.09 3.01
N SER A 1698 6.72 -38.94 3.56
CA SER A 1698 6.29 -37.64 3.08
C SER A 1698 7.50 -36.86 2.61
N ILE A 1699 7.37 -36.19 1.48
CA ILE A 1699 8.49 -35.55 0.80
C ILE A 1699 8.28 -34.05 0.81
N LEU A 1700 9.33 -33.30 1.12
CA LEU A 1700 9.29 -31.85 1.20
C LEU A 1700 10.30 -31.27 0.23
N VAL A 1701 9.83 -30.40 -0.66
CA VAL A 1701 10.65 -29.81 -1.72
C VAL A 1701 10.88 -28.36 -1.39
N LEU A 1702 12.14 -27.93 -1.47
CA LEU A 1702 12.52 -26.57 -1.13
C LEU A 1702 13.07 -25.85 -2.36
N SER A 1703 12.85 -24.57 -2.40
CA SER A 1703 13.40 -23.75 -3.47
C SER A 1703 14.81 -23.30 -3.12
N PRO A 1704 15.69 -23.12 -4.12
CA PRO A 1704 17.04 -22.63 -3.85
C PRO A 1704 17.14 -21.13 -3.73
N ARG A 1705 16.11 -20.39 -4.13
CA ARG A 1705 16.17 -18.94 -4.01
C ARG A 1705 16.22 -18.52 -2.54
N CYS A 1706 15.38 -19.11 -1.71
CA CYS A 1706 15.16 -18.66 -0.34
C CYS A 1706 15.35 -19.78 0.65
N TRP A 1707 16.38 -20.60 0.48
CA TRP A 1707 16.68 -21.64 1.44
C TRP A 1707 18.18 -21.91 1.47
N PRO A 1708 18.82 -21.71 2.61
CA PRO A 1708 20.26 -21.98 2.71
C PRO A 1708 20.53 -23.45 2.97
N VAL A 1709 21.16 -24.10 2.01
CA VAL A 1709 21.60 -25.49 2.16
C VAL A 1709 23.06 -25.56 1.74
N SER A 1710 23.91 -26.03 2.64
CA SER A 1710 25.31 -26.17 2.31
C SER A 1710 25.50 -27.40 1.42
N PRO A 1711 26.25 -27.28 0.31
CA PRO A 1711 26.41 -28.44 -0.58
C PRO A 1711 27.13 -29.59 0.06
N LEU A 1712 27.69 -29.41 1.27
CA LEU A 1712 28.20 -30.53 2.03
C LEU A 1712 27.09 -31.38 2.61
N CYS A 1713 25.87 -30.85 2.70
CA CYS A 1713 24.76 -31.60 3.28
C CYS A 1713 24.02 -32.43 2.25
N TYR A 1714 24.46 -32.44 1.01
CA TYR A 1714 23.77 -33.15 -0.05
C TYR A 1714 23.88 -34.67 0.15
N LEU A 1715 22.99 -35.38 -0.53
CA LEU A 1715 23.09 -36.82 -0.70
C LEU A 1715 23.20 -37.09 -2.18
N TYR A 1716 24.23 -37.83 -2.59
CA TYR A 1716 24.55 -38.03 -3.99
C TYR A 1716 24.09 -39.37 -4.54
N HIS A 1717 24.47 -40.46 -3.88
CA HIS A 1717 24.07 -41.79 -4.33
C HIS A 1717 23.07 -42.38 -3.35
N PRO A 1718 21.79 -42.43 -3.69
CA PRO A 1718 20.79 -42.92 -2.74
C PRO A 1718 20.90 -44.41 -2.46
N ARG A 1719 21.06 -45.20 -3.51
CA ARG A 1719 21.15 -46.65 -3.33
C ARG A 1719 22.37 -47.05 -2.52
N LYS A 1720 23.38 -46.19 -2.46
CA LYS A 1720 24.57 -46.51 -1.71
C LYS A 1720 24.34 -46.46 -0.20
N CYS A 1721 23.35 -45.69 0.27
CA CYS A 1721 23.16 -45.49 1.71
C CYS A 1721 21.70 -45.55 2.13
N LEU A 1722 20.86 -46.30 1.40
CA LEU A 1722 19.44 -46.36 1.70
C LEU A 1722 18.92 -47.74 1.35
N PRO A 1723 17.87 -48.22 2.05
CA PRO A 1723 17.21 -49.45 1.62
C PRO A 1723 16.49 -49.32 0.28
N THR A 1724 15.92 -50.42 -0.19
CA THR A 1724 15.38 -50.48 -1.56
C THR A 1724 13.97 -49.91 -1.67
N GLU A 1725 13.10 -50.20 -0.71
CA GLU A 1725 11.73 -49.67 -0.77
C GLU A 1725 11.73 -48.15 -0.72
N PHE A 1726 12.54 -47.57 0.17
CA PHE A 1726 12.64 -46.13 0.24
C PHE A 1726 13.12 -45.55 -1.08
N CYS A 1727 14.12 -46.18 -1.68
CA CYS A 1727 14.64 -45.72 -2.96
C CYS A 1727 13.57 -45.79 -4.03
N ASP A 1728 12.75 -46.84 -4.00
CA ASP A 1728 11.68 -46.96 -4.99
C ASP A 1728 10.68 -45.82 -4.85
N ALA A 1729 10.28 -45.52 -3.61
CA ALA A 1729 9.34 -44.43 -3.39
C ALA A 1729 9.91 -43.10 -3.88
N LEU A 1730 11.18 -42.84 -3.53
CA LEU A 1730 11.80 -41.59 -3.94
C LEU A 1730 11.90 -41.51 -5.47
N ASP A 1731 12.24 -42.62 -6.11
CA ASP A 1731 12.37 -42.63 -7.56
C ASP A 1731 11.03 -42.35 -8.22
N ARG A 1732 9.96 -42.94 -7.71
CA ARG A 1732 8.66 -42.71 -8.34
C ARG A 1732 8.21 -41.27 -8.13
N PHE A 1733 8.49 -40.69 -6.97
CA PHE A 1733 8.14 -39.28 -6.78
C PHE A 1733 8.93 -38.40 -7.73
N SER A 1734 10.21 -38.70 -7.92
CA SER A 1734 11.02 -37.90 -8.84
C SER A 1734 10.47 -38.01 -10.24
N SER A 1735 10.05 -39.20 -10.64
CA SER A 1735 9.43 -39.36 -11.95
C SER A 1735 8.18 -38.51 -12.05
N PHE A 1736 7.38 -38.47 -10.99
CA PHE A 1736 6.19 -37.62 -11.02
C PHE A 1736 6.56 -36.17 -11.22
N TYR A 1737 7.59 -35.70 -10.51
CA TYR A 1737 8.00 -34.31 -10.66
C TYR A 1737 8.42 -34.03 -12.10
N SER A 1738 9.22 -34.92 -12.67
CA SER A 1738 9.68 -34.73 -14.04
C SER A 1738 8.49 -34.66 -14.99
N GLN A 1739 7.57 -35.62 -14.90
CA GLN A 1739 6.44 -35.63 -15.82
C GLN A 1739 5.52 -34.45 -15.61
N SER A 1740 5.44 -33.93 -14.37
CA SER A 1740 4.62 -32.76 -14.12
C SER A 1740 5.28 -31.50 -14.67
N GLN A 1741 6.60 -31.49 -14.82
CA GLN A 1741 7.29 -30.37 -15.44
C GLN A 1741 7.20 -30.48 -16.97
N ASN A 1742 5.97 -30.42 -17.47
CA ASN A 1742 5.73 -30.59 -18.91
C ASN A 1742 4.43 -29.91 -19.30
N HIS A 1743 4.45 -29.18 -20.41
CA HIS A 1743 3.24 -28.61 -20.98
C HIS A 1743 3.45 -28.26 -22.45
N VAL A 1745 4.00 -25.02 -22.45
CA VAL A 1745 4.83 -23.87 -22.81
C VAL A 1745 6.19 -23.98 -22.14
N LEU A 1746 6.24 -24.70 -21.02
CA LEU A 1746 7.51 -24.94 -20.35
C LEU A 1746 8.43 -25.84 -21.14
N ASP A 1747 8.02 -26.29 -22.34
CA ASP A 1747 8.94 -27.02 -23.20
C ASP A 1747 10.14 -26.15 -23.57
N MET A 1748 9.90 -24.87 -23.82
CA MET A 1748 10.97 -23.92 -24.08
C MET A 1748 11.39 -23.29 -22.75
N GLY A 1749 12.63 -23.52 -22.34
CA GLY A 1749 13.12 -23.07 -21.07
C GLY A 1749 13.90 -24.15 -20.36
N PRO A 1750 14.52 -23.80 -19.23
CA PRO A 1750 15.33 -24.78 -18.51
C PRO A 1750 14.46 -25.82 -17.82
N HIS A 1751 15.13 -26.85 -17.32
CA HIS A 1751 14.45 -27.98 -16.72
C HIS A 1751 14.86 -28.12 -15.25
N ARG A 1752 13.93 -28.61 -14.44
CA ARG A 1752 14.13 -28.72 -13.01
C ARG A 1752 14.43 -30.15 -12.61
N ARG A 1753 15.11 -30.30 -11.47
CA ARG A 1753 15.63 -31.58 -11.03
C ARG A 1753 15.35 -31.77 -9.55
N LEU A 1754 15.94 -32.80 -8.94
CA LEU A 1754 15.78 -33.03 -7.51
C LEU A 1754 17.08 -33.57 -6.94
N GLN A 1755 17.68 -32.84 -6.01
CA GLN A 1755 18.85 -33.27 -5.27
C GLN A 1755 18.40 -33.55 -3.84
N TRP A 1756 18.62 -34.76 -3.37
CA TRP A 1756 18.16 -35.19 -2.07
C TRP A 1756 19.17 -34.83 -1.00
N THR A 1757 18.69 -34.51 0.19
CA THR A 1757 19.56 -34.05 1.26
C THR A 1757 19.43 -34.95 2.49
N TRP A 1758 20.42 -34.84 3.37
CA TRP A 1758 20.45 -35.60 4.61
C TRP A 1758 19.59 -34.99 5.70
N LEU A 1759 18.91 -33.89 5.43
CA LEU A 1759 18.08 -33.25 6.43
C LEU A 1759 16.81 -34.07 6.68
N GLY A 1760 15.98 -33.58 7.59
CA GLY A 1760 14.69 -34.18 7.85
C GLY A 1760 14.66 -34.87 9.21
N ARG A 1761 13.47 -35.39 9.53
CA ARG A 1761 13.23 -36.05 10.80
C ARG A 1761 12.58 -37.41 10.55
N ALA A 1762 12.70 -38.30 11.53
CA ALA A 1762 12.11 -39.61 11.42
C ALA A 1762 11.72 -40.10 12.81
N GLU A 1763 10.69 -40.93 12.84
CA GLU A 1763 10.19 -41.52 14.09
C GLU A 1763 10.22 -43.03 13.96
N LEU A 1764 10.78 -43.69 14.97
CA LEU A 1764 10.92 -45.14 15.00
C LEU A 1764 10.25 -45.69 16.25
N GLN A 1765 9.80 -46.93 16.17
CA GLN A 1765 9.12 -47.59 17.29
C GLN A 1765 9.93 -48.83 17.66
N PHE A 1766 10.76 -48.73 18.68
CA PHE A 1766 11.63 -49.83 19.06
C PHE A 1766 11.19 -50.36 20.41
N GLY A 1767 10.90 -51.66 20.46
CA GLY A 1767 10.42 -52.25 21.70
C GLY A 1767 9.19 -51.53 22.19
N LYS A 1768 9.21 -51.17 23.47
CA LYS A 1768 8.13 -50.37 24.03
C LYS A 1768 8.25 -48.90 23.65
N GLN A 1769 9.47 -48.39 23.48
CA GLN A 1769 9.68 -46.96 23.37
C GLN A 1769 9.54 -46.48 21.94
N ILE A 1770 9.28 -45.18 21.81
CA ILE A 1770 9.23 -44.50 20.53
C ILE A 1770 10.34 -43.46 20.51
N LEU A 1771 11.19 -43.53 19.50
CA LEU A 1771 12.36 -42.70 19.37
C LEU A 1771 12.17 -41.72 18.21
N HIS A 1772 12.75 -40.54 18.35
CA HIS A 1772 12.79 -39.56 17.26
C HIS A 1772 14.24 -39.24 16.94
N VAL A 1773 14.59 -39.29 15.66
CA VAL A 1773 15.96 -39.09 15.22
C VAL A 1773 15.94 -38.26 13.94
N SER A 1774 17.12 -37.94 13.44
CA SER A 1774 17.30 -37.31 12.15
C SER A 1774 17.61 -38.37 11.11
N THR A 1775 17.77 -37.92 9.86
CA THR A 1775 17.95 -38.87 8.77
C THR A 1775 19.25 -39.65 8.93
N VAL A 1776 20.35 -38.94 9.21
CA VAL A 1776 21.63 -39.62 9.38
C VAL A 1776 21.58 -40.56 10.57
N GLN A 1777 20.89 -40.15 11.64
CA GLN A 1777 20.76 -41.03 12.78
C GLN A 1777 19.89 -42.22 12.45
N MET A 1778 18.87 -42.03 11.62
CA MET A 1778 18.08 -43.17 11.16
C MET A 1778 18.94 -44.14 10.39
N TRP A 1779 19.84 -43.63 9.54
CA TRP A 1779 20.74 -44.49 8.78
C TRP A 1779 21.62 -45.30 9.72
N LEU A 1780 22.29 -44.61 10.65
CA LEU A 1780 23.14 -45.31 11.61
C LEU A 1780 22.35 -46.37 12.37
N LEU A 1781 21.11 -46.05 12.75
CA LEU A 1781 20.38 -46.98 13.58
C LEU A 1781 19.92 -48.18 12.77
N LEU A 1782 19.40 -47.96 11.57
CA LEU A 1782 18.93 -49.08 10.76
C LEU A 1782 20.07 -49.96 10.33
N LYS A 1783 21.31 -49.46 10.34
CA LYS A 1783 22.43 -50.34 10.05
C LYS A 1783 22.51 -51.50 11.03
N PHE A 1784 22.17 -51.26 12.29
CA PHE A 1784 22.24 -52.31 13.31
C PHE A 1784 21.12 -53.34 13.20
N ASN A 1785 20.30 -53.33 12.16
CA ASN A 1785 19.17 -54.25 12.09
C ASN A 1785 19.63 -55.71 12.04
N GLN A 1786 20.76 -55.98 11.38
CA GLN A 1786 21.24 -57.35 11.24
C GLN A 1786 22.70 -57.49 11.64
N THR A 1787 23.23 -56.55 12.42
CA THR A 1787 24.62 -56.57 12.84
C THR A 1787 24.73 -56.02 14.25
N GLU A 1788 25.75 -56.49 14.98
CA GLU A 1788 25.94 -56.14 16.37
C GLU A 1788 27.05 -55.13 16.61
N GLU A 1789 27.85 -54.82 15.59
CA GLU A 1789 28.95 -53.87 15.75
C GLU A 1789 29.32 -53.29 14.41
N VAL A 1790 29.63 -51.99 14.39
CA VAL A 1790 30.15 -51.31 13.21
C VAL A 1790 31.36 -50.46 13.63
N SER A 1791 32.35 -50.41 12.75
CA SER A 1791 33.53 -49.59 12.94
C SER A 1791 33.27 -48.18 12.42
N VAL A 1792 33.65 -47.18 13.22
CA VAL A 1792 33.45 -45.79 12.81
C VAL A 1792 34.17 -45.52 11.49
N GLU A 1793 35.34 -46.13 11.30
CA GLU A 1793 36.06 -45.96 10.04
C GLU A 1793 35.24 -46.47 8.87
N THR A 1794 34.63 -47.64 9.02
CA THR A 1794 33.79 -48.18 7.95
C THR A 1794 32.57 -47.30 7.73
N LEU A 1795 31.98 -46.81 8.81
CA LEU A 1795 30.80 -45.96 8.69
C LEU A 1795 31.12 -44.68 7.92
N LEU A 1796 32.23 -44.02 8.27
CA LEU A 1796 32.60 -42.80 7.55
C LEU A 1796 33.03 -43.11 6.12
N LYS A 1797 33.67 -44.25 5.90
CA LYS A 1797 34.09 -44.61 4.55
C LYS A 1797 32.89 -44.78 3.64
N ASP A 1798 31.90 -45.54 4.08
CA ASP A 1798 30.69 -45.72 3.29
C ASP A 1798 29.84 -44.45 3.26
N SER A 1799 30.01 -43.55 4.23
CA SER A 1799 29.12 -42.40 4.34
C SER A 1799 29.37 -41.38 3.23
N ASP A 1800 30.64 -41.15 2.88
CA ASP A 1800 31.01 -40.10 1.93
C ASP A 1800 30.57 -38.72 2.41
N LEU A 1801 30.54 -38.52 3.73
CA LEU A 1801 30.21 -37.25 4.32
C LEU A 1801 31.34 -36.76 5.22
N SER A 1802 31.37 -35.47 5.47
CA SER A 1802 32.41 -34.88 6.30
C SER A 1802 32.27 -35.40 7.72
N PRO A 1803 33.30 -36.04 8.29
CA PRO A 1803 33.09 -36.76 9.55
C PRO A 1803 32.78 -35.88 10.73
N GLU A 1804 33.05 -34.57 10.65
CA GLU A 1804 32.61 -33.68 11.72
C GLU A 1804 31.10 -33.75 11.89
N LEU A 1805 30.36 -33.80 10.77
CA LEU A 1805 28.93 -34.01 10.84
C LEU A 1805 28.61 -35.36 11.49
N LEU A 1806 29.40 -36.38 11.18
CA LEU A 1806 29.15 -37.70 11.77
C LEU A 1806 29.30 -37.67 13.27
N LEU A 1807 30.35 -37.03 13.77
CA LEU A 1807 30.54 -36.95 15.21
C LEU A 1807 29.47 -36.08 15.86
N GLN A 1808 29.05 -35.02 15.18
CA GLN A 1808 27.97 -34.19 15.70
C GLN A 1808 26.69 -35.00 15.85
N ALA A 1809 26.39 -35.83 14.86
CA ALA A 1809 25.19 -36.66 14.93
C ALA A 1809 25.36 -37.83 15.89
N LEU A 1810 26.59 -38.21 16.20
CA LEU A 1810 26.86 -39.31 17.11
C LEU A 1810 26.84 -38.88 18.57
N VAL A 1811 27.09 -37.59 18.84
CA VAL A 1811 27.07 -37.11 20.21
C VAL A 1811 25.78 -37.47 20.95
N PRO A 1812 24.59 -37.15 20.44
CA PRO A 1812 23.38 -37.53 21.19
C PRO A 1812 23.14 -39.03 21.21
N LEU A 1813 23.62 -39.74 20.20
CA LEU A 1813 23.48 -41.19 20.20
C LEU A 1813 24.28 -41.83 21.34
N THR A 1814 25.48 -41.34 21.58
CA THR A 1814 26.37 -41.94 22.59
C THR A 1814 26.09 -41.45 24.00
N SER A 1815 25.01 -40.70 24.20
CA SER A 1815 24.64 -40.22 25.53
C SER A 1815 23.89 -41.31 26.29
N GLY A 1816 23.41 -40.97 27.48
CA GLY A 1816 22.76 -41.95 28.33
C GLY A 1816 21.46 -42.47 27.74
N ASN A 1817 20.62 -41.56 27.25
CA ASN A 1817 19.36 -41.98 26.65
C ASN A 1817 19.61 -42.79 25.38
N GLY A 1818 20.58 -42.37 24.56
CA GLY A 1818 20.92 -43.07 23.35
C GLY A 1818 21.39 -44.48 23.61
N PRO A 1819 20.82 -45.45 22.89
CA PRO A 1819 21.15 -46.85 23.13
C PRO A 1819 22.47 -47.31 22.53
N LEU A 1820 23.31 -46.40 22.07
CA LEU A 1820 24.56 -46.76 21.42
C LEU A 1820 25.75 -46.17 22.19
N THR A 1821 26.85 -46.92 22.21
CA THR A 1821 28.09 -46.44 22.80
C THR A 1821 29.25 -46.82 21.87
N LEU A 1822 30.14 -45.87 21.64
CA LEU A 1822 31.31 -46.10 20.80
C LEU A 1822 32.53 -46.19 21.70
N HIS A 1823 33.08 -47.39 21.85
CA HIS A 1823 34.23 -47.60 22.73
C HIS A 1823 35.41 -48.11 21.94
N GLU A 1824 36.59 -47.61 22.26
CA GLU A 1824 37.82 -48.00 21.57
C GLU A 1824 38.26 -49.40 21.97
N GLY A 1832 37.01 -46.19 17.50
CA GLY A 1832 36.18 -47.02 18.34
C GLY A 1832 35.15 -47.82 17.57
N VAL A 1833 34.50 -48.74 18.25
CA VAL A 1833 33.47 -49.60 17.67
C VAL A 1833 32.16 -49.27 18.35
N LEU A 1834 31.06 -49.30 17.58
CA LEU A 1834 29.74 -49.03 18.10
C LEU A 1834 29.13 -50.32 18.65
N ARG A 1835 28.45 -50.19 19.79
CA ARG A 1835 27.83 -51.33 20.43
C ARG A 1835 26.55 -50.88 21.13
N LEU A 1836 25.66 -51.84 21.37
CA LEU A 1836 24.36 -51.56 21.93
C LEU A 1836 24.45 -51.26 23.42
N HIS A 1837 23.46 -50.52 23.91
CA HIS A 1837 23.28 -50.32 25.34
C HIS A 1837 22.38 -51.42 25.88
N GLU A 1838 22.87 -52.16 26.87
CA GLU A 1838 22.09 -53.24 27.44
C GLU A 1838 20.85 -52.68 28.14
N PRO A 1839 19.73 -53.41 28.08
CA PRO A 1839 18.51 -52.93 28.74
C PRO A 1839 18.69 -52.70 30.23
N GLY A 1840 17.77 -51.95 30.80
CA GLY A 1840 17.78 -51.66 32.22
C GLY A 1840 16.44 -51.90 32.89
N SER A 1844 10.52 -45.82 31.31
CA SER A 1844 9.90 -46.92 30.58
C SER A 1844 8.63 -46.45 29.88
N GLY A 1845 8.49 -46.80 28.61
CA GLY A 1845 7.33 -46.40 27.84
C GLY A 1845 7.18 -44.90 27.68
N GLU A 1846 8.29 -44.19 27.49
CA GLU A 1846 8.29 -42.74 27.33
C GLU A 1846 9.02 -42.38 26.03
N ALA A 1847 8.45 -41.43 25.29
CA ALA A 1847 9.05 -41.00 24.04
C ALA A 1847 10.42 -40.38 24.30
N LEU A 1848 11.40 -40.77 23.48
CA LEU A 1848 12.75 -40.22 23.58
C LEU A 1848 13.02 -39.40 22.32
N TRP A 1849 13.14 -38.09 22.51
CA TRP A 1849 13.34 -37.13 21.43
C TRP A 1849 14.80 -36.69 21.47
N LEU A 1850 15.65 -37.37 20.69
CA LEU A 1850 17.06 -37.06 20.65
C LEU A 1850 17.43 -36.58 19.25
N ILE A 1851 17.87 -35.34 19.17
CA ILE A 1851 18.23 -34.65 17.92
C ILE A 1851 19.31 -33.64 18.26
N PRO A 1852 20.31 -33.44 17.42
CA PRO A 1852 21.35 -32.46 17.72
C PRO A 1852 20.76 -31.07 17.89
N PRO A 1853 21.16 -30.33 18.92
CA PRO A 1853 20.72 -28.94 19.06
C PRO A 1853 21.46 -28.05 18.08
N GLN A 1854 20.89 -26.88 17.84
CA GLN A 1854 21.48 -25.94 16.89
C GLN A 1854 22.84 -25.50 17.37
N ALA A 1855 23.82 -25.52 16.47
CA ALA A 1855 25.19 -25.14 16.78
C ALA A 1855 25.38 -23.70 16.33
N TYR A 1856 25.28 -22.77 17.26
CA TYR A 1856 25.36 -21.36 16.92
C TYR A 1856 26.74 -21.01 16.40
N LEU A 1857 26.78 -20.11 15.43
CA LEU A 1857 28.02 -19.71 14.78
C LEU A 1857 28.41 -18.31 15.25
N ASN A 1858 29.70 -18.14 15.53
CA ASN A 1858 30.24 -16.90 16.06
C ASN A 1858 31.05 -16.18 14.99
N VAL A 1859 30.90 -14.87 14.93
CA VAL A 1859 31.71 -14.06 14.04
C VAL A 1859 33.04 -13.76 14.72
N GLU A 1860 34.14 -14.02 14.02
CA GLU A 1860 35.45 -13.85 14.60
C GLU A 1860 36.03 -12.48 14.25
N ARG A 1865 39.68 -11.49 7.93
CA ARG A 1865 40.28 -10.78 6.81
C ARG A 1865 40.05 -11.54 5.51
N THR A 1866 38.93 -12.23 5.43
CA THR A 1866 38.60 -12.99 4.23
C THR A 1866 38.08 -12.10 3.10
N LEU A 1867 37.34 -11.04 3.44
CA LEU A 1867 36.72 -10.21 2.40
C LEU A 1867 37.76 -9.59 1.50
N GLU A 1868 38.89 -9.15 2.06
CA GLU A 1868 39.95 -8.58 1.25
C GLU A 1868 40.44 -9.57 0.21
N GLN A 1869 40.74 -10.80 0.65
CA GLN A 1869 41.22 -11.82 -0.29
C GLN A 1869 40.17 -12.14 -1.35
N LYS A 1870 38.91 -12.23 -0.94
CA LYS A 1870 37.84 -12.53 -1.89
C LYS A 1870 37.75 -11.44 -2.95
N ARG A 1871 37.81 -10.19 -2.53
CA ARG A 1871 37.77 -9.08 -3.48
C ARG A 1871 38.96 -9.12 -4.42
N ASN A 1872 40.15 -9.40 -3.89
CA ASN A 1872 41.32 -9.48 -4.75
C ASN A 1872 41.17 -10.57 -5.81
N LEU A 1873 40.70 -11.76 -5.39
CA LEU A 1873 40.59 -12.86 -6.34
C LEU A 1873 39.56 -12.55 -7.42
N LEU A 1874 38.39 -12.05 -7.01
CA LEU A 1874 37.38 -11.68 -8.00
C LEU A 1874 37.92 -10.64 -8.97
N SER A 1875 38.65 -9.64 -8.46
CA SER A 1875 39.18 -8.61 -9.34
C SER A 1875 40.18 -9.17 -10.33
N CYS A 1876 41.09 -10.02 -9.87
CA CYS A 1876 42.10 -10.57 -10.78
C CYS A 1876 41.44 -11.40 -11.87
N LEU A 1877 40.43 -12.19 -11.50
CA LEU A 1877 39.72 -12.94 -12.51
C LEU A 1877 39.06 -12.01 -13.51
N LEU A 1878 38.41 -10.96 -13.00
CA LEU A 1878 37.75 -10.00 -13.88
C LEU A 1878 38.73 -9.40 -14.88
N VAL A 1879 39.88 -8.92 -14.39
CA VAL A 1879 40.83 -8.25 -15.27
C VAL A 1879 41.35 -9.23 -16.32
N ARG A 1880 41.58 -10.48 -15.95
CA ARG A 1880 41.97 -11.46 -16.98
C ARG A 1880 40.87 -11.63 -18.03
N ILE A 1881 39.62 -11.74 -17.59
CA ILE A 1881 38.51 -11.99 -18.49
C ILE A 1881 38.36 -10.82 -19.46
N LEU A 1882 38.51 -9.61 -18.96
CA LEU A 1882 38.37 -8.44 -19.81
C LEU A 1882 39.61 -8.19 -20.67
N LYS A 1883 40.77 -8.68 -20.24
CA LYS A 1883 41.97 -8.64 -21.07
C LYS A 1883 41.87 -9.62 -22.23
N ALA A 1884 41.02 -10.64 -22.12
CA ALA A 1884 40.97 -11.63 -23.19
C ALA A 1884 40.20 -11.16 -24.42
N HIS A 1885 39.41 -10.11 -24.32
CA HIS A 1885 38.46 -9.78 -25.39
C HIS A 1885 38.87 -8.58 -26.25
N GLY A 1886 40.08 -8.05 -26.07
CA GLY A 1886 40.52 -6.93 -26.89
C GLY A 1886 39.51 -5.80 -26.96
N GLU A 1887 39.39 -5.20 -28.15
CA GLU A 1887 38.41 -4.15 -28.37
C GLU A 1887 37.04 -4.68 -28.74
N LYS A 1888 36.89 -5.99 -28.93
CA LYS A 1888 35.57 -6.56 -29.13
C LYS A 1888 34.73 -6.41 -27.87
N GLY A 1889 35.32 -6.67 -26.71
CA GLY A 1889 34.66 -6.41 -25.44
C GLY A 1889 33.48 -7.34 -25.18
N LEU A 1890 32.69 -6.92 -24.20
CA LEU A 1890 31.46 -7.64 -23.86
C LEU A 1890 30.51 -6.67 -23.20
N HIS A 1891 29.23 -7.04 -23.19
CA HIS A 1891 28.23 -6.27 -22.50
C HIS A 1891 28.41 -6.42 -20.99
N ILE A 1892 27.80 -5.49 -20.24
CA ILE A 1892 27.94 -5.52 -18.79
C ILE A 1892 27.38 -6.82 -18.24
N ASP A 1893 26.18 -7.20 -18.69
CA ASP A 1893 25.61 -8.46 -18.24
C ASP A 1893 26.31 -9.64 -18.88
N GLN A 1894 26.92 -9.45 -20.05
CA GLN A 1894 27.75 -10.51 -20.62
C GLN A 1894 28.98 -10.77 -19.78
N LEU A 1895 29.67 -9.69 -19.39
CA LEU A 1895 30.82 -9.85 -18.50
C LEU A 1895 30.38 -10.48 -17.19
N VAL A 1896 29.22 -10.09 -16.69
CA VAL A 1896 28.66 -10.70 -15.49
C VAL A 1896 28.46 -12.20 -15.69
N CYS A 1897 27.92 -12.59 -16.84
CA CYS A 1897 27.67 -14.01 -17.09
C CYS A 1897 28.98 -14.78 -17.11
N LEU A 1898 30.00 -14.22 -17.76
CA LEU A 1898 31.28 -14.93 -17.86
C LEU A 1898 31.94 -15.08 -16.49
N VAL A 1899 31.96 -14.00 -15.69
CA VAL A 1899 32.60 -14.10 -14.39
C VAL A 1899 31.81 -15.03 -13.47
N LEU A 1900 30.48 -14.97 -13.55
CA LEU A 1900 29.66 -15.83 -12.72
C LEU A 1900 29.88 -17.29 -13.07
N GLU A 1901 29.97 -17.60 -14.37
CA GLU A 1901 30.26 -18.98 -14.77
C GLU A 1901 31.62 -19.42 -14.28
N ALA A 1902 32.62 -18.55 -14.40
CA ALA A 1902 33.96 -18.91 -13.95
C ALA A 1902 33.97 -19.23 -12.46
N TRP A 1903 33.32 -18.39 -11.67
CA TRP A 1903 33.29 -18.62 -10.22
C TRP A 1903 32.44 -19.84 -9.87
N GLN A 1904 31.39 -20.13 -10.67
CA GLN A 1904 30.60 -21.33 -10.44
C GLN A 1904 31.45 -22.58 -10.65
N LYS A 1905 32.19 -22.61 -11.76
CA LYS A 1905 33.21 -23.65 -11.91
C LYS A 1905 34.33 -23.46 -10.90
N GLY A 1906 34.50 -22.24 -10.40
CA GLY A 1906 35.48 -21.95 -9.38
C GLY A 1906 36.85 -21.70 -9.96
N PRO A 1907 37.54 -20.68 -9.45
CA PRO A 1907 38.95 -20.49 -9.83
C PRO A 1907 39.82 -21.67 -9.42
N ASN A 1908 39.38 -22.48 -8.47
CA ASN A 1908 40.08 -23.72 -8.16
C ASN A 1908 39.98 -24.67 -9.35
N PRO A 1909 41.11 -25.16 -9.89
CA PRO A 1909 41.21 -26.02 -11.06
C PRO A 1909 40.31 -27.27 -10.97
N GLY A 1914 44.20 -24.12 -3.48
CA GLY A 1914 42.85 -23.96 -4.00
C GLY A 1914 41.82 -23.75 -2.90
N HIS A 1915 41.76 -24.68 -1.95
CA HIS A 1915 40.84 -24.54 -0.83
C HIS A 1915 41.23 -23.38 0.07
N THR A 1916 42.51 -23.01 0.09
CA THR A 1916 42.91 -21.80 0.79
C THR A 1916 42.27 -20.57 0.17
N VAL A 1917 42.18 -20.54 -1.15
CA VAL A 1917 41.51 -19.44 -1.84
C VAL A 1917 40.00 -19.68 -1.88
N ALA A 1918 39.60 -20.83 -2.41
CA ALA A 1918 38.18 -21.18 -2.48
C ALA A 1918 37.94 -22.54 -1.86
N VAL A 1921 32.94 -19.85 -1.38
CA VAL A 1921 31.85 -18.89 -1.27
C VAL A 1921 31.24 -18.62 -2.64
N ALA A 1922 29.98 -18.20 -2.64
CA ALA A 1922 29.23 -17.96 -3.86
C ALA A 1922 29.06 -16.47 -4.09
N CYS A 1923 29.41 -16.02 -5.29
CA CYS A 1923 29.30 -14.61 -5.62
C CYS A 1923 27.87 -14.25 -5.99
N THR A 1924 27.60 -12.95 -6.04
CA THR A 1924 26.32 -12.42 -6.49
C THR A 1924 26.60 -11.26 -7.44
N SER A 1925 25.54 -10.83 -8.15
CA SER A 1925 25.68 -9.72 -9.07
C SER A 1925 26.15 -8.46 -8.37
N THR A 1926 25.82 -8.31 -7.08
CA THR A 1926 26.32 -7.18 -6.32
C THR A 1926 27.84 -7.20 -6.26
N ASP A 1927 28.43 -8.38 -6.08
CA ASP A 1927 29.89 -8.49 -6.07
C ASP A 1927 30.49 -8.08 -7.40
N VAL A 1928 29.88 -8.52 -8.50
CA VAL A 1928 30.38 -8.18 -9.83
C VAL A 1928 30.33 -6.68 -10.04
N LEU A 1929 29.20 -6.07 -9.68
CA LEU A 1929 29.06 -4.63 -9.87
C LEU A 1929 30.04 -3.87 -8.98
N SER A 1930 30.27 -4.33 -7.75
CA SER A 1930 31.22 -3.64 -6.87
C SER A 1930 32.63 -3.71 -7.42
N CYS A 1931 33.05 -4.90 -7.86
CA CYS A 1931 34.39 -5.05 -8.40
C CYS A 1931 34.57 -4.23 -9.68
N ILE A 1932 33.55 -4.20 -10.54
CA ILE A 1932 33.69 -3.40 -11.75
C ILE A 1932 33.65 -1.90 -11.42
N LEU A 1933 32.99 -1.52 -10.33
CA LEU A 1933 33.09 -0.14 -9.87
C LEU A 1933 34.51 0.20 -9.48
N HIS A 1934 35.17 -0.68 -8.74
CA HIS A 1934 36.56 -0.45 -8.37
C HIS A 1934 37.44 -0.35 -9.61
N LEU A 1935 37.23 -1.26 -10.58
CA LEU A 1935 38.04 -1.23 -11.79
C LEU A 1935 37.81 0.04 -12.59
N LEU A 1936 36.54 0.45 -12.75
CA LEU A 1936 36.22 1.71 -13.41
C LEU A 1936 36.91 2.86 -12.72
N GLY A 1937 36.90 2.86 -11.38
CA GLY A 1937 37.61 3.89 -10.64
C GLY A 1937 39.10 3.86 -10.92
N GLN A 1938 39.65 2.68 -11.21
CA GLN A 1938 41.03 2.58 -11.63
C GLN A 1938 41.22 2.89 -13.10
N GLY A 1939 40.17 3.30 -13.80
CA GLY A 1939 40.27 3.66 -15.20
C GLY A 1939 40.59 2.51 -16.14
N TYR A 1940 40.44 1.27 -15.70
CA TYR A 1940 40.78 0.12 -16.53
C TYR A 1940 39.67 -0.27 -17.49
N VAL A 1941 38.47 0.25 -17.31
CA VAL A 1941 37.34 -0.07 -18.18
C VAL A 1941 36.70 1.24 -18.63
N LYS A 1942 36.30 1.29 -19.90
CA LYS A 1942 35.63 2.46 -20.45
C LYS A 1942 34.30 2.05 -21.07
N ARG A 1943 33.51 3.06 -21.44
CA ARG A 1943 32.17 2.81 -21.95
C ARG A 1943 31.90 3.50 -23.29
N GLN A 1949 26.34 2.11 -22.49
CA GLN A 1949 25.94 0.72 -22.35
C GLN A 1949 27.07 -0.22 -22.72
N ILE A 1950 27.91 0.22 -23.65
CA ILE A 1950 29.05 -0.59 -24.06
C ILE A 1950 30.08 -0.63 -22.94
N LEU A 1951 30.75 -1.77 -22.80
CA LEU A 1951 31.84 -1.93 -21.85
C LEU A 1951 33.07 -2.42 -22.60
N MET A 1952 34.20 -1.77 -22.39
CA MET A 1952 35.41 -2.10 -23.15
C MET A 1952 36.65 -1.97 -22.27
N TYR A 1953 37.67 -2.75 -22.64
CA TYR A 1953 38.96 -2.74 -21.97
C TYR A 1953 39.71 -1.45 -22.30
N ALA A 1954 40.68 -1.11 -21.46
CA ALA A 1954 41.48 0.09 -21.62
C ALA A 1954 42.96 -0.25 -21.50
N ALA A 1955 43.80 0.77 -21.69
CA ALA A 1955 45.25 0.59 -21.62
C ALA A 1955 45.88 1.55 -20.60
N MET A 1959 48.10 8.91 -16.95
CA MET A 1959 48.00 9.38 -15.58
C MET A 1959 46.54 9.47 -15.11
N GLY A 1960 46.27 8.97 -13.90
CA GLY A 1960 44.92 8.96 -13.39
C GLY A 1960 44.85 8.89 -11.88
N PRO A 1961 43.65 8.65 -11.35
CA PRO A 1961 43.47 8.61 -9.88
C PRO A 1961 43.72 7.23 -9.29
N CYS A 1962 43.54 7.10 -7.98
CA CYS A 1962 43.73 5.84 -7.28
C CYS A 1962 42.76 5.78 -6.11
N ARG A 1963 42.83 4.68 -5.36
CA ARG A 1963 41.92 4.42 -4.24
C ARG A 1963 42.70 4.18 -2.96
N GLY A 1964 42.04 4.46 -1.84
CA GLY A 1964 42.68 4.26 -0.55
C GLY A 1964 42.95 2.80 -0.24
N GLN A 1965 42.03 1.92 -0.63
CA GLN A 1965 42.17 0.48 -0.44
C GLN A 1965 42.27 0.10 1.03
N ALA A 1966 41.45 0.74 1.87
CA ALA A 1966 41.39 0.40 3.28
C ALA A 1966 39.96 0.50 3.79
N GLU A 1983 35.08 -20.11 11.38
CA GLU A 1983 36.31 -20.00 10.61
C GLU A 1983 36.14 -19.04 9.44
N ALA A 1984 36.73 -19.39 8.29
CA ALA A 1984 36.60 -18.55 7.11
C ALA A 1984 35.16 -18.48 6.62
N VAL A 1985 34.41 -19.57 6.75
CA VAL A 1985 33.02 -19.58 6.31
C VAL A 1985 32.19 -18.57 7.10
N ALA A 1986 32.58 -18.30 8.35
CA ALA A 1986 31.86 -17.31 9.15
C ALA A 1986 31.89 -15.95 8.46
N THR A 1987 33.07 -15.49 8.06
CA THR A 1987 33.17 -14.22 7.34
C THR A 1987 32.56 -14.33 5.95
N LEU A 1988 32.75 -15.47 5.29
CA LEU A 1988 32.28 -15.61 3.92
C LEU A 1988 30.76 -15.50 3.83
N ALA A 1989 30.06 -16.11 4.79
CA ALA A 1989 28.60 -16.04 4.78
C ALA A 1989 28.12 -14.60 4.94
N SER A 1990 28.88 -13.77 5.64
CA SER A 1990 28.54 -12.36 5.78
C SER A 1990 28.86 -11.63 4.49
N LEU A 1991 27.88 -11.56 3.59
CA LEU A 1991 28.14 -11.11 2.23
C LEU A 1991 28.39 -9.61 2.16
N GLN A 1992 27.62 -8.82 2.91
CA GLN A 1992 27.66 -7.38 2.76
C GLN A 1992 29.00 -6.81 3.22
N LEU A 1993 29.16 -5.51 3.02
CA LEU A 1993 30.38 -4.81 3.40
C LEU A 1993 30.08 -3.36 3.78
N GLY A 1996 28.93 1.49 2.12
CA GLY A 1996 30.05 2.33 2.50
C GLY A 1996 29.90 3.02 3.85
N ARG A 1997 31.01 3.17 4.56
CA ARG A 1997 31.05 3.82 5.86
C ARG A 1997 31.63 5.22 5.74
N THR A 1998 31.41 6.02 6.78
CA THR A 1998 31.80 7.42 6.81
C THR A 1998 33.05 7.60 7.67
N MET A 1999 34.03 8.32 7.14
CA MET A 1999 35.28 8.59 7.85
C MET A 1999 35.30 10.03 8.35
N SER A 2000 36.10 10.24 9.40
CA SER A 2000 36.37 11.53 10.03
C SER A 2000 37.76 12.01 9.69
N PRO A 2001 37.97 13.33 9.61
CA PRO A 2001 39.28 13.85 9.17
C PRO A 2001 40.45 13.33 10.00
N GLN A 2002 40.27 13.16 11.30
CA GLN A 2002 41.35 12.59 12.11
C GLN A 2002 41.69 11.18 11.62
N GLU A 2003 40.66 10.36 11.39
CA GLU A 2003 40.89 9.02 10.87
C GLU A 2003 41.51 9.06 9.48
N VAL A 2004 41.10 10.03 8.66
CA VAL A 2004 41.66 10.15 7.32
C VAL A 2004 43.15 10.43 7.39
N GLU A 2005 43.54 11.37 8.23
CA GLU A 2005 44.96 11.68 8.38
C GLU A 2005 45.72 10.49 8.91
N GLY A 2006 45.13 9.77 9.87
CA GLY A 2006 45.81 8.59 10.40
C GLY A 2006 46.06 7.54 9.34
N LEU A 2007 45.03 7.23 8.54
CA LEU A 2007 45.20 6.20 7.52
C LEU A 2007 46.17 6.64 6.44
N MET A 2008 46.10 7.90 6.03
CA MET A 2008 47.03 8.39 5.01
C MET A 2008 48.46 8.33 5.52
N LYS A 2009 48.67 8.73 6.77
CA LYS A 2009 50.01 8.69 7.35
C LYS A 2009 50.52 7.25 7.44
N GLN A 2010 49.66 6.32 7.85
CA GLN A 2010 50.08 4.93 7.94
C GLN A 2010 50.45 4.38 6.57
N THR A 2011 49.65 4.70 5.55
CA THR A 2011 49.93 4.20 4.21
C THR A 2011 51.23 4.76 3.67
N VAL A 2012 51.46 6.05 3.83
CA VAL A 2012 52.70 6.63 3.31
C VAL A 2012 53.89 6.07 4.09
N ARG A 2013 53.71 5.83 5.39
CA ARG A 2013 54.81 5.27 6.17
C ARG A 2013 55.15 3.86 5.70
N GLN A 2014 54.13 3.03 5.48
CA GLN A 2014 54.41 1.66 5.07
C GLN A 2014 55.03 1.61 3.68
N VAL A 2015 54.58 2.47 2.76
CA VAL A 2015 55.19 2.44 1.43
C VAL A 2015 56.61 3.01 1.49
N GLN A 2016 56.86 3.95 2.40
CA GLN A 2016 58.23 4.45 2.57
C GLN A 2016 59.14 3.35 3.10
N GLU A 2017 58.66 2.58 4.07
CA GLU A 2017 59.45 1.46 4.57
C GLU A 2017 59.68 0.43 3.47
N THR A 2018 58.67 0.22 2.61
CA THR A 2018 58.84 -0.72 1.51
C THR A 2018 60.00 -0.35 0.61
N LEU A 2019 60.27 0.94 0.47
CA LEU A 2019 61.38 1.40 -0.38
C LEU A 2019 62.32 2.32 0.39
N GLU A 2022 63.09 6.87 3.28
CA GLU A 2022 62.86 8.19 3.82
C GLU A 2022 61.41 8.63 3.60
N PRO A 2023 60.83 9.27 4.61
CA PRO A 2023 59.40 9.62 4.54
C PRO A 2023 59.09 10.82 3.67
N ASP A 2024 59.99 11.81 3.64
CA ASP A 2024 59.71 13.03 2.89
C ASP A 2024 59.67 12.76 1.39
N VAL A 2025 60.67 12.03 0.87
CA VAL A 2025 60.67 11.69 -0.54
C VAL A 2025 59.48 10.80 -0.84
N ALA A 2026 59.08 9.94 0.10
CA ALA A 2026 57.93 9.09 -0.12
C ALA A 2026 56.66 9.91 -0.31
N GLN A 2027 56.43 10.87 0.59
CA GLN A 2027 55.25 11.71 0.43
C GLN A 2027 55.31 12.50 -0.86
N HIS A 2028 56.49 13.02 -1.19
CA HIS A 2028 56.63 13.80 -2.41
C HIS A 2028 56.30 12.95 -3.64
N LEU A 2029 56.81 11.73 -3.69
CA LEU A 2029 56.55 10.88 -4.85
C LEU A 2029 55.09 10.46 -4.90
N LEU A 2030 54.49 10.16 -3.74
CA LEU A 2030 53.09 9.80 -3.72
C LEU A 2030 52.23 10.93 -4.25
N ALA A 2031 52.53 12.16 -3.84
CA ALA A 2031 51.82 13.30 -4.41
C ALA A 2031 52.09 13.41 -5.90
N HIS A 2032 53.33 13.16 -6.33
CA HIS A 2032 53.68 13.28 -7.74
C HIS A 2032 52.84 12.36 -8.61
N SER A 2033 52.44 11.22 -8.09
CA SER A 2033 51.55 10.31 -8.80
C SER A 2033 50.08 10.55 -8.48
N HIS A 2034 49.77 11.66 -7.81
CA HIS A 2034 48.41 11.94 -7.36
C HIS A 2034 47.89 10.83 -6.47
N TRP A 2035 48.71 10.44 -5.48
CA TRP A 2035 48.39 9.37 -4.54
C TRP A 2035 48.03 8.08 -5.28
N GLY A 2036 48.78 7.79 -6.34
CA GLY A 2036 48.50 6.65 -7.18
C GLY A 2036 48.89 5.34 -6.54
N ALA A 2037 48.67 4.26 -7.30
CA ALA A 2037 48.94 2.92 -6.82
C ALA A 2037 50.45 2.70 -6.71
N GLU A 2038 50.82 1.54 -6.19
CA GLU A 2038 52.23 1.19 -6.14
C GLU A 2038 52.81 0.91 -7.52
N GLN A 2039 52.02 1.09 -8.58
CA GLN A 2039 52.57 0.95 -9.93
C GLN A 2039 53.67 1.96 -10.17
N LEU A 2040 53.61 3.12 -9.52
CA LEU A 2040 54.73 4.05 -9.58
C LEU A 2040 55.98 3.41 -9.00
N LEU A 2041 55.86 2.71 -7.88
CA LEU A 2041 56.99 1.99 -7.34
C LEU A 2041 57.44 0.87 -8.28
N GLN A 2042 56.50 0.25 -8.97
CA GLN A 2042 56.86 -0.80 -9.92
C GLN A 2042 57.71 -0.22 -11.05
N SER A 2043 57.32 0.94 -11.56
CA SER A 2043 58.15 1.62 -12.56
C SER A 2043 59.50 1.99 -11.98
N TYR A 2044 59.52 2.43 -10.72
CA TYR A 2044 60.78 2.74 -10.05
C TYR A 2044 61.70 1.53 -10.06
N SER A 2045 61.18 0.37 -9.68
CA SER A 2045 61.96 -0.86 -9.75
C SER A 2045 62.36 -1.19 -11.18
N GLU A 2046 61.48 -0.87 -12.14
CA GLU A 2046 61.87 -1.00 -13.54
C GLU A 2046 62.94 0.02 -13.92
N ASP A 2047 62.77 1.28 -13.52
CA ASP A 2047 63.75 2.31 -13.81
C ASP A 2047 63.56 3.51 -12.89
N PRO A 2048 64.62 3.96 -12.22
CA PRO A 2048 64.50 5.13 -11.34
C PRO A 2048 64.35 6.45 -12.08
N GLU A 2049 65.12 6.63 -13.15
CA GLU A 2049 65.36 7.97 -13.69
C GLU A 2049 64.08 8.69 -14.11
N PRO A 2050 63.24 8.15 -14.99
CA PRO A 2050 62.02 8.90 -15.33
C PRO A 2050 61.02 8.94 -14.21
N LEU A 2051 60.94 7.89 -13.40
CA LEU A 2051 60.05 7.89 -12.25
C LEU A 2051 60.43 9.01 -11.28
N LEU A 2052 61.72 9.21 -11.06
CA LEU A 2052 62.17 10.35 -10.27
C LEU A 2052 61.84 11.66 -10.98
N LEU A 2053 62.03 11.70 -12.30
CA LEU A 2053 61.78 12.91 -13.05
C LEU A 2053 60.31 13.32 -13.00
N ALA A 2054 59.41 12.38 -12.71
CA ALA A 2054 58.00 12.74 -12.57
C ALA A 2054 57.81 13.85 -11.55
N ALA A 2055 58.53 13.77 -10.43
CA ALA A 2055 58.62 14.87 -9.49
C ALA A 2055 59.84 15.74 -9.74
N GLY A 2056 60.67 15.38 -10.71
CA GLY A 2056 61.90 16.13 -10.96
C GLY A 2056 62.90 16.04 -9.83
N LEU A 2057 62.98 14.89 -9.17
CA LEU A 2057 63.88 14.73 -8.04
C LEU A 2057 65.14 13.98 -8.46
N HIS A 2071 75.82 39.25 -2.92
CA HIS A 2071 74.45 39.63 -2.57
C HIS A 2071 73.47 38.54 -2.96
N CYS A 2072 72.46 38.33 -2.11
CA CYS A 2072 71.39 37.41 -2.46
C CYS A 2072 70.69 37.92 -3.71
N PRO A 2073 70.49 37.08 -4.73
CA PRO A 2073 69.85 37.58 -5.96
C PRO A 2073 68.39 37.94 -5.73
N VAL A 2074 67.65 37.06 -5.07
CA VAL A 2074 66.23 37.31 -4.82
C VAL A 2074 66.08 38.50 -3.87
N CYS A 2075 66.92 38.57 -2.84
CA CYS A 2075 66.93 39.66 -1.87
C CYS A 2075 68.20 40.47 -2.14
N VAL A 2076 68.06 41.49 -2.99
CA VAL A 2076 69.22 42.24 -3.48
C VAL A 2076 70.10 42.78 -2.35
N SER A 2077 69.57 42.90 -1.15
CA SER A 2077 70.37 43.31 0.00
C SER A 2077 71.43 42.26 0.29
N PRO A 2078 72.71 42.61 0.29
CA PRO A 2078 73.76 41.59 0.41
C PRO A 2078 73.86 41.01 1.81
N LEU A 2079 74.32 39.77 1.87
CA LEU A 2079 74.53 39.08 3.14
C LEU A 2079 75.56 37.97 2.91
N GLY A 2080 76.18 37.54 4.01
CA GLY A 2080 77.17 36.48 3.93
C GLY A 2080 76.53 35.13 3.73
N CYS A 2081 77.36 34.18 3.30
CA CYS A 2081 76.90 32.81 3.05
C CYS A 2081 76.90 31.99 4.34
N CYS A 2090 67.76 23.07 -4.46
CA CYS A 2090 68.42 22.43 -5.60
C CYS A 2090 69.58 23.29 -6.09
N MET A 2091 70.77 23.07 -5.54
CA MET A 2091 71.97 23.81 -5.92
C MET A 2091 71.79 25.32 -5.76
N HIS A 2092 70.83 25.73 -4.93
CA HIS A 2092 70.54 27.14 -4.68
C HIS A 2092 70.47 27.33 -3.17
N TYR A 2093 71.60 27.63 -2.56
CA TYR A 2093 71.67 27.88 -1.12
C TYR A 2093 71.40 29.36 -0.84
N CYS A 2094 70.15 29.74 -1.02
CA CYS A 2094 69.74 31.13 -0.86
C CYS A 2094 69.35 31.42 0.59
N CYS A 2095 69.31 32.70 0.92
CA CYS A 2095 68.97 33.12 2.27
C CYS A 2095 67.53 32.75 2.59
N LYS A 2096 67.26 32.56 3.89
CA LYS A 2096 65.95 32.10 4.32
C LYS A 2096 64.88 33.16 4.12
N SER A 2097 65.25 34.42 3.91
CA SER A 2097 64.25 35.47 3.78
C SER A 2097 63.43 35.30 2.49
N CYS A 2098 64.12 35.15 1.37
CA CYS A 2098 63.41 34.99 0.10
C CYS A 2098 62.72 33.63 0.01
N TRP A 2099 63.31 32.60 0.61
CA TRP A 2099 62.65 31.31 0.67
C TRP A 2099 61.35 31.38 1.47
N ASN A 2100 61.39 32.08 2.60
CA ASN A 2100 60.17 32.28 3.38
C ASN A 2100 59.15 33.09 2.61
N GLU A 2101 59.61 34.10 1.86
CA GLU A 2101 58.69 34.89 1.05
C GLU A 2101 57.99 34.02 0.01
N TYR A 2102 58.77 33.19 -0.70
CA TYR A 2102 58.19 32.31 -1.71
C TYR A 2102 57.21 31.32 -1.09
N LEU A 2103 57.60 30.71 0.03
CA LEU A 2103 56.74 29.72 0.68
C LEU A 2103 55.46 30.35 1.19
N THR A 2104 55.56 31.55 1.77
CA THR A 2104 54.36 32.24 2.25
C THR A 2104 53.45 32.61 1.09
N THR A 2105 54.03 33.07 -0.03
CA THR A 2105 53.21 33.38 -1.18
C THR A 2105 52.48 32.15 -1.68
N ARG A 2106 53.19 31.03 -1.81
CA ARG A 2106 52.59 29.82 -2.36
C ARG A 2106 51.50 29.27 -1.42
N ILE A 2107 51.82 29.13 -0.14
CA ILE A 2107 50.88 28.54 0.80
C ILE A 2107 49.67 29.45 0.98
N GLU A 2108 49.92 30.76 1.16
CA GLU A 2108 48.84 31.69 1.40
C GLU A 2108 47.90 31.76 0.22
N GLN A 2109 48.44 31.77 -0.99
CA GLN A 2109 47.60 31.77 -2.20
C GLN A 2109 46.98 30.41 -2.48
N ASN A 2110 47.16 29.43 -1.59
CA ASN A 2110 46.63 28.08 -1.78
C ASN A 2110 47.13 27.47 -3.08
N LEU A 2111 48.39 27.77 -3.43
CA LEU A 2111 49.01 27.26 -4.65
C LEU A 2111 50.24 26.42 -4.35
N VAL A 2112 50.32 25.88 -3.13
CA VAL A 2112 51.47 25.05 -2.76
C VAL A 2112 51.53 23.73 -3.54
N LEU A 2113 50.52 23.45 -4.35
CA LEU A 2113 50.58 22.27 -5.20
C LEU A 2113 51.70 22.43 -6.22
N ASN A 2114 52.55 21.41 -6.30
CA ASN A 2114 53.73 21.41 -7.17
C ASN A 2114 54.64 22.60 -6.87
N CYS A 2115 55.13 22.63 -5.64
CA CYS A 2115 56.10 23.65 -5.24
C CYS A 2115 57.48 23.29 -5.78
N THR A 2116 58.19 24.31 -6.24
CA THR A 2116 59.51 24.10 -6.82
C THR A 2116 60.34 25.36 -6.64
N CYS A 2117 61.64 25.22 -6.88
CA CYS A 2117 62.57 26.33 -6.74
C CYS A 2117 62.27 27.42 -7.76
N PRO A 2118 62.02 28.67 -7.33
CA PRO A 2118 61.72 29.72 -8.30
C PRO A 2118 62.84 30.01 -9.28
N ILE A 2119 64.09 29.67 -8.94
CA ILE A 2119 65.16 29.81 -9.92
C ILE A 2119 64.84 28.93 -11.12
N ALA A 2120 65.03 29.48 -12.32
CA ALA A 2120 64.66 28.77 -13.53
C ALA A 2120 65.51 27.51 -13.69
N ASP A 2121 64.93 26.51 -14.35
CA ASP A 2121 65.57 25.22 -14.56
C ASP A 2121 65.96 24.57 -13.23
N CYS A 2122 65.12 24.75 -12.22
CA CYS A 2122 65.28 24.09 -10.92
C CYS A 2122 63.98 23.45 -10.48
N PRO A 2123 63.50 22.43 -11.21
CA PRO A 2123 62.34 21.67 -10.73
C PRO A 2123 62.79 20.73 -9.63
N ALA A 2124 62.42 21.05 -8.39
CA ALA A 2124 62.87 20.30 -7.22
C ALA A 2124 61.64 19.80 -6.46
N GLN A 2125 61.59 18.49 -6.23
CA GLN A 2125 60.54 17.94 -5.38
C GLN A 2125 60.76 18.43 -3.96
N PRO A 2126 59.84 19.22 -3.40
CA PRO A 2126 60.11 19.85 -2.10
C PRO A 2126 59.80 18.90 -0.95
N THR A 2127 60.81 18.63 -0.13
CA THR A 2127 60.58 17.98 1.15
C THR A 2127 59.96 18.98 2.10
N GLY A 2128 58.70 18.76 2.47
CA GLY A 2128 57.99 19.73 3.29
C GLY A 2128 58.71 20.05 4.59
N ALA A 2129 59.43 19.07 5.13
CA ALA A 2129 60.23 19.34 6.33
C ALA A 2129 61.27 20.42 6.06
N PHE A 2130 61.93 20.35 4.90
CA PHE A 2130 62.80 21.44 4.48
C PHE A 2130 61.99 22.71 4.27
N ILE A 2131 60.78 22.57 3.70
CA ILE A 2131 59.89 23.72 3.57
C ILE A 2131 59.46 24.20 4.96
N ARG A 2132 59.28 23.27 5.90
CA ARG A 2132 59.02 23.68 7.28
C ARG A 2132 60.19 24.44 7.86
N ALA A 2133 61.41 24.10 7.45
CA ALA A 2133 62.57 24.89 7.86
C ALA A 2133 62.57 26.26 7.20
N ILE A 2134 62.05 26.35 5.97
CA ILE A 2134 61.95 27.66 5.31
C ILE A 2134 61.03 28.59 6.09
N VAL A 2135 59.88 28.08 6.54
CA VAL A 2135 58.98 28.82 7.39
C VAL A 2135 58.22 27.83 8.27
N SER A 2136 58.12 28.15 9.55
CA SER A 2136 57.51 27.25 10.54
C SER A 2136 56.48 27.99 11.38
N SER A 2137 55.63 28.78 10.72
CA SER A 2137 54.61 29.52 11.45
C SER A 2137 53.48 28.59 11.88
N PRO A 2138 52.90 28.79 13.07
CA PRO A 2138 51.79 27.93 13.50
C PRO A 2138 50.58 28.02 12.59
N GLU A 2139 50.32 29.17 11.99
CA GLU A 2139 49.29 29.25 10.96
C GLU A 2139 49.74 28.53 9.69
N VAL A 2140 51.04 28.58 9.38
CA VAL A 2140 51.56 27.88 8.21
C VAL A 2140 51.39 26.38 8.36
N ILE A 2141 51.54 25.86 9.58
CA ILE A 2141 51.33 24.45 9.83
C ILE A 2141 49.88 24.08 9.54
N SER A 2142 48.94 24.91 9.99
CA SER A 2142 47.53 24.64 9.71
C SER A 2142 47.24 24.67 8.22
N LYS A 2143 47.80 25.66 7.52
CA LYS A 2143 47.61 25.75 6.07
C LYS A 2143 48.15 24.51 5.37
N TYR A 2144 49.36 24.07 5.74
CA TYR A 2144 49.97 22.92 5.10
C TYR A 2144 49.20 21.64 5.40
N GLU A 2145 48.74 21.46 6.64
CA GLU A 2145 47.94 20.30 6.98
C GLU A 2145 46.64 20.28 6.20
N LYS A 2146 45.96 21.41 6.13
CA LYS A 2146 44.72 21.47 5.36
C LYS A 2146 44.97 21.19 3.89
N ALA A 2147 46.10 21.69 3.36
CA ALA A 2147 46.42 21.46 1.96
C ALA A 2147 46.67 19.99 1.67
N LEU A 2148 47.44 19.32 2.52
CA LEU A 2148 47.68 17.89 2.33
C LEU A 2148 46.38 17.11 2.45
N LEU A 2149 45.52 17.48 3.41
CA LEU A 2149 44.24 16.81 3.54
C LEU A 2149 43.41 16.96 2.26
N ARG A 2150 43.33 18.17 1.73
CA ARG A 2150 42.58 18.39 0.51
C ARG A 2150 43.16 17.61 -0.66
N GLY A 2151 44.49 17.61 -0.78
CA GLY A 2151 45.10 16.92 -1.90
C GLY A 2151 44.89 15.42 -1.85
N TYR A 2152 45.02 14.82 -0.66
CA TYR A 2152 44.76 13.40 -0.53
C TYR A 2152 43.30 13.08 -0.80
N VAL A 2153 42.38 13.95 -0.33
CA VAL A 2153 40.96 13.68 -0.53
C VAL A 2153 40.59 13.76 -2.00
N GLU A 2154 41.16 14.71 -2.73
CA GLU A 2154 40.76 14.94 -4.11
C GLU A 2154 41.31 13.90 -5.07
N SER A 2155 42.33 13.14 -4.67
CA SER A 2155 42.96 12.18 -5.56
C SER A 2155 42.53 10.75 -5.27
N CYS A 2156 41.70 10.51 -4.26
CA CYS A 2156 41.21 9.19 -3.94
C CYS A 2156 39.95 8.92 -4.75
N SER A 2157 39.94 7.82 -5.50
CA SER A 2157 38.83 7.56 -6.42
C SER A 2157 37.51 7.35 -5.70
N ASN A 2158 37.54 6.98 -4.43
CA ASN A 2158 36.32 6.65 -3.72
C ASN A 2158 35.83 7.76 -2.80
N LEU A 2159 36.65 8.75 -2.49
CA LEU A 2159 36.30 9.71 -1.47
C LEU A 2159 35.41 10.81 -2.03
N THR A 2160 34.66 11.46 -1.14
CA THR A 2160 33.85 12.61 -1.49
C THR A 2160 33.50 13.37 -0.22
N TRP A 2161 33.71 14.69 -0.25
CA TRP A 2161 33.35 15.52 0.88
C TRP A 2161 31.83 15.63 1.00
N CYS A 2162 31.35 15.86 2.22
CA CYS A 2162 29.92 15.91 2.48
C CYS A 2162 29.40 17.33 2.25
N THR A 2163 28.37 17.45 1.41
CA THR A 2163 27.78 18.71 1.06
C THR A 2163 26.32 18.74 1.49
N ASN A 2164 25.95 19.77 2.25
CA ASN A 2164 24.55 19.96 2.64
C ASN A 2164 24.04 21.30 2.13
N GLY A 2167 26.60 22.52 6.70
CA GLY A 2167 26.90 21.12 6.47
C GLY A 2167 27.73 20.48 7.57
N CYS A 2168 28.52 19.47 7.21
CA CYS A 2168 29.39 18.78 8.14
C CYS A 2168 30.67 18.38 7.41
N ASP A 2169 31.73 18.15 8.19
CA ASP A 2169 33.06 17.95 7.64
C ASP A 2169 33.43 16.48 7.43
N ARG A 2170 32.49 15.56 7.65
CA ARG A 2170 32.77 14.14 7.46
C ARG A 2170 32.97 13.82 5.98
N ILE A 2171 33.78 12.79 5.71
CA ILE A 2171 34.06 12.37 4.35
C ILE A 2171 33.40 11.02 4.11
N LEU A 2172 32.95 10.81 2.88
CA LEU A 2172 32.19 9.61 2.52
C LEU A 2172 32.95 8.80 1.48
N CYS A 2173 32.94 7.48 1.68
CA CYS A 2173 33.47 6.53 0.72
C CYS A 2173 32.47 5.41 0.52
N ARG A 2174 32.41 4.88 -0.70
CA ARG A 2174 31.44 3.86 -1.08
C ARG A 2174 32.18 2.58 -1.44
N GLN A 2175 32.04 1.55 -0.61
CA GLN A 2175 32.66 0.25 -0.86
C GLN A 2175 31.56 -0.70 -1.32
N GLY A 2176 31.34 -0.73 -2.63
CA GLY A 2176 30.31 -1.57 -3.21
C GLY A 2176 28.97 -0.87 -3.32
N LEU A 2177 28.15 -1.37 -4.24
CA LEU A 2177 26.84 -0.80 -4.53
C LEU A 2177 25.71 -1.66 -3.96
N GLY A 2178 25.93 -2.29 -2.80
CA GLY A 2178 24.91 -3.14 -2.24
C GLY A 2178 23.68 -2.39 -1.77
N CYS A 2179 23.87 -1.29 -1.06
CA CYS A 2179 22.75 -0.54 -0.51
C CYS A 2179 22.65 0.87 -1.07
N GLY A 2180 23.73 1.64 -1.05
CA GLY A 2180 23.66 3.06 -1.33
C GLY A 2180 23.69 3.82 -0.02
N THR A 2181 24.50 4.89 0.06
CA THR A 2181 24.81 5.52 1.33
C THR A 2181 24.48 7.00 1.30
N THR A 2182 24.07 7.51 2.46
CA THR A 2182 24.04 8.93 2.78
C THR A 2182 25.01 9.17 3.92
N CYS A 2183 25.18 10.43 4.30
CA CYS A 2183 26.05 10.73 5.43
C CYS A 2183 25.44 10.18 6.71
N SER A 2184 26.29 9.53 7.51
CA SER A 2184 25.80 8.95 8.75
C SER A 2184 25.32 10.01 9.74
N LYS A 2185 25.94 11.20 9.71
CA LYS A 2185 25.60 12.23 10.69
C LYS A 2185 24.34 13.00 10.27
N CYS A 2186 24.39 13.66 9.12
CA CYS A 2186 23.31 14.55 8.72
C CYS A 2186 22.29 13.90 7.79
N GLY A 2187 22.67 12.87 7.05
CA GLY A 2187 21.73 12.19 6.19
C GLY A 2187 21.55 12.85 4.83
N TRP A 2188 22.65 13.02 4.10
CA TRP A 2188 22.61 13.64 2.78
C TRP A 2188 23.44 12.80 1.81
N ALA A 2189 23.05 12.85 0.54
CA ALA A 2189 23.68 12.06 -0.50
C ALA A 2189 24.12 12.95 -1.65
N SER A 2190 25.33 12.71 -2.15
CA SER A 2190 25.85 13.40 -3.31
C SER A 2190 26.74 12.45 -4.07
N CYS A 2191 26.93 12.72 -5.36
CA CYS A 2191 27.79 11.87 -6.16
C CYS A 2191 29.24 12.31 -6.00
N PHE A 2192 30.14 11.33 -6.10
CA PHE A 2192 31.56 11.63 -6.03
C PHE A 2192 32.10 12.19 -7.33
N ASN A 2193 31.37 12.04 -8.43
CA ASN A 2193 31.92 12.41 -9.74
C ASN A 2193 31.94 13.93 -9.92
N CYS A 2194 30.78 14.58 -9.87
CA CYS A 2194 30.72 16.01 -10.10
C CYS A 2194 30.31 16.76 -8.83
N SER A 2195 30.70 18.03 -8.78
CA SER A 2195 30.37 18.92 -7.67
C SER A 2195 28.94 19.39 -7.83
N PHE A 2196 28.04 18.78 -7.07
CA PHE A 2196 26.63 19.16 -7.06
C PHE A 2196 26.04 18.64 -5.76
N PRO A 2197 25.39 19.49 -4.95
CA PRO A 2197 24.99 19.06 -3.60
C PRO A 2197 24.11 17.83 -3.57
N GLU A 2198 23.09 17.76 -4.41
CA GLU A 2198 22.18 16.64 -4.39
C GLU A 2198 22.80 15.42 -5.05
N ALA A 2199 22.04 14.32 -5.11
CA ALA A 2199 22.45 13.09 -5.78
C ALA A 2199 21.52 12.86 -6.96
N HIS A 2200 22.09 12.74 -8.15
CA HIS A 2200 21.34 12.66 -9.40
C HIS A 2200 21.44 11.24 -9.94
N TYR A 2201 20.41 10.44 -9.72
CA TYR A 2201 20.54 9.05 -10.13
C TYR A 2201 20.42 8.88 -11.64
N PRO A 2202 19.31 9.30 -12.28
CA PRO A 2202 19.13 8.96 -13.69
C PRO A 2202 20.09 9.65 -14.63
N ALA A 2203 20.27 10.95 -14.47
CA ALA A 2203 21.01 11.77 -15.42
C ALA A 2203 22.48 11.80 -15.08
N SER A 2204 23.31 11.67 -16.11
CA SER A 2204 24.75 11.73 -15.91
C SER A 2204 25.15 13.10 -15.38
N CYS A 2205 26.37 13.18 -14.86
CA CYS A 2205 26.87 14.45 -14.35
C CYS A 2205 26.88 15.50 -15.44
N GLY A 2206 27.21 15.10 -16.67
CA GLY A 2206 27.18 16.03 -17.78
C GLY A 2206 25.78 16.51 -18.10
N HIS A 2207 24.80 15.60 -18.07
CA HIS A 2207 23.43 16.01 -18.35
C HIS A 2207 22.92 16.99 -17.30
N MET A 2208 23.22 16.72 -16.03
CA MET A 2208 22.80 17.64 -14.98
C MET A 2208 23.50 18.98 -15.13
N SER A 2209 24.78 18.96 -15.52
CA SER A 2209 25.50 20.20 -15.74
C SER A 2209 24.87 21.01 -16.88
N GLN A 2210 24.51 20.34 -17.97
CA GLN A 2210 23.85 21.04 -19.07
C GLN A 2210 22.52 21.63 -18.62
N TRP A 2211 21.75 20.86 -17.84
CA TRP A 2211 20.46 21.37 -17.38
C TRP A 2211 20.62 22.58 -16.48
N VAL A 2212 21.59 22.55 -15.56
CA VAL A 2212 21.73 23.65 -14.62
C VAL A 2212 22.31 24.87 -15.32
N ASP A 2213 23.24 24.67 -16.25
CA ASP A 2213 23.77 25.79 -17.02
C ASP A 2213 22.68 26.41 -17.89
N ASP A 2214 21.82 25.58 -18.48
CA ASP A 2214 20.65 26.07 -19.16
C ASP A 2214 19.56 26.51 -18.19
N GLY A 2215 19.58 25.98 -16.96
CA GLY A 2215 18.64 26.44 -15.95
C GLY A 2215 17.33 25.69 -15.98
N GLY A 2216 16.93 25.15 -14.84
CA GLY A 2216 15.66 24.47 -14.71
C GLY A 2216 15.17 24.58 -13.28
N TYR A 2217 13.99 24.03 -13.03
CA TYR A 2217 13.48 23.97 -11.66
C TYR A 2217 14.44 23.20 -10.77
N TYR A 2218 14.35 23.46 -9.47
CA TYR A 2218 15.37 23.03 -8.52
C TYR A 2218 14.73 22.93 -7.15
N ASP A 2219 15.51 22.43 -6.20
CA ASP A 2219 15.15 22.45 -4.79
C ASP A 2219 16.38 22.12 -3.95
N ARG A 2294 6.86 20.81 -24.92
CA ARG A 2294 7.70 19.71 -24.45
C ARG A 2294 8.50 20.16 -23.24
N PHE A 2295 9.36 21.15 -23.48
CA PHE A 2295 10.21 21.68 -22.43
C PHE A 2295 9.38 22.27 -21.29
N GLN A 2296 8.30 22.99 -21.62
CA GLN A 2296 7.41 23.51 -20.59
C GLN A 2296 6.76 22.38 -19.81
N ASP A 2297 6.33 21.34 -20.51
CA ASP A 2297 5.69 20.21 -19.85
C ASP A 2297 6.64 19.54 -18.87
N TYR A 2298 7.92 19.45 -19.23
CA TYR A 2298 8.95 18.95 -18.32
C TYR A 2298 8.92 19.68 -16.99
N ASN A 2299 9.09 21.01 -17.05
CA ASN A 2299 9.02 21.84 -15.86
C ASN A 2299 7.74 21.59 -15.07
N GLU A 2300 6.61 21.47 -15.77
CA GLU A 2300 5.34 21.24 -15.08
C GLU A 2300 5.38 19.95 -14.30
N ARG A 2301 5.88 18.88 -14.93
CA ARG A 2301 5.95 17.58 -14.28
C ARG A 2301 6.88 17.63 -13.07
N CYS A 2302 8.02 18.30 -13.21
CA CYS A 2302 8.96 18.39 -12.09
C CYS A 2302 8.34 19.13 -10.92
N THR A 2303 7.62 20.23 -11.19
CA THR A 2303 6.94 20.92 -10.10
C THR A 2303 5.91 20.03 -9.43
N PHE A 2304 5.15 19.27 -10.22
CA PHE A 2304 4.17 18.36 -9.64
C PHE A 2304 4.83 17.36 -8.70
N HIS A 2305 5.96 16.78 -9.12
CA HIS A 2305 6.64 15.80 -8.28
C HIS A 2305 7.14 16.43 -6.99
N HIS A 2306 7.79 17.59 -7.08
CA HIS A 2306 8.29 18.22 -5.87
C HIS A 2306 7.14 18.62 -4.93
N GLN A 2307 6.00 19.02 -5.48
CA GLN A 2307 4.84 19.32 -4.65
C GLN A 2307 4.36 18.07 -3.92
N ALA A 2308 4.34 16.92 -4.60
CA ALA A 2308 3.94 15.69 -3.94
C ALA A 2308 4.90 15.35 -2.79
N ARG A 2309 6.19 15.59 -3.01
CA ARG A 2309 7.16 15.38 -1.95
C ARG A 2309 6.85 16.28 -0.75
N GLU A 2310 6.47 17.53 -1.03
CA GLU A 2310 6.08 18.44 0.04
C GLU A 2310 4.87 17.89 0.80
N PHE A 2311 3.92 17.29 0.07
CA PHE A 2311 2.76 16.70 0.72
C PHE A 2311 3.17 15.59 1.68
N ALA A 2312 4.10 14.74 1.24
CA ALA A 2312 4.56 13.66 2.11
C ALA A 2312 5.20 14.22 3.38
N VAL A 2313 6.01 15.27 3.22
CA VAL A 2313 6.63 15.89 4.40
C VAL A 2313 5.56 16.44 5.33
N ASN A 2314 4.52 17.07 4.78
CA ASN A 2314 3.45 17.63 5.60
C ASN A 2314 2.74 16.54 6.37
N LEU A 2315 2.48 15.41 5.72
CA LEU A 2315 1.85 14.28 6.41
C LEU A 2315 2.70 13.81 7.57
N ARG A 2316 4.01 13.70 7.36
CA ARG A 2316 4.89 13.26 8.45
C ARG A 2316 4.84 14.23 9.61
N ASN A 2317 4.88 15.53 9.33
CA ASN A 2317 4.81 16.51 10.41
C ASN A 2317 3.50 16.39 11.17
N ARG A 2318 2.38 16.31 10.44
CA ARG A 2318 1.08 16.27 11.07
C ARG A 2318 0.94 15.06 11.98
N VAL A 2319 1.43 13.90 11.53
CA VAL A 2319 1.34 12.73 12.41
C VAL A 2319 2.27 12.88 13.60
N SER A 2320 3.47 13.45 13.39
CA SER A 2320 4.41 13.57 14.49
C SER A 2320 3.92 14.52 15.56
N ALA A 2321 3.02 15.44 15.23
CA ALA A 2321 2.61 16.49 16.16
C ALA A 2321 1.37 16.14 16.97
N ILE A 2322 1.11 14.86 17.23
CA ILE A 2322 -0.08 14.45 17.98
C ILE A 2322 0.30 14.30 19.45
N HIS A 2323 -0.63 14.64 20.33
CA HIS A 2323 -0.41 14.56 21.77
C HIS A 2323 -0.96 13.26 22.35
N VAL A 2325 0.98 8.37 22.64
CA VAL A 2325 1.83 7.39 21.97
C VAL A 2325 0.96 6.42 21.17
N PRO A 2326 1.31 6.22 19.91
CA PRO A 2326 0.50 5.36 19.04
C PRO A 2326 0.99 3.93 19.09
N PRO A 2327 0.22 2.99 18.53
CA PRO A 2327 0.69 1.61 18.49
C PRO A 2327 1.97 1.49 17.70
N PRO A 2328 2.85 0.57 18.07
CA PRO A 2328 4.20 0.56 17.47
C PRO A 2328 4.21 0.26 15.98
N ARG A 2329 3.50 -0.77 15.54
CA ARG A 2329 3.59 -1.18 14.14
C ARG A 2329 3.09 -0.08 13.21
N SER A 2330 1.98 0.57 13.56
CA SER A 2330 1.47 1.65 12.74
C SER A 2330 2.49 2.78 12.64
N PHE A 2331 3.11 3.15 13.76
CA PHE A 2331 4.05 4.26 13.77
C PHE A 2331 5.27 3.94 12.91
N THR A 2332 5.86 2.76 13.08
CA THR A 2332 7.05 2.42 12.31
C THR A 2332 6.71 2.33 10.83
N PHE A 2333 5.56 1.73 10.48
CA PHE A 2333 5.21 1.66 9.08
C PHE A 2333 4.99 3.05 8.49
N LEU A 2334 4.40 3.96 9.26
CA LEU A 2334 4.16 5.30 8.73
C LEU A 2334 5.47 6.03 8.48
N ASN A 2335 6.41 5.93 9.42
CA ASN A 2335 7.71 6.57 9.19
C ASN A 2335 8.40 5.97 7.96
N ASP A 2336 8.37 4.64 7.84
CA ASP A 2336 9.01 3.99 6.69
C ASP A 2336 8.34 4.41 5.38
N ALA A 2337 7.01 4.50 5.38
CA ALA A 2337 6.29 4.88 4.18
C ALA A 2337 6.63 6.31 3.77
N CYS A 2338 6.72 7.20 4.76
CA CYS A 2338 7.09 8.58 4.45
C CYS A 2338 8.48 8.64 3.82
N GLN A 2339 9.45 7.94 4.42
CA GLN A 2339 10.80 7.97 3.88
C GLN A 2339 10.82 7.43 2.45
N GLY A 2340 10.13 6.30 2.24
CA GLY A 2340 10.11 5.70 0.92
C GLY A 2340 9.47 6.59 -0.12
N LEU A 2341 8.32 7.19 0.21
CA LEU A 2341 7.64 8.07 -0.73
C LEU A 2341 8.49 9.27 -1.06
N GLU A 2342 9.17 9.85 -0.06
CA GLU A 2342 10.03 11.00 -0.32
C GLU A 2342 11.14 10.64 -1.29
N GLN A 2343 11.86 9.56 -1.01
CA GLN A 2343 12.97 9.19 -1.88
C GLN A 2343 12.49 8.85 -3.28
N ALA A 2344 11.36 8.13 -3.37
CA ALA A 2344 10.85 7.73 -4.68
C ALA A 2344 10.44 8.94 -5.50
N ARG A 2345 9.74 9.89 -4.89
CA ARG A 2345 9.32 11.07 -5.61
C ARG A 2345 10.53 11.90 -6.04
N LYS A 2346 11.57 11.97 -5.21
CA LYS A 2346 12.77 12.70 -5.61
C LYS A 2346 13.41 12.07 -6.84
N VAL A 2347 13.63 10.75 -6.80
CA VAL A 2347 14.29 10.11 -7.92
C VAL A 2347 13.40 10.14 -9.16
N LEU A 2348 12.08 10.13 -8.98
CA LEU A 2348 11.17 10.19 -10.12
C LEU A 2348 11.19 11.57 -10.75
N ALA A 2349 11.29 12.62 -9.94
CA ALA A 2349 11.44 13.95 -10.49
C ALA A 2349 12.72 14.05 -11.31
N TYR A 2350 13.82 13.48 -10.80
CA TYR A 2350 15.05 13.50 -11.59
C TYR A 2350 14.89 12.72 -12.90
N ALA A 2351 14.24 11.56 -12.83
CA ALA A 2351 14.00 10.78 -14.05
C ALA A 2351 13.17 11.55 -15.06
N CYS A 2352 12.24 12.39 -14.58
CA CYS A 2352 11.54 13.29 -15.48
C CYS A 2352 12.50 14.31 -16.07
N VAL A 2353 13.41 14.83 -15.25
CA VAL A 2353 14.42 15.80 -15.70
C VAL A 2353 15.39 15.19 -16.71
N TYR A 2354 15.40 13.87 -16.84
CA TYR A 2354 16.40 13.16 -17.64
C TYR A 2354 16.72 13.80 -18.98
N SER A 2355 15.71 13.93 -19.84
CA SER A 2355 15.93 14.37 -21.22
C SER A 2355 16.52 15.77 -21.33
N MET A 2364 18.81 4.00 -27.72
CA MET A 2364 18.49 2.68 -27.20
C MET A 2364 18.35 2.70 -25.68
N ASP A 2365 17.39 3.51 -25.21
CA ASP A 2365 17.11 3.64 -23.79
C ASP A 2365 15.71 3.12 -23.52
N VAL A 2366 15.59 2.26 -22.50
CA VAL A 2366 14.32 1.62 -22.19
C VAL A 2366 13.96 1.84 -20.73
N VAL A 2367 14.52 2.90 -20.12
CA VAL A 2367 14.19 3.22 -18.74
C VAL A 2367 12.75 3.69 -18.59
N GLU A 2368 12.05 3.88 -19.70
CA GLU A 2368 10.67 4.36 -19.65
C GLU A 2368 9.78 3.41 -18.87
N GLN A 2369 9.98 2.10 -19.03
CA GLN A 2369 9.14 1.16 -18.29
C GLN A 2369 9.43 1.24 -16.79
N GLN A 2370 10.69 1.45 -16.44
CA GLN A 2370 11.05 1.65 -15.04
C GLN A 2370 10.33 2.85 -14.46
N THR A 2371 10.44 4.00 -15.12
CA THR A 2371 9.78 5.17 -14.56
C THR A 2371 8.27 5.00 -14.55
N GLU A 2372 7.72 4.27 -15.52
CA GLU A 2372 6.27 4.10 -15.60
C GLU A 2372 5.75 3.29 -14.41
N ASN A 2373 6.33 2.11 -14.16
CA ASN A 2373 5.82 1.33 -13.05
C ASN A 2373 6.19 1.96 -11.72
N LEU A 2374 7.28 2.72 -11.66
CA LEU A 2374 7.57 3.47 -10.44
C LEU A 2374 6.44 4.45 -10.15
N GLU A 2375 6.01 5.20 -11.17
CA GLU A 2375 4.89 6.10 -10.99
C GLU A 2375 3.64 5.34 -10.54
N LEU A 2376 3.39 4.18 -11.15
CA LEU A 2376 2.20 3.40 -10.80
C LEU A 2376 2.22 3.00 -9.33
N HIS A 2377 3.34 2.42 -8.88
CA HIS A 2377 3.43 1.96 -7.50
C HIS A 2377 3.34 3.11 -6.51
N THR A 2378 4.06 4.20 -6.79
CA THR A 2378 4.03 5.34 -5.89
C THR A 2378 2.63 5.92 -5.79
N ASN A 2379 1.93 6.02 -6.92
CA ASN A 2379 0.57 6.55 -6.88
C ASN A 2379 -0.36 5.61 -6.13
N ALA A 2380 -0.16 4.30 -6.26
CA ALA A 2380 -0.99 3.36 -5.52
C ALA A 2380 -0.80 3.52 -4.01
N LEU A 2381 0.45 3.60 -3.58
CA LEU A 2381 0.72 3.77 -2.14
C LEU A 2381 0.20 5.12 -1.66
N GLN A 2382 0.33 6.14 -2.49
CA GLN A 2382 -0.20 7.46 -2.16
C GLN A 2382 -1.71 7.40 -1.94
N ILE A 2383 -2.42 6.71 -2.84
CA ILE A 2383 -3.87 6.60 -2.71
C ILE A 2383 -4.24 5.82 -1.46
N LEU A 2384 -3.48 4.77 -1.14
CA LEU A 2384 -3.76 4.00 0.06
C LEU A 2384 -3.59 4.85 1.31
N LEU A 2385 -2.49 5.59 1.40
CA LEU A 2385 -2.27 6.45 2.55
C LEU A 2385 -3.37 7.50 2.65
N GLU A 2386 -3.78 8.07 1.51
CA GLU A 2386 -4.85 9.05 1.53
C GLU A 2386 -6.15 8.44 2.03
N GLU A 2387 -6.45 7.21 1.60
CA GLU A 2387 -7.68 6.56 2.06
C GLU A 2387 -7.64 6.30 3.55
N THR A 2388 -6.47 5.96 4.08
CA THR A 2388 -6.31 5.79 5.52
C THR A 2388 -6.14 7.11 6.26
N LEU A 2389 -6.09 8.23 5.54
CA LEU A 2389 -5.94 9.54 6.16
C LEU A 2389 -7.26 10.15 6.62
N LEU A 2390 -8.34 9.95 5.87
CA LEU A 2390 -9.62 10.58 6.17
C LEU A 2390 -10.19 10.11 7.52
N ARG A 2393 -11.42 11.58 10.38
CA ARG A 2393 -11.51 12.96 10.86
C ARG A 2393 -10.45 13.25 11.92
N ASP A 2394 -10.46 12.47 13.00
CA ASP A 2394 -9.48 12.60 14.07
C ASP A 2394 -8.28 11.72 13.73
N LEU A 2395 -7.11 12.34 13.60
CA LEU A 2395 -5.94 11.62 13.10
C LEU A 2395 -5.51 10.52 14.06
N ALA A 2396 -5.46 10.83 15.35
CA ALA A 2396 -4.96 9.86 16.32
C ALA A 2396 -5.84 8.62 16.36
N SER A 2397 -7.16 8.81 16.40
CA SER A 2397 -8.06 7.67 16.37
C SER A 2397 -7.91 6.88 15.07
N SER A 2398 -7.72 7.59 13.96
CA SER A 2398 -7.54 6.92 12.68
C SER A 2398 -6.31 6.04 12.69
N LEU A 2399 -5.20 6.53 13.26
CA LEU A 2399 -3.99 5.73 13.31
C LEU A 2399 -4.15 4.56 14.27
N ARG A 2400 -4.81 4.78 15.40
CA ARG A 2400 -5.04 3.68 16.34
C ARG A 2400 -5.88 2.59 15.72
N LEU A 2401 -6.79 2.95 14.80
CA LEU A 2401 -7.63 1.96 14.15
C LEU A 2401 -6.81 1.02 13.28
N LEU A 2402 -5.87 1.56 12.51
CA LEU A 2402 -5.06 0.74 11.61
C LEU A 2402 -3.75 1.43 11.27
N ASP A 2405 -4.15 -6.74 7.68
CA ASP A 2405 -5.10 -5.74 7.22
C ASP A 2405 -4.60 -5.11 5.93
N CYS A 2406 -5.09 -3.90 5.64
CA CYS A 2406 -4.52 -3.13 4.54
C CYS A 2406 -3.06 -2.78 4.78
N LEU A 2407 -2.63 -2.84 6.04
CA LEU A 2407 -1.22 -2.68 6.36
C LEU A 2407 -0.34 -3.63 5.56
N SER A 2408 -0.83 -4.85 5.33
CA SER A 2408 -0.07 -5.81 4.55
C SER A 2408 0.11 -5.33 3.11
N THR A 2409 -0.96 -4.79 2.51
CA THR A 2409 -0.84 -4.23 1.17
C THR A 2409 0.16 -3.09 1.15
N GLY A 2410 0.13 -2.24 2.18
CA GLY A 2410 1.10 -1.15 2.26
C GLY A 2410 2.53 -1.66 2.31
N MET A 2411 2.77 -2.70 3.12
CA MET A 2411 4.10 -3.29 3.19
C MET A 2411 4.54 -3.82 1.83
N GLU A 2412 3.62 -4.49 1.12
CA GLU A 2412 3.96 -4.99 -0.20
C GLU A 2412 4.38 -3.86 -1.12
N LEU A 2413 3.59 -2.77 -1.13
CA LEU A 2413 3.90 -1.66 -2.01
C LEU A 2413 5.24 -1.03 -1.65
N LEU A 2414 5.53 -0.90 -0.36
CA LEU A 2414 6.80 -0.32 0.05
C LEU A 2414 7.96 -1.19 -0.40
N ARG A 2415 7.82 -2.51 -0.28
CA ARG A 2415 8.89 -3.39 -0.76
C ARG A 2415 9.09 -3.22 -2.25
N ARG A 2416 8.00 -3.10 -3.00
CA ARG A 2416 8.10 -2.90 -4.44
C ARG A 2416 8.87 -1.64 -4.76
N ILE A 2417 8.53 -0.54 -4.08
CA ILE A 2417 9.24 0.72 -4.31
C ILE A 2417 10.72 0.56 -4.01
N GLN A 2418 11.04 -0.12 -2.92
CA GLN A 2418 12.45 -0.29 -2.55
C GLN A 2418 13.20 -1.09 -3.59
N GLU A 2419 12.60 -2.19 -4.06
CA GLU A 2419 13.26 -3.02 -5.07
C GLU A 2419 13.49 -2.23 -6.34
N ARG A 2420 12.49 -1.47 -6.76
CA ARG A 2420 12.62 -0.73 -8.01
C ARG A 2420 13.65 0.39 -7.89
N LEU A 2421 13.70 1.05 -6.73
CA LEU A 2421 14.70 2.08 -6.53
C LEU A 2421 16.09 1.49 -6.59
N LEU A 2422 16.29 0.33 -5.96
CA LEU A 2422 17.58 -0.34 -6.05
C LEU A 2422 17.91 -0.69 -7.49
N ALA A 2423 16.91 -1.15 -8.25
CA ALA A 2423 17.14 -1.49 -9.64
C ALA A 2423 17.60 -0.28 -10.44
N ILE A 2424 16.93 0.86 -10.25
CA ILE A 2424 17.31 2.08 -10.97
C ILE A 2424 18.72 2.50 -10.59
N LEU A 2425 19.03 2.47 -9.30
CA LEU A 2425 20.35 2.90 -8.86
C LEU A 2425 21.44 2.01 -9.44
N GLN A 2426 21.25 0.69 -9.40
CA GLN A 2426 22.28 -0.21 -9.90
C GLN A 2426 22.42 -0.09 -11.41
N HIS A 2427 21.29 -0.09 -12.12
CA HIS A 2427 21.34 -0.04 -13.58
C HIS A 2427 21.97 1.25 -14.08
N SER A 2428 21.65 2.36 -13.45
CA SER A 2428 22.18 3.66 -13.85
C SER A 2428 23.70 3.70 -13.77
N LEU B 12 -46.27 -36.55 -26.12
CA LEU B 12 -44.91 -36.13 -25.79
C LEU B 12 -44.47 -34.97 -26.66
N MET B 13 -43.85 -33.97 -26.04
CA MET B 13 -43.37 -32.78 -26.73
C MET B 13 -41.85 -32.81 -26.78
N VAL B 14 -41.29 -32.56 -27.95
CA VAL B 14 -39.86 -32.61 -28.17
C VAL B 14 -39.32 -31.17 -28.22
N PRO B 15 -38.43 -30.78 -27.34
CA PRO B 15 -37.79 -29.46 -27.45
C PRO B 15 -36.69 -29.48 -28.49
N LEU B 16 -36.93 -28.80 -29.61
CA LEU B 16 -35.97 -28.80 -30.71
C LEU B 16 -35.02 -27.61 -30.62
N GLY B 17 -35.56 -26.40 -30.62
CA GLY B 17 -34.74 -25.22 -30.61
C GLY B 17 -35.24 -24.18 -29.64
N PRO B 18 -34.61 -23.00 -29.62
CA PRO B 18 -35.10 -21.93 -28.75
C PRO B 18 -36.54 -21.56 -29.04
N ARG B 19 -36.94 -21.58 -30.31
CA ARG B 19 -38.32 -21.43 -30.71
C ARG B 19 -38.91 -22.68 -31.33
N LEU B 20 -38.07 -23.64 -31.72
CA LEU B 20 -38.52 -24.81 -32.44
C LEU B 20 -38.88 -25.93 -31.47
N GLN B 21 -40.04 -26.54 -31.69
CA GLN B 21 -40.44 -27.75 -30.98
C GLN B 21 -41.01 -28.73 -31.99
N ALA B 22 -41.14 -29.99 -31.57
CA ALA B 22 -41.57 -31.05 -32.48
C ALA B 22 -42.47 -32.03 -31.74
N TYR B 23 -43.16 -32.87 -32.51
CA TYR B 23 -44.04 -33.90 -31.97
C TYR B 23 -44.43 -34.88 -33.07
N PRO B 24 -44.51 -36.17 -32.77
CA PRO B 24 -44.71 -37.16 -33.83
C PRO B 24 -46.15 -37.19 -34.33
N GLU B 25 -46.34 -37.81 -35.50
CA GLU B 25 -47.67 -37.90 -36.09
C GLU B 25 -48.21 -39.32 -36.15
N GLU B 26 -47.50 -40.25 -36.80
CA GLU B 26 -48.03 -41.59 -37.02
C GLU B 26 -46.94 -42.47 -37.62
N LEU B 27 -47.14 -43.79 -37.52
CA LEU B 27 -46.23 -44.75 -38.13
C LEU B 27 -46.60 -44.96 -39.59
N ILE B 28 -45.58 -45.09 -40.45
CA ILE B 28 -45.84 -45.18 -41.88
C ILE B 28 -45.40 -46.51 -42.49
N ARG B 29 -44.37 -47.15 -41.92
CA ARG B 29 -43.72 -48.26 -42.63
C ARG B 29 -43.01 -49.16 -41.62
N GLN B 30 -42.18 -50.05 -42.14
CA GLN B 30 -41.40 -50.98 -41.32
C GLN B 30 -40.19 -51.43 -42.15
N ARG B 31 -39.35 -52.27 -41.53
CA ARG B 31 -38.19 -52.85 -42.20
C ARG B 31 -37.59 -53.99 -41.37
N HIS B 34 -29.57 -53.03 -40.56
CA HIS B 34 -28.58 -53.96 -40.05
C HIS B 34 -29.09 -54.65 -38.79
N ASP B 35 -30.16 -54.10 -38.21
CA ASP B 35 -30.71 -54.67 -36.99
C ASP B 35 -31.28 -56.05 -37.24
N GLY B 36 -31.92 -56.26 -38.38
CA GLY B 36 -32.57 -57.52 -38.66
C GLY B 36 -33.89 -57.72 -37.95
N HIS B 37 -34.52 -56.63 -37.52
CA HIS B 37 -35.77 -56.65 -36.78
C HIS B 37 -36.76 -55.70 -37.44
N PRO B 38 -38.06 -55.84 -37.15
CA PRO B 38 -39.02 -54.86 -37.63
C PRO B 38 -38.72 -53.47 -37.08
N GLU B 39 -38.93 -52.46 -37.93
CA GLU B 39 -38.63 -51.08 -37.59
C GLU B 39 -39.84 -50.21 -37.87
N TYR B 40 -39.69 -48.89 -37.80
CA TYR B 40 -40.78 -48.00 -38.11
C TYR B 40 -40.26 -46.63 -38.52
N LEU B 41 -40.78 -46.10 -39.62
CA LEU B 41 -40.50 -44.73 -40.05
C LEU B 41 -41.70 -43.86 -39.69
N ILE B 42 -41.42 -42.70 -39.11
CA ILE B 42 -42.47 -41.84 -38.55
C ILE B 42 -42.21 -40.39 -38.97
N ARG B 43 -43.29 -39.68 -39.26
CA ARG B 43 -43.22 -38.25 -39.53
C ARG B 43 -43.41 -37.47 -38.24
N TRP B 44 -42.86 -36.27 -38.20
CA TRP B 44 -42.85 -35.46 -36.99
C TRP B 44 -43.19 -34.03 -37.36
N SER B 45 -44.33 -33.53 -36.88
CA SER B 45 -44.70 -32.15 -37.10
C SER B 45 -43.86 -31.24 -36.22
N VAL B 46 -43.33 -30.18 -36.81
CA VAL B 46 -42.49 -29.22 -36.10
C VAL B 46 -43.28 -27.92 -35.96
N LEU B 47 -43.51 -27.51 -34.73
CA LEU B 47 -44.18 -26.25 -34.42
C LEU B 47 -43.15 -25.20 -34.05
N LYS B 48 -43.23 -24.03 -34.69
CA LYS B 48 -42.29 -22.95 -34.43
C LYS B 48 -43.01 -21.61 -34.32
N GLU B 63 -41.17 -26.93 -41.79
CA GLU B 63 -42.32 -27.81 -42.02
C GLU B 63 -42.29 -28.99 -41.07
N HIS B 64 -42.61 -30.18 -41.58
CA HIS B 64 -42.57 -31.39 -40.79
C HIS B 64 -41.53 -32.35 -41.37
N ILE B 65 -40.92 -33.12 -40.49
CA ILE B 65 -39.75 -33.91 -40.83
C ILE B 65 -40.16 -35.39 -40.89
N LEU B 66 -39.27 -36.21 -41.41
CA LEU B 66 -39.47 -37.66 -41.48
C LEU B 66 -38.23 -38.35 -40.94
N MET B 67 -38.44 -39.48 -40.25
CA MET B 67 -37.34 -40.16 -39.59
C MET B 67 -37.57 -41.66 -39.59
N TRP B 68 -36.48 -42.39 -39.35
CA TRP B 68 -36.51 -43.83 -39.15
C TRP B 68 -36.08 -44.12 -37.72
N LEU B 69 -36.88 -44.89 -36.98
CA LEU B 69 -36.57 -45.22 -35.61
C LEU B 69 -36.57 -46.73 -35.43
N SER B 70 -36.31 -47.18 -34.21
CA SER B 70 -36.34 -48.58 -33.87
C SER B 70 -37.28 -48.80 -32.70
N ALA B 71 -37.86 -50.00 -32.66
CA ALA B 71 -38.95 -50.28 -31.72
C ALA B 71 -38.61 -49.94 -30.26
N PRO B 72 -37.43 -50.28 -29.74
CA PRO B 72 -37.09 -49.77 -28.40
C PRO B 72 -37.10 -48.26 -28.34
N GLU B 73 -36.53 -47.60 -29.35
CA GLU B 73 -36.57 -46.15 -29.39
C GLU B 73 -37.99 -45.64 -29.54
N VAL B 74 -38.86 -46.40 -30.23
CA VAL B 74 -40.26 -46.03 -30.31
C VAL B 74 -40.90 -46.04 -28.93
N TYR B 75 -40.72 -47.14 -28.19
CA TYR B 75 -41.28 -47.23 -26.86
C TYR B 75 -40.74 -46.14 -25.96
N ALA B 76 -39.48 -45.75 -26.18
CA ALA B 76 -38.89 -44.68 -25.38
C ALA B 76 -39.53 -43.34 -25.70
N ASN B 77 -39.64 -43.00 -26.99
CA ASN B 77 -40.07 -41.67 -27.40
C ASN B 77 -41.54 -41.60 -27.77
N CYS B 78 -42.06 -42.60 -28.48
CA CYS B 78 -43.46 -42.61 -28.94
C CYS B 78 -44.13 -43.86 -28.37
N PRO B 79 -44.63 -43.80 -27.14
CA PRO B 79 -45.12 -45.03 -26.51
C PRO B 79 -46.39 -45.56 -27.13
N GLY B 80 -47.38 -44.70 -27.41
CA GLY B 80 -48.66 -45.15 -27.90
C GLY B 80 -48.62 -45.72 -29.29
N LEU B 81 -48.26 -44.88 -30.26
CA LEU B 81 -48.22 -45.27 -31.66
C LEU B 81 -47.20 -46.37 -31.90
N GLU B 111 -55.73 -58.02 -40.38
CA GLU B 111 -56.45 -59.23 -40.05
C GLU B 111 -57.00 -59.89 -41.31
N VAL B 112 -58.04 -60.73 -41.13
CA VAL B 112 -58.66 -61.41 -42.26
C VAL B 112 -59.28 -60.43 -43.23
N ALA B 113 -59.66 -59.24 -42.77
CA ALA B 113 -60.16 -58.22 -43.67
C ALA B 113 -59.13 -57.87 -44.73
N MET B 114 -57.85 -57.96 -44.39
CA MET B 114 -56.81 -57.79 -45.40
C MET B 114 -56.92 -58.84 -46.49
N GLY B 115 -57.16 -60.10 -46.11
CA GLY B 115 -57.35 -61.13 -47.11
C GLY B 115 -58.59 -60.92 -47.95
N GLU B 116 -59.68 -60.50 -47.33
CA GLU B 116 -60.90 -60.22 -48.08
C GLU B 116 -60.66 -59.11 -49.09
N MET B 117 -60.04 -58.02 -48.66
CA MET B 117 -59.77 -56.91 -49.57
C MET B 117 -58.76 -57.30 -50.64
N GLU B 118 -57.84 -58.22 -50.32
CA GLU B 118 -56.89 -58.69 -51.32
C GLU B 118 -57.59 -59.49 -52.39
N ALA B 119 -58.52 -60.37 -51.99
CA ALA B 119 -59.31 -61.09 -52.97
C ALA B 119 -60.12 -60.12 -53.81
N ASP B 120 -60.69 -59.10 -53.17
CA ASP B 120 -61.44 -58.09 -53.89
C ASP B 120 -60.58 -57.40 -54.93
N VAL B 121 -59.34 -57.05 -54.55
CA VAL B 121 -58.45 -56.35 -55.46
C VAL B 121 -58.05 -57.25 -56.62
N GLN B 122 -57.77 -58.53 -56.33
CA GLN B 122 -57.39 -59.45 -57.39
C GLN B 122 -58.53 -59.64 -58.39
N ALA B 123 -59.74 -59.87 -57.88
CA ALA B 123 -60.88 -60.03 -58.78
C ALA B 123 -61.17 -58.74 -59.53
N LEU B 124 -60.99 -57.60 -58.87
CA LEU B 124 -61.21 -56.32 -59.53
C LEU B 124 -60.22 -56.13 -60.66
N VAL B 125 -58.96 -56.49 -60.45
CA VAL B 125 -57.98 -56.38 -61.51
C VAL B 125 -58.32 -57.32 -62.65
N ARG B 126 -58.79 -58.52 -62.31
CA ARG B 126 -59.18 -59.47 -63.35
C ARG B 126 -60.31 -58.89 -64.21
N ARG B 127 -61.30 -58.30 -63.56
CA ARG B 127 -62.39 -57.67 -64.31
C ARG B 127 -61.89 -56.48 -65.11
N ALA B 128 -61.02 -55.68 -64.51
CA ALA B 128 -60.48 -54.51 -65.21
C ALA B 128 -59.69 -54.92 -66.44
N ALA B 129 -59.15 -56.14 -66.44
CA ALA B 129 -58.50 -56.63 -67.64
C ALA B 129 -59.44 -56.55 -68.84
N ARG B 130 -60.65 -57.08 -68.69
CA ARG B 130 -61.64 -56.97 -69.76
C ARG B 130 -62.14 -55.53 -69.90
N GLN B 131 -62.25 -54.81 -68.78
CA GLN B 131 -62.74 -53.44 -68.83
C GLN B 131 -61.83 -52.56 -69.69
N LEU B 132 -60.55 -52.89 -69.76
CA LEU B 132 -59.60 -52.19 -70.61
C LEU B 132 -59.46 -52.83 -71.98
N ALA B 133 -59.61 -54.15 -72.07
CA ALA B 133 -59.51 -54.82 -73.36
C ALA B 133 -60.61 -54.40 -74.32
N GLU B 134 -61.71 -53.86 -73.81
CA GLU B 134 -62.86 -53.46 -74.62
C GLU B 134 -62.97 -51.95 -74.74
N SER B 135 -61.84 -51.26 -74.83
CA SER B 135 -61.83 -49.79 -74.84
C SER B 135 -62.19 -49.31 -76.25
N GLY B 136 -63.48 -49.38 -76.56
CA GLY B 136 -63.99 -48.88 -77.82
C GLY B 136 -65.34 -48.21 -77.70
N THR B 137 -65.75 -47.89 -76.48
CA THR B 137 -67.08 -47.36 -76.25
C THR B 137 -67.01 -46.11 -75.38
N PRO B 138 -68.01 -45.24 -75.48
CA PRO B 138 -68.14 -44.18 -74.48
C PRO B 138 -68.37 -44.74 -73.08
N SER B 139 -69.05 -45.88 -72.98
CA SER B 139 -69.21 -46.55 -71.70
C SER B 139 -67.95 -47.28 -71.29
N LEU B 140 -67.10 -47.67 -72.26
CA LEU B 140 -65.87 -48.37 -71.93
C LEU B 140 -64.97 -47.50 -71.06
N THR B 141 -64.73 -46.27 -71.48
CA THR B 141 -63.87 -45.37 -70.71
C THR B 141 -64.46 -45.09 -69.35
N ALA B 142 -65.79 -44.93 -69.28
CA ALA B 142 -66.42 -44.61 -68.00
C ALA B 142 -66.35 -45.78 -67.02
N ALA B 143 -66.57 -47.00 -67.53
CA ALA B 143 -66.45 -48.19 -66.67
C ALA B 143 -65.01 -48.37 -66.22
N VAL B 144 -64.06 -48.16 -67.12
CA VAL B 144 -62.66 -48.21 -66.72
C VAL B 144 -62.38 -47.14 -65.67
N LEU B 145 -63.00 -45.97 -65.81
CA LEU B 145 -62.79 -44.89 -64.87
C LEU B 145 -63.32 -45.25 -63.49
N HIS B 146 -64.50 -45.87 -63.43
CA HIS B 146 -65.02 -46.33 -62.16
C HIS B 146 -64.12 -47.39 -61.55
N THR B 147 -63.63 -48.32 -62.39
CA THR B 147 -62.70 -49.32 -61.90
C THR B 147 -61.43 -48.66 -61.36
N ILE B 148 -60.97 -47.61 -62.02
CA ILE B 148 -59.76 -46.91 -61.58
C ILE B 148 -60.02 -46.22 -60.26
N HIS B 149 -61.23 -45.68 -60.09
CA HIS B 149 -61.57 -45.05 -58.82
C HIS B 149 -61.50 -46.07 -57.69
N VAL B 150 -62.11 -47.23 -57.92
CA VAL B 150 -62.09 -48.28 -56.90
C VAL B 150 -60.65 -48.70 -56.61
N LEU B 151 -59.85 -48.89 -57.65
CA LEU B 151 -58.46 -49.29 -57.46
C LEU B 151 -57.70 -48.26 -56.65
N SER B 152 -57.60 -47.04 -57.17
CA SER B 152 -56.85 -46.00 -56.48
C SER B 152 -57.32 -45.81 -55.06
N ALA B 153 -58.61 -46.04 -54.78
CA ALA B 153 -59.05 -46.07 -53.40
C ALA B 153 -58.41 -47.22 -52.63
N TYR B 154 -58.35 -48.40 -53.26
CA TYR B 154 -57.83 -49.56 -52.54
C TYR B 154 -56.35 -49.43 -52.28
N ALA B 155 -55.58 -49.05 -53.30
CA ALA B 155 -54.13 -48.92 -53.21
C ALA B 155 -53.70 -47.84 -52.23
N SER B 156 -54.62 -46.98 -51.79
CA SER B 156 -54.28 -46.02 -50.75
C SER B 156 -54.13 -46.68 -49.41
N ILE B 157 -54.22 -48.01 -49.36
CA ILE B 157 -54.01 -48.79 -48.14
C ILE B 157 -52.64 -49.46 -48.25
N GLY B 158 -51.84 -49.34 -47.19
CA GLY B 158 -50.51 -49.88 -47.14
C GLY B 158 -50.35 -51.29 -47.67
N PRO B 159 -51.10 -52.25 -47.09
CA PRO B 159 -50.99 -53.64 -47.56
C PRO B 159 -51.35 -53.82 -49.02
N LEU B 160 -52.16 -52.94 -49.60
CA LEU B 160 -52.62 -53.13 -50.97
C LEU B 160 -51.51 -52.93 -51.99
N THR B 161 -50.42 -52.28 -51.62
CA THR B 161 -49.34 -52.05 -52.57
C THR B 161 -48.73 -53.37 -53.03
N GLY B 162 -48.40 -54.24 -52.09
CA GLY B 162 -47.84 -55.53 -52.46
C GLY B 162 -48.81 -56.37 -53.26
N VAL B 163 -50.11 -56.23 -52.99
CA VAL B 163 -51.11 -56.96 -53.75
C VAL B 163 -51.15 -56.46 -55.18
N PHE B 164 -51.18 -55.15 -55.37
CA PHE B 164 -51.24 -54.59 -56.72
C PHE B 164 -49.99 -54.95 -57.52
N ARG B 165 -48.82 -54.86 -56.89
CA ARG B 165 -47.60 -55.29 -57.56
C ARG B 165 -47.65 -56.78 -57.89
N GLU B 166 -48.15 -57.58 -56.94
CA GLU B 166 -48.32 -59.01 -57.19
C GLU B 166 -49.43 -59.29 -58.18
N THR B 167 -50.33 -58.32 -58.41
CA THR B 167 -51.40 -58.48 -59.37
C THR B 167 -50.97 -58.19 -60.79
N GLY B 168 -49.69 -57.94 -61.02
CA GLY B 168 -49.23 -57.58 -62.36
C GLY B 168 -49.73 -56.24 -62.83
N ALA B 169 -50.22 -55.40 -61.91
CA ALA B 169 -50.83 -54.12 -62.27
C ALA B 169 -49.90 -53.24 -63.09
N LEU B 170 -48.61 -53.57 -63.14
CA LEU B 170 -47.72 -52.89 -64.07
C LEU B 170 -48.23 -53.02 -65.50
N ASP B 171 -48.81 -54.18 -65.84
CA ASP B 171 -49.42 -54.33 -67.16
C ASP B 171 -50.58 -53.37 -67.34
N LEU B 172 -51.37 -53.17 -66.29
CA LEU B 172 -52.46 -52.21 -66.36
C LEU B 172 -51.93 -50.80 -66.58
N LEU B 173 -50.92 -50.41 -65.81
CA LEU B 173 -50.36 -49.08 -65.96
C LEU B 173 -49.73 -48.90 -67.34
N MET B 174 -49.14 -49.97 -67.87
CA MET B 174 -48.58 -49.92 -69.21
C MET B 174 -49.67 -49.70 -70.24
N HIS B 175 -50.77 -50.45 -70.11
CA HIS B 175 -51.90 -50.22 -71.00
C HIS B 175 -52.43 -48.80 -70.85
N MET B 176 -52.28 -48.21 -69.67
CA MET B 176 -52.66 -46.83 -69.44
C MET B 176 -51.68 -45.82 -70.01
N LEU B 177 -50.44 -46.23 -70.25
CA LEU B 177 -49.45 -45.30 -70.80
C LEU B 177 -49.83 -44.85 -72.20
N CYS B 178 -50.33 -45.77 -73.02
CA CYS B 178 -50.69 -45.48 -74.40
C CYS B 178 -52.06 -44.83 -74.52
N ASN B 179 -52.59 -44.32 -73.41
CA ASN B 179 -53.92 -43.76 -73.39
C ASN B 179 -54.01 -42.52 -74.27
N PRO B 180 -54.75 -42.55 -75.37
CA PRO B 180 -55.06 -41.31 -76.07
C PRO B 180 -55.99 -40.43 -75.28
N GLU B 181 -56.74 -41.00 -74.33
CA GLU B 181 -57.60 -40.23 -73.45
C GLU B 181 -56.74 -39.52 -72.41
N PRO B 182 -56.61 -38.19 -72.50
CA PRO B 182 -55.84 -37.49 -71.46
C PRO B 182 -56.46 -37.63 -70.10
N GLN B 183 -57.78 -37.75 -70.01
CA GLN B 183 -58.41 -38.04 -68.73
C GLN B 183 -57.95 -39.37 -68.18
N ILE B 184 -57.88 -40.39 -69.04
CA ILE B 184 -57.42 -41.71 -68.59
C ILE B 184 -55.97 -41.66 -68.16
N ARG B 185 -55.14 -40.93 -68.91
CA ARG B 185 -53.74 -40.82 -68.55
C ARG B 185 -53.58 -40.12 -67.20
N ARG B 186 -54.28 -39.00 -67.01
CA ARG B 186 -54.18 -38.28 -65.75
C ARG B 186 -54.76 -39.09 -64.60
N SER B 187 -55.80 -39.89 -64.87
CA SER B 187 -56.34 -40.77 -63.83
C SER B 187 -55.32 -41.82 -63.44
N ALA B 188 -54.62 -42.40 -64.42
CA ALA B 188 -53.56 -43.35 -64.10
C ALA B 188 -52.46 -42.68 -63.30
N GLY B 189 -52.16 -41.42 -63.63
CA GLY B 189 -51.20 -40.67 -62.84
C GLY B 189 -51.67 -40.48 -61.41
N LYS B 190 -52.95 -40.19 -61.22
CA LYS B 190 -53.50 -40.05 -59.88
C LYS B 190 -53.40 -41.38 -59.13
N MET B 191 -53.66 -42.49 -59.83
CA MET B 191 -53.50 -43.81 -59.23
C MET B 191 -52.05 -44.04 -58.82
N LEU B 192 -51.11 -43.64 -59.66
CA LEU B 192 -49.70 -43.80 -59.30
C LEU B 192 -49.34 -42.93 -58.11
N GLN B 193 -49.92 -41.73 -58.02
CA GLN B 193 -49.67 -40.86 -56.88
C GLN B 193 -50.20 -41.50 -55.60
N ALA B 194 -51.39 -42.09 -55.66
CA ALA B 194 -51.90 -42.81 -54.52
C ALA B 194 -50.99 -43.97 -54.15
N LEU B 195 -50.48 -44.68 -55.16
CA LEU B 195 -49.55 -45.78 -54.90
C LEU B 195 -48.29 -45.29 -54.21
N ALA B 196 -47.78 -44.13 -54.64
CA ALA B 196 -46.60 -43.55 -54.00
C ALA B 196 -46.90 -43.20 -52.55
N ALA B 197 -48.09 -42.63 -52.30
CA ALA B 197 -48.50 -42.37 -50.93
C ALA B 197 -48.52 -43.65 -50.12
N HIS B 198 -48.93 -44.76 -50.73
CA HIS B 198 -48.92 -46.05 -50.06
C HIS B 198 -47.49 -46.47 -49.74
N ASP B 199 -46.60 -46.39 -50.72
CA ASP B 199 -45.20 -46.76 -50.53
C ASP B 199 -44.39 -46.21 -51.68
N ALA B 200 -43.29 -45.53 -51.36
CA ALA B 200 -42.46 -44.93 -52.40
C ALA B 200 -41.78 -46.00 -53.25
N GLY B 201 -41.40 -47.13 -52.65
CA GLY B 201 -40.66 -48.14 -53.39
C GLY B 201 -41.49 -48.75 -54.51
N SER B 202 -42.73 -49.10 -54.22
CA SER B 202 -43.60 -49.66 -55.26
C SER B 202 -43.83 -48.65 -56.37
N ARG B 203 -44.00 -47.37 -56.01
CA ARG B 203 -44.13 -46.32 -57.02
C ARG B 203 -42.90 -46.25 -57.90
N ALA B 204 -41.72 -46.33 -57.29
CA ALA B 204 -40.49 -46.34 -58.05
C ALA B 204 -40.45 -47.52 -59.01
N HIS B 205 -40.86 -48.69 -58.54
CA HIS B 205 -40.85 -49.88 -59.39
C HIS B 205 -41.78 -49.71 -60.57
N VAL B 206 -42.98 -49.19 -60.33
CA VAL B 206 -43.95 -49.01 -61.41
C VAL B 206 -43.44 -48.00 -62.42
N LEU B 207 -42.91 -46.88 -61.94
CA LEU B 207 -42.41 -45.89 -62.87
C LEU B 207 -41.19 -46.39 -63.62
N LEU B 208 -40.43 -47.31 -63.02
CA LEU B 208 -39.31 -47.91 -63.71
C LEU B 208 -39.78 -48.84 -64.81
N SER B 209 -40.79 -49.66 -64.52
CA SER B 209 -41.38 -50.50 -65.55
C SER B 209 -41.93 -49.64 -66.68
N LEU B 210 -42.48 -48.48 -66.35
CA LEU B 210 -42.81 -47.50 -67.39
C LEU B 210 -41.56 -47.08 -68.14
N SER B 211 -40.48 -46.80 -67.41
CA SER B 211 -39.22 -46.44 -68.04
C SER B 211 -38.59 -47.65 -68.72
N GLN B 212 -38.92 -48.86 -68.26
CA GLN B 212 -38.39 -50.05 -68.89
C GLN B 212 -38.86 -50.22 -70.33
N GLN B 213 -39.83 -49.43 -70.77
CA GLN B 213 -40.30 -49.49 -72.14
C GLN B 213 -39.21 -49.07 -73.12
N HIS B 219 -34.22 -42.88 -77.29
CA HIS B 219 -34.17 -42.10 -78.51
C HIS B 219 -35.56 -41.64 -78.92
N MET B 220 -36.52 -41.82 -78.02
CA MET B 220 -37.89 -41.41 -78.29
C MET B 220 -37.94 -39.90 -78.51
N ASP B 221 -39.09 -39.44 -79.02
CA ASP B 221 -39.26 -38.04 -79.33
C ASP B 221 -38.99 -37.17 -78.11
N PHE B 222 -38.15 -36.15 -78.30
CA PHE B 222 -37.85 -35.23 -77.21
C PHE B 222 -39.12 -34.66 -76.62
N ASP B 223 -40.11 -34.38 -77.45
CA ASP B 223 -41.41 -33.98 -76.93
C ASP B 223 -42.09 -35.12 -76.19
N SER B 224 -42.02 -36.33 -76.73
CA SER B 224 -42.57 -37.49 -76.02
C SER B 224 -41.81 -37.73 -74.73
N ARG B 225 -40.49 -37.60 -74.77
CA ARG B 225 -39.68 -37.71 -73.57
C ARG B 225 -40.13 -36.70 -72.53
N TYR B 226 -40.32 -35.44 -72.94
CA TYR B 226 -40.75 -34.41 -72.03
C TYR B 226 -42.13 -34.73 -71.47
N THR B 227 -43.04 -35.23 -72.30
CA THR B 227 -44.36 -35.60 -71.82
C THR B 227 -44.26 -36.66 -70.72
N LEU B 228 -43.51 -37.73 -70.98
CA LEU B 228 -43.39 -38.81 -70.02
C LEU B 228 -42.71 -38.33 -68.74
N LEU B 229 -41.64 -37.55 -68.88
CA LEU B 229 -40.91 -37.10 -67.70
C LEU B 229 -41.75 -36.15 -66.87
N GLU B 230 -42.51 -35.26 -67.52
CA GLU B 230 -43.38 -34.35 -66.79
C GLU B 230 -44.47 -35.10 -66.07
N LEU B 231 -45.05 -36.11 -66.73
CA LEU B 231 -46.03 -36.94 -66.04
C LEU B 231 -45.42 -37.60 -64.82
N PHE B 232 -44.22 -38.14 -64.95
CA PHE B 232 -43.57 -38.81 -63.82
C PHE B 232 -43.27 -37.84 -62.70
N ALA B 233 -42.83 -36.62 -63.05
CA ALA B 233 -42.53 -35.64 -62.02
C ALA B 233 -43.79 -35.24 -61.27
N GLU B 234 -44.89 -35.03 -61.99
CA GLU B 234 -46.14 -34.71 -61.34
C GLU B 234 -46.60 -35.84 -60.44
N THR B 235 -46.50 -37.08 -60.92
CA THR B 235 -47.00 -38.22 -60.16
C THR B 235 -46.16 -38.48 -58.92
N THR B 236 -44.84 -38.51 -59.08
CA THR B 236 -43.92 -38.96 -58.03
C THR B 236 -43.49 -37.84 -57.10
N SER B 237 -44.26 -36.76 -57.02
CA SER B 237 -43.85 -35.67 -56.14
C SER B 237 -44.15 -36.08 -54.70
N SER B 238 -43.43 -37.09 -54.22
CA SER B 238 -43.64 -37.63 -52.88
C SER B 238 -43.26 -36.60 -51.82
N GLU B 239 -43.60 -36.92 -50.58
CA GLU B 239 -43.20 -36.07 -49.47
C GLU B 239 -41.68 -35.90 -49.45
N GLU B 240 -40.95 -36.95 -49.79
CA GLU B 240 -39.50 -36.82 -49.97
C GLU B 240 -39.20 -35.90 -51.16
N HIS B 241 -39.89 -36.12 -52.28
CA HIS B 241 -39.73 -35.23 -53.42
C HIS B 241 -40.22 -33.83 -53.07
N CYS B 242 -41.28 -33.74 -52.26
CA CYS B 242 -41.66 -32.47 -51.68
C CYS B 242 -40.50 -31.92 -50.86
N MET B 243 -40.22 -30.63 -51.01
CA MET B 243 -39.10 -30.04 -50.30
C MET B 243 -39.26 -28.52 -50.30
N ALA B 244 -38.43 -27.87 -49.50
CA ALA B 244 -38.47 -26.43 -49.37
C ALA B 244 -37.78 -25.77 -50.55
N PHE B 245 -38.43 -24.76 -51.12
CA PHE B 245 -37.81 -23.97 -52.17
C PHE B 245 -36.61 -23.23 -51.59
N GLU B 246 -35.53 -23.18 -52.37
CA GLU B 246 -34.31 -22.54 -51.89
C GLU B 246 -34.46 -21.03 -51.84
N GLY B 247 -34.94 -20.43 -52.93
CA GLY B 247 -34.92 -18.99 -53.07
C GLY B 247 -33.60 -18.42 -53.54
N ILE B 248 -32.60 -19.27 -53.80
CA ILE B 248 -31.30 -18.85 -54.30
C ILE B 248 -31.10 -19.48 -55.67
N HIS B 249 -30.33 -18.81 -56.51
CA HIS B 249 -30.26 -19.16 -57.92
C HIS B 249 -29.52 -20.47 -58.13
N LEU B 250 -30.27 -21.53 -58.42
CA LEU B 250 -29.68 -22.75 -58.97
C LEU B 250 -29.66 -22.63 -60.48
N PRO B 251 -28.51 -22.78 -61.13
CA PRO B 251 -28.39 -22.39 -62.54
C PRO B 251 -29.26 -23.23 -63.45
N GLN B 252 -29.27 -22.85 -64.72
CA GLN B 252 -30.10 -23.53 -65.71
C GLN B 252 -29.65 -24.97 -65.92
N ILE B 253 -30.62 -25.85 -66.12
CA ILE B 253 -30.36 -27.26 -66.40
C ILE B 253 -30.94 -27.60 -67.76
N PRO B 254 -30.12 -27.82 -68.78
CA PRO B 254 -30.64 -28.27 -70.08
C PRO B 254 -31.36 -29.60 -69.99
N GLY B 255 -32.00 -29.97 -71.09
CA GLY B 255 -32.96 -31.05 -71.10
C GLY B 255 -32.40 -32.45 -70.98
N LYS B 256 -31.50 -32.82 -71.89
CA LYS B 256 -30.98 -34.19 -71.89
C LYS B 256 -30.31 -34.52 -70.57
N LEU B 257 -29.63 -33.54 -69.98
CA LEU B 257 -29.07 -33.72 -68.65
C LEU B 257 -30.18 -34.06 -67.65
N LEU B 258 -31.31 -33.36 -67.74
CA LEU B 258 -32.41 -33.64 -66.84
C LEU B 258 -32.91 -35.06 -67.01
N PHE B 259 -33.05 -35.50 -68.26
CA PHE B 259 -33.55 -36.86 -68.49
C PHE B 259 -32.59 -37.90 -67.92
N SER B 260 -31.31 -37.75 -68.21
CA SER B 260 -30.33 -38.71 -67.69
C SER B 260 -30.34 -38.74 -66.17
N LEU B 261 -30.33 -37.56 -65.56
CA LEU B 261 -30.28 -37.51 -64.10
C LEU B 261 -31.54 -38.09 -63.50
N VAL B 262 -32.68 -37.90 -64.16
CA VAL B 262 -33.92 -38.50 -63.66
C VAL B 262 -33.80 -40.01 -63.66
N LYS B 263 -33.28 -40.57 -64.75
CA LYS B 263 -33.12 -42.01 -64.81
C LYS B 263 -32.23 -42.50 -63.68
N ARG B 264 -31.10 -41.82 -63.48
CA ARG B 264 -30.19 -42.20 -62.41
C ARG B 264 -30.86 -42.12 -61.04
N TYR B 265 -31.63 -41.07 -60.81
CA TYR B 265 -32.28 -40.89 -59.51
C TYR B 265 -33.27 -42.02 -59.27
N LEU B 266 -34.00 -42.42 -60.31
CA LEU B 266 -34.90 -43.55 -60.17
C LEU B 266 -34.13 -44.80 -59.77
N CYS B 267 -32.99 -45.05 -60.42
CA CYS B 267 -32.18 -46.20 -60.03
C CYS B 267 -31.81 -46.12 -58.56
N VAL B 268 -31.35 -44.95 -58.13
CA VAL B 268 -30.85 -44.80 -56.77
C VAL B 268 -31.96 -45.07 -55.77
N THR B 269 -33.13 -44.46 -55.99
CA THR B 269 -34.25 -44.63 -55.07
C THR B 269 -34.68 -46.09 -55.01
N SER B 270 -34.75 -46.75 -56.17
CA SER B 270 -35.17 -48.15 -56.18
C SER B 270 -34.21 -49.00 -55.37
N LEU B 271 -32.91 -48.81 -55.61
CA LEU B 271 -31.93 -49.62 -54.87
C LEU B 271 -32.01 -49.34 -53.38
N LEU B 272 -32.13 -48.06 -53.00
CA LEU B 272 -32.16 -47.71 -51.59
C LEU B 272 -33.35 -48.33 -50.89
N ASP B 273 -34.52 -48.29 -51.53
CA ASP B 273 -35.68 -48.91 -50.94
C ASP B 273 -35.47 -50.42 -50.80
N GLN B 274 -34.95 -51.05 -51.85
CA GLN B 274 -34.79 -52.51 -51.80
C GLN B 274 -33.64 -52.95 -50.93
N LEU B 275 -32.84 -52.02 -50.39
CA LEU B 275 -31.66 -52.40 -49.61
C LEU B 275 -32.01 -53.34 -48.47
N ASN B 276 -33.13 -53.08 -47.79
CA ASN B 276 -33.55 -53.93 -46.68
C ASN B 276 -35.02 -53.69 -46.33
N SER B 296 -24.43 -62.04 -51.22
CA SER B 296 -24.78 -61.67 -49.86
C SER B 296 -25.03 -60.17 -49.75
N ARG B 297 -24.80 -59.61 -48.56
CA ARG B 297 -24.95 -58.18 -48.37
C ARG B 297 -24.03 -57.38 -49.27
N GLY B 298 -22.97 -58.01 -49.79
CA GLY B 298 -22.13 -57.33 -50.76
C GLY B 298 -22.91 -56.87 -51.97
N GLN B 299 -23.99 -57.56 -52.32
CA GLN B 299 -24.86 -57.09 -53.38
C GLN B 299 -25.45 -55.72 -53.03
N ARG B 300 -25.96 -55.58 -51.81
CA ARG B 300 -26.50 -54.29 -51.39
C ARG B 300 -25.41 -53.23 -51.33
N GLU B 301 -24.22 -53.62 -50.87
CA GLU B 301 -23.11 -52.69 -50.82
C GLU B 301 -22.79 -52.16 -52.21
N LEU B 302 -22.67 -53.07 -53.17
CA LEU B 302 -22.35 -52.68 -54.54
C LEU B 302 -23.45 -51.84 -55.15
N GLU B 303 -24.71 -52.20 -54.89
CA GLU B 303 -25.81 -51.44 -55.44
C GLU B 303 -25.81 -50.01 -54.92
N PHE B 304 -25.73 -49.85 -53.60
CA PHE B 304 -25.73 -48.51 -53.03
C PHE B 304 -24.52 -47.72 -53.49
N SER B 305 -23.35 -48.38 -53.54
CA SER B 305 -22.15 -47.70 -53.96
C SER B 305 -22.27 -47.18 -55.39
N MET B 306 -22.68 -48.06 -56.30
CA MET B 306 -22.78 -47.66 -57.70
C MET B 306 -23.81 -46.57 -57.88
N ALA B 307 -24.96 -46.71 -57.23
CA ALA B 307 -26.02 -45.72 -57.40
C ALA B 307 -25.57 -44.36 -56.90
N VAL B 308 -25.04 -44.31 -55.68
CA VAL B 308 -24.63 -43.03 -55.11
C VAL B 308 -23.53 -42.41 -55.95
N GLY B 309 -22.59 -43.23 -56.42
CA GLY B 309 -21.49 -42.69 -57.20
C GLY B 309 -21.97 -42.11 -58.53
N ASN B 310 -22.80 -42.86 -59.24
CA ASN B 310 -23.27 -42.37 -60.52
C ASN B 310 -24.09 -41.11 -60.34
N LEU B 311 -24.95 -41.07 -59.31
CA LEU B 311 -25.76 -39.88 -59.07
C LEU B 311 -24.89 -38.68 -58.75
N ILE B 312 -23.90 -38.86 -57.88
CA ILE B 312 -23.06 -37.73 -57.50
C ILE B 312 -22.28 -37.24 -58.71
N SER B 313 -21.75 -38.16 -59.51
CA SER B 313 -21.01 -37.76 -60.69
C SER B 313 -21.88 -36.99 -61.65
N GLU B 314 -23.09 -37.50 -61.93
CA GLU B 314 -23.96 -36.84 -62.87
C GLU B 314 -24.40 -35.46 -62.37
N LEU B 315 -24.66 -35.35 -61.06
CA LEU B 315 -25.09 -34.07 -60.51
C LEU B 315 -23.97 -33.05 -60.55
N VAL B 316 -22.74 -33.47 -60.25
CA VAL B 316 -21.60 -32.58 -60.37
C VAL B 316 -21.41 -32.16 -61.82
N ARG B 317 -21.56 -33.10 -62.75
CA ARG B 317 -21.33 -32.79 -64.16
C ARG B 317 -22.39 -31.83 -64.68
N SER B 318 -23.67 -32.15 -64.46
CA SER B 318 -24.74 -31.28 -64.94
C SER B 318 -24.68 -29.91 -64.28
N MET B 319 -24.40 -29.88 -62.98
CA MET B 319 -24.06 -28.61 -62.36
C MET B 319 -22.78 -28.05 -62.96
N GLY B 320 -21.80 -28.91 -63.23
CA GLY B 320 -20.54 -28.44 -63.74
C GLY B 320 -19.66 -27.78 -62.69
N TRP B 321 -19.98 -27.98 -61.40
CA TRP B 321 -19.27 -27.30 -60.33
C TRP B 321 -17.92 -27.92 -60.02
N ALA B 322 -17.64 -29.11 -60.54
CA ALA B 322 -16.36 -29.76 -60.27
C ALA B 322 -15.18 -28.98 -60.82
N ARG B 323 -15.41 -28.10 -61.79
CA ARG B 323 -14.33 -27.28 -62.34
C ARG B 323 -13.78 -26.28 -61.34
N ASN B 324 -14.46 -26.05 -60.22
CA ASN B 324 -13.99 -25.10 -59.22
C ASN B 324 -13.18 -25.74 -58.11
N LEU B 325 -13.33 -27.05 -57.89
CA LEU B 325 -12.60 -27.75 -56.83
C LEU B 325 -11.23 -28.24 -57.28
N SER B 326 -10.86 -28.01 -58.54
CA SER B 326 -9.58 -28.47 -59.07
C SER B 326 -8.42 -27.58 -58.66
N GLU B 327 -8.67 -26.50 -57.91
CA GLU B 327 -7.63 -25.60 -57.46
C GLU B 327 -7.60 -25.45 -55.94
N GLN B 328 -8.28 -26.33 -55.23
CA GLN B 328 -8.34 -26.27 -53.77
C GLN B 328 -8.38 -27.66 -53.15
N PRO B 332 -3.83 -27.03 -46.87
CA PRO B 332 -3.36 -28.12 -46.01
C PRO B 332 -4.29 -28.36 -44.82
N PRO B 333 -4.51 -29.62 -44.47
CA PRO B 333 -5.40 -29.93 -43.34
C PRO B 333 -4.84 -29.36 -42.04
N ARG B 334 -5.67 -28.59 -41.35
CA ARG B 334 -5.26 -27.97 -40.10
C ARG B 334 -5.03 -29.03 -39.03
N PRO B 335 -4.08 -28.80 -38.13
CA PRO B 335 -3.86 -29.73 -37.02
C PRO B 335 -5.10 -29.86 -36.14
N THR B 336 -5.20 -30.98 -35.46
CA THR B 336 -6.40 -31.32 -34.71
C THR B 336 -6.53 -30.43 -33.48
N ARG B 337 -7.71 -30.50 -32.87
CA ARG B 337 -8.02 -29.82 -31.62
C ARG B 337 -9.26 -30.47 -31.05
N SER B 338 -9.80 -29.89 -29.97
CA SER B 338 -11.02 -30.42 -29.39
C SER B 338 -12.17 -30.32 -30.37
N ILE B 339 -12.97 -31.38 -30.45
CA ILE B 339 -14.16 -31.34 -31.26
C ILE B 339 -15.36 -30.83 -30.46
N PHE B 340 -15.35 -31.02 -29.15
CA PHE B 340 -16.52 -30.72 -28.32
C PHE B 340 -16.26 -29.70 -27.24
N GLN B 341 -15.07 -29.69 -26.66
CA GLN B 341 -14.75 -28.69 -25.63
C GLN B 341 -14.65 -27.31 -26.26
N PRO B 342 -15.37 -26.31 -25.75
CA PRO B 342 -15.42 -24.97 -26.34
C PRO B 342 -14.31 -24.06 -25.82
N TYR B 478 -6.07 -34.40 -17.94
CA TYR B 478 -6.74 -35.65 -18.23
C TYR B 478 -6.91 -35.84 -19.74
N PRO B 479 -6.63 -37.05 -20.22
CA PRO B 479 -6.76 -37.32 -21.66
C PRO B 479 -8.15 -37.79 -22.04
N LEU B 480 -8.65 -37.23 -23.14
CA LEU B 480 -9.92 -37.67 -23.70
C LEU B 480 -9.72 -39.02 -24.39
N PRO B 481 -10.43 -40.07 -23.98
CA PRO B 481 -10.13 -41.40 -24.54
C PRO B 481 -10.41 -41.53 -26.02
N TYR B 482 -11.42 -40.83 -26.54
CA TYR B 482 -11.77 -40.97 -27.94
C TYR B 482 -10.82 -40.20 -28.84
N LEU B 483 -10.30 -39.06 -28.38
CA LEU B 483 -9.43 -38.25 -29.22
C LEU B 483 -8.13 -38.99 -29.53
N GLN B 484 -7.69 -39.88 -28.65
CA GLN B 484 -6.52 -40.70 -28.92
C GLN B 484 -7.00 -42.02 -29.48
N PRO B 485 -6.79 -42.29 -30.78
CA PRO B 485 -7.27 -43.54 -31.40
C PRO B 485 -6.57 -44.77 -30.86
N THR B 497 -6.13 -46.95 -47.93
CA THR B 497 -7.47 -46.58 -47.51
C THR B 497 -8.53 -47.39 -48.25
N GLN B 498 -9.64 -47.66 -47.57
CA GLN B 498 -10.72 -48.42 -48.19
C GLN B 498 -11.40 -47.61 -49.29
N ALA B 499 -11.59 -46.31 -49.07
CA ALA B 499 -12.27 -45.49 -50.07
C ALA B 499 -11.48 -45.40 -51.36
N GLU B 500 -10.15 -45.47 -51.29
CA GLU B 500 -9.36 -45.52 -52.51
C GLU B 500 -9.69 -46.76 -53.31
N TRP B 501 -9.76 -47.91 -52.65
CA TRP B 501 -10.17 -49.12 -53.35
C TRP B 501 -11.59 -48.98 -53.86
N TRP B 502 -12.44 -48.26 -53.15
CA TRP B 502 -13.81 -48.08 -53.62
C TRP B 502 -13.83 -47.29 -54.93
N GLU B 503 -13.04 -46.22 -55.01
CA GLU B 503 -12.92 -45.49 -56.25
C GLU B 503 -12.38 -46.39 -57.35
N LEU B 504 -11.36 -47.19 -57.03
CA LEU B 504 -10.77 -48.08 -58.02
C LEU B 504 -11.80 -49.06 -58.55
N LEU B 505 -12.59 -49.66 -57.65
CA LEU B 505 -13.59 -50.63 -58.06
C LEU B 505 -14.70 -49.97 -58.86
N PHE B 506 -15.06 -48.74 -58.50
CA PHE B 506 -16.06 -48.01 -59.27
C PHE B 506 -15.59 -47.78 -60.70
N PHE B 507 -14.33 -47.39 -60.87
CA PHE B 507 -13.83 -47.16 -62.22
C PHE B 507 -13.63 -48.47 -62.97
N ILE B 508 -13.26 -49.54 -62.26
CA ILE B 508 -13.15 -50.84 -62.91
C ILE B 508 -14.51 -51.31 -63.39
N LYS B 509 -15.56 -51.01 -62.62
CA LYS B 509 -16.91 -51.27 -63.08
C LYS B 509 -17.26 -50.37 -64.25
N LYS B 510 -16.71 -49.14 -64.28
CA LYS B 510 -16.93 -48.27 -65.41
C LYS B 510 -16.35 -48.86 -66.69
N LEU B 511 -15.29 -49.65 -66.56
CA LEU B 511 -14.73 -50.35 -67.71
C LEU B 511 -15.72 -51.40 -68.22
N ASP B 512 -15.83 -51.49 -69.54
CA ASP B 512 -16.71 -52.47 -70.15
C ASP B 512 -16.20 -53.89 -69.88
N LEU B 513 -16.98 -54.88 -70.30
CA LEU B 513 -16.61 -56.27 -70.07
C LEU B 513 -15.25 -56.59 -70.67
N CYS B 514 -15.03 -56.18 -71.93
CA CYS B 514 -13.73 -56.35 -72.54
C CYS B 514 -12.66 -55.55 -71.79
N GLU B 515 -13.02 -54.35 -71.34
CA GLU B 515 -12.06 -53.51 -70.62
C GLU B 515 -11.84 -54.00 -69.19
N GLN B 516 -12.91 -54.37 -68.49
CA GLN B 516 -12.80 -54.73 -67.07
C GLN B 516 -12.27 -56.14 -66.85
N GLN B 517 -12.49 -57.05 -67.81
CA GLN B 517 -12.10 -58.44 -67.61
C GLN B 517 -10.62 -58.64 -67.32
N PRO B 518 -9.68 -58.04 -68.07
CA PRO B 518 -8.25 -58.29 -67.75
C PRO B 518 -7.85 -57.83 -66.36
N ILE B 519 -8.37 -56.69 -65.90
CA ILE B 519 -8.00 -56.21 -64.57
C ILE B 519 -8.55 -57.16 -63.51
N PHE B 520 -9.77 -57.63 -63.69
CA PHE B 520 -10.35 -58.57 -62.73
C PHE B 520 -9.59 -59.89 -62.71
N GLN B 521 -9.19 -60.38 -63.89
CA GLN B 521 -8.39 -61.60 -63.94
C GLN B 521 -7.04 -61.40 -63.25
N ASN B 522 -6.41 -60.25 -63.47
CA ASN B 522 -5.14 -59.95 -62.81
C ASN B 522 -5.33 -59.88 -61.30
N LEU B 523 -6.46 -59.34 -60.85
CA LEU B 523 -6.75 -59.33 -59.42
C LEU B 523 -6.88 -60.74 -58.86
N TRP B 524 -7.52 -61.63 -59.61
CA TRP B 524 -7.66 -63.02 -59.19
C TRP B 524 -6.34 -63.76 -59.35
N GLY B 537 -14.63 -57.96 -53.08
CA GLY B 537 -15.14 -56.73 -52.52
C GLY B 537 -14.35 -56.24 -51.33
N GLU B 538 -13.60 -57.16 -50.72
CA GLU B 538 -12.76 -56.87 -49.56
C GLU B 538 -11.29 -57.11 -49.89
N ILE B 539 -10.88 -56.70 -51.09
CA ILE B 539 -9.52 -57.00 -51.56
C ILE B 539 -8.52 -56.18 -50.77
N SER B 540 -7.52 -56.86 -50.20
CA SER B 540 -6.40 -56.22 -49.53
C SER B 540 -5.22 -56.15 -50.50
N VAL B 541 -4.65 -54.96 -50.64
CA VAL B 541 -3.62 -54.69 -51.63
C VAL B 541 -2.48 -53.91 -50.97
N SER B 542 -1.49 -53.56 -51.77
CA SER B 542 -0.41 -52.67 -51.38
C SER B 542 -0.52 -51.37 -52.16
N VAL B 543 0.21 -50.35 -51.69
CA VAL B 543 0.17 -49.05 -52.35
C VAL B 543 0.68 -49.17 -53.79
N GLU B 544 1.72 -49.98 -54.00
CA GLU B 544 2.22 -50.20 -55.35
C GLU B 544 1.17 -50.86 -56.23
N MET B 545 0.40 -51.80 -55.67
CA MET B 545 -0.66 -52.44 -56.44
C MET B 545 -1.71 -51.42 -56.84
N ALA B 546 -2.06 -50.50 -55.93
CA ALA B 546 -3.02 -49.45 -56.26
C ALA B 546 -2.47 -48.54 -57.36
N GLU B 547 -1.18 -48.20 -57.30
CA GLU B 547 -0.60 -47.38 -58.35
C GLU B 547 -0.64 -48.10 -59.69
N SER B 548 -0.36 -49.41 -59.69
CA SER B 548 -0.41 -50.18 -60.92
C SER B 548 -1.82 -50.22 -61.50
N LEU B 549 -2.82 -50.41 -60.64
CA LEU B 549 -4.20 -50.41 -61.12
C LEU B 549 -4.59 -49.05 -61.68
N LEU B 550 -4.18 -47.97 -61.02
CA LEU B 550 -4.48 -46.62 -61.51
C LEU B 550 -3.83 -46.38 -62.87
N GLN B 551 -2.58 -46.80 -63.02
CA GLN B 551 -1.91 -46.64 -64.31
C GLN B 551 -2.61 -47.46 -65.39
N VAL B 552 -2.99 -48.70 -65.08
CA VAL B 552 -3.65 -49.56 -66.05
C VAL B 552 -4.98 -48.96 -66.48
N LEU B 553 -5.71 -48.37 -65.53
CA LEU B 553 -6.95 -47.70 -65.88
C LEU B 553 -6.70 -46.49 -66.76
N SER B 554 -5.68 -45.69 -66.44
CA SER B 554 -5.40 -44.49 -67.22
C SER B 554 -4.80 -44.80 -68.60
N SER B 555 -4.33 -46.03 -68.81
CA SER B 555 -3.56 -46.34 -70.00
C SER B 555 -4.41 -46.61 -71.24
N ARG B 556 -5.74 -46.61 -71.14
CA ARG B 556 -6.58 -47.05 -72.24
C ARG B 556 -7.37 -45.91 -72.88
N PHE B 557 -8.11 -45.14 -72.10
CA PHE B 557 -8.97 -44.11 -72.67
C PHE B 557 -9.03 -42.86 -71.82
N THR B 561 -14.87 -37.66 -70.35
CA THR B 561 -15.15 -38.35 -69.11
C THR B 561 -13.86 -38.73 -68.39
N LEU B 562 -12.84 -39.10 -69.17
CA LEU B 562 -11.55 -39.42 -68.58
C LEU B 562 -10.95 -38.20 -67.89
N ASN B 563 -11.12 -37.01 -68.49
CA ASN B 563 -10.62 -35.81 -67.86
C ASN B 563 -11.30 -35.54 -66.53
N ASP B 564 -12.55 -35.98 -66.38
CA ASP B 564 -13.22 -35.86 -65.10
C ASP B 564 -12.48 -36.63 -64.02
N LEU B 565 -12.04 -37.85 -64.34
CA LEU B 565 -11.21 -38.58 -63.40
C LEU B 565 -9.87 -37.88 -63.21
N LEU B 566 -9.33 -37.30 -64.28
CA LEU B 566 -8.09 -36.56 -64.17
C LEU B 566 -8.21 -35.37 -63.23
N ASN B 567 -9.43 -34.87 -63.02
CA ASN B 567 -9.66 -33.78 -62.08
C ASN B 567 -9.94 -34.27 -60.66
N SER B 568 -9.76 -35.56 -60.39
CA SER B 568 -10.08 -36.15 -59.10
C SER B 568 -8.86 -36.06 -58.18
N GLN B 569 -8.98 -36.67 -56.99
CA GLN B 569 -7.92 -36.64 -56.00
C GLN B 569 -7.13 -37.94 -55.92
N ILE B 570 -7.73 -39.06 -56.32
CA ILE B 570 -7.01 -40.33 -56.29
C ILE B 570 -5.84 -40.31 -57.27
N TYR B 571 -5.99 -39.64 -58.41
CA TYR B 571 -4.87 -39.48 -59.33
C TYR B 571 -3.74 -38.68 -58.70
N THR B 572 -4.05 -37.84 -57.70
CA THR B 572 -3.01 -37.10 -57.01
C THR B 572 -2.35 -37.96 -55.95
N LYS B 573 -3.14 -38.49 -55.01
CA LYS B 573 -2.57 -39.21 -53.87
C LYS B 573 -2.02 -40.59 -54.25
N TYR B 574 -2.33 -41.10 -55.43
CA TYR B 574 -1.83 -42.40 -55.86
C TYR B 574 -2.01 -42.59 -57.35
N ARG B 984 -11.87 -33.46 -88.69
CA ARG B 984 -12.83 -33.83 -87.66
C ARG B 984 -12.11 -34.37 -86.43
N PRO B 985 -10.82 -34.07 -86.30
CA PRO B 985 -10.07 -34.54 -85.13
C PRO B 985 -10.24 -33.62 -83.93
N LEU B 986 -10.54 -32.34 -84.19
CA LEU B 986 -10.69 -31.38 -83.11
C LEU B 986 -11.86 -31.73 -82.21
N LEU B 987 -12.95 -32.24 -82.79
CA LEU B 987 -14.12 -32.63 -81.99
C LEU B 987 -13.79 -33.81 -81.07
N LYS B 988 -13.10 -34.82 -81.60
CA LYS B 988 -12.69 -35.94 -80.76
C LYS B 988 -11.74 -35.47 -79.67
N ARG B 989 -10.84 -34.55 -80.02
CA ARG B 989 -9.92 -34.01 -79.01
C ARG B 989 -10.69 -33.31 -77.90
N LEU B 990 -11.68 -32.50 -78.26
CA LEU B 990 -12.49 -31.83 -77.25
C LEU B 990 -13.27 -32.83 -76.42
N GLN B 991 -13.67 -33.95 -77.03
CA GLN B 991 -14.31 -35.02 -76.25
C GLN B 991 -13.34 -35.60 -75.24
N GLN B 992 -12.10 -35.83 -75.64
CA GLN B 992 -11.10 -36.36 -74.72
C GLN B 992 -10.80 -35.38 -73.58
N GLU B 993 -10.84 -34.08 -73.88
CA GLU B 993 -10.60 -33.04 -72.88
C GLU B 993 -11.75 -32.05 -72.95
N THR B 994 -12.81 -32.30 -72.18
CA THR B 994 -13.90 -31.34 -72.06
C THR B 994 -13.43 -30.05 -71.40
N GLN B 995 -12.37 -30.11 -70.59
CA GLN B 995 -11.75 -28.88 -70.14
C GLN B 995 -11.33 -27.99 -71.28
N PRO B 996 -10.97 -28.50 -72.46
CA PRO B 996 -10.79 -27.60 -73.61
C PRO B 996 -12.07 -26.88 -74.01
N PHE B 997 -13.22 -27.55 -73.88
CA PHE B 997 -14.49 -26.86 -74.10
C PHE B 997 -14.71 -25.79 -73.05
N LEU B 998 -14.34 -26.08 -71.80
CA LEU B 998 -14.41 -25.08 -70.75
C LEU B 998 -13.52 -23.89 -71.07
N LEU B 999 -12.32 -24.16 -71.59
CA LEU B 999 -11.41 -23.09 -71.96
C LEU B 999 -11.97 -22.25 -73.10
N LEU B 1000 -12.58 -22.90 -74.10
CA LEU B 1000 -13.19 -22.15 -75.18
C LEU B 1000 -14.32 -21.26 -74.68
N LEU B 1001 -15.17 -21.80 -73.81
CA LEU B 1001 -16.27 -21.01 -73.25
C LEU B 1001 -15.75 -19.84 -72.43
N ARG B 1002 -14.69 -20.06 -71.64
CA ARG B 1002 -14.10 -18.98 -70.87
C ARG B 1002 -13.49 -17.92 -71.78
N THR B 1003 -12.84 -18.35 -72.86
CA THR B 1003 -12.29 -17.40 -73.82
C THR B 1003 -13.38 -16.53 -74.41
N LEU B 1004 -14.52 -17.13 -74.77
CA LEU B 1004 -15.65 -16.33 -75.20
C LEU B 1004 -16.26 -15.54 -74.05
N ASP B 1005 -15.91 -15.85 -72.81
CA ASP B 1005 -16.50 -15.24 -71.62
C ASP B 1005 -15.73 -14.02 -71.14
N ALA B 1006 -15.01 -13.35 -72.02
CA ALA B 1006 -14.32 -12.12 -71.67
C ALA B 1006 -15.07 -10.91 -72.22
N PRO B 1009 -15.10 -5.02 -74.85
CA PRO B 1009 -13.78 -4.48 -75.19
C PRO B 1009 -13.54 -4.45 -76.70
N ASN B 1010 -12.41 -5.02 -77.13
CA ASN B 1010 -12.05 -4.99 -78.53
C ASN B 1010 -13.02 -5.81 -79.36
N LYS B 1011 -13.17 -5.42 -80.62
CA LYS B 1011 -14.03 -6.14 -81.55
C LYS B 1011 -13.30 -7.27 -82.27
N THR B 1012 -11.98 -7.29 -82.24
CA THR B 1012 -11.23 -8.33 -82.94
C THR B 1012 -11.42 -9.69 -82.27
N LEU B 1013 -11.24 -9.75 -80.95
CA LEU B 1013 -11.37 -11.02 -80.25
C LEU B 1013 -12.80 -11.54 -80.32
N LEU B 1014 -13.78 -10.69 -80.02
CA LEU B 1014 -15.16 -11.13 -80.03
C LEU B 1014 -15.62 -11.47 -81.45
N LEU B 1015 -15.12 -10.72 -82.44
CA LEU B 1015 -15.47 -11.02 -83.83
C LEU B 1015 -14.92 -12.37 -84.26
N SER B 1016 -13.67 -12.65 -83.89
CA SER B 1016 -13.11 -13.97 -84.16
C SER B 1016 -13.91 -15.04 -83.44
N VAL B 1017 -14.35 -14.76 -82.21
CA VAL B 1017 -15.12 -15.75 -81.46
C VAL B 1017 -16.43 -16.05 -82.17
N LEU B 1018 -17.14 -15.00 -82.58
CA LEU B 1018 -18.45 -15.18 -83.23
C LEU B 1018 -18.29 -15.92 -84.56
N ARG B 1019 -17.35 -15.48 -85.39
CA ARG B 1019 -17.13 -16.14 -86.67
C ARG B 1019 -16.71 -17.59 -86.48
N VAL B 1020 -15.87 -17.86 -85.48
CA VAL B 1020 -15.40 -19.22 -85.24
C VAL B 1020 -16.54 -20.10 -84.78
N ILE B 1021 -17.39 -19.60 -83.88
CA ILE B 1021 -18.53 -20.39 -83.42
C ILE B 1021 -19.47 -20.67 -84.58
N THR B 1022 -19.72 -19.67 -85.42
CA THR B 1022 -20.59 -19.87 -86.56
C THR B 1022 -20.02 -20.91 -87.53
N ARG B 1023 -18.73 -20.81 -87.83
CA ARG B 1023 -18.11 -21.72 -88.79
C ARG B 1023 -17.79 -23.08 -88.20
N LEU B 1024 -17.84 -23.23 -86.88
CA LEU B 1024 -17.62 -24.52 -86.26
C LEU B 1024 -18.91 -25.27 -86.02
N LEU B 1025 -20.01 -24.56 -85.74
CA LEU B 1025 -21.28 -25.24 -85.59
C LEU B 1025 -21.73 -25.93 -86.88
N ASP B 1026 -21.16 -25.52 -88.02
CA ASP B 1026 -21.57 -26.09 -89.30
C ASP B 1026 -21.38 -27.60 -89.33
N PHE B 1027 -20.42 -28.12 -88.57
CA PHE B 1027 -20.22 -29.56 -88.49
C PHE B 1027 -21.04 -30.13 -87.36
N PRO B 1028 -21.91 -31.11 -87.62
CA PRO B 1028 -22.77 -31.64 -86.55
C PRO B 1028 -21.98 -32.38 -85.46
N GLU B 1029 -20.66 -32.42 -85.60
CA GLU B 1029 -19.81 -33.09 -84.64
C GLU B 1029 -19.87 -32.46 -83.25
N ALA B 1030 -20.50 -31.30 -83.11
CA ALA B 1030 -20.66 -30.66 -81.80
C ALA B 1030 -21.62 -31.43 -80.89
N MET B 1031 -22.24 -32.50 -81.37
CA MET B 1031 -23.17 -33.26 -80.54
C MET B 1031 -22.49 -33.76 -79.27
N VAL B 1032 -21.24 -34.16 -79.36
CA VAL B 1032 -20.50 -34.58 -78.17
C VAL B 1032 -20.29 -33.38 -77.23
N LEU B 1033 -19.94 -32.22 -77.78
CA LEU B 1033 -19.70 -31.06 -76.96
C LEU B 1033 -21.01 -30.53 -76.39
N PRO B 1034 -20.96 -29.93 -75.19
CA PRO B 1034 -22.19 -29.33 -74.66
C PRO B 1034 -22.60 -28.08 -75.41
N TRP B 1035 -21.63 -27.23 -75.75
CA TRP B 1035 -21.83 -26.04 -76.58
C TRP B 1035 -22.83 -25.07 -75.97
N HIS B 1036 -23.23 -25.29 -74.72
CA HIS B 1036 -24.35 -24.57 -74.15
C HIS B 1036 -23.99 -23.69 -72.97
N GLU B 1037 -22.92 -24.01 -72.23
CA GLU B 1037 -22.64 -23.33 -70.98
C GLU B 1037 -22.47 -21.83 -71.18
N VAL B 1038 -22.03 -21.41 -72.37
CA VAL B 1038 -21.81 -19.99 -72.62
C VAL B 1038 -23.11 -19.21 -72.70
N LEU B 1039 -24.24 -19.90 -72.97
CA LEU B 1039 -25.48 -19.24 -73.29
C LEU B 1039 -25.93 -18.26 -72.22
N GLU B 1040 -25.37 -18.35 -71.01
CA GLU B 1040 -25.73 -17.39 -69.97
C GLU B 1040 -25.34 -15.97 -70.32
N PRO B 1041 -24.09 -15.68 -70.71
CA PRO B 1041 -23.70 -14.30 -70.95
C PRO B 1041 -24.12 -13.79 -72.32
N CYS B 1042 -24.27 -14.71 -73.28
CA CYS B 1042 -24.71 -14.32 -74.61
C CYS B 1042 -26.07 -13.63 -74.59
N LEU B 1043 -26.89 -13.89 -73.57
CA LEU B 1043 -28.14 -13.18 -73.35
C LEU B 1043 -28.09 -12.22 -72.18
N ASN B 1044 -27.33 -12.53 -71.13
CA ASN B 1044 -27.24 -11.63 -70.00
C ASN B 1044 -26.51 -10.34 -70.39
N CYS B 1045 -25.35 -10.47 -71.01
CA CYS B 1045 -24.57 -9.29 -71.38
C CYS B 1045 -25.09 -8.65 -72.67
N LEU B 1046 -25.08 -9.41 -73.76
CA LEU B 1046 -25.45 -8.88 -75.07
C LEU B 1046 -26.44 -9.79 -75.77
N SER B 1051 -23.59 -3.87 -76.24
CA SER B 1051 -24.73 -3.94 -77.14
C SER B 1051 -24.45 -3.20 -78.43
N ASP B 1052 -23.21 -3.30 -78.92
CA ASP B 1052 -22.84 -2.64 -80.16
C ASP B 1052 -23.67 -3.19 -81.31
N SER B 1053 -24.02 -2.30 -82.24
CA SER B 1053 -25.00 -2.61 -83.28
C SER B 1053 -24.63 -3.89 -84.04
N GLU B 1054 -23.44 -3.92 -84.63
CA GLU B 1054 -22.99 -5.12 -85.32
C GLU B 1054 -22.84 -6.28 -84.34
N ILE B 1055 -22.30 -6.01 -83.15
CA ILE B 1055 -22.15 -7.05 -82.15
C ILE B 1055 -23.52 -7.59 -81.73
N VAL B 1056 -24.48 -6.68 -81.53
CA VAL B 1056 -25.81 -7.11 -81.09
C VAL B 1056 -26.48 -7.94 -82.18
N GLN B 1057 -26.35 -7.53 -83.44
CA GLN B 1057 -26.90 -8.32 -84.53
C GLN B 1057 -26.24 -9.69 -84.59
N GLU B 1058 -24.92 -9.74 -84.37
CA GLU B 1058 -24.22 -11.02 -84.37
C GLU B 1058 -24.72 -11.93 -83.26
N LEU B 1059 -24.92 -11.38 -82.06
CA LEU B 1059 -25.40 -12.19 -80.94
C LEU B 1059 -26.82 -12.70 -81.20
N THR B 1060 -27.68 -11.84 -81.73
CA THR B 1060 -29.03 -12.27 -82.08
C THR B 1060 -29.00 -13.37 -83.13
N CYS B 1061 -28.16 -13.21 -84.15
CA CYS B 1061 -28.08 -14.23 -85.19
C CYS B 1061 -27.52 -15.54 -84.64
N PHE B 1062 -26.59 -15.47 -83.69
CA PHE B 1062 -26.06 -16.68 -83.08
C PHE B 1062 -27.14 -17.41 -82.30
N LEU B 1063 -27.92 -16.67 -81.51
CA LEU B 1063 -29.03 -17.29 -80.81
C LEU B 1063 -30.03 -17.89 -81.79
N HIS B 1064 -30.28 -17.19 -82.90
CA HIS B 1064 -31.21 -17.69 -83.89
C HIS B 1064 -30.71 -18.98 -84.53
N ARG B 1065 -29.41 -19.05 -84.83
CA ARG B 1065 -28.83 -20.26 -85.39
C ARG B 1065 -28.97 -21.41 -84.40
N LEU B 1066 -28.69 -21.15 -83.12
CA LEU B 1066 -28.87 -22.18 -82.11
C LEU B 1066 -30.32 -22.66 -82.05
N ALA B 1067 -31.26 -21.72 -82.12
CA ALA B 1067 -32.67 -22.10 -82.10
C ALA B 1067 -33.02 -22.96 -83.31
N SER B 1068 -32.53 -22.57 -84.49
CA SER B 1068 -32.78 -23.35 -85.69
C SER B 1068 -32.06 -24.69 -85.68
N MET B 1069 -31.09 -24.87 -84.80
CA MET B 1069 -30.42 -26.16 -84.70
C MET B 1069 -31.21 -27.15 -83.88
N HIS B 1070 -31.44 -26.84 -82.61
CA HIS B 1070 -32.01 -27.80 -81.66
C HIS B 1070 -33.19 -27.20 -80.92
N LYS B 1071 -34.28 -27.95 -80.85
CA LYS B 1071 -35.41 -27.54 -80.02
C LYS B 1071 -35.10 -27.73 -78.54
N ASP B 1072 -34.19 -28.64 -78.21
CA ASP B 1072 -33.75 -28.78 -76.82
C ASP B 1072 -32.93 -27.56 -76.40
N TYR B 1073 -31.98 -27.17 -77.24
CA TYR B 1073 -31.27 -25.92 -76.99
C TYR B 1073 -32.22 -24.74 -77.06
N ALA B 1074 -33.27 -24.85 -77.87
CA ALA B 1074 -34.29 -23.81 -77.88
C ALA B 1074 -34.97 -23.71 -76.52
N VAL B 1075 -35.25 -24.87 -75.90
CA VAL B 1075 -35.84 -24.85 -74.56
C VAL B 1075 -34.84 -24.31 -73.55
N VAL B 1076 -33.55 -24.58 -73.76
CA VAL B 1076 -32.52 -24.07 -72.86
C VAL B 1076 -32.49 -22.55 -72.92
N LEU B 1077 -32.60 -21.98 -74.12
CA LEU B 1077 -32.70 -20.53 -74.25
C LEU B 1077 -34.03 -20.01 -73.72
N CYS B 1078 -35.09 -20.82 -73.83
CA CYS B 1078 -36.39 -20.44 -73.29
C CYS B 1078 -36.34 -20.28 -71.78
N CYS B 1079 -35.68 -21.22 -71.10
CA CYS B 1079 -35.45 -21.07 -69.67
C CYS B 1079 -34.62 -19.82 -69.40
N LEU B 1080 -33.67 -19.53 -70.27
CA LEU B 1080 -32.90 -18.29 -70.16
C LEU B 1080 -33.75 -17.06 -70.38
N GLY B 1081 -35.00 -17.22 -70.80
CA GLY B 1081 -35.89 -16.09 -70.98
C GLY B 1081 -35.43 -15.12 -72.04
N ALA B 1082 -34.98 -15.64 -73.18
CA ALA B 1082 -34.55 -14.78 -74.27
C ALA B 1082 -35.71 -13.99 -74.89
N LYS B 1083 -36.96 -14.34 -74.58
CA LYS B 1083 -38.09 -13.63 -75.17
C LYS B 1083 -38.09 -12.16 -74.80
N GLU B 1084 -37.98 -11.86 -73.49
CA GLU B 1084 -38.02 -10.47 -73.04
C GLU B 1084 -36.85 -9.67 -73.60
N ILE B 1085 -35.66 -10.25 -73.60
CA ILE B 1085 -34.48 -9.53 -74.07
C ILE B 1085 -34.57 -9.26 -75.57
N LEU B 1086 -34.90 -10.29 -76.35
CA LEU B 1086 -35.01 -10.10 -77.79
C LEU B 1086 -36.21 -9.25 -78.16
N SER B 1087 -37.18 -9.09 -77.25
CA SER B 1087 -38.21 -8.08 -77.43
C SER B 1087 -37.69 -6.69 -77.12
N LYS B 1088 -36.76 -6.58 -76.18
CA LYS B 1088 -36.10 -5.31 -75.91
C LYS B 1088 -35.18 -4.87 -77.03
N VAL B 1089 -34.90 -5.74 -78.00
CA VAL B 1089 -34.06 -5.39 -79.14
C VAL B 1089 -34.88 -4.76 -80.25
N GLY B 1100 -33.01 -7.43 -86.29
CA GLY B 1100 -32.51 -7.63 -84.94
C GLY B 1100 -33.60 -8.03 -83.96
N CYS B 1101 -34.67 -8.61 -84.48
CA CYS B 1101 -35.77 -9.05 -83.63
C CYS B 1101 -36.29 -10.45 -83.94
N GLU B 1102 -35.85 -11.09 -85.03
CA GLU B 1102 -36.33 -12.43 -85.34
C GLU B 1102 -36.00 -13.43 -84.25
N LEU B 1103 -35.00 -13.14 -83.41
CA LEU B 1103 -34.71 -14.01 -82.27
C LEU B 1103 -35.85 -14.01 -81.28
N ARG B 1104 -36.59 -12.90 -81.17
CA ARG B 1104 -37.79 -12.89 -80.34
C ARG B 1104 -38.82 -13.86 -80.87
N ASP B 1105 -39.01 -13.89 -82.19
CA ASP B 1105 -39.91 -14.86 -82.79
C ASP B 1105 -39.39 -16.28 -82.59
N LEU B 1106 -38.06 -16.44 -82.58
CA LEU B 1106 -37.49 -17.75 -82.27
C LEU B 1106 -37.86 -18.17 -80.86
N VAL B 1107 -37.77 -17.23 -79.90
CA VAL B 1107 -38.20 -17.51 -78.53
C VAL B 1107 -39.70 -17.74 -78.49
N THR B 1108 -40.44 -17.17 -79.42
CA THR B 1108 -41.88 -17.40 -79.51
C THR B 1108 -42.19 -18.67 -80.30
N GLU B 1109 -41.58 -19.78 -79.89
CA GLU B 1109 -41.92 -21.10 -80.41
C GLU B 1109 -42.69 -21.93 -79.42
N CYS B 1110 -42.16 -22.09 -78.21
CA CYS B 1110 -42.86 -22.78 -77.13
C CYS B 1110 -42.50 -22.10 -75.82
N GLU B 1111 -43.50 -21.58 -75.11
CA GLU B 1111 -43.28 -20.86 -73.87
C GLU B 1111 -43.92 -21.56 -72.68
N LYS B 1112 -44.21 -22.85 -72.80
CA LYS B 1112 -44.92 -23.61 -71.78
C LYS B 1112 -44.06 -24.70 -71.17
N TYR B 1113 -42.77 -24.43 -70.99
CA TYR B 1113 -41.87 -25.42 -70.43
C TYR B 1113 -40.96 -24.90 -69.33
N ALA B 1114 -40.93 -23.58 -69.09
CA ALA B 1114 -40.06 -23.04 -68.05
C ALA B 1114 -40.44 -23.54 -66.68
N GLN B 1115 -41.75 -23.64 -66.42
CA GLN B 1115 -42.19 -24.18 -65.14
C GLN B 1115 -41.71 -25.62 -64.96
N LEU B 1116 -41.77 -26.40 -66.04
CA LEU B 1116 -41.25 -27.77 -65.98
C LEU B 1116 -39.77 -27.77 -65.65
N TYR B 1117 -39.02 -26.93 -66.35
CA TYR B 1117 -37.58 -26.85 -66.11
C TYR B 1117 -37.29 -26.54 -64.65
N SER B 1118 -37.90 -25.46 -64.13
CA SER B 1118 -37.62 -25.02 -62.77
C SER B 1118 -38.04 -26.08 -61.76
N ASN B 1119 -39.26 -26.59 -61.90
CA ASN B 1119 -39.76 -27.57 -60.95
C ASN B 1119 -38.86 -28.80 -60.92
N LEU B 1120 -38.57 -29.37 -62.09
CA LEU B 1120 -37.76 -30.57 -62.14
C LEU B 1120 -36.38 -30.33 -61.54
N THR B 1121 -35.75 -29.21 -61.90
CA THR B 1121 -34.38 -28.97 -61.43
C THR B 1121 -34.35 -28.84 -59.91
N SER B 1122 -35.20 -27.98 -59.36
CA SER B 1122 -35.19 -27.76 -57.92
C SER B 1122 -35.54 -29.04 -57.18
N SER B 1123 -36.54 -29.78 -57.67
CA SER B 1123 -36.94 -31.00 -56.99
C SER B 1123 -35.82 -32.02 -56.99
N ILE B 1124 -35.11 -32.15 -58.11
CA ILE B 1124 -34.03 -33.14 -58.17
C ILE B 1124 -32.92 -32.77 -57.21
N LEU B 1125 -32.53 -31.50 -57.18
CA LEU B 1125 -31.47 -31.11 -56.27
C LEU B 1125 -31.86 -31.37 -54.83
N ALA B 1126 -33.10 -31.04 -54.48
CA ALA B 1126 -33.57 -31.28 -53.12
C ALA B 1126 -33.59 -32.78 -52.82
N GLY B 1127 -33.95 -33.59 -53.80
CA GLY B 1127 -33.97 -35.03 -53.58
C GLY B 1127 -32.59 -35.59 -53.32
N CYS B 1128 -31.60 -35.10 -54.05
CA CYS B 1128 -30.22 -35.53 -53.80
C CYS B 1128 -29.77 -35.14 -52.40
N ILE B 1129 -30.08 -33.91 -51.99
CA ILE B 1129 -29.72 -33.48 -50.64
C ILE B 1129 -30.40 -34.36 -49.61
N GLN B 1130 -31.66 -34.74 -49.87
CA GLN B 1130 -32.35 -35.64 -48.95
C GLN B 1130 -31.64 -36.96 -48.87
N MET B 1131 -31.20 -37.48 -50.01
CA MET B 1131 -30.54 -38.79 -50.02
C MET B 1131 -29.27 -38.77 -49.17
N VAL B 1132 -28.45 -37.74 -49.34
CA VAL B 1132 -27.20 -37.71 -48.60
C VAL B 1132 -27.46 -37.52 -47.11
N LEU B 1133 -28.38 -36.62 -46.75
CA LEU B 1133 -28.65 -36.41 -45.33
C LEU B 1133 -29.18 -37.68 -44.68
N GLY B 1134 -30.12 -38.35 -45.34
CA GLY B 1134 -30.65 -39.57 -44.80
C GLY B 1134 -29.60 -40.65 -44.68
N GLN B 1135 -28.69 -40.73 -45.63
CA GLN B 1135 -27.63 -41.73 -45.55
C GLN B 1135 -26.76 -41.48 -44.33
N ILE B 1136 -26.40 -40.22 -44.08
CA ILE B 1136 -25.57 -39.92 -42.92
C ILE B 1136 -26.30 -40.31 -41.64
N GLU B 1137 -27.58 -39.94 -41.56
CA GLU B 1137 -28.35 -40.28 -40.37
C GLU B 1137 -28.39 -41.79 -40.16
N ASP B 1138 -28.60 -42.55 -41.23
CA ASP B 1138 -28.65 -44.00 -41.10
C ASP B 1138 -27.30 -44.54 -40.67
N HIS B 1139 -26.22 -44.00 -41.22
CA HIS B 1139 -24.89 -44.47 -40.86
C HIS B 1139 -24.59 -44.21 -39.40
N ARG B 1140 -25.20 -43.17 -38.81
CA ARG B 1140 -24.92 -42.82 -37.42
C ARG B 1140 -25.02 -44.02 -36.50
N ARG B 1141 -25.91 -44.96 -36.79
CA ARG B 1141 -25.95 -46.18 -35.99
C ARG B 1141 -24.95 -47.21 -36.49
N THR B 1142 -24.60 -47.18 -37.78
CA THR B 1142 -23.67 -48.16 -38.32
C THR B 1142 -22.27 -47.94 -37.77
N HIS B 1143 -21.78 -46.71 -37.82
CA HIS B 1143 -20.44 -46.35 -37.38
C HIS B 1143 -19.37 -47.15 -38.13
N GLN B 1144 -19.35 -46.97 -39.44
CA GLN B 1144 -18.37 -47.64 -40.29
C GLN B 1144 -18.16 -46.89 -41.59
N ASN B 1147 -17.79 -46.61 -47.21
CA ASN B 1147 -17.67 -45.21 -47.62
C ASN B 1147 -18.12 -45.03 -49.06
N ILE B 1148 -19.18 -44.26 -49.25
CA ILE B 1148 -19.73 -44.04 -50.59
C ILE B 1148 -18.72 -43.24 -51.41
N PRO B 1149 -18.51 -43.57 -52.68
CA PRO B 1149 -17.57 -42.80 -53.50
C PRO B 1149 -18.03 -41.36 -53.68
N PHE B 1150 -17.06 -40.47 -53.75
CA PHE B 1150 -17.26 -39.08 -54.16
C PHE B 1150 -18.14 -38.31 -53.19
N PHE B 1151 -18.59 -38.98 -52.13
CA PHE B 1151 -19.44 -38.32 -51.15
C PHE B 1151 -18.71 -37.17 -50.49
N ASP B 1152 -17.38 -37.28 -50.40
CA ASP B 1152 -16.60 -36.16 -49.90
C ASP B 1152 -16.77 -34.95 -50.80
N VAL B 1153 -16.76 -35.16 -52.11
CA VAL B 1153 -16.85 -34.04 -53.05
C VAL B 1153 -18.16 -33.29 -52.85
N PHE B 1154 -19.27 -34.02 -52.81
CA PHE B 1154 -20.57 -33.37 -52.76
C PHE B 1154 -20.73 -32.59 -51.46
N LEU B 1155 -20.48 -33.26 -50.34
CA LEU B 1155 -20.64 -32.60 -49.05
C LEU B 1155 -19.65 -31.45 -48.89
N ARG B 1156 -18.48 -31.56 -49.51
CA ARG B 1156 -17.50 -30.48 -49.45
C ARG B 1156 -17.97 -29.27 -50.23
N HIS B 1157 -18.44 -29.50 -51.46
CA HIS B 1157 -18.97 -28.41 -52.27
C HIS B 1157 -20.15 -27.75 -51.58
N LEU B 1158 -21.04 -28.56 -51.00
CA LEU B 1158 -22.13 -28.00 -50.23
C LEU B 1158 -21.63 -27.33 -48.96
N CYS B 1159 -20.41 -27.65 -48.54
CA CYS B 1159 -19.90 -27.11 -47.29
C CYS B 1159 -19.28 -25.73 -47.48
N GLN B 1160 -18.47 -25.57 -48.53
CA GLN B 1160 -17.81 -24.30 -48.79
C GLN B 1160 -18.82 -23.23 -49.16
N PHE B 1304 -28.87 -22.52 -48.56
CA PHE B 1304 -27.55 -23.09 -48.84
C PHE B 1304 -26.91 -23.65 -47.57
N TRP B 1305 -25.61 -23.44 -47.43
CA TRP B 1305 -24.93 -23.94 -46.23
C TRP B 1305 -25.53 -23.40 -44.95
N PRO B 1306 -25.95 -22.14 -44.84
CA PRO B 1306 -26.76 -21.77 -43.66
C PRO B 1306 -28.03 -22.58 -43.54
N LEU B 1307 -28.83 -22.65 -44.61
CA LEU B 1307 -30.09 -23.37 -44.55
C LEU B 1307 -29.88 -24.87 -44.36
N PHE B 1308 -29.01 -25.47 -45.17
CA PHE B 1308 -28.78 -26.90 -45.03
C PHE B 1308 -28.11 -27.22 -43.70
N ARG B 1309 -27.28 -26.32 -43.19
CA ARG B 1309 -26.70 -26.50 -41.88
C ARG B 1309 -27.78 -26.48 -40.81
N GLU B 1310 -28.77 -25.60 -40.97
CA GLU B 1310 -29.91 -25.62 -40.07
C GLU B 1310 -30.63 -26.95 -40.12
N GLN B 1311 -30.81 -27.47 -41.34
CA GLN B 1311 -31.46 -28.78 -41.48
C GLN B 1311 -30.65 -29.86 -40.77
N LEU B 1312 -29.34 -29.84 -40.95
CA LEU B 1312 -28.48 -30.85 -40.36
C LEU B 1312 -28.54 -30.80 -38.84
N CYS B 1313 -28.45 -29.59 -38.27
CA CYS B 1313 -28.45 -29.52 -36.81
C CYS B 1313 -29.80 -29.94 -36.25
N ARG B 1314 -30.90 -29.57 -36.93
CA ARG B 1314 -32.20 -30.03 -36.47
C ARG B 1314 -32.30 -31.55 -36.51
N ARG B 1315 -31.83 -32.15 -37.60
CA ARG B 1315 -31.86 -33.61 -37.72
C ARG B 1315 -31.07 -34.26 -36.58
N THR B 1316 -29.85 -33.78 -36.35
CA THR B 1316 -29.02 -34.35 -35.31
C THR B 1316 -29.66 -34.21 -33.94
N CYS B 1317 -30.27 -33.05 -33.70
CA CYS B 1317 -30.94 -32.82 -32.43
C CYS B 1317 -32.03 -33.85 -32.19
N LEU B 1318 -32.87 -34.07 -33.19
CA LEU B 1318 -33.97 -35.02 -32.99
C LEU B 1318 -33.42 -36.43 -32.77
N PHE B 1319 -32.46 -36.84 -33.59
CA PHE B 1319 -31.91 -38.18 -33.48
C PHE B 1319 -31.35 -38.42 -32.09
N TYR B 1320 -30.52 -37.49 -31.62
CA TYR B 1320 -29.84 -37.72 -30.35
C TYR B 1320 -30.78 -37.60 -29.18
N THR B 1321 -31.81 -36.74 -29.26
CA THR B 1321 -32.79 -36.71 -28.19
C THR B 1321 -33.50 -38.04 -28.08
N ILE B 1322 -33.88 -38.63 -29.21
CA ILE B 1322 -34.54 -39.93 -29.16
C ILE B 1322 -33.62 -40.96 -28.53
N ARG B 1323 -32.36 -40.99 -28.95
CA ARG B 1323 -31.44 -41.98 -28.43
C ARG B 1323 -31.22 -41.81 -26.94
N ALA B 1324 -31.09 -40.55 -26.50
CA ALA B 1324 -30.83 -40.28 -25.08
C ALA B 1324 -32.01 -40.70 -24.22
N GLN B 1325 -33.23 -40.42 -24.67
CA GLN B 1325 -34.39 -40.86 -23.92
C GLN B 1325 -34.45 -42.38 -23.87
N ALA B 1326 -34.06 -43.05 -24.96
CA ALA B 1326 -34.02 -44.49 -24.95
C ALA B 1326 -33.06 -45.00 -23.89
N TRP B 1327 -31.85 -44.43 -23.86
CA TRP B 1327 -30.86 -44.87 -22.89
C TRP B 1327 -31.32 -44.62 -21.47
N SER B 1328 -31.95 -43.46 -21.23
CA SER B 1328 -32.45 -43.17 -19.89
C SER B 1328 -33.52 -44.15 -19.46
N ARG B 1329 -34.45 -44.46 -20.36
CA ARG B 1329 -35.48 -45.45 -20.04
C ARG B 1329 -34.86 -46.79 -19.73
N ASP B 1330 -33.86 -47.19 -20.50
CA ASP B 1330 -33.18 -48.46 -20.22
C ASP B 1330 -32.49 -48.42 -18.86
N ILE B 1331 -31.81 -47.32 -18.55
CA ILE B 1331 -31.06 -47.24 -17.30
C ILE B 1331 -31.99 -47.26 -16.11
N ALA B 1332 -33.19 -46.69 -16.25
CA ALA B 1332 -34.12 -46.67 -15.13
C ALA B 1332 -34.46 -48.06 -14.62
N GLU B 1333 -34.34 -49.09 -15.46
CA GLU B 1333 -34.71 -50.43 -15.04
C GLU B 1333 -33.77 -50.95 -13.96
N ASP B 1334 -32.47 -50.80 -14.16
CA ASP B 1334 -31.47 -51.29 -13.22
C ASP B 1334 -30.37 -50.25 -13.08
N HIS B 1335 -29.93 -50.03 -11.85
CA HIS B 1335 -28.92 -49.02 -11.57
C HIS B 1335 -27.51 -49.46 -11.95
N ARG B 1336 -27.30 -50.73 -12.22
CA ARG B 1336 -25.98 -51.20 -12.61
C ARG B 1336 -25.60 -50.84 -14.02
N ARG B 1337 -26.40 -50.00 -14.68
CA ARG B 1337 -26.19 -49.75 -16.10
C ARG B 1337 -25.06 -48.77 -16.38
N LEU B 1338 -24.79 -47.83 -15.47
CA LEU B 1338 -23.85 -46.76 -15.78
C LEU B 1338 -22.45 -47.29 -16.06
N LEU B 1339 -22.09 -48.38 -15.36
CA LEU B 1339 -20.77 -48.96 -15.52
C LEU B 1339 -20.52 -49.38 -16.96
N GLN B 1340 -21.54 -49.88 -17.62
CA GLN B 1340 -21.48 -50.13 -19.05
C GLN B 1340 -21.84 -48.91 -19.88
N LEU B 1341 -22.45 -47.90 -19.25
CA LEU B 1341 -22.87 -46.71 -19.99
C LEU B 1341 -21.69 -45.93 -20.51
N CYS B 1342 -20.66 -45.77 -19.69
CA CYS B 1342 -19.54 -44.90 -20.08
C CYS B 1342 -18.92 -45.24 -21.44
N PRO B 1343 -18.57 -46.49 -21.74
CA PRO B 1343 -17.99 -46.78 -23.06
C PRO B 1343 -18.90 -46.45 -24.22
N ARG B 1344 -20.22 -46.53 -24.03
CA ARG B 1344 -21.14 -46.15 -25.09
C ARG B 1344 -20.93 -44.70 -25.49
N LEU B 1345 -20.85 -43.81 -24.51
CA LEU B 1345 -20.58 -42.41 -24.79
C LEU B 1345 -19.23 -42.25 -25.44
N ASN B 1346 -18.24 -43.03 -25.00
CA ASN B 1346 -16.94 -42.96 -25.65
C ASN B 1346 -17.06 -43.23 -27.16
N ARG B 1347 -17.74 -44.32 -27.51
CA ARG B 1347 -17.87 -44.70 -28.92
C ARG B 1347 -18.62 -43.63 -29.71
N VAL B 1348 -19.72 -43.14 -29.15
CA VAL B 1348 -20.53 -42.16 -29.86
C VAL B 1348 -19.71 -40.92 -30.14
N LEU B 1349 -19.06 -40.40 -29.11
CA LEU B 1349 -18.29 -39.17 -29.29
C LEU B 1349 -17.16 -39.38 -30.28
N ARG B 1350 -16.57 -40.59 -30.28
CA ARG B 1350 -15.52 -40.87 -31.24
C ARG B 1350 -16.05 -40.81 -32.66
N HIS B 1351 -17.21 -41.41 -32.90
CA HIS B 1351 -17.76 -41.38 -34.26
C HIS B 1351 -18.08 -39.96 -34.70
N GLU B 1352 -18.66 -39.17 -33.81
CA GLU B 1352 -18.95 -37.78 -34.14
C GLU B 1352 -17.66 -37.03 -34.46
N GLN B 1353 -16.60 -37.27 -33.69
CA GLN B 1353 -15.33 -36.61 -33.95
C GLN B 1353 -14.78 -36.98 -35.31
N ASN B 1354 -14.89 -38.25 -35.68
CA ASN B 1354 -14.43 -38.68 -37.00
C ASN B 1354 -15.19 -37.95 -38.10
N PHE B 1355 -16.52 -37.90 -37.97
CA PHE B 1355 -17.33 -37.21 -38.96
C PHE B 1355 -16.89 -35.76 -39.11
N ALA B 1356 -16.73 -35.06 -37.99
CA ALA B 1356 -16.36 -33.66 -38.04
C ALA B 1356 -14.97 -33.49 -38.66
N ASP B 1357 -14.03 -34.37 -38.32
CA ASP B 1357 -12.69 -34.24 -38.84
C ASP B 1357 -12.65 -34.44 -40.35
N ARG B 1358 -13.36 -35.44 -40.85
CA ARG B 1358 -13.28 -35.70 -42.28
C ARG B 1358 -14.09 -34.71 -43.12
N PHE B 1359 -15.25 -34.27 -42.63
CA PHE B 1359 -16.21 -33.62 -43.54
C PHE B 1359 -16.61 -32.21 -43.12
N LEU B 1360 -15.73 -31.46 -42.43
CA LEU B 1360 -16.16 -30.11 -42.07
C LEU B 1360 -14.99 -29.13 -42.00
N PRO B 1361 -14.92 -28.16 -42.92
CA PRO B 1361 -13.78 -27.25 -42.95
C PRO B 1361 -13.68 -26.30 -41.77
N ASP B 1362 -14.77 -25.58 -41.49
CA ASP B 1362 -14.73 -24.46 -40.58
C ASP B 1362 -14.76 -24.95 -39.14
N ASP B 1363 -13.75 -24.58 -38.37
CA ASP B 1363 -13.74 -24.95 -36.96
C ASP B 1363 -14.98 -24.44 -36.25
N GLU B 1364 -15.52 -23.30 -36.69
CA GLU B 1364 -16.77 -22.81 -36.14
C GLU B 1364 -17.91 -23.79 -36.40
N ALA B 1365 -17.95 -24.35 -37.61
CA ALA B 1365 -19.00 -25.32 -37.93
C ALA B 1365 -18.89 -26.56 -37.07
N ALA B 1366 -17.66 -27.06 -36.90
CA ALA B 1366 -17.47 -28.24 -36.05
C ALA B 1366 -17.87 -27.94 -34.62
N GLN B 1367 -17.53 -26.74 -34.12
CA GLN B 1367 -17.90 -26.39 -32.76
C GLN B 1367 -19.42 -26.29 -32.62
N ALA B 1368 -20.09 -25.77 -33.65
CA ALA B 1368 -21.56 -25.69 -33.60
C ALA B 1368 -22.17 -27.08 -33.59
N LEU B 1369 -21.67 -27.98 -34.44
CA LEU B 1369 -22.20 -29.34 -34.46
C LEU B 1369 -21.97 -30.03 -33.13
N GLY B 1370 -20.78 -29.87 -32.56
CA GLY B 1370 -20.51 -30.47 -31.27
C GLY B 1370 -21.37 -29.88 -30.17
N LYS B 1371 -21.64 -28.58 -30.23
CA LYS B 1371 -22.52 -27.97 -29.25
C LYS B 1371 -23.89 -28.59 -29.32
N THR B 1372 -24.41 -28.77 -30.54
CA THR B 1372 -25.70 -29.42 -30.69
C THR B 1372 -25.67 -30.84 -30.15
N CYS B 1373 -24.62 -31.59 -30.48
CA CYS B 1373 -24.57 -32.99 -30.07
C CYS B 1373 -24.53 -33.11 -28.55
N TRP B 1374 -23.72 -32.29 -27.90
CA TRP B 1374 -23.61 -32.37 -26.44
C TRP B 1374 -24.91 -31.91 -25.78
N GLU B 1375 -25.46 -30.79 -26.24
CA GLU B 1375 -26.70 -30.32 -25.64
C GLU B 1375 -27.83 -31.30 -25.87
N ALA B 1376 -27.71 -32.17 -26.87
CA ALA B 1376 -28.78 -33.13 -27.13
C ALA B 1376 -28.60 -34.42 -26.34
N LEU B 1377 -27.40 -34.98 -26.34
CA LEU B 1377 -27.22 -36.33 -25.78
C LEU B 1377 -26.99 -36.30 -24.27
N VAL B 1378 -25.95 -35.60 -23.82
CA VAL B 1378 -25.54 -35.71 -22.43
C VAL B 1378 -26.53 -35.02 -21.52
N SER B 1379 -27.05 -33.87 -21.93
CA SER B 1379 -27.80 -33.02 -21.00
C SER B 1379 -29.04 -33.69 -20.42
N PRO B 1380 -29.97 -34.23 -21.21
CA PRO B 1380 -31.12 -34.89 -20.59
C PRO B 1380 -30.74 -36.15 -19.84
N LEU B 1381 -29.65 -36.80 -20.23
CA LEU B 1381 -29.16 -37.94 -19.46
C LEU B 1381 -28.85 -37.52 -18.03
N VAL B 1382 -28.15 -36.40 -17.87
CA VAL B 1382 -27.87 -35.89 -16.54
C VAL B 1382 -29.17 -35.49 -15.86
N GLN B 1383 -30.02 -34.74 -16.56
CA GLN B 1383 -31.25 -34.26 -15.95
C GLN B 1383 -32.17 -35.40 -15.54
N ASN B 1384 -31.93 -36.61 -16.05
CA ASN B 1384 -32.69 -37.78 -15.66
C ASN B 1384 -32.03 -38.53 -14.51
N ILE B 1385 -30.76 -38.89 -14.67
CA ILE B 1385 -30.10 -39.70 -13.65
C ILE B 1385 -29.91 -38.98 -12.33
N THR B 1386 -30.16 -37.67 -12.30
CA THR B 1386 -30.00 -36.85 -11.10
C THR B 1386 -31.34 -36.40 -10.57
N SER B 1387 -32.34 -37.28 -10.64
CA SER B 1387 -33.68 -37.00 -10.15
C SER B 1387 -34.04 -38.02 -9.08
N PRO B 1388 -34.50 -37.58 -7.92
CA PRO B 1388 -34.78 -38.52 -6.83
C PRO B 1388 -35.97 -39.41 -7.15
N ASP B 1389 -35.91 -40.64 -6.62
CA ASP B 1389 -37.01 -41.59 -6.76
C ASP B 1389 -38.05 -41.29 -5.69
N ALA B 1390 -39.03 -42.19 -5.54
CA ALA B 1390 -39.99 -42.05 -4.45
C ALA B 1390 -39.29 -42.06 -3.11
N GLU B 1391 -38.33 -42.98 -2.93
CA GLU B 1391 -37.49 -42.96 -1.73
C GLU B 1391 -36.52 -41.80 -1.72
N GLY B 1392 -36.35 -41.09 -2.84
CA GLY B 1392 -35.48 -39.95 -2.91
C GLY B 1392 -34.10 -40.23 -3.46
N VAL B 1393 -33.85 -41.42 -3.99
CA VAL B 1393 -32.52 -41.82 -4.43
C VAL B 1393 -32.46 -41.74 -5.95
N SER B 1394 -31.42 -41.11 -6.47
CA SER B 1394 -31.13 -41.09 -7.88
C SER B 1394 -30.15 -42.21 -8.22
N ALA B 1395 -29.99 -42.46 -9.52
CA ALA B 1395 -29.00 -43.45 -9.93
C ALA B 1395 -27.59 -43.00 -9.58
N LEU B 1396 -27.24 -41.77 -9.95
CA LEU B 1396 -25.91 -41.26 -9.65
C LEU B 1396 -25.69 -41.13 -8.15
N GLY B 1397 -26.75 -40.82 -7.40
CA GLY B 1397 -26.63 -40.77 -5.96
C GLY B 1397 -26.25 -42.12 -5.38
N TRP B 1398 -26.90 -43.19 -5.85
CA TRP B 1398 -26.53 -44.52 -5.40
C TRP B 1398 -25.11 -44.85 -5.79
N LEU B 1399 -24.70 -44.44 -6.99
CA LEU B 1399 -23.36 -44.74 -7.43
C LEU B 1399 -22.33 -44.09 -6.52
N LEU B 1400 -22.49 -42.80 -6.24
CA LEU B 1400 -21.54 -42.11 -5.38
C LEU B 1400 -21.56 -42.66 -3.97
N ASP B 1401 -22.74 -43.01 -3.46
CA ASP B 1401 -22.84 -43.58 -2.12
C ASP B 1401 -22.06 -44.89 -2.03
N GLN B 1402 -22.22 -45.76 -3.02
CA GLN B 1402 -21.47 -47.01 -3.01
C GLN B 1402 -19.97 -46.74 -3.09
N TYR B 1403 -19.57 -45.75 -3.89
CA TYR B 1403 -18.16 -45.41 -3.97
C TYR B 1403 -17.62 -45.02 -2.61
N LEU B 1404 -18.32 -44.13 -1.90
CA LEU B 1404 -17.84 -43.68 -0.61
C LEU B 1404 -17.79 -44.83 0.38
N GLU B 1405 -18.80 -45.70 0.35
CA GLU B 1405 -18.83 -46.83 1.26
C GLU B 1405 -17.64 -47.77 1.03
N GLN B 1406 -17.32 -48.06 -0.23
CA GLN B 1406 -16.30 -49.05 -0.54
C GLN B 1406 -14.90 -48.47 -0.68
N ARG B 1407 -14.75 -47.15 -0.56
CA ARG B 1407 -13.44 -46.54 -0.72
C ARG B 1407 -12.41 -47.14 0.23
N GLU B 1408 -12.81 -47.47 1.46
CA GLU B 1408 -11.86 -48.00 2.43
C GLU B 1408 -11.28 -49.33 1.97
N THR B 1409 -12.13 -50.23 1.48
CA THR B 1409 -11.71 -51.56 1.07
C THR B 1409 -11.27 -51.63 -0.38
N SER B 1410 -11.29 -50.51 -1.10
CA SER B 1410 -10.87 -50.49 -2.50
C SER B 1410 -9.41 -50.11 -2.68
N ARG B 1411 -8.57 -50.42 -1.69
CA ARG B 1411 -7.16 -50.06 -1.75
C ARG B 1411 -6.26 -51.22 -2.14
N ASN B 1412 -6.83 -52.38 -2.48
CA ASN B 1412 -6.04 -53.52 -2.94
C ASN B 1412 -5.87 -53.45 -4.44
N PRO B 1413 -4.64 -53.34 -4.96
CA PRO B 1413 -4.44 -53.24 -6.42
C PRO B 1413 -5.07 -54.39 -7.19
N LEU B 1414 -5.28 -55.53 -6.53
CA LEU B 1414 -5.90 -56.69 -7.16
C LEU B 1414 -7.17 -57.03 -6.38
N SER B 1415 -8.28 -56.42 -6.78
CA SER B 1415 -9.56 -56.68 -6.14
C SER B 1415 -10.66 -56.10 -7.02
N ARG B 1416 -11.89 -56.55 -6.76
CA ARG B 1416 -13.03 -56.03 -7.52
C ARG B 1416 -13.34 -54.59 -7.12
N ALA B 1417 -13.11 -54.24 -5.85
CA ALA B 1417 -13.47 -52.90 -5.39
C ALA B 1417 -12.63 -51.83 -6.09
N ALA B 1418 -11.34 -52.11 -6.33
CA ALA B 1418 -10.53 -51.15 -7.07
C ALA B 1418 -11.07 -50.94 -8.46
N SER B 1419 -11.55 -52.01 -9.10
CA SER B 1419 -12.16 -51.88 -10.41
C SER B 1419 -13.43 -51.05 -10.35
N PHE B 1420 -14.22 -51.25 -9.30
CA PHE B 1420 -15.41 -50.42 -9.10
C PHE B 1420 -15.04 -48.96 -9.04
N ALA B 1421 -14.03 -48.64 -8.24
CA ALA B 1421 -13.60 -47.26 -8.09
C ALA B 1421 -13.12 -46.68 -9.41
N SER B 1422 -12.41 -47.48 -10.20
CA SER B 1422 -11.92 -47.00 -11.49
C SER B 1422 -13.09 -46.69 -12.43
N ARG B 1423 -14.06 -47.60 -12.49
CA ARG B 1423 -15.23 -47.35 -13.33
C ARG B 1423 -15.91 -46.04 -12.95
N VAL B 1424 -16.21 -45.87 -11.65
CA VAL B 1424 -16.93 -44.67 -11.24
C VAL B 1424 -16.10 -43.43 -11.54
N ARG B 1425 -14.79 -43.51 -11.32
CA ARG B 1425 -13.93 -42.35 -11.51
C ARG B 1425 -13.94 -41.90 -12.96
N ARG B 1426 -13.76 -42.83 -13.89
CA ARG B 1426 -13.73 -42.45 -15.29
C ARG B 1426 -15.09 -41.92 -15.74
N LEU B 1427 -16.16 -42.53 -15.25
CA LEU B 1427 -17.48 -42.03 -15.66
C LEU B 1427 -17.67 -40.58 -15.22
N CYS B 1428 -17.33 -40.26 -13.98
CA CYS B 1428 -17.52 -38.89 -13.51
C CYS B 1428 -16.62 -37.91 -14.26
N HIS B 1429 -15.35 -38.28 -14.46
CA HIS B 1429 -14.45 -37.37 -15.17
C HIS B 1429 -14.96 -37.10 -16.58
N LEU B 1430 -15.44 -38.14 -17.26
CA LEU B 1430 -16.01 -37.93 -18.59
C LEU B 1430 -17.22 -37.04 -18.53
N LEU B 1431 -18.09 -37.24 -17.54
CA LEU B 1431 -19.34 -36.47 -17.50
C LEU B 1431 -19.08 -35.00 -17.28
N VAL B 1432 -18.04 -34.66 -16.52
CA VAL B 1432 -17.78 -33.24 -16.25
C VAL B 1432 -16.70 -32.65 -17.13
N HIS B 1433 -16.07 -33.44 -18.00
CA HIS B 1433 -14.93 -32.93 -18.76
C HIS B 1433 -15.31 -31.83 -19.74
N VAL B 1434 -16.58 -31.69 -20.08
CA VAL B 1434 -17.00 -30.61 -20.98
C VAL B 1434 -16.97 -29.25 -20.31
N GLU B 1435 -16.84 -29.20 -19.00
CA GLU B 1435 -16.82 -27.94 -18.27
C GLU B 1435 -15.47 -27.26 -18.42
N PRO B 1436 -15.41 -25.94 -18.16
CA PRO B 1436 -14.20 -25.11 -18.18
C PRO B 1436 -13.04 -25.71 -17.39
N PRO B 1467 -23.86 -20.14 -15.12
CA PRO B 1467 -23.63 -21.58 -14.95
C PRO B 1467 -24.05 -22.39 -16.17
N SER B 1468 -24.42 -23.66 -15.94
CA SER B 1468 -24.74 -24.58 -17.01
C SER B 1468 -25.87 -25.48 -16.55
N SER B 1469 -26.12 -26.54 -17.31
CA SER B 1469 -27.06 -27.57 -16.91
C SER B 1469 -26.39 -28.90 -16.62
N SER B 1470 -25.11 -29.03 -16.98
CA SER B 1470 -24.37 -30.23 -16.59
C SER B 1470 -23.79 -30.08 -15.19
N LEU B 1471 -23.27 -28.89 -14.87
CA LEU B 1471 -22.75 -28.65 -13.53
C LEU B 1471 -23.86 -28.75 -12.49
N ARG B 1472 -24.93 -27.98 -12.66
CA ARG B 1472 -25.87 -27.73 -11.56
C ARG B 1472 -26.49 -29.01 -11.02
N ASN B 1473 -26.94 -29.91 -11.90
CA ASN B 1473 -27.59 -31.12 -11.43
C ASN B 1473 -26.61 -32.01 -10.67
N ILE B 1474 -25.40 -32.15 -11.18
CA ILE B 1474 -24.41 -32.99 -10.51
C ILE B 1474 -24.00 -32.38 -9.18
N THR B 1475 -23.95 -31.06 -9.13
CA THR B 1475 -23.68 -30.35 -7.88
C THR B 1475 -24.73 -30.70 -6.84
N GLN B 1476 -26.01 -30.48 -7.16
CA GLN B 1476 -27.05 -30.75 -6.18
C GLN B 1476 -27.08 -32.21 -5.78
N CYS B 1477 -26.69 -33.12 -6.67
CA CYS B 1477 -26.64 -34.53 -6.28
C CYS B 1477 -25.52 -34.78 -5.28
N TRP B 1478 -24.34 -34.20 -5.53
CA TRP B 1478 -23.24 -34.31 -4.58
C TRP B 1478 -23.64 -33.74 -3.23
N LEU B 1479 -24.39 -32.63 -3.24
CA LEU B 1479 -24.89 -32.06 -2.01
C LEU B 1479 -25.75 -33.06 -1.25
N SER B 1480 -26.72 -33.66 -1.94
CA SER B 1480 -27.63 -34.59 -1.27
C SER B 1480 -26.88 -35.78 -0.70
N VAL B 1481 -25.87 -36.28 -1.40
CA VAL B 1481 -25.19 -37.47 -0.88
C VAL B 1481 -24.35 -37.12 0.35
N VAL B 1482 -23.67 -35.97 0.32
CA VAL B 1482 -22.91 -35.57 1.51
C VAL B 1482 -23.86 -35.35 2.68
N GLN B 1483 -25.04 -34.80 2.42
CA GLN B 1483 -25.97 -34.54 3.51
C GLN B 1483 -26.42 -35.84 4.16
N GLU B 1484 -26.78 -36.83 3.35
CA GLU B 1484 -27.19 -38.11 3.91
C GLU B 1484 -26.07 -38.73 4.73
N GLN B 1485 -24.84 -38.69 4.21
CA GLN B 1485 -23.72 -39.32 4.92
C GLN B 1485 -23.48 -38.65 6.27
N VAL B 1486 -23.35 -37.32 6.26
CA VAL B 1486 -23.08 -36.59 7.49
C VAL B 1486 -24.20 -36.79 8.50
N SER B 1487 -25.46 -36.78 8.03
CA SER B 1487 -26.57 -36.93 8.97
C SER B 1487 -26.55 -38.31 9.62
N ARG B 1488 -26.29 -39.36 8.84
CA ARG B 1488 -26.11 -40.69 9.42
C ARG B 1488 -25.05 -40.64 10.52
N PHE B 1489 -23.90 -40.05 10.21
CA PHE B 1489 -22.82 -40.04 11.19
C PHE B 1489 -23.21 -39.29 12.45
N LEU B 1490 -23.83 -38.12 12.29
CA LEU B 1490 -24.14 -37.29 13.44
C LEU B 1490 -25.14 -37.98 14.35
N ALA B 1491 -26.19 -38.56 13.77
CA ALA B 1491 -27.11 -39.34 14.57
C ALA B 1491 -26.38 -40.48 15.28
N ALA B 1492 -25.45 -41.13 14.59
CA ALA B 1492 -24.81 -42.31 15.15
C ALA B 1492 -23.98 -41.96 16.39
N ALA B 1493 -23.10 -40.97 16.27
CA ALA B 1493 -22.11 -40.68 17.31
C ALA B 1493 -22.15 -39.20 17.69
N TRP B 1494 -23.00 -38.86 18.65
CA TRP B 1494 -22.97 -37.54 19.26
C TRP B 1494 -22.64 -37.61 20.75
N ARG B 1495 -22.28 -38.78 21.25
CA ARG B 1495 -21.97 -38.95 22.66
C ARG B 1495 -20.67 -39.68 22.89
N ALA B 1496 -19.96 -40.07 21.84
CA ALA B 1496 -18.68 -40.71 22.03
C ALA B 1496 -17.68 -39.71 22.61
N PRO B 1497 -16.68 -40.18 23.34
CA PRO B 1497 -15.60 -39.30 23.79
C PRO B 1497 -14.56 -39.01 22.72
N ASP B 1498 -14.84 -39.37 21.46
CA ASP B 1498 -13.96 -39.12 20.34
C ASP B 1498 -14.73 -38.50 19.18
N PHE B 1499 -15.72 -37.66 19.47
CA PHE B 1499 -16.63 -37.20 18.43
C PHE B 1499 -15.96 -36.22 17.49
N VAL B 1500 -15.38 -35.16 18.05
CA VAL B 1500 -14.76 -34.13 17.21
C VAL B 1500 -13.68 -34.69 16.29
N PRO B 1501 -12.79 -35.58 16.73
CA PRO B 1501 -11.77 -36.09 15.81
C PRO B 1501 -12.36 -36.88 14.65
N ARG B 1502 -13.38 -37.69 14.92
CA ARG B 1502 -14.01 -38.44 13.85
C ARG B 1502 -14.74 -37.51 12.89
N TYR B 1503 -15.35 -36.45 13.42
CA TYR B 1503 -15.93 -35.42 12.58
C TYR B 1503 -14.89 -34.85 11.61
N CYS B 1504 -13.70 -34.56 12.12
CA CYS B 1504 -12.69 -33.96 11.26
C CYS B 1504 -12.15 -34.97 10.25
N LYS B 1505 -11.98 -36.22 10.66
CA LYS B 1505 -11.60 -37.27 9.73
C LYS B 1505 -12.63 -37.41 8.61
N LEU B 1506 -13.91 -37.29 8.96
CA LEU B 1506 -14.96 -37.34 7.95
C LEU B 1506 -14.82 -36.21 6.95
N TYR B 1507 -14.67 -34.98 7.45
CA TYR B 1507 -14.51 -33.86 6.53
C TYR B 1507 -13.33 -34.06 5.60
N GLU B 1508 -12.21 -34.55 6.12
CA GLU B 1508 -11.03 -34.74 5.28
C GLU B 1508 -11.28 -35.80 4.22
N HIS B 1509 -11.86 -36.93 4.62
CA HIS B 1509 -12.06 -38.03 3.69
C HIS B 1509 -13.06 -37.66 2.61
N LEU B 1510 -14.13 -36.94 2.97
CA LEU B 1510 -15.13 -36.60 1.97
C LEU B 1510 -14.62 -35.53 1.02
N GLN B 1511 -13.85 -34.56 1.53
CA GLN B 1511 -13.25 -33.58 0.63
C GLN B 1511 -12.31 -34.25 -0.37
N ARG B 1512 -11.47 -35.18 0.12
CA ARG B 1512 -10.58 -35.88 -0.79
C ARG B 1512 -11.35 -36.70 -1.81
N ALA B 1513 -12.41 -37.40 -1.37
CA ALA B 1513 -13.22 -38.17 -2.30
C ALA B 1513 -13.79 -37.28 -3.38
N GLY B 1514 -14.28 -36.10 -3.01
CA GLY B 1514 -14.79 -35.19 -4.01
C GLY B 1514 -13.73 -34.76 -5.00
N SER B 1515 -12.53 -34.46 -4.51
CA SER B 1515 -11.47 -34.03 -5.42
C SER B 1515 -11.07 -35.14 -6.36
N GLU B 1516 -10.97 -36.38 -5.86
CA GLU B 1516 -10.64 -37.50 -6.72
C GLU B 1516 -11.71 -37.73 -7.77
N LEU B 1517 -12.98 -37.55 -7.40
CA LEU B 1517 -14.06 -37.85 -8.33
C LEU B 1517 -14.21 -36.78 -9.40
N PHE B 1518 -14.46 -35.55 -9.00
CA PHE B 1518 -14.84 -34.50 -9.94
C PHE B 1518 -13.71 -33.55 -10.26
N GLY B 1519 -12.50 -33.85 -9.81
CA GLY B 1519 -11.38 -32.97 -10.04
C GLY B 1519 -11.38 -31.86 -9.02
N PRO B 1520 -10.39 -30.99 -9.07
CA PRO B 1520 -10.51 -29.73 -8.33
C PRO B 1520 -11.34 -28.73 -9.13
N ARG B 1521 -12.51 -28.39 -8.60
CA ARG B 1521 -13.31 -27.30 -9.13
C ARG B 1521 -13.92 -26.56 -7.96
N ALA B 1522 -14.34 -25.32 -8.21
CA ALA B 1522 -14.77 -24.45 -7.14
C ALA B 1522 -16.06 -24.95 -6.51
N ALA B 1523 -17.13 -25.06 -7.32
CA ALA B 1523 -18.47 -25.23 -6.78
C ALA B 1523 -18.64 -26.50 -5.96
N PHE B 1524 -17.81 -27.52 -6.17
CA PHE B 1524 -18.01 -28.75 -5.43
C PHE B 1524 -17.58 -28.59 -3.97
N MET B 1525 -16.56 -27.79 -3.69
CA MET B 1525 -16.21 -27.50 -2.30
C MET B 1525 -17.34 -26.76 -1.60
N LEU B 1526 -17.95 -25.78 -2.28
CA LEU B 1526 -19.09 -25.10 -1.71
C LEU B 1526 -20.25 -26.07 -1.49
N ALA B 1527 -20.41 -27.04 -2.38
CA ALA B 1527 -21.39 -28.09 -2.16
C ALA B 1527 -21.09 -28.87 -0.89
N LEU B 1528 -19.83 -29.24 -0.68
CA LEU B 1528 -19.46 -29.98 0.51
C LEU B 1528 -19.78 -29.20 1.77
N ARG B 1529 -19.44 -27.91 1.78
CA ARG B 1529 -19.74 -27.07 2.93
C ARG B 1529 -21.23 -27.01 3.19
N SER B 1530 -22.02 -26.71 2.15
CA SER B 1530 -23.46 -26.61 2.33
C SER B 1530 -24.07 -27.91 2.80
N GLY B 1531 -23.51 -29.04 2.35
CA GLY B 1531 -24.00 -30.32 2.82
C GLY B 1531 -23.79 -30.50 4.32
N PHE B 1532 -22.56 -30.26 4.77
CA PHE B 1532 -22.28 -30.35 6.19
C PHE B 1532 -23.22 -29.44 6.99
N SER B 1533 -23.37 -28.20 6.55
CA SER B 1533 -24.27 -27.26 7.21
C SER B 1533 -25.68 -27.84 7.33
N GLY B 1534 -26.30 -28.15 6.19
CA GLY B 1534 -27.63 -28.71 6.21
C GLY B 1534 -27.76 -29.92 7.11
N ALA B 1535 -26.71 -30.72 7.23
CA ALA B 1535 -26.78 -31.87 8.13
C ALA B 1535 -26.81 -31.42 9.57
N LEU B 1536 -25.97 -30.45 9.94
CA LEU B 1536 -25.99 -29.96 11.30
C LEU B 1536 -27.32 -29.31 11.65
N LEU B 1537 -28.01 -28.74 10.67
CA LEU B 1537 -29.29 -28.11 10.94
C LEU B 1537 -30.41 -29.13 11.15
N GLN B 1538 -30.31 -30.31 10.54
CA GLN B 1538 -31.34 -31.33 10.65
C GLN B 1538 -31.14 -32.15 11.92
N GLN B 1539 -31.20 -31.46 13.05
CA GLN B 1539 -30.89 -32.08 14.33
C GLN B 1539 -31.76 -31.47 15.41
N SER B 1540 -31.79 -32.14 16.57
CA SER B 1540 -32.56 -31.68 17.71
C SER B 1540 -31.77 -30.64 18.49
N PHE B 1541 -32.48 -29.90 19.35
CA PHE B 1541 -31.86 -28.79 20.04
C PHE B 1541 -30.89 -29.27 21.12
N LEU B 1542 -31.31 -30.23 21.93
CA LEU B 1542 -30.39 -30.83 22.90
C LEU B 1542 -29.11 -31.31 22.24
N THR B 1543 -29.23 -31.88 21.04
CA THR B 1543 -28.05 -32.43 20.39
C THR B 1543 -27.17 -31.34 19.80
N ALA B 1544 -27.78 -30.29 19.24
CA ALA B 1544 -27.00 -29.12 18.87
C ALA B 1544 -26.23 -28.57 20.06
N ALA B 1545 -26.87 -28.53 21.22
CA ALA B 1545 -26.21 -28.04 22.43
C ALA B 1545 -25.01 -28.90 22.78
N HIS B 1546 -25.20 -30.22 22.82
CA HIS B 1546 -24.10 -31.11 23.17
C HIS B 1546 -22.97 -31.00 22.17
N MET B 1547 -23.29 -30.90 20.88
CA MET B 1547 -22.24 -30.79 19.86
C MET B 1547 -21.42 -29.52 20.04
N SER B 1548 -22.10 -28.38 20.24
CA SER B 1548 -21.38 -27.14 20.46
C SER B 1548 -20.47 -27.24 21.69
N GLU B 1549 -20.98 -27.84 22.76
CA GLU B 1549 -20.15 -27.99 23.96
C GLU B 1549 -18.93 -28.86 23.66
N GLN B 1550 -19.10 -29.87 22.81
CA GLN B 1550 -17.97 -30.73 22.50
C GLN B 1550 -16.91 -29.97 21.72
N PHE B 1551 -17.33 -29.09 20.82
CA PHE B 1551 -16.37 -28.30 20.06
C PHE B 1551 -15.57 -27.39 20.99
N ALA B 1552 -16.27 -26.65 21.86
CA ALA B 1552 -15.57 -25.78 22.79
C ALA B 1552 -14.57 -26.55 23.64
N ARG B 1553 -14.98 -27.71 24.14
CA ARG B 1553 -14.08 -28.52 24.96
C ARG B 1553 -12.87 -28.96 24.16
N TYR B 1554 -13.07 -29.30 22.89
CA TYR B 1554 -11.95 -29.78 22.10
C TYR B 1554 -10.89 -28.70 21.96
N ILE B 1555 -11.32 -27.48 21.62
CA ILE B 1555 -10.36 -26.39 21.50
C ILE B 1555 -9.62 -26.18 22.81
N ASP B 1556 -10.37 -26.06 23.91
CA ASP B 1556 -9.71 -25.80 25.19
C ASP B 1556 -8.72 -26.89 25.55
N GLN B 1557 -9.06 -28.14 25.28
CA GLN B 1557 -8.20 -29.24 25.68
C GLN B 1557 -6.95 -29.28 24.82
N GLN B 1558 -7.06 -28.93 23.54
CA GLN B 1558 -5.89 -28.93 22.69
C GLN B 1558 -4.92 -27.83 23.09
N ILE B 1559 -5.44 -26.63 23.35
CA ILE B 1559 -4.56 -25.53 23.74
C ILE B 1559 -3.88 -25.85 25.06
N GLN B 1560 -4.65 -26.31 26.05
CA GLN B 1560 -4.07 -26.74 27.32
C GLN B 1560 -2.92 -27.71 27.10
N GLY B 1561 -3.16 -28.78 26.34
CA GLY B 1561 -2.14 -29.79 26.16
C GLY B 1561 -0.90 -29.25 25.46
N GLY B 1562 -1.10 -28.45 24.43
CA GLY B 1562 0.04 -27.95 23.67
C GLY B 1562 0.90 -27.01 24.48
N LEU B 1563 0.29 -26.09 25.22
CA LEU B 1563 1.07 -25.18 26.05
C LEU B 1563 1.76 -25.93 27.19
N ILE B 1564 1.01 -26.76 27.91
CA ILE B 1564 1.60 -27.46 29.05
C ILE B 1564 2.64 -28.48 28.60
N GLY B 1565 2.24 -29.42 27.77
CA GLY B 1565 3.12 -30.50 27.37
C GLY B 1565 4.29 -30.04 26.52
N GLY B 1566 5.19 -30.99 26.27
CA GLY B 1566 6.37 -30.73 25.46
C GLY B 1566 6.22 -31.14 24.01
N ALA B 1567 7.08 -32.04 23.54
CA ALA B 1567 7.04 -32.46 22.14
C ALA B 1567 5.71 -33.11 21.74
N PRO B 1568 5.10 -33.96 22.56
CA PRO B 1568 3.73 -34.38 22.24
C PRO B 1568 2.81 -33.21 21.96
N GLY B 1569 3.00 -32.11 22.67
CA GLY B 1569 2.26 -30.89 22.41
C GLY B 1569 2.47 -30.39 21.00
N VAL B 1570 3.70 -29.98 20.67
CA VAL B 1570 3.97 -29.44 19.33
C VAL B 1570 3.48 -30.39 18.25
N GLU B 1571 3.46 -31.70 18.52
CA GLU B 1571 2.78 -32.61 17.61
C GLU B 1571 1.30 -32.29 17.52
N MET B 1572 0.62 -32.27 18.66
CA MET B 1572 -0.82 -32.02 18.67
C MET B 1572 -1.20 -30.69 18.07
N LEU B 1573 -0.28 -29.73 18.04
CA LEU B 1573 -0.65 -28.36 17.71
C LEU B 1573 -0.87 -28.17 16.21
N GLY B 1574 0.00 -28.74 15.38
CA GLY B 1574 -0.24 -28.69 13.95
C GLY B 1574 -1.54 -29.37 13.57
N GLN B 1575 -1.86 -30.48 14.24
CA GLN B 1575 -3.16 -31.11 14.06
C GLN B 1575 -4.27 -30.14 14.43
N LEU B 1576 -4.16 -29.50 15.60
CA LEU B 1576 -5.14 -28.49 15.99
C LEU B 1576 -5.37 -27.49 14.88
N GLN B 1577 -4.28 -27.04 14.24
CA GLN B 1577 -4.48 -26.07 13.16
C GLN B 1577 -5.20 -26.69 11.99
N ARG B 1578 -4.89 -27.95 11.66
CA ARG B 1578 -5.58 -28.62 10.57
C ARG B 1578 -7.08 -28.64 10.81
N HIS B 1579 -7.49 -29.11 11.99
CA HIS B 1579 -8.87 -29.43 12.29
C HIS B 1579 -9.77 -28.21 12.40
N LEU B 1580 -9.26 -26.99 12.27
CA LEU B 1580 -10.13 -25.84 12.47
C LEU B 1580 -11.05 -25.60 11.28
N GLU B 1581 -10.58 -25.85 10.06
CA GLU B 1581 -11.40 -25.58 8.89
C GLU B 1581 -12.72 -26.35 8.88
N PRO B 1582 -12.83 -27.57 9.39
CA PRO B 1582 -14.16 -28.16 9.57
C PRO B 1582 -15.04 -27.38 10.52
N ILE B 1583 -14.50 -26.97 11.68
CA ILE B 1583 -15.29 -26.24 12.67
C ILE B 1583 -15.91 -24.99 12.06
N MET B 1584 -15.15 -24.28 11.22
CA MET B 1584 -15.57 -22.96 10.77
C MET B 1584 -16.84 -22.98 9.92
N VAL B 1585 -17.37 -24.15 9.60
CA VAL B 1585 -18.63 -24.24 8.90
C VAL B 1585 -19.79 -23.71 9.73
N LEU B 1586 -19.58 -23.56 11.04
CA LEU B 1586 -20.64 -23.14 11.93
C LEU B 1586 -21.11 -21.71 11.70
N SER B 1587 -20.27 -20.87 11.11
CA SER B 1587 -20.61 -19.46 11.01
C SER B 1587 -21.90 -19.26 10.23
N GLY B 1588 -22.64 -18.23 10.59
CA GLY B 1588 -23.86 -17.89 9.90
C GLY B 1588 -25.04 -18.78 10.23
N LEU B 1589 -24.86 -19.83 11.01
CA LEU B 1589 -25.96 -20.69 11.40
C LEU B 1589 -26.49 -20.27 12.76
N GLU B 1590 -27.50 -20.99 13.24
CA GLU B 1590 -28.04 -20.72 14.56
C GLU B 1590 -27.09 -21.16 15.65
N LEU B 1591 -26.36 -22.26 15.43
CA LEU B 1591 -25.51 -22.85 16.46
C LEU B 1591 -24.40 -21.90 16.92
N ALA B 1592 -24.17 -20.82 16.19
CA ALA B 1592 -23.08 -19.90 16.53
C ALA B 1592 -23.25 -19.34 17.93
N THR B 1593 -24.46 -18.94 18.30
CA THR B 1593 -24.65 -18.30 19.59
C THR B 1593 -24.33 -19.25 20.73
N THR B 1594 -24.78 -20.49 20.64
CA THR B 1594 -24.52 -21.43 21.72
C THR B 1594 -23.06 -21.84 21.75
N PHE B 1595 -22.43 -21.96 20.59
CA PHE B 1595 -21.00 -22.27 20.56
C PHE B 1595 -20.19 -21.15 21.20
N GLU B 1596 -20.54 -19.90 20.89
CA GLU B 1596 -19.83 -18.77 21.47
C GLU B 1596 -20.04 -18.70 22.98
N HIS B 1597 -21.27 -18.94 23.43
CA HIS B 1597 -21.53 -18.97 24.87
C HIS B 1597 -20.64 -19.99 25.54
N PHE B 1598 -20.53 -21.18 24.95
CA PHE B 1598 -19.68 -22.19 25.56
C PHE B 1598 -18.20 -21.82 25.49
N TYR B 1599 -17.79 -21.15 24.43
CA TYR B 1599 -16.37 -20.82 24.27
C TYR B 1599 -15.92 -19.79 25.29
N GLN B 1600 -16.75 -18.77 25.52
CA GLN B 1600 -16.44 -17.76 26.54
C GLN B 1600 -16.11 -18.40 27.87
N HIS B 1601 -16.83 -19.46 28.24
CA HIS B 1601 -16.76 -19.99 29.59
C HIS B 1601 -15.47 -20.72 29.85
N TYR B 1602 -14.79 -21.18 28.80
CA TYR B 1602 -13.47 -21.77 28.95
C TYR B 1602 -12.36 -20.77 28.70
N MET B 1603 -12.57 -19.83 27.78
CA MET B 1603 -11.57 -18.80 27.56
C MET B 1603 -11.34 -17.97 28.81
N ALA B 1604 -12.38 -17.81 29.63
CA ALA B 1604 -12.22 -17.09 30.89
C ALA B 1604 -11.17 -17.73 31.77
N ASP B 1605 -11.39 -18.99 32.14
CA ASP B 1605 -10.47 -19.67 33.02
C ASP B 1605 -9.10 -19.80 32.39
N ARG B 1606 -9.04 -20.00 31.07
CA ARG B 1606 -7.74 -20.12 30.43
C ARG B 1606 -6.95 -18.82 30.54
N LEU B 1607 -7.62 -17.68 30.39
CA LEU B 1607 -6.91 -16.42 30.51
C LEU B 1607 -6.51 -16.14 31.94
N LEU B 1608 -7.31 -16.56 32.91
CA LEU B 1608 -6.89 -16.33 34.29
C LEU B 1608 -5.83 -17.31 34.76
N SER B 1609 -5.67 -18.45 34.10
CA SER B 1609 -4.60 -19.38 34.44
C SER B 1609 -3.28 -19.05 33.75
N PHE B 1610 -3.34 -18.42 32.59
CA PHE B 1610 -2.16 -18.05 31.83
C PHE B 1610 -2.47 -16.78 31.07
N GLY B 1611 -1.47 -15.92 30.92
CA GLY B 1611 -1.66 -14.69 30.17
C GLY B 1611 -2.04 -14.98 28.73
N SER B 1612 -2.48 -13.95 28.04
CA SER B 1612 -3.01 -14.14 26.69
C SER B 1612 -1.84 -14.45 25.78
N SER B 1613 -1.66 -15.73 25.50
CA SER B 1613 -0.48 -16.19 24.78
C SER B 1613 -0.67 -15.92 23.28
N TRP B 1614 0.27 -16.40 22.48
CA TRP B 1614 0.06 -16.38 21.04
C TRP B 1614 -1.08 -17.29 20.63
N LEU B 1615 -1.28 -18.39 21.36
CA LEU B 1615 -2.23 -19.40 20.93
C LEU B 1615 -3.64 -18.84 20.80
N GLU B 1616 -4.10 -18.06 21.79
CA GLU B 1616 -5.48 -17.61 21.76
C GLU B 1616 -5.69 -16.62 20.62
N GLY B 1617 -4.73 -15.73 20.41
CA GLY B 1617 -4.84 -14.79 19.31
C GLY B 1617 -4.77 -15.45 17.96
N ALA B 1618 -4.01 -16.53 17.84
CA ALA B 1618 -3.91 -17.20 16.54
C ALA B 1618 -5.19 -17.98 16.23
N VAL B 1619 -5.68 -18.74 17.20
CA VAL B 1619 -6.95 -19.43 17.01
C VAL B 1619 -8.04 -18.43 16.65
N LEU B 1620 -8.04 -17.26 17.29
CA LEU B 1620 -9.06 -16.29 16.95
C LEU B 1620 -8.82 -15.71 15.56
N GLU B 1621 -7.58 -15.45 15.17
CA GLU B 1621 -7.37 -14.95 13.82
C GLU B 1621 -7.75 -15.98 12.77
N GLN B 1622 -7.92 -17.24 13.16
CA GLN B 1622 -8.51 -18.22 12.25
C GLN B 1622 -10.02 -18.16 12.26
N ILE B 1623 -10.64 -18.35 13.42
CA ILE B 1623 -12.08 -18.62 13.49
C ILE B 1623 -12.88 -17.43 14.03
N GLY B 1624 -12.36 -16.21 13.90
CA GLY B 1624 -13.02 -15.07 14.53
C GLY B 1624 -14.39 -14.77 13.95
N LEU B 1625 -14.51 -14.80 12.63
CA LEU B 1625 -15.77 -14.40 12.01
C LEU B 1625 -16.90 -15.38 12.30
N CYS B 1626 -16.65 -16.43 13.06
CA CYS B 1626 -17.72 -17.33 13.48
C CYS B 1626 -18.49 -16.76 14.65
N PHE B 1627 -17.81 -16.12 15.58
CA PHE B 1627 -18.45 -15.57 16.77
C PHE B 1627 -19.31 -14.37 16.40
N PRO B 1628 -20.62 -14.39 16.68
CA PRO B 1628 -21.50 -13.36 16.11
C PRO B 1628 -21.31 -11.99 16.72
N ASN B 1629 -21.15 -11.91 18.03
CA ASN B 1629 -21.04 -10.65 18.75
C ASN B 1629 -19.62 -10.23 19.03
N ARG B 1630 -18.64 -11.08 18.74
CA ARG B 1630 -17.23 -10.78 18.93
C ARG B 1630 -16.91 -10.54 20.41
N LEU B 1631 -17.41 -11.43 21.26
CA LEU B 1631 -17.05 -11.37 22.67
C LEU B 1631 -15.60 -11.75 22.93
N PRO B 1632 -15.07 -12.87 22.42
CA PRO B 1632 -13.69 -13.25 22.77
C PRO B 1632 -12.64 -12.22 22.42
N GLN B 1633 -12.77 -11.60 21.25
CA GLN B 1633 -11.87 -10.53 20.89
C GLN B 1633 -11.90 -9.41 21.93
N LEU B 1634 -13.07 -9.17 22.50
CA LEU B 1634 -13.18 -8.09 23.48
C LEU B 1634 -12.49 -8.47 24.79
N MET B 1635 -12.58 -9.74 25.19
CA MET B 1635 -11.81 -10.14 26.38
C MET B 1635 -10.31 -9.95 26.16
N LEU B 1636 -9.84 -10.37 24.99
CA LEU B 1636 -8.42 -10.22 24.72
C LEU B 1636 -8.01 -8.76 24.75
N GLN B 1637 -8.76 -7.90 24.06
CA GLN B 1637 -8.45 -6.48 24.08
C GLN B 1637 -8.51 -5.90 25.50
N SER B 1638 -9.36 -6.48 26.36
CA SER B 1638 -9.47 -5.98 27.73
C SER B 1638 -8.16 -6.13 28.47
N LEU B 1639 -7.48 -7.26 28.29
CA LEU B 1639 -6.19 -7.41 29.00
C LEU B 1639 -5.20 -6.29 28.62
N SER B 1640 -5.20 -5.90 27.34
CA SER B 1640 -4.26 -4.88 26.88
C SER B 1640 -4.63 -3.51 27.43
N THR B 1641 -5.92 -3.17 27.37
CA THR B 1641 -6.36 -1.92 27.98
C THR B 1641 -5.94 -1.84 29.44
N SER B 1642 -5.93 -2.98 30.13
CA SER B 1642 -5.58 -2.93 31.55
C SER B 1642 -4.10 -2.63 31.74
N GLU B 1643 -3.24 -3.17 30.87
CA GLU B 1643 -1.83 -2.79 31.00
C GLU B 1643 -1.62 -1.29 30.76
N GLU B 1644 -2.35 -0.72 29.78
CA GLU B 1644 -2.27 0.72 29.57
C GLU B 1644 -2.68 1.48 30.84
N LEU B 1645 -3.77 1.06 31.47
CA LEU B 1645 -4.19 1.70 32.70
C LEU B 1645 -3.12 1.63 33.78
N GLN B 1646 -2.36 0.53 33.84
CA GLN B 1646 -1.29 0.45 34.81
C GLN B 1646 -0.24 1.54 34.58
N ARG B 1647 0.10 1.77 33.31
CA ARG B 1647 1.03 2.85 32.99
C ARG B 1647 0.51 4.20 33.51
N GLN B 1648 -0.76 4.48 33.21
CA GLN B 1648 -1.31 5.78 33.62
C GLN B 1648 -1.32 5.93 35.13
N PHE B 1649 -1.63 4.86 35.86
CA PHE B 1649 -1.61 4.93 37.32
C PHE B 1649 -0.23 5.29 37.85
N HIS B 1650 0.81 4.72 37.24
CA HIS B 1650 2.17 5.08 37.65
C HIS B 1650 2.41 6.58 37.49
N LEU B 1651 2.07 7.11 36.32
CA LEU B 1651 2.26 8.54 36.10
C LEU B 1651 1.48 9.37 37.13
N PHE B 1652 0.24 9.00 37.38
CA PHE B 1652 -0.60 9.74 38.32
C PHE B 1652 0.02 9.80 39.71
N GLN B 1653 0.57 8.68 40.17
CA GLN B 1653 1.32 8.68 41.42
C GLN B 1653 2.43 9.71 41.39
N LEU B 1654 3.18 9.75 40.29
CA LEU B 1654 4.29 10.71 40.23
C LEU B 1654 3.79 12.15 40.35
N GLN B 1655 2.69 12.47 39.67
CA GLN B 1655 2.17 13.83 39.74
C GLN B 1655 1.75 14.20 41.16
N ARG B 1656 1.08 13.28 41.85
CA ARG B 1656 0.71 13.54 43.24
C ARG B 1656 1.93 13.83 44.09
N LEU B 1657 2.95 12.99 43.98
CA LEU B 1657 4.15 13.21 44.79
C LEU B 1657 4.80 14.55 44.46
N ASP B 1658 4.79 14.94 43.18
CA ASP B 1658 5.34 16.24 42.82
C ASP B 1658 4.60 17.37 43.50
N LYS B 1659 3.27 17.30 43.54
CA LYS B 1659 2.51 18.34 44.24
C LYS B 1659 2.87 18.39 45.72
N LEU B 1660 3.05 17.23 46.34
CA LEU B 1660 3.41 17.21 47.76
C LEU B 1660 4.78 17.86 47.98
N PHE B 1661 5.74 17.49 47.14
CA PHE B 1661 7.08 18.06 47.27
C PHE B 1661 7.05 19.57 47.08
N LEU B 1662 6.24 20.05 46.14
CA LEU B 1662 6.17 21.49 45.91
C LEU B 1662 5.57 22.22 47.10
N GLU B 1663 4.45 21.73 47.62
CA GLU B 1663 3.85 22.38 48.77
C GLU B 1663 4.81 22.43 49.95
N GLN B 1664 5.45 21.28 50.26
CA GLN B 1664 6.40 21.27 51.36
C GLN B 1664 7.60 22.17 51.09
N GLU B 1665 8.03 22.28 49.83
CA GLU B 1665 9.17 23.11 49.50
C GLU B 1665 8.85 24.58 49.53
N ASP B 1666 7.56 24.93 49.37
CA ASP B 1666 7.16 26.32 49.53
C ASP B 1666 7.00 26.67 51.00
N GLU B 1667 6.42 25.75 51.79
CA GLU B 1667 6.35 25.96 53.23
C GLU B 1667 7.75 26.12 53.83
N GLU B 1668 8.70 25.30 53.40
CA GLU B 1668 10.10 25.53 53.78
C GLU B 1668 10.62 26.82 53.18
N GLU B 1669 10.23 27.13 51.94
CA GLU B 1669 10.59 28.39 51.31
C GLU B 1669 9.87 29.56 51.94
N LYS B 1670 8.74 29.33 52.60
CA LYS B 1670 7.98 30.40 53.24
C LYS B 1670 8.82 31.13 54.30
N PRO B 1693 11.49 -5.14 49.05
CA PRO B 1693 10.99 -5.66 50.33
C PRO B 1693 9.46 -5.60 50.43
N SER B 1694 8.79 -5.44 49.30
CA SER B 1694 7.34 -5.31 49.26
C SER B 1694 6.76 -6.24 48.21
N PRO B 1695 5.56 -6.77 48.45
CA PRO B 1695 4.93 -7.66 47.47
C PRO B 1695 4.38 -6.86 46.30
N ALA B 1696 4.80 -7.23 45.09
CA ALA B 1696 4.28 -6.58 43.90
C ALA B 1696 2.85 -7.03 43.63
N ILE B 1697 2.02 -6.08 43.19
CA ILE B 1697 0.59 -6.31 42.99
C ILE B 1697 0.18 -5.70 41.66
N SER B 1698 -0.56 -6.45 40.86
CA SER B 1698 -1.08 -5.93 39.61
C SER B 1698 -2.60 -6.09 39.56
N ILE B 1699 -3.29 -5.07 39.06
CA ILE B 1699 -4.75 -5.01 39.07
C ILE B 1699 -5.27 -5.20 37.65
N LEU B 1700 -6.45 -5.80 37.54
CA LEU B 1700 -7.05 -6.11 36.24
C LEU B 1700 -8.54 -5.81 36.30
N VAL B 1701 -9.00 -4.94 35.42
CA VAL B 1701 -10.41 -4.57 35.35
C VAL B 1701 -11.03 -5.27 34.15
N LEU B 1702 -12.21 -5.84 34.35
CA LEU B 1702 -12.90 -6.58 33.31
C LEU B 1702 -14.30 -6.04 33.13
N SER B 1703 -14.69 -5.82 31.88
CA SER B 1703 -16.03 -5.33 31.59
C SER B 1703 -17.05 -6.44 31.82
N PRO B 1704 -18.15 -6.16 32.52
CA PRO B 1704 -19.17 -7.20 32.72
C PRO B 1704 -20.04 -7.43 31.52
N ARG B 1705 -19.85 -6.67 30.44
CA ARG B 1705 -20.51 -6.97 29.19
C ARG B 1705 -19.82 -8.08 28.42
N CYS B 1706 -18.65 -8.55 28.87
CA CYS B 1706 -17.88 -9.55 28.14
C CYS B 1706 -17.40 -10.72 28.97
N TRP B 1707 -17.28 -10.58 30.28
CA TRP B 1707 -16.82 -11.72 31.06
C TRP B 1707 -17.97 -12.32 31.87
N PRO B 1708 -18.05 -13.63 31.97
CA PRO B 1708 -19.06 -14.29 32.82
C PRO B 1708 -18.62 -14.43 34.28
N VAL B 1709 -18.70 -13.34 35.03
CA VAL B 1709 -18.30 -13.33 36.43
C VAL B 1709 -19.57 -13.56 37.26
N SER B 1710 -19.65 -14.70 37.92
CA SER B 1710 -20.81 -15.02 38.71
C SER B 1710 -20.91 -14.12 39.93
N PRO B 1711 -22.11 -13.77 40.36
CA PRO B 1711 -22.26 -12.98 41.60
C PRO B 1711 -21.74 -13.72 42.82
N LEU B 1712 -21.62 -15.04 42.76
CA LEU B 1712 -21.01 -15.76 43.86
C LEU B 1712 -19.56 -15.35 44.04
N CYS B 1713 -18.91 -14.93 42.96
CA CYS B 1713 -17.49 -14.55 42.99
C CYS B 1713 -17.41 -13.04 43.18
N TYR B 1714 -17.39 -12.62 44.44
CA TYR B 1714 -17.26 -11.21 44.78
C TYR B 1714 -16.56 -11.09 46.13
N LEU B 1715 -16.05 -9.90 46.40
CA LEU B 1715 -15.53 -9.54 47.71
C LEU B 1715 -16.34 -8.37 48.25
N TYR B 1716 -16.79 -8.48 49.50
CA TYR B 1716 -17.77 -7.57 50.08
C TYR B 1716 -17.18 -6.66 51.15
N HIS B 1717 -16.51 -7.23 52.14
CA HIS B 1717 -15.83 -6.44 53.15
C HIS B 1717 -14.33 -6.64 52.95
N PRO B 1718 -13.74 -5.97 51.98
CA PRO B 1718 -12.37 -6.32 51.56
C PRO B 1718 -11.34 -6.16 52.66
N ARG B 1719 -11.51 -5.16 53.54
CA ARG B 1719 -10.57 -4.99 54.64
C ARG B 1719 -10.61 -6.18 55.59
N LYS B 1720 -11.81 -6.71 55.86
CA LYS B 1720 -11.94 -7.76 56.85
C LYS B 1720 -11.23 -9.03 56.43
N CYS B 1721 -11.32 -9.40 55.16
CA CYS B 1721 -10.84 -10.69 54.70
C CYS B 1721 -9.42 -10.65 54.14
N LEU B 1722 -8.79 -9.49 54.09
CA LEU B 1722 -7.47 -9.33 53.52
C LEU B 1722 -6.55 -8.62 54.48
N PRO B 1723 -5.23 -8.82 54.36
CA PRO B 1723 -4.27 -8.08 55.19
C PRO B 1723 -4.31 -6.58 54.95
N THR B 1724 -3.56 -5.83 55.75
CA THR B 1724 -3.71 -4.37 55.82
C THR B 1724 -3.10 -3.69 54.61
N GLU B 1725 -1.82 -3.94 54.34
CA GLU B 1725 -1.13 -3.23 53.26
C GLU B 1725 -1.78 -3.53 51.91
N PHE B 1726 -2.19 -4.79 51.70
CA PHE B 1726 -2.89 -5.15 50.49
C PHE B 1726 -4.11 -4.25 50.28
N CYS B 1727 -4.95 -4.16 51.32
CA CYS B 1727 -6.15 -3.34 51.21
C CYS B 1727 -5.81 -1.87 51.00
N ASP B 1728 -4.70 -1.41 51.59
CA ASP B 1728 -4.28 -0.03 51.34
C ASP B 1728 -3.99 0.19 49.87
N ALA B 1729 -3.27 -0.74 49.25
CA ALA B 1729 -2.97 -0.62 47.82
C ALA B 1729 -4.25 -0.67 46.99
N LEU B 1730 -5.16 -1.58 47.34
CA LEU B 1730 -6.41 -1.66 46.60
C LEU B 1730 -7.22 -0.38 46.72
N ASP B 1731 -7.26 0.21 47.91
CA ASP B 1731 -7.97 1.47 48.09
C ASP B 1731 -7.34 2.58 47.28
N ARG B 1732 -6.01 2.62 47.24
CA ARG B 1732 -5.33 3.63 46.44
C ARG B 1732 -5.69 3.51 44.97
N PHE B 1733 -5.70 2.28 44.44
CA PHE B 1733 -6.03 2.13 43.03
C PHE B 1733 -7.48 2.49 42.76
N SER B 1734 -8.39 2.12 43.66
CA SER B 1734 -9.78 2.50 43.46
C SER B 1734 -9.93 4.02 43.47
N SER B 1735 -9.17 4.69 44.34
CA SER B 1735 -9.18 6.14 44.33
C SER B 1735 -8.75 6.68 42.98
N PHE B 1736 -7.69 6.11 42.40
CA PHE B 1736 -7.27 6.58 41.09
C PHE B 1736 -8.37 6.36 40.05
N TYR B 1737 -8.96 5.17 40.04
CA TYR B 1737 -9.94 4.87 39.01
C TYR B 1737 -11.13 5.80 39.12
N SER B 1738 -11.54 6.12 40.35
CA SER B 1738 -12.63 7.07 40.52
C SER B 1738 -12.23 8.45 40.02
N GLN B 1739 -11.05 8.93 40.43
CA GLN B 1739 -10.65 10.28 40.05
C GLN B 1739 -10.46 10.41 38.54
N SER B 1740 -10.09 9.34 37.87
CA SER B 1740 -9.82 9.41 36.43
C SER B 1740 -11.09 9.73 35.66
N GLN B 1741 -12.20 9.10 36.01
CA GLN B 1741 -13.44 9.30 35.30
C GLN B 1741 -14.03 10.68 35.59
N ARG B 1752 -18.53 4.78 37.68
CA ARG B 1752 -18.30 3.33 37.67
C ARG B 1752 -17.48 2.90 38.88
N ARG B 1753 -18.06 2.06 39.72
CA ARG B 1753 -17.39 1.54 40.89
C ARG B 1753 -16.74 0.19 40.57
N LEU B 1754 -15.89 -0.26 41.50
CA LEU B 1754 -15.08 -1.45 41.32
C LEU B 1754 -15.59 -2.54 42.24
N GLN B 1755 -16.20 -3.57 41.67
CA GLN B 1755 -16.60 -4.74 42.44
C GLN B 1755 -15.47 -5.75 42.38
N TRP B 1756 -14.86 -6.04 43.52
CA TRP B 1756 -13.68 -6.88 43.55
C TRP B 1756 -14.07 -8.35 43.59
N THR B 1757 -13.19 -9.20 43.05
CA THR B 1757 -13.47 -10.63 42.98
C THR B 1757 -12.31 -11.44 43.50
N TRP B 1758 -12.59 -12.72 43.79
CA TRP B 1758 -11.61 -13.67 44.26
C TRP B 1758 -10.84 -14.32 43.14
N LEU B 1759 -11.05 -13.90 41.90
CA LEU B 1759 -10.38 -14.52 40.77
C LEU B 1759 -8.98 -13.94 40.65
N GLY B 1760 -8.01 -14.80 40.40
CA GLY B 1760 -6.64 -14.35 40.26
C GLY B 1760 -5.66 -15.47 40.48
N ARG B 1761 -4.39 -15.09 40.56
CA ARG B 1761 -3.29 -16.02 40.64
C ARG B 1761 -2.13 -15.34 41.35
N ALA B 1762 -1.43 -16.09 42.20
CA ALA B 1762 -0.32 -15.55 42.97
C ALA B 1762 0.84 -16.54 42.98
N GLU B 1763 2.04 -15.98 43.19
CA GLU B 1763 3.27 -16.75 43.34
C GLU B 1763 3.80 -16.55 44.75
N LEU B 1764 4.03 -17.65 45.46
CA LEU B 1764 4.33 -17.64 46.88
C LEU B 1764 5.64 -18.36 47.15
N GLN B 1765 6.24 -18.05 48.29
CA GLN B 1765 7.48 -18.67 48.73
C GLN B 1765 7.25 -19.39 50.05
N PHE B 1766 7.60 -20.68 50.09
CA PHE B 1766 7.51 -21.48 51.31
C PHE B 1766 8.65 -22.48 51.27
N GLY B 1767 9.75 -22.15 51.95
CA GLY B 1767 10.94 -22.97 51.82
C GLY B 1767 11.61 -22.71 50.49
N LYS B 1768 12.49 -23.63 50.11
CA LYS B 1768 13.23 -23.48 48.86
C LYS B 1768 12.28 -23.47 47.67
N GLN B 1769 11.23 -24.30 47.70
CA GLN B 1769 10.34 -24.42 46.56
C GLN B 1769 9.52 -23.15 46.36
N ILE B 1770 9.06 -22.94 45.13
CA ILE B 1770 8.16 -21.85 44.75
C ILE B 1770 6.78 -22.45 44.50
N LEU B 1771 5.75 -21.67 44.83
CA LEU B 1771 4.37 -22.12 44.70
C LEU B 1771 3.63 -21.19 43.74
N HIS B 1772 2.80 -21.78 42.88
CA HIS B 1772 1.93 -21.03 41.97
C HIS B 1772 0.51 -21.43 42.28
N VAL B 1773 -0.21 -20.56 43.00
CA VAL B 1773 -1.53 -20.89 43.53
C VAL B 1773 -2.52 -19.83 43.04
N SER B 1774 -3.79 -20.08 43.32
CA SER B 1774 -4.82 -19.13 42.98
C SER B 1774 -5.02 -18.16 44.15
N THR B 1775 -6.04 -17.32 44.06
CA THR B 1775 -6.25 -16.30 45.08
C THR B 1775 -6.69 -16.92 46.41
N VAL B 1776 -7.66 -17.83 46.35
CA VAL B 1776 -8.18 -18.41 47.60
C VAL B 1776 -7.10 -19.22 48.28
N GLN B 1777 -6.26 -19.89 47.49
CA GLN B 1777 -5.16 -20.65 48.08
C GLN B 1777 -4.20 -19.73 48.81
N MET B 1778 -3.84 -18.61 48.20
CA MET B 1778 -2.96 -17.65 48.87
C MET B 1778 -3.62 -17.12 50.14
N TRP B 1779 -4.93 -16.86 50.09
CA TRP B 1779 -5.63 -16.41 51.27
C TRP B 1779 -5.51 -17.40 52.42
N LEU B 1780 -5.76 -18.69 52.13
CA LEU B 1780 -5.68 -19.70 53.17
C LEU B 1780 -4.25 -19.83 53.69
N LEU B 1781 -3.29 -19.87 52.79
CA LEU B 1781 -1.91 -20.08 53.21
C LEU B 1781 -1.37 -18.88 53.97
N LEU B 1782 -1.90 -17.68 53.70
CA LEU B 1782 -1.50 -16.51 54.46
C LEU B 1782 -2.18 -16.48 55.83
N LYS B 1783 -3.43 -16.93 55.88
CA LYS B 1783 -4.08 -17.09 57.18
C LYS B 1783 -3.32 -18.10 58.04
N PHE B 1784 -2.69 -19.08 57.41
CA PHE B 1784 -1.90 -20.08 58.12
C PHE B 1784 -0.52 -19.58 58.52
N ASN B 1785 -0.24 -18.27 58.40
CA ASN B 1785 1.08 -17.78 58.75
C ASN B 1785 1.31 -17.71 60.25
N GLN B 1786 0.25 -17.63 61.06
CA GLN B 1786 0.37 -17.54 62.51
C GLN B 1786 0.02 -18.84 63.21
N THR B 1787 -1.17 -19.37 62.95
CA THR B 1787 -1.63 -20.58 63.63
C THR B 1787 -1.05 -21.82 62.95
N GLU B 1788 -0.87 -22.88 63.73
CA GLU B 1788 -0.30 -24.13 63.24
C GLU B 1788 -1.35 -25.21 62.99
N GLU B 1789 -2.64 -24.87 63.09
CA GLU B 1789 -3.70 -25.82 62.77
C GLU B 1789 -4.97 -25.05 62.44
N VAL B 1790 -5.71 -25.51 61.44
CA VAL B 1790 -6.89 -24.80 60.98
C VAL B 1790 -8.10 -25.72 61.08
N SER B 1791 -9.16 -25.22 61.71
CA SER B 1791 -10.45 -25.88 61.72
C SER B 1791 -11.33 -25.22 60.67
N VAL B 1792 -11.99 -26.05 59.85
CA VAL B 1792 -12.63 -25.52 58.64
C VAL B 1792 -13.74 -24.53 58.99
N GLU B 1793 -14.51 -24.79 60.04
CA GLU B 1793 -15.69 -23.98 60.32
C GLU B 1793 -15.33 -22.52 60.56
N THR B 1794 -14.13 -22.28 61.10
CA THR B 1794 -13.66 -20.91 61.29
C THR B 1794 -13.58 -20.17 59.97
N LEU B 1795 -12.87 -20.76 59.00
CA LEU B 1795 -12.76 -20.13 57.68
C LEU B 1795 -14.12 -20.05 56.99
N LEU B 1796 -14.96 -21.07 57.18
CA LEU B 1796 -16.29 -21.04 56.58
C LEU B 1796 -17.08 -19.85 57.07
N LYS B 1797 -17.03 -19.59 58.38
CA LYS B 1797 -17.71 -18.42 58.92
C LYS B 1797 -17.06 -17.13 58.43
N ASP B 1798 -15.73 -17.12 58.33
CA ASP B 1798 -15.02 -15.90 57.98
C ASP B 1798 -15.32 -15.46 56.55
N SER B 1799 -15.17 -16.38 55.60
CA SER B 1799 -15.29 -16.01 54.19
C SER B 1799 -16.73 -15.72 53.80
N ASP B 1800 -17.66 -16.56 54.26
CA ASP B 1800 -19.07 -16.51 53.86
C ASP B 1800 -19.25 -16.74 52.36
N LEU B 1801 -18.24 -17.32 51.72
CA LEU B 1801 -18.34 -17.70 50.31
C LEU B 1801 -18.93 -19.10 50.20
N SER B 1802 -19.08 -19.58 48.98
CA SER B 1802 -19.58 -20.93 48.76
C SER B 1802 -18.57 -21.95 49.27
N PRO B 1803 -18.97 -22.87 50.16
CA PRO B 1803 -18.03 -23.88 50.64
C PRO B 1803 -17.56 -24.82 49.55
N GLU B 1804 -18.30 -24.93 48.45
CA GLU B 1804 -17.88 -25.79 47.35
C GLU B 1804 -16.57 -25.30 46.75
N LEU B 1805 -16.44 -23.98 46.55
CA LEU B 1805 -15.20 -23.48 45.98
C LEU B 1805 -14.04 -23.63 46.95
N LEU B 1806 -14.29 -23.53 48.25
CA LEU B 1806 -13.23 -23.78 49.21
C LEU B 1806 -12.80 -25.24 49.17
N LEU B 1807 -13.75 -26.15 49.00
CA LEU B 1807 -13.41 -27.56 48.83
C LEU B 1807 -12.57 -27.76 47.57
N GLN B 1808 -12.96 -27.09 46.49
CA GLN B 1808 -12.19 -27.19 45.25
C GLN B 1808 -10.77 -26.68 45.45
N ALA B 1809 -10.62 -25.56 46.17
CA ALA B 1809 -9.29 -25.04 46.45
C ALA B 1809 -8.48 -26.01 47.29
N LEU B 1810 -9.11 -26.63 48.29
CA LEU B 1810 -8.35 -27.46 49.20
C LEU B 1810 -7.96 -28.81 48.59
N VAL B 1811 -8.71 -29.30 47.60
CA VAL B 1811 -8.43 -30.64 47.08
C VAL B 1811 -7.02 -30.75 46.51
N PRO B 1812 -6.55 -29.86 45.61
CA PRO B 1812 -5.12 -29.88 45.28
C PRO B 1812 -4.24 -29.72 46.51
N LEU B 1813 -4.58 -28.78 47.40
CA LEU B 1813 -3.72 -28.47 48.53
C LEU B 1813 -3.60 -29.65 49.49
N THR B 1814 -4.64 -30.48 49.58
CA THR B 1814 -4.60 -31.68 50.40
C THR B 1814 -4.18 -32.92 49.61
N SER B 1815 -3.92 -32.78 48.33
CA SER B 1815 -3.57 -33.92 47.48
C SER B 1815 -2.08 -34.22 47.62
N GLY B 1816 -1.58 -35.10 46.76
CA GLY B 1816 -0.16 -35.41 46.76
C GLY B 1816 0.68 -34.18 46.49
N ASN B 1817 1.86 -34.15 47.11
CA ASN B 1817 2.72 -32.98 47.09
C ASN B 1817 1.97 -31.76 47.61
N GLY B 1818 1.10 -31.98 48.59
CA GLY B 1818 0.27 -30.93 49.12
C GLY B 1818 0.78 -30.39 50.44
N PRO B 1819 1.16 -29.11 50.46
CA PRO B 1819 1.64 -28.50 51.70
C PRO B 1819 0.59 -28.40 52.79
N LEU B 1820 -0.65 -28.81 52.54
CA LEU B 1820 -1.68 -28.89 53.56
C LEU B 1820 -2.16 -30.33 53.68
N THR B 1821 -2.31 -30.79 54.92
CA THR B 1821 -2.76 -32.15 55.21
C THR B 1821 -4.07 -32.05 55.98
N LEU B 1822 -5.05 -32.86 55.55
CA LEU B 1822 -6.40 -32.85 56.12
C LEU B 1822 -6.59 -34.05 57.04
N HIS B 1823 -7.25 -33.80 58.16
CA HIS B 1823 -7.49 -34.83 59.17
C HIS B 1823 -8.88 -34.69 59.78
N GLY B 1832 -12.80 -31.13 59.96
CA GLY B 1832 -11.74 -30.83 59.02
C GLY B 1832 -10.55 -30.14 59.66
N VAL B 1833 -9.43 -30.84 59.72
CA VAL B 1833 -8.21 -30.36 60.36
C VAL B 1833 -7.18 -30.10 59.28
N LEU B 1834 -6.57 -28.92 59.30
CA LEU B 1834 -5.52 -28.56 58.36
C LEU B 1834 -4.22 -28.38 59.12
N ARG B 1835 -3.18 -29.12 58.69
CA ARG B 1835 -1.87 -29.02 59.30
C ARG B 1835 -0.81 -29.41 58.28
N LEU B 1836 0.37 -28.80 58.40
CA LEU B 1836 1.43 -29.02 57.44
C LEU B 1836 1.92 -30.47 57.48
N HIS B 1837 2.21 -31.02 56.30
CA HIS B 1837 2.74 -32.38 56.23
C HIS B 1837 4.13 -32.47 56.83
N GLU B 1838 4.97 -31.47 56.57
CA GLU B 1838 6.35 -31.42 57.08
C GLU B 1838 7.15 -32.66 56.67
N GLU B 1846 11.93 -27.74 42.99
CA GLU B 1846 10.63 -28.00 42.36
C GLU B 1846 9.75 -26.76 42.41
N ALA B 1847 9.00 -26.53 41.33
CA ALA B 1847 8.09 -25.40 41.24
C ALA B 1847 6.66 -25.97 41.21
N LEU B 1848 5.98 -25.93 42.35
CA LEU B 1848 4.68 -26.55 42.44
C LEU B 1848 3.61 -25.64 41.84
N TRP B 1849 2.70 -26.24 41.07
CA TRP B 1849 1.61 -25.53 40.43
C TRP B 1849 0.32 -26.14 40.95
N LEU B 1850 -0.39 -25.41 41.81
CA LEU B 1850 -1.58 -25.94 42.47
C LEU B 1850 -2.75 -25.04 42.12
N ILE B 1851 -3.41 -25.36 41.01
CA ILE B 1851 -4.56 -24.59 40.56
C ILE B 1851 -5.71 -25.56 40.33
N PRO B 1852 -6.92 -25.24 40.78
CA PRO B 1852 -8.07 -26.11 40.52
C PRO B 1852 -8.29 -26.29 39.02
N PRO B 1853 -8.17 -27.52 38.52
CA PRO B 1853 -8.32 -27.74 37.08
C PRO B 1853 -9.74 -27.47 36.62
N GLN B 1854 -9.86 -27.22 35.32
CA GLN B 1854 -11.14 -26.87 34.74
C GLN B 1854 -12.13 -28.01 34.87
N ALA B 1855 -13.38 -27.67 35.13
CA ALA B 1855 -14.48 -28.62 35.19
C ALA B 1855 -15.43 -28.32 34.04
N TYR B 1856 -15.39 -29.15 33.01
CA TYR B 1856 -16.20 -28.92 31.84
C TYR B 1856 -17.67 -29.07 32.18
N LEU B 1857 -18.49 -28.13 31.72
CA LEU B 1857 -19.91 -28.13 32.04
C LEU B 1857 -20.58 -29.32 31.36
N ASN B 1858 -21.16 -30.20 32.17
CA ASN B 1858 -21.80 -31.41 31.67
C ASN B 1858 -23.27 -31.13 31.40
N VAL B 1859 -23.67 -31.15 30.13
CA VAL B 1859 -25.06 -30.91 29.79
C VAL B 1859 -25.90 -32.09 30.27
N GLU B 1860 -26.97 -31.79 31.00
CA GLU B 1860 -27.80 -32.83 31.57
C GLU B 1860 -28.55 -33.57 30.48
N ARG B 1865 -30.19 -27.09 29.80
CA ARG B 1865 -31.64 -27.22 29.87
C ARG B 1865 -32.29 -25.86 29.99
N THR B 1866 -31.61 -24.95 30.69
CA THR B 1866 -32.09 -23.58 30.79
C THR B 1866 -32.10 -22.90 29.43
N LEU B 1867 -31.11 -23.23 28.59
CA LEU B 1867 -31.04 -22.62 27.27
C LEU B 1867 -32.25 -22.98 26.43
N GLU B 1868 -32.72 -24.23 26.54
CA GLU B 1868 -33.93 -24.61 25.82
C GLU B 1868 -35.12 -23.79 26.26
N GLN B 1869 -35.26 -23.58 27.57
CA GLN B 1869 -36.35 -22.77 28.06
C GLN B 1869 -36.27 -21.35 27.51
N LYS B 1870 -35.07 -20.76 27.52
CA LYS B 1870 -34.92 -19.42 26.99
C LYS B 1870 -35.29 -19.36 25.52
N ARG B 1871 -34.83 -20.34 24.73
CA ARG B 1871 -35.12 -20.34 23.31
C ARG B 1871 -36.61 -20.46 23.04
N ASN B 1872 -37.28 -21.37 23.75
CA ASN B 1872 -38.71 -21.56 23.53
C ASN B 1872 -39.49 -20.31 23.91
N LEU B 1873 -39.12 -19.70 25.05
CA LEU B 1873 -39.81 -18.50 25.48
C LEU B 1873 -39.64 -17.38 24.47
N LEU B 1874 -38.41 -17.18 23.99
CA LEU B 1874 -38.18 -16.17 22.97
C LEU B 1874 -38.99 -16.46 21.72
N SER B 1875 -39.08 -17.74 21.35
CA SER B 1875 -39.83 -18.12 20.16
C SER B 1875 -41.29 -17.72 20.28
N CYS B 1876 -41.92 -18.04 21.41
CA CYS B 1876 -43.34 -17.71 21.55
C CYS B 1876 -43.55 -16.20 21.65
N LEU B 1877 -42.65 -15.48 22.33
CA LEU B 1877 -42.78 -14.04 22.37
C LEU B 1877 -42.69 -13.43 20.98
N LEU B 1878 -41.72 -13.90 20.19
CA LEU B 1878 -41.59 -13.39 18.83
C LEU B 1878 -42.80 -13.75 17.98
N VAL B 1879 -43.36 -14.94 18.20
CA VAL B 1879 -44.55 -15.34 17.45
C VAL B 1879 -45.70 -14.40 17.77
N ARG B 1880 -45.89 -14.09 19.06
CA ARG B 1880 -46.95 -13.17 19.44
C ARG B 1880 -46.72 -11.79 18.84
N ILE B 1881 -45.48 -11.32 18.86
CA ILE B 1881 -45.18 -10.00 18.29
C ILE B 1881 -45.49 -9.97 16.81
N LEU B 1882 -45.09 -11.02 16.08
CA LEU B 1882 -45.36 -11.07 14.65
C LEU B 1882 -46.85 -11.14 14.38
N LYS B 1883 -47.59 -11.89 15.20
CA LYS B 1883 -49.03 -12.00 15.00
C LYS B 1883 -49.74 -10.68 15.26
N ALA B 1884 -49.28 -9.93 16.26
CA ALA B 1884 -49.93 -8.67 16.59
C ALA B 1884 -49.84 -7.67 15.43
N HIS B 1885 -48.72 -7.65 14.72
CA HIS B 1885 -48.52 -6.68 13.66
C HIS B 1885 -49.23 -7.07 12.36
N GLY B 1886 -49.66 -8.32 12.24
CA GLY B 1886 -50.44 -8.73 11.09
C GLY B 1886 -49.67 -8.60 9.78
N GLU B 1887 -50.40 -8.24 8.72
CA GLU B 1887 -49.83 -8.16 7.38
C GLU B 1887 -48.90 -6.98 7.19
N LYS B 1888 -48.64 -6.20 8.24
CA LYS B 1888 -47.66 -5.12 8.19
C LYS B 1888 -46.29 -5.59 8.65
N GLY B 1889 -46.24 -6.40 9.70
CA GLY B 1889 -44.97 -6.92 10.19
C GLY B 1889 -44.06 -5.79 10.63
N LEU B 1890 -42.77 -5.96 10.37
CA LEU B 1890 -41.79 -4.93 10.67
C LEU B 1890 -40.47 -5.26 10.00
N HIS B 1891 -39.61 -4.25 9.90
CA HIS B 1891 -38.20 -4.48 9.69
C HIS B 1891 -37.65 -5.27 10.86
N ILE B 1892 -36.70 -6.16 10.57
CA ILE B 1892 -36.26 -7.11 11.58
C ILE B 1892 -35.73 -6.38 12.82
N ASP B 1893 -34.99 -5.29 12.61
CA ASP B 1893 -34.38 -4.59 13.73
C ASP B 1893 -35.43 -3.98 14.64
N GLN B 1894 -36.51 -3.46 14.05
CA GLN B 1894 -37.59 -2.94 14.87
C GLN B 1894 -38.19 -4.04 15.72
N LEU B 1895 -38.37 -5.23 15.14
CA LEU B 1895 -38.92 -6.35 15.88
C LEU B 1895 -38.00 -6.75 17.02
N VAL B 1896 -36.69 -6.73 16.79
CA VAL B 1896 -35.74 -7.01 17.86
C VAL B 1896 -35.91 -6.01 18.98
N CYS B 1897 -36.05 -4.73 18.63
CA CYS B 1897 -36.26 -3.72 19.66
C CYS B 1897 -37.53 -4.01 20.45
N LEU B 1898 -38.61 -4.38 19.76
CA LEU B 1898 -39.86 -4.66 20.44
C LEU B 1898 -39.71 -5.82 21.43
N VAL B 1899 -39.08 -6.90 20.99
CA VAL B 1899 -38.95 -8.06 21.86
C VAL B 1899 -38.04 -7.74 23.04
N LEU B 1900 -36.95 -7.02 22.78
CA LEU B 1900 -36.04 -6.66 23.87
C LEU B 1900 -36.74 -5.80 24.90
N GLU B 1901 -37.59 -4.88 24.44
CA GLU B 1901 -38.38 -4.09 25.38
C GLU B 1901 -39.31 -4.98 26.17
N ALA B 1902 -39.99 -5.91 25.49
CA ALA B 1902 -40.91 -6.80 26.17
C ALA B 1902 -40.19 -7.75 27.11
N TRP B 1903 -38.88 -7.90 26.97
CA TRP B 1903 -38.13 -8.77 27.88
C TRP B 1903 -38.20 -8.26 29.30
N GLN B 1904 -38.13 -6.94 29.48
CA GLN B 1904 -38.28 -6.34 30.80
C GLN B 1904 -39.73 -5.91 31.00
N CYS B 1923 -30.32 -11.21 28.09
CA CYS B 1923 -30.58 -11.51 26.70
C CYS B 1923 -29.87 -10.53 25.77
N THR B 1924 -29.52 -10.99 24.58
CA THR B 1924 -28.76 -10.21 23.62
C THR B 1924 -29.53 -10.17 22.30
N SER B 1925 -29.28 -9.12 21.51
CA SER B 1925 -29.88 -9.04 20.18
C SER B 1925 -29.57 -10.28 19.36
N THR B 1926 -28.35 -10.78 19.48
CA THR B 1926 -27.96 -11.97 18.71
C THR B 1926 -28.80 -13.17 19.11
N ASP B 1927 -29.15 -13.29 20.38
CA ASP B 1927 -29.99 -14.42 20.81
C ASP B 1927 -31.35 -14.36 20.14
N VAL B 1928 -31.94 -13.16 20.08
CA VAL B 1928 -33.23 -13.00 19.40
C VAL B 1928 -33.09 -13.32 17.93
N LEU B 1929 -31.99 -12.89 17.30
CA LEU B 1929 -31.80 -13.19 15.89
C LEU B 1929 -31.66 -14.69 15.66
N SER B 1930 -31.01 -15.39 16.60
CA SER B 1930 -30.90 -16.84 16.48
C SER B 1930 -32.27 -17.50 16.55
N CYS B 1931 -33.10 -17.04 17.49
CA CYS B 1931 -34.46 -17.58 17.56
C CYS B 1931 -35.22 -17.30 16.26
N ILE B 1932 -35.04 -16.09 15.71
CA ILE B 1932 -35.70 -15.72 14.47
C ILE B 1932 -35.28 -16.66 13.35
N LEU B 1933 -33.98 -16.93 13.25
CA LEU B 1933 -33.49 -17.79 12.18
C LEU B 1933 -34.03 -19.20 12.32
N HIS B 1934 -34.07 -19.72 13.54
CA HIS B 1934 -34.62 -21.06 13.73
C HIS B 1934 -36.09 -21.11 13.33
N LEU B 1935 -36.86 -20.08 13.70
CA LEU B 1935 -38.25 -20.03 13.30
C LEU B 1935 -38.38 -19.98 11.78
N LEU B 1936 -37.55 -19.16 11.12
CA LEU B 1936 -37.60 -19.07 9.67
C LEU B 1936 -37.30 -20.41 9.03
N GLY B 1937 -36.30 -21.12 9.55
CA GLY B 1937 -36.03 -22.46 9.05
C GLY B 1937 -37.20 -23.40 9.25
N GLN B 1938 -37.90 -23.25 10.37
CA GLN B 1938 -39.09 -24.06 10.61
C GLN B 1938 -40.21 -23.72 9.63
N GLY B 1939 -40.13 -22.59 8.95
CA GLY B 1939 -41.13 -22.23 7.97
C GLY B 1939 -42.34 -21.52 8.52
N TYR B 1940 -42.38 -21.20 9.81
CA TYR B 1940 -43.49 -20.43 10.34
C TYR B 1940 -43.55 -19.04 9.75
N VAL B 1941 -42.39 -18.38 9.59
CA VAL B 1941 -42.29 -17.04 9.07
C VAL B 1941 -41.52 -17.07 7.76
N LYS B 1942 -41.74 -16.06 6.92
CA LYS B 1942 -41.03 -15.92 5.66
C LYS B 1942 -40.50 -14.51 5.53
N ARG B 1943 -39.61 -14.31 4.57
CA ARG B 1943 -39.01 -13.02 4.30
C ARG B 1943 -39.75 -12.39 3.12
N ARG B 1944 -40.16 -11.13 3.29
CA ARG B 1944 -40.86 -10.42 2.23
C ARG B 1944 -39.95 -10.23 1.04
N ASP B 1945 -40.27 -10.88 -0.08
CA ASP B 1945 -39.42 -10.78 -1.25
C ASP B 1945 -39.37 -9.35 -1.78
N ASP B 1946 -40.51 -8.67 -1.82
CA ASP B 1946 -40.55 -7.30 -2.32
C ASP B 1946 -39.75 -6.37 -1.41
N ARG B 1947 -39.95 -6.49 -0.09
CA ARG B 1947 -39.25 -5.67 0.90
C ARG B 1947 -38.45 -6.62 1.78
N PRO B 1948 -37.24 -7.00 1.37
CA PRO B 1948 -36.44 -7.92 2.20
C PRO B 1948 -36.12 -7.37 3.56
N GLN B 1949 -36.18 -6.06 3.74
CA GLN B 1949 -35.93 -5.48 5.06
C GLN B 1949 -36.93 -5.98 6.09
N ILE B 1950 -38.21 -6.02 5.73
CA ILE B 1950 -39.24 -6.44 6.66
C ILE B 1950 -39.48 -7.94 6.51
N LEU B 1951 -40.06 -8.54 7.55
CA LEU B 1951 -40.36 -9.96 7.56
C LEU B 1951 -41.87 -10.17 7.69
N MET B 1952 -42.38 -11.22 7.04
CA MET B 1952 -43.82 -11.46 6.98
C MET B 1952 -44.14 -12.84 7.55
N TYR B 1953 -45.03 -12.88 8.53
CA TYR B 1953 -45.50 -14.15 9.07
C TYR B 1953 -46.48 -14.80 8.09
N ALA B 1954 -46.58 -16.12 8.18
CA ALA B 1954 -47.49 -16.86 7.33
C ALA B 1954 -48.04 -18.07 8.08
N PHE B 2295 -24.99 -50.23 21.43
CA PHE B 2295 -24.32 -48.97 21.72
C PHE B 2295 -24.87 -47.85 20.84
N GLN B 2296 -24.60 -47.94 19.54
CA GLN B 2296 -25.10 -46.94 18.60
C GLN B 2296 -26.61 -46.95 18.53
N ASP B 2297 -27.24 -48.08 18.81
CA ASP B 2297 -28.70 -48.16 18.76
C ASP B 2297 -29.34 -47.22 19.78
N TYR B 2298 -28.80 -47.18 21.00
CA TYR B 2298 -29.35 -46.30 22.02
C TYR B 2298 -29.22 -44.83 21.60
N ASN B 2299 -28.06 -44.46 21.06
CA ASN B 2299 -27.88 -43.07 20.61
C ASN B 2299 -28.84 -42.72 19.49
N GLU B 2300 -28.98 -43.60 18.50
CA GLU B 2300 -29.86 -43.32 17.38
C GLU B 2300 -31.31 -43.21 17.85
N ARG B 2301 -31.73 -44.12 18.73
CA ARG B 2301 -33.09 -44.07 19.24
C ARG B 2301 -33.33 -42.79 20.02
N CYS B 2302 -32.37 -42.39 20.86
CA CYS B 2302 -32.51 -41.16 21.62
C CYS B 2302 -32.65 -39.96 20.70
N THR B 2303 -31.80 -39.89 19.67
CA THR B 2303 -31.86 -38.76 18.76
C THR B 2303 -33.20 -38.70 18.03
N PHE B 2304 -33.66 -39.84 17.51
CA PHE B 2304 -34.91 -39.86 16.76
C PHE B 2304 -36.09 -39.51 17.67
N HIS B 2305 -36.11 -40.06 18.88
CA HIS B 2305 -37.21 -39.79 19.80
C HIS B 2305 -37.22 -38.32 20.21
N HIS B 2306 -36.05 -37.74 20.45
CA HIS B 2306 -35.99 -36.32 20.78
C HIS B 2306 -36.50 -35.47 19.63
N GLN B 2307 -36.10 -35.80 18.40
CA GLN B 2307 -36.56 -35.02 17.26
C GLN B 2307 -38.08 -35.11 17.11
N ALA B 2308 -38.62 -36.32 17.28
CA ALA B 2308 -40.08 -36.50 17.18
C ALA B 2308 -40.78 -35.72 18.27
N ARG B 2309 -40.26 -35.75 19.50
CA ARG B 2309 -40.90 -35.02 20.59
C ARG B 2309 -40.87 -33.53 20.35
N GLU B 2310 -39.75 -33.02 19.84
CA GLU B 2310 -39.66 -31.59 19.56
C GLU B 2310 -40.67 -31.19 18.50
N PHE B 2311 -40.77 -31.97 17.42
CA PHE B 2311 -41.75 -31.67 16.38
C PHE B 2311 -43.17 -31.73 16.93
N ALA B 2312 -43.45 -32.73 17.78
CA ALA B 2312 -44.79 -32.85 18.36
C ALA B 2312 -45.14 -31.66 19.23
N VAL B 2313 -44.19 -31.20 20.06
CA VAL B 2313 -44.44 -30.03 20.89
C VAL B 2313 -44.67 -28.80 20.02
N ASN B 2314 -43.86 -28.64 18.97
CA ASN B 2314 -44.01 -27.50 18.08
C ASN B 2314 -45.38 -27.48 17.43
N LEU B 2315 -45.85 -28.66 16.97
CA LEU B 2315 -47.17 -28.74 16.36
C LEU B 2315 -48.27 -28.49 17.39
N ARG B 2316 -48.09 -28.99 18.61
CA ARG B 2316 -49.12 -28.82 19.64
C ARG B 2316 -49.28 -27.36 20.03
N ASN B 2317 -48.17 -26.64 20.15
CA ASN B 2317 -48.24 -25.25 20.61
C ASN B 2317 -49.05 -24.38 19.65
N ARG B 2318 -48.79 -24.51 18.35
CA ARG B 2318 -49.48 -23.69 17.36
C ARG B 2318 -50.61 -24.47 16.70
N PRO B 2328 -62.68 -31.02 5.26
CA PRO B 2328 -61.49 -30.99 6.11
C PRO B 2328 -60.81 -32.34 6.21
N ARG B 2329 -60.57 -32.98 5.05
CA ARG B 2329 -59.91 -34.28 5.06
C ARG B 2329 -58.48 -34.16 5.56
N SER B 2330 -57.75 -33.14 5.12
CA SER B 2330 -56.35 -32.99 5.50
C SER B 2330 -56.22 -32.73 6.99
N PHE B 2331 -57.05 -31.84 7.54
CA PHE B 2331 -56.99 -31.54 8.97
C PHE B 2331 -57.32 -32.77 9.80
N THR B 2332 -58.36 -33.50 9.41
CA THR B 2332 -58.74 -34.70 10.14
C THR B 2332 -57.62 -35.75 10.10
N PHE B 2333 -57.02 -35.94 8.92
CA PHE B 2333 -55.95 -36.91 8.81
C PHE B 2333 -54.75 -36.52 9.67
N LEU B 2334 -54.40 -35.23 9.65
CA LEU B 2334 -53.26 -34.77 10.45
C LEU B 2334 -53.55 -34.93 11.94
N ASN B 2335 -54.76 -34.59 12.37
CA ASN B 2335 -55.12 -34.73 13.78
C ASN B 2335 -55.07 -36.19 14.20
N ASP B 2336 -55.58 -37.10 13.36
CA ASP B 2336 -55.53 -38.51 13.71
C ASP B 2336 -54.10 -39.03 13.76
N ALA B 2337 -53.27 -38.62 12.81
CA ALA B 2337 -51.88 -39.04 12.82
C ALA B 2337 -51.15 -38.55 14.05
N CYS B 2338 -51.38 -37.29 14.43
CA CYS B 2338 -50.74 -36.76 15.63
C CYS B 2338 -51.25 -37.45 16.89
N GLN B 2339 -52.55 -37.78 16.91
CA GLN B 2339 -53.10 -38.48 18.07
C GLN B 2339 -52.45 -39.85 18.24
N GLY B 2340 -52.26 -40.56 17.13
CA GLY B 2340 -51.54 -41.82 17.21
C GLY B 2340 -50.09 -41.63 17.61
N LEU B 2341 -49.44 -40.61 17.05
CA LEU B 2341 -48.02 -40.39 17.28
C LEU B 2341 -47.72 -40.00 18.71
N GLU B 2342 -48.64 -39.30 19.38
CA GLU B 2342 -48.39 -38.92 20.77
C GLU B 2342 -48.28 -40.16 21.65
N GLN B 2343 -49.23 -41.08 21.53
CA GLN B 2343 -49.16 -42.32 22.29
C GLN B 2343 -47.97 -43.17 21.86
N ALA B 2344 -47.66 -43.20 20.55
CA ALA B 2344 -46.51 -43.94 20.09
C ALA B 2344 -45.22 -43.41 20.71
N ARG B 2345 -45.07 -42.09 20.76
CA ARG B 2345 -43.87 -41.48 21.31
C ARG B 2345 -43.80 -41.71 22.82
N LYS B 2346 -44.93 -41.64 23.52
CA LYS B 2346 -44.92 -41.94 24.94
C LYS B 2346 -44.46 -43.36 25.20
N VAL B 2347 -44.98 -44.32 24.42
CA VAL B 2347 -44.58 -45.71 24.58
C VAL B 2347 -43.10 -45.88 24.26
N LEU B 2348 -42.63 -45.21 23.21
CA LEU B 2348 -41.22 -45.33 22.83
C LEU B 2348 -40.30 -44.78 23.91
N ALA B 2349 -40.68 -43.63 24.49
CA ALA B 2349 -39.89 -43.06 25.58
C ALA B 2349 -39.87 -43.99 26.78
N TYR B 2350 -41.03 -44.55 27.14
CA TYR B 2350 -41.05 -45.50 28.25
C TYR B 2350 -40.18 -46.71 27.97
N ALA B 2351 -40.22 -47.21 26.73
CA ALA B 2351 -39.41 -48.38 26.37
C ALA B 2351 -37.92 -48.07 26.44
N CYS B 2352 -37.52 -46.90 25.93
CA CYS B 2352 -36.11 -46.53 26.00
C CYS B 2352 -35.66 -46.35 27.45
N VAL B 2353 -36.51 -45.73 28.28
CA VAL B 2353 -36.17 -45.55 29.68
C VAL B 2353 -36.00 -46.90 30.36
N TYR B 2354 -36.88 -47.85 30.05
CA TYR B 2354 -36.71 -49.21 30.57
C TYR B 2354 -35.42 -49.83 30.05
N SER B 2355 -35.10 -49.59 28.78
CA SER B 2355 -33.90 -50.14 28.17
C SER B 2355 -32.61 -49.50 28.67
N PHE B 2356 -32.72 -48.40 29.42
CA PHE B 2356 -31.52 -47.76 29.98
C PHE B 2356 -30.69 -48.76 30.77
N TYR B 2357 -31.34 -49.63 31.54
CA TYR B 2357 -30.67 -50.68 32.28
C TYR B 2357 -31.67 -51.71 32.79
N TYR B 2363 -34.51 -62.98 21.35
CA TYR B 2363 -35.20 -62.31 20.24
C TYR B 2363 -34.98 -60.81 20.30
N MET B 2364 -33.83 -60.40 20.85
CA MET B 2364 -33.54 -58.98 20.98
C MET B 2364 -33.30 -58.32 19.64
N ASP B 2365 -32.72 -59.04 18.68
CA ASP B 2365 -32.39 -58.45 17.39
C ASP B 2365 -33.65 -58.00 16.65
N VAL B 2366 -34.68 -58.84 16.63
CA VAL B 2366 -35.92 -58.49 15.93
C VAL B 2366 -36.56 -57.28 16.59
N VAL B 2367 -36.60 -57.25 17.92
CA VAL B 2367 -37.21 -56.14 18.63
C VAL B 2367 -36.45 -54.85 18.35
N GLU B 2368 -35.12 -54.92 18.36
CA GLU B 2368 -34.32 -53.72 18.10
C GLU B 2368 -34.54 -53.20 16.69
N GLN B 2369 -34.54 -54.11 15.70
CA GLN B 2369 -34.77 -53.69 14.32
C GLN B 2369 -36.15 -53.09 14.15
N GLN B 2370 -37.17 -53.70 14.76
CA GLN B 2370 -38.53 -53.18 14.64
C GLN B 2370 -38.63 -51.79 15.28
N THR B 2371 -38.02 -51.61 16.46
CA THR B 2371 -38.06 -50.32 17.11
C THR B 2371 -37.36 -49.27 16.27
N GLU B 2372 -36.20 -49.60 15.70
CA GLU B 2372 -35.46 -48.64 14.89
C GLU B 2372 -36.28 -48.23 13.66
N ASN B 2373 -36.83 -49.22 12.95
CA ASN B 2373 -37.61 -48.92 11.75
C ASN B 2373 -38.84 -48.10 12.10
N LEU B 2374 -39.53 -48.45 13.19
CA LEU B 2374 -40.71 -47.70 13.59
C LEU B 2374 -40.36 -46.27 13.93
N GLU B 2375 -39.26 -46.07 14.67
CA GLU B 2375 -38.86 -44.72 15.04
C GLU B 2375 -38.52 -43.89 13.80
N LEU B 2376 -37.80 -44.48 12.84
CA LEU B 2376 -37.44 -43.73 11.65
C LEU B 2376 -38.66 -43.36 10.83
N HIS B 2377 -39.57 -44.32 10.63
CA HIS B 2377 -40.78 -44.03 9.87
C HIS B 2377 -41.63 -42.98 10.58
N THR B 2378 -41.73 -43.08 11.90
CA THR B 2378 -42.52 -42.11 12.65
C THR B 2378 -41.90 -40.72 12.56
N ASN B 2379 -40.57 -40.64 12.57
CA ASN B 2379 -39.91 -39.34 12.46
C ASN B 2379 -40.18 -38.71 11.11
N ALA B 2380 -40.05 -39.50 10.04
CA ALA B 2380 -40.35 -38.95 8.71
C ALA B 2380 -41.80 -38.51 8.61
N LEU B 2381 -42.72 -39.33 9.12
CA LEU B 2381 -44.13 -38.99 9.04
C LEU B 2381 -44.45 -37.76 9.88
N GLN B 2382 -43.79 -37.60 11.03
CA GLN B 2382 -44.03 -36.45 11.87
C GLN B 2382 -43.50 -35.17 11.21
N ILE B 2383 -42.37 -35.26 10.52
CA ILE B 2383 -41.89 -34.10 9.76
C ILE B 2383 -42.90 -33.73 8.69
N LEU B 2384 -43.40 -34.73 7.97
CA LEU B 2384 -44.40 -34.48 6.93
C LEU B 2384 -45.66 -33.85 7.53
N LEU B 2385 -46.10 -34.34 8.69
CA LEU B 2385 -47.27 -33.79 9.33
C LEU B 2385 -47.03 -32.36 9.82
N GLU B 2386 -45.81 -32.07 10.27
CA GLU B 2386 -45.45 -30.70 10.59
C GLU B 2386 -45.52 -29.81 9.36
N GLU B 2387 -45.26 -30.37 8.19
CA GLU B 2387 -45.41 -29.63 6.95
C GLU B 2387 -46.88 -29.46 6.53
N THR B 2388 -47.85 -29.78 7.37
CA THR B 2388 -49.25 -29.69 6.97
C THR B 2388 -49.65 -28.28 6.58
N LEU B 2389 -49.07 -27.27 7.22
CA LEU B 2389 -49.39 -25.89 6.90
C LEU B 2389 -48.76 -25.47 5.59
N ASP B 2405 -61.50 -43.06 1.68
CA ASP B 2405 -60.29 -42.72 0.94
C ASP B 2405 -59.05 -43.03 1.77
N CYS B 2406 -58.28 -41.97 2.10
CA CYS B 2406 -57.08 -42.14 2.92
C CYS B 2406 -57.41 -42.47 4.37
N LEU B 2407 -58.68 -42.41 4.76
CA LEU B 2407 -59.07 -42.77 6.12
C LEU B 2407 -58.65 -44.19 6.47
N SER B 2408 -58.68 -45.10 5.49
CA SER B 2408 -58.27 -46.47 5.75
C SER B 2408 -56.78 -46.52 6.11
N THR B 2409 -55.94 -45.81 5.36
CA THR B 2409 -54.52 -45.80 5.67
C THR B 2409 -54.25 -45.15 7.03
N GLY B 2410 -54.92 -44.04 7.32
CA GLY B 2410 -54.75 -43.41 8.61
C GLY B 2410 -55.15 -44.31 9.77
N MET B 2411 -56.29 -44.98 9.64
CA MET B 2411 -56.75 -45.89 10.69
C MET B 2411 -55.80 -47.07 10.83
N GLU B 2412 -55.29 -47.59 9.72
CA GLU B 2412 -54.34 -48.71 9.80
C GLU B 2412 -53.07 -48.30 10.52
N LEU B 2413 -52.55 -47.10 10.21
CA LEU B 2413 -51.36 -46.63 10.90
C LEU B 2413 -51.63 -46.44 12.39
N LEU B 2414 -52.78 -45.85 12.73
CA LEU B 2414 -53.11 -45.64 14.13
C LEU B 2414 -53.24 -46.97 14.87
N ARG B 2415 -53.90 -47.95 14.26
CA ARG B 2415 -54.08 -49.25 14.90
C ARG B 2415 -52.74 -49.95 15.09
N ARG B 2416 -51.87 -49.91 14.07
CA ARG B 2416 -50.57 -50.54 14.21
C ARG B 2416 -49.75 -49.88 15.32
N ILE B 2417 -49.79 -48.54 15.39
CA ILE B 2417 -49.06 -47.84 16.43
C ILE B 2417 -49.59 -48.23 17.81
N GLN B 2418 -50.92 -48.25 17.95
CA GLN B 2418 -51.51 -48.61 19.24
C GLN B 2418 -51.15 -50.03 19.64
N GLU B 2419 -51.21 -50.97 18.70
CA GLU B 2419 -50.92 -52.37 19.02
C GLU B 2419 -49.46 -52.54 19.42
N ARG B 2420 -48.53 -51.93 18.68
CA ARG B 2420 -47.13 -52.02 19.03
C ARG B 2420 -46.87 -51.38 20.39
N LEU B 2421 -47.51 -50.24 20.66
CA LEU B 2421 -47.35 -49.57 21.94
C LEU B 2421 -47.85 -50.44 23.09
N LEU B 2422 -49.00 -51.08 22.91
CA LEU B 2422 -49.54 -51.93 23.96
C LEU B 2422 -48.64 -53.13 24.22
N ALA B 2423 -48.18 -53.78 23.15
CA ALA B 2423 -47.29 -54.92 23.33
C ALA B 2423 -45.99 -54.50 24.01
N ILE B 2424 -45.45 -53.34 23.63
CA ILE B 2424 -44.22 -52.85 24.23
C ILE B 2424 -44.44 -52.56 25.71
N LEU B 2425 -45.56 -51.93 26.05
CA LEU B 2425 -45.84 -51.62 27.45
C LEU B 2425 -45.97 -52.89 28.27
N GLN B 2426 -46.67 -53.90 27.74
CA GLN B 2426 -46.80 -55.15 28.46
C GLN B 2426 -45.46 -55.84 28.66
N HIS B 2427 -44.64 -55.88 27.60
CA HIS B 2427 -43.34 -56.53 27.70
C HIS B 2427 -42.43 -55.78 28.67
N SER B 2428 -42.49 -54.46 28.66
CA SER B 2428 -41.67 -53.67 29.58
C SER B 2428 -42.11 -53.86 31.02
N ALA B 2429 -43.42 -53.86 31.27
CA ALA B 2429 -43.91 -54.11 32.62
C ALA B 2429 -43.48 -55.48 33.12
N GLN B 2430 -43.57 -56.49 32.24
CA GLN B 2430 -43.07 -57.81 32.61
C GLN B 2430 -41.56 -57.79 32.84
N ASP B 2431 -40.84 -56.91 32.13
CA ASP B 2431 -39.40 -56.81 32.32
C ASP B 2431 -39.06 -56.19 33.66
N PHE B 2432 -39.77 -55.14 34.05
CA PHE B 2432 -39.50 -54.44 35.30
C PHE B 2432 -39.87 -55.29 36.52
N ARG C 21 14.00 -56.03 15.21
CA ARG C 21 14.91 -55.00 14.73
C ARG C 21 14.39 -53.62 15.09
N PHE C 22 14.82 -52.62 14.32
CA PHE C 22 14.35 -51.25 14.48
C PHE C 22 13.34 -50.95 13.37
N GLU C 23 12.15 -50.52 13.75
CA GLU C 23 11.04 -50.33 12.82
C GLU C 23 10.75 -48.85 12.67
N VAL C 24 10.61 -48.42 11.42
CA VAL C 24 10.23 -47.05 11.10
C VAL C 24 8.72 -46.93 11.13
N LYS C 25 8.22 -45.82 11.65
CA LYS C 25 6.79 -45.53 11.62
C LYS C 25 6.43 -44.35 10.72
N LYS C 26 7.37 -43.48 10.40
CA LYS C 26 7.13 -42.33 9.53
C LYS C 26 8.47 -41.71 9.16
N TRP C 27 8.57 -41.24 7.92
CA TRP C 27 9.78 -40.55 7.47
C TRP C 27 9.40 -39.33 6.65
N ASN C 28 10.24 -38.30 6.76
CA ASN C 28 10.08 -37.05 6.03
C ASN C 28 11.39 -36.78 5.30
N ALA C 29 11.37 -36.88 3.98
CA ALA C 29 12.55 -36.63 3.16
C ALA C 29 12.56 -35.18 2.68
N VAL C 30 13.75 -34.68 2.39
CA VAL C 30 13.93 -33.29 1.98
C VAL C 30 14.75 -33.24 0.69
N ALA C 31 14.27 -32.45 -0.27
CA ALA C 31 14.98 -32.29 -1.53
C ALA C 31 14.98 -30.83 -1.95
N LEU C 32 15.99 -30.46 -2.72
CA LEU C 32 16.06 -29.21 -3.45
C LEU C 32 15.84 -29.47 -4.93
N TRP C 33 15.56 -28.40 -5.68
CA TRP C 33 15.46 -28.51 -7.12
C TRP C 33 16.47 -27.59 -7.78
N ALA C 34 17.10 -28.09 -8.84
CA ALA C 34 18.29 -27.49 -9.41
C ALA C 34 18.08 -27.08 -10.87
N TRP C 35 18.58 -25.91 -11.21
CA TRP C 35 18.64 -25.41 -12.57
C TRP C 35 19.83 -26.01 -13.30
N ASP C 36 20.14 -25.43 -14.46
CA ASP C 36 21.45 -25.54 -15.09
C ASP C 36 22.05 -24.17 -15.36
N ILE C 37 21.48 -23.11 -14.77
CA ILE C 37 21.86 -21.74 -15.06
C ILE C 37 22.30 -21.06 -13.77
N VAL C 38 23.08 -19.98 -13.93
CA VAL C 38 23.65 -19.25 -12.80
C VAL C 38 23.32 -17.76 -12.94
N VAL C 39 22.27 -17.43 -13.68
CA VAL C 39 21.97 -16.04 -13.99
C VAL C 39 21.58 -15.28 -12.73
N ASP C 40 20.49 -15.71 -12.09
CA ASP C 40 19.94 -15.13 -10.86
C ASP C 40 19.37 -13.73 -11.04
N ASN C 41 19.29 -13.22 -12.27
CA ASN C 41 18.70 -11.90 -12.51
C ASN C 41 18.40 -11.76 -13.99
N CYS C 42 17.15 -11.41 -14.31
CA CYS C 42 16.79 -11.12 -15.70
C CYS C 42 17.29 -9.75 -16.09
N ALA C 43 17.95 -9.66 -17.24
CA ALA C 43 18.56 -8.40 -17.63
C ALA C 43 17.51 -7.41 -18.14
N ILE C 44 16.52 -7.89 -18.89
CA ILE C 44 15.59 -6.99 -19.55
C ILE C 44 14.77 -6.22 -18.52
N CYS C 45 14.41 -6.86 -17.42
CA CYS C 45 13.54 -6.25 -16.42
C CYS C 45 14.20 -6.07 -15.07
N ARG C 46 15.42 -6.56 -14.89
CA ARG C 46 16.26 -6.29 -13.72
C ARG C 46 15.65 -6.82 -12.42
N ASN C 47 14.70 -7.73 -12.49
CA ASN C 47 14.14 -8.36 -11.30
C ASN C 47 14.70 -9.76 -11.13
N HIS C 48 14.67 -10.26 -9.90
CA HIS C 48 15.20 -11.59 -9.62
C HIS C 48 14.42 -12.63 -10.41
N ILE C 49 15.17 -13.53 -11.06
CA ILE C 49 14.60 -14.32 -12.14
C ILE C 49 13.51 -15.25 -11.64
N MET C 50 13.64 -15.77 -10.42
CA MET C 50 12.61 -16.67 -9.92
C MET C 50 11.33 -15.93 -9.55
N ASP C 51 11.39 -14.62 -9.38
CA ASP C 51 10.19 -13.83 -9.14
C ASP C 51 9.46 -13.58 -10.46
N LEU C 52 8.26 -13.05 -10.35
CA LEU C 52 7.45 -12.81 -11.54
C LEU C 52 7.99 -11.59 -12.30
N CYS C 53 7.68 -11.53 -13.59
CA CYS C 53 8.14 -10.41 -14.40
C CYS C 53 7.38 -9.14 -14.03
N ILE C 54 7.88 -8.01 -14.53
CA ILE C 54 7.38 -6.70 -14.12
C ILE C 54 5.89 -6.57 -14.44
N GLU C 55 5.49 -6.92 -15.66
CA GLU C 55 4.10 -6.74 -16.07
C GLU C 55 3.17 -7.63 -15.26
N CYS C 56 3.55 -8.91 -15.10
CA CYS C 56 2.80 -9.78 -14.22
C CYS C 56 2.87 -9.31 -12.78
N GLN C 57 3.93 -8.59 -12.43
CA GLN C 57 4.11 -8.14 -11.06
C GLN C 57 3.19 -6.98 -10.73
N ALA C 58 2.83 -6.17 -11.72
CA ALA C 58 2.00 -5.00 -11.45
C ALA C 58 0.60 -5.41 -11.03
N ASN C 59 -0.03 -6.31 -11.79
CA ASN C 59 -1.38 -6.78 -11.47
C ASN C 59 -1.32 -8.10 -10.73
N GLU C 67 2.27 -18.50 -13.70
CA GLU C 67 2.17 -18.54 -15.16
C GLU C 67 3.18 -17.60 -15.80
N CYS C 68 4.29 -17.37 -15.11
CA CYS C 68 5.38 -16.53 -15.62
C CYS C 68 6.63 -17.39 -15.61
N THR C 69 7.01 -17.88 -16.78
CA THR C 69 8.03 -18.90 -16.91
C THR C 69 9.29 -18.32 -17.54
N VAL C 70 10.41 -18.99 -17.29
CA VAL C 70 11.72 -18.59 -17.77
C VAL C 70 12.09 -19.40 -19.00
N ALA C 71 12.73 -18.76 -19.98
CA ALA C 71 13.19 -19.42 -21.19
C ALA C 71 14.58 -18.93 -21.53
N TRP C 72 15.38 -19.80 -22.14
CA TRP C 72 16.77 -19.49 -22.43
C TRP C 72 17.10 -19.85 -23.88
N GLY C 73 18.14 -19.20 -24.38
CA GLY C 73 18.56 -19.40 -25.76
C GLY C 73 19.84 -20.19 -25.90
N VAL C 74 20.13 -20.66 -27.12
CA VAL C 74 21.36 -21.40 -27.38
C VAL C 74 22.57 -20.55 -26.99
N CYS C 75 22.41 -19.23 -26.97
CA CYS C 75 23.42 -18.32 -26.45
C CYS C 75 23.64 -18.53 -24.96
N ASN C 76 22.86 -19.45 -24.36
CA ASN C 76 22.95 -19.76 -22.93
C ASN C 76 22.67 -18.52 -22.08
N HIS C 77 21.73 -17.70 -22.54
CA HIS C 77 21.20 -16.58 -21.76
C HIS C 77 19.75 -16.88 -21.44
N ALA C 78 19.37 -16.65 -20.19
CA ALA C 78 18.02 -16.90 -19.70
C ALA C 78 17.30 -15.60 -19.44
N PHE C 79 15.99 -15.62 -19.66
CA PHE C 79 15.17 -14.43 -19.51
C PHE C 79 13.75 -14.84 -19.17
N HIS C 80 12.94 -13.87 -18.79
CA HIS C 80 11.51 -14.12 -18.67
C HIS C 80 10.95 -14.49 -20.03
N PHE C 81 9.93 -15.35 -20.04
CA PHE C 81 9.21 -15.58 -21.27
C PHE C 81 8.57 -14.30 -21.76
N HIS C 82 7.96 -13.53 -20.87
CA HIS C 82 7.27 -12.32 -21.26
C HIS C 82 8.27 -11.22 -21.63
N CYS C 83 9.36 -11.10 -20.88
CA CYS C 83 10.38 -10.10 -21.21
C CYS C 83 10.89 -10.30 -22.63
N ILE C 84 11.32 -11.53 -22.95
CA ILE C 84 11.89 -11.78 -24.26
C ILE C 84 10.81 -11.73 -25.33
N SER C 85 9.57 -12.09 -24.98
CA SER C 85 8.48 -11.99 -25.95
C SER C 85 8.27 -10.54 -26.37
N ARG C 86 8.20 -9.63 -25.40
CA ARG C 86 8.05 -8.22 -25.72
C ARG C 86 9.27 -7.72 -26.50
N TRP C 87 10.47 -8.09 -26.07
CA TRP C 87 11.67 -7.63 -26.75
C TRP C 87 11.71 -8.09 -28.21
N LEU C 88 11.23 -9.31 -28.47
CA LEU C 88 11.19 -9.82 -29.83
C LEU C 88 10.04 -9.24 -30.64
N LYS C 89 8.95 -8.86 -29.98
CA LYS C 89 7.96 -8.03 -30.64
C LYS C 89 8.55 -6.69 -31.03
N THR C 90 9.60 -6.26 -30.33
CA THR C 90 10.32 -5.04 -30.69
C THR C 90 11.44 -5.30 -31.69
N ARG C 91 12.26 -6.33 -31.46
CA ARG C 91 13.48 -6.52 -32.23
C ARG C 91 13.63 -7.99 -32.59
N GLN C 92 14.80 -8.34 -33.13
CA GLN C 92 15.05 -9.71 -33.55
C GLN C 92 16.43 -10.21 -33.14
N VAL C 93 17.19 -9.43 -32.37
CA VAL C 93 18.51 -9.83 -31.90
C VAL C 93 18.45 -10.03 -30.39
N CYS C 94 19.15 -11.04 -29.90
CA CYS C 94 19.19 -11.28 -28.47
C CYS C 94 19.90 -10.12 -27.78
N PRO C 95 19.34 -9.55 -26.72
CA PRO C 95 19.85 -8.29 -26.19
C PRO C 95 21.19 -8.41 -25.46
N LEU C 96 21.81 -9.58 -25.49
CA LEU C 96 23.05 -9.77 -24.75
C LEU C 96 24.25 -10.12 -25.60
N ASP C 97 24.06 -10.60 -26.81
CA ASP C 97 25.17 -11.19 -27.54
C ASP C 97 25.24 -10.82 -29.02
N ASN C 98 24.37 -9.93 -29.50
CA ASN C 98 24.37 -9.50 -30.89
C ASN C 98 24.23 -10.67 -31.85
N ARG C 99 23.34 -11.61 -31.51
CA ARG C 99 23.13 -12.80 -32.31
C ARG C 99 21.64 -13.04 -32.52
N GLU C 100 21.34 -14.03 -33.36
CA GLU C 100 19.96 -14.39 -33.64
C GLU C 100 19.41 -15.32 -32.57
N TRP C 101 18.09 -15.27 -32.38
CA TRP C 101 17.48 -15.97 -31.27
C TRP C 101 17.01 -17.35 -31.67
N GLU C 102 17.04 -18.26 -30.69
CA GLU C 102 16.52 -19.61 -30.83
C GLU C 102 15.81 -20.00 -29.55
N PHE C 103 14.52 -20.26 -29.63
CA PHE C 103 13.76 -20.68 -28.46
C PHE C 103 14.12 -22.13 -28.15
N GLN C 104 15.32 -22.36 -27.64
CA GLN C 104 15.83 -23.72 -27.48
C GLN C 104 14.87 -24.55 -26.66
N LYS C 105 14.30 -25.59 -27.28
CA LYS C 105 13.28 -26.41 -26.67
C LYS C 105 13.90 -27.68 -26.10
N TYR C 106 13.04 -28.57 -25.61
CA TYR C 106 13.49 -29.81 -25.00
C TYR C 106 12.87 -31.01 -25.71
N MET D 1 64.84 -24.26 4.03
CA MET D 1 64.99 -22.92 4.61
C MET D 1 63.69 -22.13 4.43
N LEU D 2 63.21 -21.55 5.53
CA LEU D 2 61.85 -21.01 5.59
C LEU D 2 61.91 -19.49 5.59
N ILE D 3 61.22 -18.88 4.63
CA ILE D 3 61.20 -17.42 4.47
C ILE D 3 59.75 -16.93 4.48
N LYS D 4 59.57 -15.61 4.45
CA LYS D 4 58.25 -15.00 4.52
C LYS D 4 57.99 -14.09 3.32
N VAL D 5 56.72 -13.98 2.95
CA VAL D 5 56.27 -13.07 1.91
C VAL D 5 55.10 -12.27 2.46
N LYS D 6 55.16 -10.96 2.32
CA LYS D 6 54.16 -10.05 2.87
C LYS D 6 53.43 -9.34 1.75
N THR D 7 52.10 -9.36 1.81
CA THR D 7 51.29 -8.66 0.82
C THR D 7 51.19 -7.20 1.21
N LEU D 8 50.38 -6.43 0.47
CA LEU D 8 50.30 -5.00 0.73
C LEU D 8 49.48 -4.71 1.97
N THR D 9 48.39 -5.46 2.18
CA THR D 9 47.57 -5.23 3.36
C THR D 9 48.35 -5.54 4.63
N GLY D 10 49.13 -6.61 4.62
CA GLY D 10 49.92 -6.97 5.78
C GLY D 10 49.89 -8.45 6.07
N LYS D 11 49.02 -9.18 5.36
CA LYS D 11 48.93 -10.61 5.53
C LYS D 11 50.26 -11.26 5.18
N GLU D 12 50.74 -12.13 6.07
CA GLU D 12 52.00 -12.82 5.89
C GLU D 12 51.76 -14.26 5.46
N ILE D 13 52.66 -14.76 4.61
CA ILE D 13 52.65 -16.15 4.19
C ILE D 13 54.04 -16.72 4.41
N GLU D 14 54.12 -17.96 4.88
CA GLU D 14 55.37 -18.59 5.23
C GLU D 14 55.62 -19.75 4.26
N ILE D 15 56.76 -19.73 3.59
CA ILE D 15 57.07 -20.70 2.54
C ILE D 15 58.49 -21.20 2.74
N ASP D 16 58.66 -22.51 2.69
CA ASP D 16 59.98 -23.13 2.70
C ASP D 16 60.52 -23.21 1.28
N ILE D 17 61.79 -22.87 1.12
CA ILE D 17 62.45 -22.87 -0.17
C ILE D 17 63.77 -23.62 -0.07
N GLU D 18 64.36 -23.89 -1.23
CA GLU D 18 65.67 -24.48 -1.36
C GLU D 18 66.56 -23.57 -2.19
N PRO D 19 67.89 -23.67 -2.03
CA PRO D 19 68.78 -22.72 -2.72
C PRO D 19 68.68 -22.76 -4.23
N THR D 20 68.21 -23.85 -4.82
CA THR D 20 68.09 -23.97 -6.25
C THR D 20 66.71 -23.57 -6.77
N ASP D 21 65.81 -23.13 -5.90
CA ASP D 21 64.46 -22.79 -6.35
C ASP D 21 64.49 -21.52 -7.18
N LYS D 22 63.67 -21.51 -8.24
CA LYS D 22 63.55 -20.36 -9.10
C LYS D 22 62.48 -19.40 -8.57
N VAL D 23 62.57 -18.15 -9.02
CA VAL D 23 61.55 -17.17 -8.64
C VAL D 23 60.19 -17.59 -9.14
N GLU D 24 60.13 -18.26 -10.29
CA GLU D 24 58.87 -18.83 -10.77
C GLU D 24 58.36 -19.90 -9.82
N ARG D 25 59.26 -20.71 -9.27
CA ARG D 25 58.86 -21.71 -8.28
C ARG D 25 58.30 -21.04 -7.04
N ILE D 26 58.90 -19.94 -6.60
CA ILE D 26 58.40 -19.23 -5.44
C ILE D 26 57.01 -18.65 -5.74
N LYS D 27 56.83 -18.10 -6.93
CA LYS D 27 55.52 -17.59 -7.30
C LYS D 27 54.48 -18.70 -7.30
N GLU D 28 54.85 -19.88 -7.80
CA GLU D 28 53.95 -21.03 -7.76
C GLU D 28 53.59 -21.38 -6.32
N ARG D 29 54.58 -21.40 -5.43
CA ARG D 29 54.30 -21.73 -4.03
C ARG D 29 53.40 -20.68 -3.39
N VAL D 30 53.55 -19.43 -3.79
CA VAL D 30 52.66 -18.37 -3.28
C VAL D 30 51.24 -18.60 -3.78
N GLU D 31 51.08 -18.81 -5.09
CA GLU D 31 49.74 -19.02 -5.63
C GLU D 31 49.14 -20.34 -5.20
N GLU D 32 49.94 -21.23 -4.60
CA GLU D 32 49.37 -22.41 -3.96
C GLU D 32 48.31 -22.02 -2.94
N LYS D 33 48.59 -21.01 -2.13
CA LYS D 33 47.63 -20.50 -1.15
C LYS D 33 46.96 -19.20 -1.60
N GLU D 34 47.32 -18.67 -2.77
CA GLU D 34 46.69 -17.45 -3.26
C GLU D 34 45.88 -17.64 -4.54
N GLY D 35 46.25 -18.60 -5.39
CA GLY D 35 45.51 -18.82 -6.62
C GLY D 35 45.54 -17.63 -7.57
N ILE D 36 46.65 -16.91 -7.60
CA ILE D 36 46.84 -15.76 -8.49
C ILE D 36 47.91 -16.13 -9.50
N PRO D 37 47.63 -16.04 -10.80
CA PRO D 37 48.62 -16.46 -11.80
C PRO D 37 49.89 -15.62 -11.66
N PRO D 38 51.05 -16.21 -11.95
CA PRO D 38 52.30 -15.46 -11.82
C PRO D 38 52.37 -14.24 -12.73
N GLN D 39 51.51 -14.17 -13.75
CA GLN D 39 51.51 -13.00 -14.62
C GLN D 39 51.19 -11.73 -13.85
N GLN D 40 50.45 -11.86 -12.75
CA GLN D 40 50.02 -10.71 -11.96
C GLN D 40 50.86 -10.46 -10.73
N GLN D 41 51.51 -11.49 -10.19
CA GLN D 41 52.33 -11.33 -9.00
C GLN D 41 53.68 -10.70 -9.36
N ARG D 42 54.19 -9.89 -8.44
CA ARG D 42 55.55 -9.36 -8.55
C ARG D 42 56.20 -9.44 -7.17
N LEU D 43 57.47 -9.79 -7.15
CA LEU D 43 58.24 -9.91 -5.92
C LEU D 43 59.25 -8.79 -5.84
N ILE D 44 59.36 -8.17 -4.67
CA ILE D 44 60.26 -7.04 -4.44
C ILE D 44 61.18 -7.39 -3.28
N TYR D 45 62.45 -7.04 -3.43
CA TYR D 45 63.45 -7.31 -2.40
C TYR D 45 64.50 -6.22 -2.47
N SER D 46 64.71 -5.53 -1.34
CA SER D 46 65.67 -4.43 -1.25
C SER D 46 65.43 -3.38 -2.33
N GLY D 47 64.17 -3.08 -2.58
CA GLY D 47 63.81 -2.11 -3.59
C GLY D 47 63.99 -2.55 -5.03
N LYS D 48 64.39 -3.80 -5.26
CA LYS D 48 64.61 -4.31 -6.60
C LYS D 48 63.57 -5.39 -6.92
N GLN D 49 63.02 -5.32 -8.12
CA GLN D 49 62.09 -6.37 -8.57
C GLN D 49 62.83 -7.68 -8.77
N MET D 50 62.24 -8.76 -8.28
CA MET D 50 62.81 -10.09 -8.48
C MET D 50 62.75 -10.48 -9.95
N ASN D 51 63.90 -10.83 -10.52
CA ASN D 51 63.92 -11.36 -11.88
C ASN D 51 63.39 -12.79 -11.86
N ASP D 52 62.41 -13.06 -12.73
CA ASP D 52 61.71 -14.34 -12.69
C ASP D 52 62.64 -15.51 -12.98
N GLU D 53 63.55 -15.33 -13.95
CA GLU D 53 64.44 -16.43 -14.34
C GLU D 53 65.43 -16.78 -13.24
N LYS D 54 65.86 -15.81 -12.46
CA LYS D 54 66.96 -16.01 -11.53
C LYS D 54 66.58 -17.02 -10.45
N THR D 55 67.60 -17.48 -9.73
CA THR D 55 67.44 -18.44 -8.65
C THR D 55 67.40 -17.73 -7.31
N ALA D 56 66.75 -18.36 -6.33
CA ALA D 56 66.62 -17.76 -5.00
C ALA D 56 67.99 -17.50 -4.37
N ALA D 57 68.99 -18.32 -4.70
CA ALA D 57 70.33 -18.12 -4.17
C ALA D 57 71.03 -16.92 -4.81
N ASP D 58 70.59 -16.50 -6.00
CA ASP D 58 71.25 -15.38 -6.68
C ASP D 58 71.11 -14.10 -5.86
N TYR D 59 69.93 -13.86 -5.29
CA TYR D 59 69.72 -12.68 -4.47
C TYR D 59 70.21 -12.85 -3.04
N LYS D 60 70.85 -13.98 -2.72
CA LYS D 60 71.39 -14.24 -1.39
C LYS D 60 70.30 -14.14 -0.32
N ILE D 61 69.14 -14.71 -0.61
CA ILE D 61 68.01 -14.65 0.31
C ILE D 61 68.25 -15.60 1.47
N LEU D 62 67.95 -15.16 2.68
CA LEU D 62 68.08 -15.96 3.88
C LEU D 62 66.71 -16.19 4.50
N GLY D 63 66.67 -17.07 5.49
CA GLY D 63 65.41 -17.42 6.13
C GLY D 63 64.82 -16.22 6.88
N GLY D 64 63.49 -16.14 6.85
CA GLY D 64 62.79 -15.09 7.55
C GLY D 64 62.76 -13.78 6.81
N SER D 65 63.78 -13.52 5.99
CA SER D 65 63.83 -12.28 5.20
C SER D 65 62.62 -12.21 4.29
N VAL D 66 61.82 -11.16 4.47
CA VAL D 66 60.52 -11.07 3.81
C VAL D 66 60.70 -10.51 2.41
N LEU D 67 60.30 -11.29 1.41
CA LEU D 67 60.26 -10.83 0.02
C LEU D 67 58.85 -10.30 -0.23
N HIS D 68 58.73 -8.99 -0.43
CA HIS D 68 57.42 -8.34 -0.41
C HIS D 68 56.69 -8.63 -1.71
N LEU D 69 55.50 -9.19 -1.59
CA LEU D 69 54.66 -9.40 -2.76
C LEU D 69 53.92 -8.12 -3.12
N VAL D 70 53.62 -7.97 -4.40
CA VAL D 70 52.84 -6.84 -4.90
C VAL D 70 52.05 -7.32 -6.10
N LEU D 71 50.86 -6.76 -6.27
CA LEU D 71 50.02 -7.18 -7.37
C LEU D 71 50.29 -6.32 -8.59
N ALA D 72 50.06 -6.91 -9.76
CA ALA D 72 50.11 -6.16 -11.01
C ALA D 72 49.11 -6.83 -11.96
N LEU D 73 47.90 -6.29 -11.98
CA LEU D 73 46.85 -6.92 -12.78
C LEU D 73 46.95 -6.52 -14.24
N ARG D 74 47.14 -5.23 -14.49
CA ARG D 74 47.28 -4.72 -15.86
C ARG D 74 48.22 -5.59 -16.69
N GLY D 75 49.44 -5.78 -16.22
CA GLY D 75 50.34 -6.69 -16.90
C GLY D 75 49.81 -8.11 -16.87
N GLY D 76 49.95 -8.80 -18.00
CA GLY D 76 49.53 -10.18 -18.10
C GLY D 76 48.41 -10.38 -19.10
N UNK E 1 60.08 47.62 0.81
CA UNK E 1 61.37 48.27 0.59
C UNK E 1 62.29 47.40 -0.26
N UNK E 2 62.27 46.09 0.00
CA UNK E 2 63.10 45.14 -0.72
C UNK E 2 62.78 45.14 -2.21
N UNK E 3 61.49 45.33 -2.51
CA UNK E 3 61.03 45.41 -3.88
C UNK E 3 61.73 46.55 -4.61
N UNK E 4 61.74 47.72 -3.98
CA UNK E 4 62.38 48.90 -4.53
C UNK E 4 63.89 48.69 -4.68
N UNK E 5 64.49 48.07 -3.67
CA UNK E 5 65.92 47.80 -3.67
C UNK E 5 66.32 46.92 -4.84
N UNK E 6 65.52 45.88 -5.08
CA UNK E 6 65.77 44.96 -6.17
C UNK E 6 65.55 45.63 -7.52
N UNK E 7 64.44 46.38 -7.61
CA UNK E 7 64.06 47.08 -8.82
C UNK E 7 65.13 48.08 -9.25
N UNK E 8 65.76 48.73 -8.27
CA UNK E 8 66.82 49.69 -8.55
C UNK E 8 67.95 49.04 -9.34
N UNK E 9 68.47 47.95 -8.79
CA UNK E 9 69.55 47.20 -9.41
C UNK E 9 69.15 46.65 -10.77
N UNK E 10 67.92 46.14 -10.86
CA UNK E 10 67.42 45.58 -12.11
C UNK E 10 67.40 46.64 -13.20
N UNK E 11 66.84 47.80 -12.88
CA UNK E 11 66.73 48.90 -13.82
C UNK E 11 68.12 49.39 -14.21
N UNK E 12 69.01 49.47 -13.23
CA UNK E 12 70.39 49.90 -13.47
C UNK E 12 71.08 48.99 -14.48
N UNK E 13 70.96 47.68 -14.26
CA UNK E 13 71.59 46.69 -15.13
C UNK E 13 70.98 46.72 -16.53
N UNK E 14 69.66 46.87 -16.61
CA UNK E 14 68.96 46.96 -17.88
C UNK E 14 69.45 48.16 -18.68
N UNK E 15 69.60 49.29 -17.99
CA UNK E 15 70.05 50.52 -18.63
C UNK E 15 71.50 50.40 -19.08
N UNK E 16 72.33 49.80 -18.24
CA UNK E 16 73.75 49.64 -18.52
C UNK E 16 73.98 48.73 -19.72
N UNK E 17 73.21 47.64 -19.80
CA UNK E 17 73.32 46.72 -20.91
C UNK E 17 72.76 47.34 -22.19
N UNK E 18 71.48 47.68 -22.14
CA UNK E 18 70.81 48.31 -23.28
C UNK E 18 70.34 47.27 -24.29
N UNK E 19 69.05 47.32 -24.60
CA UNK E 19 68.46 46.39 -25.57
C UNK E 19 68.02 47.14 -26.82
N UNK E 20 68.31 46.58 -27.99
CA UNK E 20 67.96 47.20 -29.25
C UNK E 20 66.46 47.20 -29.49
N UNK E 21 65.76 46.33 -28.75
CA UNK E 21 64.30 46.25 -28.87
C UNK E 21 63.63 47.18 -27.86
N UNK E 22 63.94 46.99 -26.58
CA UNK E 22 63.37 47.82 -25.52
C UNK E 22 64.05 49.17 -25.46
N UNK E 23 63.35 50.21 -25.88
CA UNK E 23 63.92 51.56 -25.91
C UNK E 23 63.09 52.53 -25.06
N UNK E 24 63.66 53.70 -24.81
CA UNK E 24 63.01 54.76 -24.02
C UNK E 24 62.51 54.24 -22.68
N UNK E 25 63.44 53.83 -21.83
CA UNK E 25 63.09 53.34 -20.49
C UNK E 25 62.73 54.52 -19.59
N UNK E 26 61.45 54.89 -19.58
CA UNK E 26 60.97 55.94 -18.69
C UNK E 26 60.53 55.33 -17.37
N UNK E 27 60.85 56.01 -16.27
CA UNK E 27 60.44 55.54 -14.95
C UNK E 27 60.37 56.69 -13.95
N UNK E 28 59.40 56.62 -13.05
CA UNK E 28 59.30 57.59 -11.96
C UNK E 28 60.32 57.23 -10.90
N UNK E 29 61.15 58.20 -10.53
CA UNK E 29 62.21 57.96 -9.55
C UNK E 29 61.64 57.82 -8.15
N UNK E 30 60.49 58.46 -7.92
CA UNK E 30 59.85 58.45 -6.61
C UNK E 30 59.12 57.13 -6.35
N UNK E 31 58.10 56.86 -7.15
CA UNK E 31 57.31 55.63 -7.02
C UNK E 31 58.16 54.39 -7.31
N UNK E 32 58.89 54.44 -8.43
CA UNK E 32 59.83 53.40 -8.84
C UNK E 32 59.19 52.03 -9.10
N UNK E 33 57.88 51.91 -8.89
CA UNK E 33 57.21 50.63 -9.08
C UNK E 33 56.36 50.63 -10.34
N UNK E 34 56.56 51.62 -11.19
CA UNK E 34 55.84 51.73 -12.46
C UNK E 34 56.82 52.10 -13.56
N UNK E 35 56.78 51.36 -14.66
CA UNK E 35 57.69 51.61 -15.76
C UNK E 35 56.94 51.93 -17.03
N UNK E 36 57.48 52.80 -17.88
CA UNK E 36 56.89 53.05 -19.19
C UNK E 36 57.98 52.87 -20.24
N UNK E 37 57.74 51.98 -21.19
CA UNK E 37 58.76 51.58 -22.15
C UNK E 37 58.29 51.75 -23.60
N UNK E 38 59.25 51.90 -24.51
CA UNK E 38 58.94 51.99 -25.94
C UNK E 38 59.59 50.81 -26.66
N UNK E 39 58.78 49.84 -27.06
CA UNK E 39 59.28 48.66 -27.78
C UNK E 39 59.10 48.81 -29.29
N UNK E 40 59.99 48.15 -30.02
CA UNK E 40 59.98 48.19 -31.47
C UNK E 40 60.18 46.79 -32.03
N UNK E 46 54.12 44.82 -37.92
CA UNK E 46 54.19 45.44 -36.60
C UNK E 46 55.51 46.18 -36.43
N UNK E 47 56.46 45.89 -37.31
CA UNK E 47 57.79 46.49 -37.26
C UNK E 47 57.72 47.99 -37.56
N UNK E 48 56.94 48.34 -38.58
CA UNK E 48 56.78 49.74 -38.98
C UNK E 48 56.06 50.54 -37.91
N UNK E 49 56.81 51.38 -37.21
CA UNK E 49 56.25 52.20 -36.14
C UNK E 49 56.31 51.45 -34.81
N UNK E 50 57.04 52.01 -33.85
CA UNK E 50 57.19 51.41 -32.52
C UNK E 50 55.99 51.77 -31.64
N UNK E 51 55.95 51.27 -30.41
CA UNK E 51 54.85 51.61 -29.50
C UNK E 51 55.20 51.49 -28.01
N UNK E 52 54.36 52.09 -27.16
CA UNK E 52 54.63 52.20 -25.74
C UNK E 52 53.80 51.23 -24.89
N UNK E 53 54.40 50.75 -23.80
CA UNK E 53 53.75 49.86 -22.85
C UNK E 53 54.05 50.31 -21.42
N UNK E 54 53.23 49.88 -20.47
CA UNK E 54 53.45 50.25 -19.08
C UNK E 54 53.50 48.99 -18.23
N UNK E 55 54.31 49.01 -17.19
CA UNK E 55 54.44 47.88 -16.28
C UNK E 55 54.12 48.34 -14.87
N UNK E 56 53.22 47.63 -14.20
CA UNK E 56 52.84 47.92 -12.83
C UNK E 56 53.39 46.86 -11.88
N UNK E 57 54.44 47.21 -11.13
CA UNK E 57 55.01 46.26 -10.16
C UNK E 57 54.20 46.34 -8.87
N UNK E 67 52.04 43.11 -12.89
CA UNK E 67 51.24 43.01 -14.11
C UNK E 67 51.77 43.93 -15.22
N UNK E 68 51.44 43.60 -16.46
CA UNK E 68 51.87 44.40 -17.59
C UNK E 68 50.68 44.90 -18.41
N UNK E 69 50.63 46.21 -18.63
CA UNK E 69 49.59 46.83 -19.44
C UNK E 69 50.15 47.29 -20.79
N UNK E 70 49.34 47.15 -21.84
CA UNK E 70 49.72 47.63 -23.16
C UNK E 70 49.09 49.00 -23.43
N UNK E 71 49.92 50.03 -23.32
CA UNK E 71 49.44 51.42 -23.39
C UNK E 71 48.91 51.84 -24.77
N UNK E 72 49.81 52.00 -25.73
CA UNK E 72 49.43 52.44 -27.07
C UNK E 72 48.69 51.34 -27.82
N UNK E 73 47.49 51.66 -28.29
CA UNK E 73 46.62 50.69 -28.99
C UNK E 73 47.30 50.08 -30.22
N UNK E 74 46.93 48.84 -30.52
CA UNK E 74 47.48 48.13 -31.68
C UNK E 74 46.45 47.15 -32.22
N UNK E 75 46.69 46.62 -33.42
CA UNK E 75 45.79 45.66 -34.03
C UNK E 75 46.41 44.27 -34.08
N UNK E 78 46.24 38.73 -30.09
CA UNK E 78 46.37 38.25 -28.72
C UNK E 78 46.34 39.41 -27.74
N UNK E 79 46.09 40.61 -28.27
CA UNK E 79 46.03 41.82 -27.46
C UNK E 79 44.68 42.50 -27.59
N UNK E 80 44.05 42.77 -26.46
CA UNK E 80 42.78 43.49 -26.43
C UNK E 80 43.04 44.99 -26.50
N UNK E 81 42.03 45.76 -26.93
CA UNK E 81 42.16 47.20 -27.08
C UNK E 81 42.45 47.89 -25.75
N UNK E 82 42.01 47.26 -24.67
CA UNK E 82 42.16 47.82 -23.33
C UNK E 82 43.61 47.72 -22.85
N UNK E 83 44.40 46.90 -23.54
CA UNK E 83 45.81 46.72 -23.19
C UNK E 83 45.99 45.62 -22.16
N UNK E 84 45.49 44.43 -22.50
CA UNK E 84 45.60 43.28 -21.61
C UNK E 84 46.14 42.07 -22.36
N UNK E 85 47.38 41.69 -22.05
CA UNK E 85 48.00 40.52 -22.67
C UNK E 85 47.91 39.31 -21.74
N UNK E 86 48.22 38.14 -22.28
CA UNK E 86 48.18 36.90 -21.51
C UNK E 86 49.53 36.60 -20.87
N UNK E 89 54.16 33.51 -18.86
CA UNK E 89 55.32 33.53 -17.99
C UNK E 89 55.05 34.38 -16.75
N UNK E 90 53.93 35.09 -16.78
CA UNK E 90 53.61 36.04 -15.72
C UNK E 90 52.38 35.61 -14.93
N UNK E 91 51.53 34.78 -15.54
CA UNK E 91 50.33 34.28 -14.87
C UNK E 91 50.69 33.65 -13.53
N UNK E 92 49.85 33.88 -12.53
CA UNK E 92 50.16 33.57 -11.14
C UNK E 92 50.38 32.08 -10.84
N UNK E 93 50.31 31.24 -11.86
CA UNK E 93 50.50 29.80 -11.67
C UNK E 93 51.94 29.41 -11.94
N UNK E 94 52.72 30.32 -12.52
CA UNK E 94 54.09 30.01 -12.92
C UNK E 94 55.09 31.10 -12.54
N UNK E 95 54.60 32.16 -11.90
CA UNK E 95 55.46 33.28 -11.49
C UNK E 95 56.48 32.83 -10.45
N UNK E 96 57.74 32.73 -10.88
CA UNK E 96 58.80 32.21 -10.03
C UNK E 96 59.76 33.31 -9.56
N UNK E 99 62.84 35.09 -11.67
CA UNK E 99 62.92 35.45 -13.09
C UNK E 99 63.07 36.96 -13.25
N UNK E 100 64.20 37.40 -13.79
CA UNK E 100 64.45 38.81 -14.02
C UNK E 100 63.51 39.37 -15.10
N UNK E 101 63.11 40.62 -14.95
CA UNK E 101 62.10 41.25 -15.81
C UNK E 101 62.49 41.30 -17.29
N UNK E 102 63.79 41.27 -17.57
CA UNK E 102 64.27 41.31 -18.95
C UNK E 102 63.80 40.06 -19.69
N UNK E 103 63.71 38.95 -18.96
CA UNK E 103 63.21 37.71 -19.52
C UNK E 103 61.75 37.87 -19.91
N UNK E 104 61.00 38.57 -19.07
CA UNK E 104 59.59 38.85 -19.34
C UNK E 104 59.49 39.70 -20.60
N UNK E 105 60.39 40.67 -20.72
CA UNK E 105 60.46 41.53 -21.90
C UNK E 105 60.69 40.71 -23.17
N UNK E 106 61.67 39.81 -23.08
CA UNK E 106 62.03 38.94 -24.20
C UNK E 106 60.84 38.08 -24.63
N UNK E 107 60.17 37.49 -23.64
CA UNK E 107 59.00 36.67 -23.89
C UNK E 107 57.90 37.48 -24.58
N UNK E 108 57.69 38.70 -24.10
CA UNK E 108 56.67 39.57 -24.65
C UNK E 108 56.99 39.91 -26.09
N UNK E 109 58.26 40.20 -26.36
CA UNK E 109 58.72 40.52 -27.71
C UNK E 109 58.49 39.34 -28.65
N UNK E 110 58.81 38.15 -28.16
CA UNK E 110 58.63 36.92 -28.93
C UNK E 110 57.17 36.69 -29.24
N UNK E 111 56.31 37.00 -28.27
CA UNK E 111 54.86 36.90 -28.45
C UNK E 111 54.39 37.88 -29.51
N UNK E 112 54.96 39.08 -29.48
CA UNK E 112 54.62 40.13 -30.43
C UNK E 112 54.98 39.75 -31.86
N UNK E 113 56.18 39.24 -32.03
CA UNK E 113 56.67 38.85 -33.35
C UNK E 113 55.87 37.67 -33.92
N UNK E 114 55.58 36.69 -33.07
CA UNK E 114 54.84 35.50 -33.48
C UNK E 114 53.47 35.45 -32.82
N UNK E 121 42.09 36.43 -27.20
CA UNK E 121 40.79 36.87 -26.73
C UNK E 121 40.03 37.58 -27.85
N UNK E 122 40.65 37.66 -29.02
CA UNK E 122 40.02 38.21 -30.20
C UNK E 122 39.62 37.07 -31.13
N UNK E 123 38.45 36.49 -30.87
CA UNK E 123 37.99 35.29 -31.55
C UNK E 123 37.89 35.44 -33.07
N UNK E 124 37.11 36.42 -33.52
CA UNK E 124 36.90 36.65 -34.94
C UNK E 124 38.21 37.01 -35.64
N UNK E 125 38.96 37.91 -35.01
CA UNK E 125 40.24 38.37 -35.52
C UNK E 125 41.18 37.19 -35.73
N UNK E 126 41.33 36.37 -34.70
CA UNK E 126 42.22 35.21 -34.76
C UNK E 126 41.75 34.19 -35.79
N UNK E 127 40.45 33.94 -35.84
CA UNK E 127 39.88 32.98 -36.78
C UNK E 127 40.18 33.39 -38.22
N UNK E 128 39.88 34.65 -38.54
CA UNK E 128 40.10 35.18 -39.88
C UNK E 128 41.59 35.29 -40.21
N UNK E 129 42.41 35.54 -39.20
CA UNK E 129 43.85 35.62 -39.39
C UNK E 129 44.40 34.25 -39.74
N UNK E 130 43.90 33.23 -39.05
CA UNK E 130 44.28 31.85 -39.33
C UNK E 130 43.74 31.43 -40.69
N UNK E 131 42.64 32.05 -41.09
CA UNK E 131 42.02 31.75 -42.39
C UNK E 131 42.76 32.44 -43.53
N UNK E 132 42.96 33.76 -43.43
CA UNK E 132 43.56 34.53 -44.51
C UNK E 132 44.75 35.37 -44.04
N UNK E 133 45.85 34.72 -43.69
CA UNK E 133 47.03 35.40 -43.20
C UNK E 133 47.56 36.46 -44.16
N UNK E 134 47.23 36.30 -45.43
CA UNK E 134 47.75 37.18 -46.49
C UNK E 134 47.35 38.65 -46.37
N UNK E 135 46.11 38.91 -45.99
CA UNK E 135 45.54 40.28 -46.03
C UNK E 135 45.88 41.12 -44.79
N UNK E 136 46.13 40.44 -43.67
CA UNK E 136 46.40 41.14 -42.43
C UNK E 136 47.73 41.89 -42.50
N UNK E 137 48.59 41.47 -43.40
CA UNK E 137 49.88 42.11 -43.63
C UNK E 137 49.72 43.61 -43.89
N UNK E 138 48.57 44.00 -44.43
CA UNK E 138 48.26 45.41 -44.65
C UNK E 138 47.16 45.86 -43.69
N UNK E 139 46.27 44.94 -43.35
CA UNK E 139 45.19 45.23 -42.42
C UNK E 139 45.67 45.77 -41.07
N UNK E 140 46.77 45.21 -40.58
CA UNK E 140 47.36 45.66 -39.31
C UNK E 140 48.34 46.78 -39.56
N UNK E 141 48.95 46.74 -40.75
CA UNK E 141 49.96 47.72 -41.16
C UNK E 141 49.40 49.14 -41.15
N UNK E 142 48.26 49.34 -41.79
CA UNK E 142 47.67 50.67 -41.89
C UNK E 142 47.25 51.21 -40.52
N UNK E 143 46.68 50.33 -39.71
CA UNK E 143 46.26 50.65 -38.36
C UNK E 143 47.45 51.13 -37.53
N UNK E 144 48.54 50.38 -37.60
CA UNK E 144 49.75 50.72 -36.87
C UNK E 144 50.35 52.03 -37.40
N UNK E 145 50.31 52.20 -38.72
CA UNK E 145 50.87 53.38 -39.37
C UNK E 145 50.16 54.64 -38.93
N UNK E 146 48.84 54.56 -38.78
CA UNK E 146 48.06 55.72 -38.36
C UNK E 146 47.81 55.72 -36.85
N UNK E 147 48.42 54.78 -36.14
CA UNK E 147 48.22 54.69 -34.69
C UNK E 147 49.51 54.42 -33.90
N UNK E 148 50.62 54.19 -34.57
CA UNK E 148 51.86 53.82 -33.90
C UNK E 148 52.62 55.01 -33.32
N UNK E 149 53.94 54.89 -33.28
CA UNK E 149 54.80 55.95 -32.76
C UNK E 149 56.02 56.12 -33.64
N UNK E 150 56.62 57.31 -33.60
CA UNK E 150 57.83 57.59 -34.37
C UNK E 150 59.00 56.79 -33.83
N UNK E 151 59.33 55.69 -34.50
CA UNK E 151 60.42 54.82 -34.07
C UNK E 151 61.78 55.45 -34.33
N ARG F 21 6.29 -19.75 57.77
CA ARG F 21 5.69 -18.55 57.23
C ARG F 21 5.82 -18.53 55.71
N PHE F 22 4.94 -17.79 55.05
CA PHE F 22 4.95 -17.65 53.59
C PHE F 22 5.16 -16.19 53.24
N GLU F 23 5.65 -15.94 52.04
CA GLU F 23 5.83 -14.58 51.54
C GLU F 23 5.27 -14.47 50.13
N VAL F 24 4.74 -13.29 49.82
CA VAL F 24 4.15 -13.04 48.51
C VAL F 24 5.21 -12.45 47.59
N LYS F 25 5.43 -13.07 46.44
CA LYS F 25 6.37 -12.55 45.47
C LYS F 25 5.70 -11.78 44.33
N LYS F 26 4.45 -12.11 43.99
CA LYS F 26 3.70 -11.36 42.98
C LYS F 26 2.22 -11.63 43.20
N TRP F 27 1.37 -10.93 42.46
CA TRP F 27 -0.06 -11.12 42.62
C TRP F 27 -0.83 -10.39 41.54
N ASN F 28 -2.05 -10.85 41.32
CA ASN F 28 -2.96 -10.30 40.33
C ASN F 28 -4.36 -10.28 40.92
N ALA F 29 -5.00 -9.13 40.88
CA ALA F 29 -6.35 -8.98 41.40
C ALA F 29 -7.30 -8.61 40.28
N VAL F 30 -8.60 -8.80 40.53
CA VAL F 30 -9.61 -8.62 39.52
C VAL F 30 -10.76 -7.79 40.07
N ALA F 31 -11.33 -6.98 39.21
CA ALA F 31 -12.50 -6.20 39.59
C ALA F 31 -13.27 -5.83 38.34
N LEU F 32 -14.54 -5.51 38.54
CA LEU F 32 -15.43 -5.14 37.45
C LEU F 32 -15.83 -3.69 37.58
N TRP F 33 -16.05 -3.05 36.43
CA TRP F 33 -16.45 -1.65 36.38
C TRP F 33 -17.99 -1.55 36.32
N ALA F 34 -18.59 -1.85 37.46
CA ALA F 34 -20.04 -1.73 37.54
C ALA F 34 -20.43 -0.27 37.38
N TRP F 35 -21.49 -0.03 36.62
CA TRP F 35 -21.97 1.34 36.44
C TRP F 35 -22.33 1.97 37.78
N ASP F 40 -32.10 4.63 28.28
CA ASP F 40 -31.49 3.91 27.17
C ASP F 40 -32.23 4.19 25.88
N ASN F 41 -32.42 5.47 25.57
CA ASN F 41 -33.01 5.89 24.31
C ASN F 41 -31.89 6.09 23.30
N CYS F 42 -32.20 6.66 22.13
CA CYS F 42 -31.19 6.85 21.09
C CYS F 42 -30.29 8.00 21.53
N ALA F 43 -29.33 7.64 22.39
CA ALA F 43 -28.53 8.62 23.13
C ALA F 43 -27.97 9.70 22.23
N ILE F 44 -27.60 9.35 21.00
CA ILE F 44 -26.92 10.32 20.15
C ILE F 44 -27.84 11.48 19.78
N CYS F 45 -29.11 11.21 19.47
CA CYS F 45 -30.05 12.30 19.27
C CYS F 45 -31.07 12.42 20.39
N ARG F 46 -31.02 11.54 21.39
CA ARG F 46 -31.78 11.64 22.63
C ARG F 46 -33.29 11.49 22.45
N ASN F 47 -33.79 11.21 21.25
CA ASN F 47 -35.21 10.93 21.14
C ASN F 47 -35.52 9.57 21.75
N HIS F 48 -36.80 9.29 21.94
CA HIS F 48 -37.19 8.02 22.55
C HIS F 48 -36.72 6.86 21.69
N ILE F 49 -36.39 5.75 22.34
CA ILE F 49 -35.69 4.66 21.66
C ILE F 49 -36.50 4.16 20.48
N MET F 50 -37.80 3.99 20.66
CA MET F 50 -38.67 3.54 19.59
C MET F 50 -39.27 4.70 18.78
N ASP F 51 -39.02 5.94 19.18
CA ASP F 51 -39.63 7.09 18.52
C ASP F 51 -38.83 7.42 17.26
N LEU F 52 -39.14 8.56 16.65
CA LEU F 52 -38.57 8.93 15.38
C LEU F 52 -37.33 9.81 15.55
N CYS F 53 -36.78 10.24 14.43
CA CYS F 53 -35.49 10.92 14.39
C CYS F 53 -35.70 12.43 14.46
N ILE F 54 -34.98 13.10 15.37
CA ILE F 54 -35.24 14.51 15.60
C ILE F 54 -34.78 15.35 14.42
N GLU F 55 -33.66 14.99 13.81
CA GLU F 55 -33.19 15.68 12.61
C GLU F 55 -34.28 15.75 11.56
N CYS F 56 -34.92 14.62 11.29
CA CYS F 56 -36.08 14.59 10.41
C CYS F 56 -37.38 14.90 11.13
N GLN F 57 -37.39 14.95 12.47
CA GLN F 57 -38.59 15.40 13.14
C GLN F 57 -38.80 16.90 12.98
N ALA F 58 -37.72 17.63 12.71
CA ALA F 58 -37.88 19.03 12.34
C ALA F 58 -38.53 19.14 10.96
N ASN F 59 -38.06 18.34 10.00
CA ASN F 59 -38.66 18.27 8.67
C ASN F 59 -39.70 17.15 8.68
N GLN F 60 -40.85 17.45 9.27
CA GLN F 60 -41.91 16.47 9.38
C GLN F 60 -42.37 16.01 7.99
N ALA F 61 -42.45 14.69 7.81
CA ALA F 61 -42.84 14.08 6.54
C ALA F 61 -41.93 14.56 5.40
N GLU F 66 -39.82 11.05 8.88
CA GLU F 66 -39.94 9.78 9.60
C GLU F 66 -39.59 8.60 8.70
N GLU F 67 -38.33 8.52 8.30
CA GLU F 67 -37.87 7.46 7.41
C GLU F 67 -36.65 6.72 7.94
N CYS F 68 -36.19 7.00 9.15
CA CYS F 68 -35.00 6.37 9.69
C CYS F 68 -35.39 5.06 10.37
N THR F 69 -34.90 3.95 9.81
CA THR F 69 -35.00 2.68 10.53
C THR F 69 -33.88 2.60 11.57
N VAL F 70 -34.11 1.78 12.58
CA VAL F 70 -33.08 1.60 13.59
C VAL F 70 -31.97 0.72 13.04
N ALA F 71 -30.76 0.97 13.51
CA ALA F 71 -29.57 0.22 13.14
C ALA F 71 -28.97 -0.41 14.38
N TRP F 72 -28.48 -1.63 14.21
CA TRP F 72 -27.84 -2.40 15.25
C TRP F 72 -26.38 -2.63 14.87
N GLY F 73 -25.54 -2.76 15.88
CA GLY F 73 -24.13 -2.99 15.64
C GLY F 73 -23.59 -4.02 16.61
N VAL F 74 -22.46 -4.61 16.23
CA VAL F 74 -21.88 -5.72 16.98
C VAL F 74 -21.73 -5.37 18.46
N CYS F 75 -21.44 -4.11 18.74
CA CYS F 75 -21.26 -3.65 20.11
C CYS F 75 -22.54 -3.54 20.88
N ASN F 76 -23.64 -3.97 20.28
CA ASN F 76 -24.92 -4.14 20.97
C ASN F 76 -25.49 -2.80 21.45
N HIS F 77 -25.49 -1.81 20.55
CA HIS F 77 -26.29 -0.63 20.77
C HIS F 77 -27.21 -0.41 19.56
N ALA F 78 -28.34 0.25 19.81
CA ALA F 78 -29.35 0.52 18.79
C ALA F 78 -29.47 2.02 18.58
N PHE F 79 -29.21 2.48 17.36
CA PHE F 79 -29.26 3.90 17.06
C PHE F 79 -30.01 4.12 15.75
N HIS F 80 -30.36 5.38 15.46
CA HIS F 80 -31.07 5.67 14.22
C HIS F 80 -30.13 5.69 13.02
N PHE F 81 -30.56 5.06 11.92
CA PHE F 81 -29.78 5.06 10.69
C PHE F 81 -29.40 6.47 10.25
N HIS F 82 -30.26 7.45 10.51
CA HIS F 82 -29.93 8.83 10.17
C HIS F 82 -28.79 9.34 11.04
N CYS F 83 -28.98 9.29 12.36
CA CYS F 83 -27.95 9.63 13.33
C CYS F 83 -26.62 9.02 12.93
N ILE F 84 -26.63 7.69 12.77
CA ILE F 84 -25.41 6.95 12.55
C ILE F 84 -24.81 7.30 11.20
N SER F 85 -25.64 7.41 10.17
CA SER F 85 -25.11 7.78 8.85
C SER F 85 -24.30 9.06 8.96
N ARG F 86 -24.91 10.11 9.51
CA ARG F 86 -24.20 11.37 9.68
C ARG F 86 -22.93 11.19 10.51
N TRP F 87 -23.11 10.74 11.76
CA TRP F 87 -22.00 10.63 12.70
C TRP F 87 -20.83 9.87 12.10
N LEU F 88 -21.11 8.71 11.50
CA LEU F 88 -20.07 7.92 10.86
C LEU F 88 -19.40 8.68 9.73
N LYS F 89 -20.19 9.35 8.89
CA LYS F 89 -19.61 10.19 7.86
C LYS F 89 -18.64 11.20 8.48
N THR F 90 -18.88 11.58 9.74
CA THR F 90 -17.92 12.43 10.44
C THR F 90 -16.77 11.62 11.01
N ARG F 91 -17.06 10.67 11.90
CA ARG F 91 -16.03 9.93 12.62
C ARG F 91 -16.31 8.44 12.50
N GLN F 92 -15.30 7.63 12.80
CA GLN F 92 -15.34 6.21 12.46
C GLN F 92 -15.12 5.33 13.68
N VAL F 93 -15.80 5.65 14.78
CA VAL F 93 -15.79 4.85 15.99
C VAL F 93 -17.22 4.79 16.51
N CYS F 94 -17.52 3.82 17.35
CA CYS F 94 -18.82 3.83 18.01
C CYS F 94 -18.86 4.94 19.03
N PRO F 95 -19.80 5.89 18.92
CA PRO F 95 -19.83 7.00 19.87
C PRO F 95 -20.10 6.58 21.31
N LEU F 96 -20.48 5.33 21.57
CA LEU F 96 -20.83 4.94 22.93
C LEU F 96 -19.78 4.06 23.61
N ASP F 97 -18.95 3.33 22.85
CA ASP F 97 -18.02 2.40 23.49
C ASP F 97 -16.62 2.43 22.89
N ASN F 98 -16.30 3.38 22.03
CA ASN F 98 -14.93 3.62 21.56
C ASN F 98 -14.37 2.46 20.75
N ARG F 99 -15.21 1.75 20.01
CA ARG F 99 -14.78 0.69 19.12
C ARG F 99 -15.21 1.00 17.69
N GLU F 100 -14.45 0.49 16.73
CA GLU F 100 -14.79 0.68 15.33
C GLU F 100 -16.16 0.08 15.05
N TRP F 101 -17.10 0.95 14.66
CA TRP F 101 -18.47 0.51 14.42
C TRP F 101 -18.51 -0.52 13.30
N GLU F 102 -19.28 -1.57 13.51
CA GLU F 102 -19.45 -2.63 12.53
C GLU F 102 -20.94 -2.90 12.37
N PHE F 103 -21.47 -2.63 11.19
CA PHE F 103 -22.88 -2.85 10.94
C PHE F 103 -23.21 -4.33 11.04
N GLN F 104 -24.11 -4.67 11.96
CA GLN F 104 -24.40 -6.05 12.26
C GLN F 104 -25.09 -6.71 11.08
N LYS F 105 -24.46 -7.74 10.52
CA LYS F 105 -25.01 -8.45 9.36
C LYS F 105 -25.34 -9.90 9.67
N TYR F 106 -25.38 -10.29 10.94
CA TYR F 106 -25.84 -11.61 11.30
C TYR F 106 -27.35 -11.70 11.15
N GLY F 107 -27.84 -12.91 10.95
CA GLY F 107 -29.26 -13.16 10.92
C GLY F 107 -29.99 -12.44 9.80
N HIS F 108 -29.24 -11.74 8.95
CA HIS F 108 -29.82 -10.90 7.93
C HIS F 108 -29.81 -11.61 6.57
ZN ZN G . 66.87 25.78 -8.07
ZN ZN H . 67.04 36.07 -0.24
ZN ZN I . 27.53 14.02 -10.66
ZN ZN J . 27.28 14.87 6.38
ZN ZN K . 12.59 -10.11 -16.78
ZN ZN L . 21.92 -14.40 -26.09
ZN ZN M . 5.18 -12.26 -16.60
ZN ZN N . -31.48 9.09 17.05
ZN ZN O . -21.35 0.70 20.74
ZN ZN P . -34.42 10.20 11.37
#